data_7T2R
#
_entry.id   7T2R
#
_cell.length_a   1.00
_cell.length_b   1.00
_cell.length_c   1.00
_cell.angle_alpha   90.00
_cell.angle_beta   90.00
_cell.angle_gamma   90.00
#
_symmetry.space_group_name_H-M   'P 1'
#
loop_
_entity.id
_entity.type
_entity.pdbx_description
1 polymer 'NiFe hydrogenase subunit A'
2 polymer 'NiFe hydrogenase subunit B'
3 polymer 'NiFe hydrogenase subunit C'
4 polymer 'NiFe hydrogenase large subunit'
5 polymer 'NiFe hydrogenase small subunit'
6 non-polymer 'FE2/S2 (INORGANIC) CLUSTER'
7 non-polymer 'IRON/SULFUR CLUSTER'
8 non-polymer 'NICKEL (III) ION'
9 non-polymer 'CARBONMONOXIDE-(DICYANO) IRON'
#
loop_
_entity_poly.entity_id
_entity_poly.type
_entity_poly.pdbx_seq_one_letter_code
_entity_poly.pdbx_strand_id
1 'polypeptide(L)'
;MKEITLTIDGKVCKGVQGDTILDVANKNDVYIPTLCYQKGLTPIGACRMCVVQLEGNPKMLPSCTTPAQDGMVVVTKNEK
LKDYRRQILELLFAGRNHFCMYCSQSGDCELQRLAIEHEMDSVRFPYLYEDFEVDATDPNLMMDHNRCVLCQRCIRTCSE
IVGAHTLDLERRGWQAKVIADLGKRLRESDTCVNCGACAQSCPTGTITIREFAYRGRRSECDAVVESVCPLCAVGCKIKT
YVRTGSIVRVEGTGVEEPDGGQLCHMGRWWLPESTERERVTVPLIREGASYREATWEEALALASAEFKKAYDQEKAGAIL
SSLCTDEELTLFSALFRNALKMKHIDTFDGDIIRGFFKGFMPFREQGVRPFTAAHHILDSDLIITMFADPQKEAPVVASY
IRVACLHRNAKLMNLSYGPSPFPGLVDLDIRLPEGQAVPKALSNLAEIIGKISLGPSDMASFGEFEAGAGKALSSYRESI
EESARAMGLDPKIAEEVALMLISARRPIFIIGGRATKSHELVTAACNLAVASKAFFEDGLGVVPLLVSANSLGARNTVVS
ENPWLGRERRDFLYVFSTAMVPEEEEILAAISATRFVVVQTPFKVRPLVNLADILLPAPAWYERSGHFCTIEGERRKLNT
IVPPKGEIKSLHYVMDEFAKKLGVKLERPEVSPCEEIFKSQLRASEARIVTL
;
A,F
2 'polypeptide(L)'
;MAIYRAHVLVCRGTGCTASGAPGVMKAFKEELAKKGLDREVMLVETGCHGMCEMGPVVVVYPEGAFYCRVTPEDVPEIVE
EHLYKGRIVQRLLYTVPEDMEKVPYYKDIPFYSKQHRIVLSNCGYIDPEKIEEYIARDGYMALGKALLEMTPEEVLEEVK
KSGLRGRGGAGFPTGLKWEFAKKASGDKKYVICNADEGDPGAFMDRSTLEGDPHSVIEGMTIGAYVIGADEGYIYCRAEY
PLAIKRLKIAIAQAEEMGLLGDHIMGTNFSFHLHLKEGAGAFVCGEETALMASIEGRRGMPRPRPPFPAQHGLWGKPTNI
NNVETWANVPRIILNGADWFASMGTEKSKGTKIFALTGKITNTGLIEVPMGITIREIIYELGGGILNGKEFKAVQIGGPS
GGCLTKEHLDLPIDYESLTAAGAIMGSGGLVVMDEDTCMVDVAKFFLEFTQRESCGKCVPCREGTKQMLLMLQKICNGEG
TMDDLSKLEELAHMVKETSLCGLGQTAPNPVITTIRYFRDEYVAHIKDKRCPAKICPALIKYVVDPEKCRKCGLCARNCP
VKCISGDRQTPYLINQEKCIKCGTCMQVCPFGAIGKV
;
B,G
3 'polypeptide(L)'
;MALSTVDVVEKVKEIVAPWKGKQGGLIPILQEVQRELGYLPEEALLTISRELKMPKAEVYGVATFYAQFHLKPRGRHVIR
VCRGTACHVRGSLQILEKVKQMLGIEENETTDDLRFTLEPVACLGACGLAPVMMVDEDTHGRMTPDKIQAILDKYQ
;
C,H
4 'polypeptide(L)'
;MTEVFKLEINPVTRIEGHGKITVMLDESGHVRETRFHVTQYRGFEVFTHGRDFREMPVITPRICGICPVSHHLASAKACD
EILGVTITPAAHKLRELMHMGQIVQSHALSFFHLSSPDILWGFDAPVKIRNVAGLVDRYPELAKKGIMLRKFGQEIIKTL
GGKKIHPWHSIPGGVNRSLTPQERDAIAAQLPEMKSIAMEAIKLIKDYLQEGGEELKEFATLDTAYMGLVRDGYLELYDG
EVRIKAPRGRILDQFDPKDYLDHIGEHVEPWSYLKFPFYKALGFPHGSYRVGPLARLNAADAVSTPEASKEFALYKEMGE
DGIVPYTLYYHYARLIEALYGLERIEQLLADPDITSSDLRVTSKEINPEGIGVIEAPRGTLIHHYQVNESGVITKVNLIV
ATGHNNFAMNKGVEMVAKKYITGTNVPEGVFNRLEHVIRAYDPCLSCSTHAVGKMPLKLELVGPTGEILKEVTRD
;
D,I
5 'polypeptide(L)'
;MAKAKVATFWLEACAGCHMSFLDLDERLIDLFQNVEILFSPIVDAKDIPNIDVGVLSGGLGNVEEVELAKKMRERCKYLV
AWGDCAVFGGINCMRNFIPKDVVLREGYIETASTVNPQGIVPSEDIPELLPRALPIDYEVKVDVYVPGCPPDADTIYYVF
KELLAGRVPKVPSEMMRYD
;
E,J
#
loop_
_chem_comp.id
_chem_comp.type
_chem_comp.name
_chem_comp.formula
3NI non-polymer 'NICKEL (III) ION' 'Ni 3'
FCO non-polymer 'CARBONMONOXIDE-(DICYANO) IRON' 'C3 Fe N2 O'
FES non-polymer 'FE2/S2 (INORGANIC) CLUSTER' 'Fe2 S2'
SF4 non-polymer 'IRON/SULFUR CLUSTER' 'Fe4 S4'
#
# COMPACT_ATOMS: atom_id res chain seq x y z
N MET A 1 41.82 28.42 46.20
CA MET A 1 42.00 26.99 46.58
C MET A 1 41.14 26.10 45.68
N LYS A 2 41.75 25.13 44.99
CA LYS A 2 40.98 24.18 44.16
C LYS A 2 40.07 23.36 45.06
N GLU A 3 40.61 22.77 46.13
CA GLU A 3 39.80 21.92 47.03
C GLU A 3 38.89 22.81 47.88
N ILE A 4 37.62 22.93 47.48
CA ILE A 4 36.64 23.77 48.25
C ILE A 4 35.82 22.86 49.18
N THR A 5 35.28 23.43 50.26
CA THR A 5 34.51 22.62 51.25
C THR A 5 33.11 23.21 51.40
N LEU A 6 32.07 22.43 51.08
CA LEU A 6 30.71 22.91 51.22
C LEU A 6 29.96 22.03 52.21
N THR A 7 28.68 22.32 52.37
CA THR A 7 27.82 21.58 53.29
C THR A 7 26.51 21.26 52.56
N ILE A 8 26.37 20.03 52.11
CA ILE A 8 25.15 19.54 51.47
C ILE A 8 24.40 18.70 52.49
N ASP A 9 23.19 19.16 52.86
CA ASP A 9 22.30 18.46 53.80
C ASP A 9 22.97 18.18 55.13
N GLY A 10 23.77 19.13 55.60
CA GLY A 10 24.55 18.96 56.80
C GLY A 10 25.88 18.26 56.54
N LYS A 11 25.89 17.26 55.68
CA LYS A 11 27.11 16.52 55.39
C LYS A 11 28.12 17.41 54.67
N VAL A 12 29.34 17.44 55.17
CA VAL A 12 30.40 18.24 54.56
C VAL A 12 30.92 17.54 53.32
N CYS A 13 31.18 18.31 52.27
CA CYS A 13 31.61 17.76 51.00
C CYS A 13 32.84 18.50 50.50
N LYS A 14 33.65 17.79 49.70
CA LYS A 14 34.92 18.29 49.21
C LYS A 14 34.93 18.18 47.69
N GLY A 15 35.35 19.26 47.00
CA GLY A 15 35.36 19.21 45.56
C GLY A 15 36.39 20.11 44.93
N VAL A 16 36.59 19.92 43.62
CA VAL A 16 37.44 20.82 42.85
C VAL A 16 36.67 22.14 42.65
N GLN A 17 37.41 23.21 42.35
CA GLN A 17 36.83 24.56 42.29
C GLN A 17 35.77 24.67 41.20
N GLY A 18 36.09 24.23 39.98
CA GLY A 18 35.14 24.42 38.89
C GLY A 18 33.94 23.49 38.93
N ASP A 19 33.92 22.50 39.83
CA ASP A 19 32.85 21.52 39.88
C ASP A 19 31.52 22.16 40.25
N THR A 20 30.46 21.72 39.56
CA THR A 20 29.11 22.09 39.92
C THR A 20 28.70 21.39 41.21
N ILE A 21 27.58 21.83 41.78
CA ILE A 21 27.09 21.28 43.05
C ILE A 21 26.75 19.81 42.89
N LEU A 22 26.25 19.41 41.72
CA LEU A 22 25.99 18.00 41.47
C LEU A 22 27.27 17.18 41.43
N ASP A 23 28.38 17.77 40.98
CA ASP A 23 29.64 17.03 40.92
C ASP A 23 30.18 16.78 42.31
N VAL A 24 30.23 17.82 43.15
CA VAL A 24 30.65 17.68 44.54
C VAL A 24 29.64 16.84 45.33
N ALA A 25 28.40 16.73 44.84
CA ALA A 25 27.41 15.89 45.48
C ALA A 25 27.68 14.43 45.18
N ASN A 26 27.68 14.06 43.90
CA ASN A 26 27.98 12.67 43.49
C ASN A 26 29.39 12.24 43.84
N LYS A 27 30.28 13.18 44.16
CA LYS A 27 31.64 12.80 44.52
C LYS A 27 31.69 12.17 45.90
N ASN A 28 31.02 12.77 46.88
CA ASN A 28 31.16 12.19 48.21
C ASN A 28 30.19 11.04 48.45
N ASP A 29 28.91 11.32 48.71
CA ASP A 29 27.93 10.25 48.70
C ASP A 29 26.54 10.71 48.27
N VAL A 30 26.25 12.00 48.50
CA VAL A 30 24.88 12.45 48.71
C VAL A 30 24.07 12.40 47.41
N TYR A 31 22.77 12.15 47.55
CA TYR A 31 21.87 11.93 46.43
C TYR A 31 21.03 13.16 46.16
N ILE A 32 21.05 13.63 44.91
CA ILE A 32 20.19 14.70 44.43
C ILE A 32 19.41 14.15 43.26
N PRO A 33 18.07 14.23 43.27
CA PRO A 33 17.26 13.71 42.16
C PRO A 33 17.57 14.38 40.83
N THR A 34 18.03 13.59 39.88
CA THR A 34 18.34 14.05 38.54
C THR A 34 17.70 13.16 37.49
N LEU A 35 17.35 13.76 36.36
CA LEU A 35 16.73 13.00 35.28
C LEU A 35 17.42 13.28 33.96
N CYS A 36 18.02 14.46 33.83
CA CYS A 36 18.68 14.88 32.56
C CYS A 36 20.20 14.99 32.66
N TYR A 37 20.82 14.61 33.77
CA TYR A 37 22.29 14.63 33.85
C TYR A 37 22.79 13.23 33.52
N GLN A 38 23.49 13.10 32.41
CA GLN A 38 24.13 11.82 32.10
C GLN A 38 25.60 12.05 32.41
N LYS A 39 26.18 11.29 33.32
CA LYS A 39 27.63 11.43 33.56
C LYS A 39 28.31 11.44 32.22
N GLY A 40 28.93 12.56 31.88
CA GLY A 40 29.60 12.68 30.57
C GLY A 40 29.02 13.83 29.83
N LEU A 41 27.94 13.59 29.12
CA LEU A 41 27.21 14.66 28.42
C LEU A 41 27.19 15.93 29.27
N THR A 42 27.57 17.06 28.68
CA THR A 42 27.60 18.36 29.37
C THR A 42 26.28 18.63 30.09
N PRO A 43 26.30 19.04 31.35
CA PRO A 43 25.10 19.28 32.10
C PRO A 43 24.07 20.06 31.28
N ILE A 44 22.96 19.43 30.93
CA ILE A 44 21.84 20.10 30.22
C ILE A 44 20.83 20.42 31.30
N GLY A 45 20.27 21.63 31.32
CA GLY A 45 19.41 22.01 32.44
C GLY A 45 17.96 22.01 32.04
N ALA A 46 17.38 20.84 31.83
CA ALA A 46 16.01 20.79 31.29
C ALA A 46 14.99 20.32 32.30
N CYS A 47 15.29 19.28 33.07
CA CYS A 47 14.27 18.68 33.96
C CYS A 47 13.99 19.54 35.17
N ARG A 48 14.96 20.30 35.62
CA ARG A 48 14.81 21.24 36.75
C ARG A 48 14.39 20.47 37.99
N MET A 49 14.86 19.23 38.13
CA MET A 49 14.54 18.38 39.30
C MET A 49 15.65 18.43 40.32
N CYS A 50 16.83 18.81 39.89
CA CYS A 50 17.99 18.82 40.77
C CYS A 50 18.11 20.10 41.57
N VAL A 51 17.07 20.95 41.55
CA VAL A 51 17.06 22.24 42.21
C VAL A 51 17.41 22.10 43.67
N VAL A 52 18.36 22.90 44.12
CA VAL A 52 18.77 22.95 45.52
C VAL A 52 18.74 24.40 45.96
N GLN A 53 18.60 24.61 47.26
CA GLN A 53 18.51 25.94 47.82
C GLN A 53 19.78 26.24 48.60
N LEU A 54 20.27 27.46 48.45
CA LEU A 54 21.40 27.92 49.25
C LEU A 54 20.84 28.64 50.47
N GLU A 55 21.52 28.50 51.61
CA GLU A 55 21.06 29.15 52.82
C GLU A 55 21.12 30.67 52.67
N GLY A 56 20.11 31.35 53.16
CA GLY A 56 20.03 32.80 53.04
C GLY A 56 19.41 33.27 51.74
N ASN A 57 19.85 32.70 50.62
CA ASN A 57 19.30 33.01 49.31
C ASN A 57 17.97 32.28 49.15
N PRO A 58 16.85 33.01 49.07
CA PRO A 58 15.54 32.35 49.09
C PRO A 58 15.15 31.66 47.81
N LYS A 59 15.92 31.79 46.74
CA LYS A 59 15.59 31.16 45.47
C LYS A 59 16.31 29.82 45.33
N MET A 60 15.91 29.05 44.34
CA MET A 60 16.43 27.72 44.10
C MET A 60 17.17 27.65 42.78
N LEU A 61 18.30 26.94 42.78
CA LEU A 61 19.10 26.86 41.59
C LEU A 61 19.49 25.43 41.26
N PRO A 62 19.53 25.04 39.95
CA PRO A 62 19.93 23.73 39.57
C PRO A 62 21.31 23.31 40.06
N SER A 63 21.43 22.09 40.56
CA SER A 63 22.72 21.63 41.09
C SER A 63 23.60 21.12 39.96
N CYS A 64 23.03 20.87 38.80
CA CYS A 64 23.77 20.32 37.66
C CYS A 64 24.51 21.45 36.99
N THR A 65 23.99 22.66 37.02
CA THR A 65 24.61 23.73 36.23
C THR A 65 25.30 24.81 37.09
N THR A 66 24.86 25.06 38.32
CA THR A 66 25.41 26.11 39.17
C THR A 66 26.70 25.63 39.81
N PRO A 67 27.76 26.41 39.77
CA PRO A 67 29.04 25.94 40.29
C PRO A 67 29.13 26.06 41.80
N ALA A 68 30.07 25.32 42.36
CA ALA A 68 30.33 25.32 43.79
C ALA A 68 31.34 26.43 44.09
N GLN A 69 30.98 27.30 45.04
CA GLN A 69 31.71 28.54 45.31
C GLN A 69 32.19 28.56 46.76
N ASP A 70 33.36 27.98 46.99
CA ASP A 70 34.31 28.22 48.09
C ASP A 70 33.80 28.05 49.52
N GLY A 71 32.56 27.63 49.68
CA GLY A 71 31.95 27.49 50.99
C GLY A 71 30.56 28.09 51.00
N MET A 72 29.58 27.27 51.32
CA MET A 72 28.16 27.57 51.17
C MET A 72 27.37 26.40 51.73
N VAL A 73 26.10 26.65 52.02
CA VAL A 73 25.23 25.68 52.68
C VAL A 73 24.12 25.32 51.71
N VAL A 74 24.17 24.10 51.18
CA VAL A 74 23.20 23.61 50.21
C VAL A 74 22.23 22.68 50.92
N VAL A 75 20.93 22.90 50.74
CA VAL A 75 19.89 22.03 51.28
C VAL A 75 19.18 21.36 50.10
N THR A 76 19.21 20.03 50.08
CA THR A 76 18.65 19.25 48.99
C THR A 76 17.27 18.68 49.30
N LYS A 77 17.04 18.25 50.54
CA LYS A 77 15.75 17.69 50.93
C LYS A 77 15.09 18.57 51.97
N ASN A 78 13.93 19.11 51.62
CA ASN A 78 13.01 19.73 52.57
C ASN A 78 11.62 19.68 51.95
N GLU A 79 10.68 20.41 52.54
CA GLU A 79 9.29 20.31 52.10
C GLU A 79 9.06 20.98 50.75
N LYS A 80 9.58 22.20 50.57
CA LYS A 80 9.32 22.97 49.36
C LYS A 80 9.96 22.34 48.14
N LEU A 81 11.17 21.82 48.29
CA LEU A 81 11.85 21.16 47.18
C LEU A 81 11.14 19.87 46.80
N LYS A 82 10.72 19.09 47.80
CA LYS A 82 9.96 17.87 47.54
C LYS A 82 8.66 18.19 46.81
N ASP A 83 7.99 19.27 47.21
CA ASP A 83 6.75 19.67 46.56
C ASP A 83 7.00 20.05 45.10
N TYR A 84 8.06 20.83 44.85
CA TYR A 84 8.33 21.26 43.48
C TYR A 84 8.79 20.11 42.61
N ARG A 85 9.56 19.18 43.17
CA ARG A 85 10.00 18.02 42.39
C ARG A 85 8.81 17.10 42.08
N ARG A 86 7.91 16.93 43.04
CA ARG A 86 6.70 16.15 42.78
C ARG A 86 5.84 16.81 41.72
N GLN A 87 5.77 18.13 41.74
CA GLN A 87 5.01 18.85 40.72
C GLN A 87 5.63 18.71 39.33
N ILE A 88 6.96 18.73 39.25
CA ILE A 88 7.64 18.55 37.96
C ILE A 88 7.39 17.15 37.41
N LEU A 89 7.53 16.13 38.27
CA LEU A 89 7.29 14.75 37.86
C LEU A 89 5.85 14.56 37.41
N GLU A 90 4.92 15.18 38.12
CA GLU A 90 3.51 15.09 37.76
C GLU A 90 3.20 15.81 36.47
N LEU A 91 3.87 16.94 36.21
CA LEU A 91 3.74 17.60 34.91
C LEU A 91 4.20 16.69 33.78
N LEU A 92 5.32 15.98 34.00
CA LEU A 92 5.82 15.07 32.98
C LEU A 92 4.84 13.93 32.75
N PHE A 93 4.23 13.43 33.82
CA PHE A 93 3.29 12.33 33.68
C PHE A 93 1.98 12.79 33.04
N ALA A 94 1.58 14.04 33.26
CA ALA A 94 0.33 14.52 32.70
C ALA A 94 0.47 14.98 31.27
N GLY A 95 1.64 15.41 30.87
CA GLY A 95 1.77 15.96 29.52
C GLY A 95 1.89 14.86 28.55
N ARG A 96 2.83 13.97 28.80
CA ARG A 96 3.03 12.83 27.90
C ARG A 96 2.22 11.64 28.43
N ASN A 97 1.97 10.67 27.59
CA ASN A 97 1.10 9.54 27.96
C ASN A 97 1.97 8.41 28.49
N HIS A 98 2.08 8.27 29.80
CA HIS A 98 2.99 7.28 30.40
C HIS A 98 2.24 6.09 30.96
N PHE A 99 2.37 4.95 30.31
CA PHE A 99 1.69 3.71 30.76
C PHE A 99 2.77 2.73 31.17
N CYS A 100 2.96 2.53 32.47
CA CYS A 100 4.11 1.71 32.92
C CYS A 100 3.76 0.23 32.81
N MET A 101 2.50 -0.11 32.89
CA MET A 101 2.02 -1.49 32.75
C MET A 101 2.74 -2.21 31.60
N TYR A 102 2.94 -1.59 30.44
CA TYR A 102 3.54 -2.24 29.26
C TYR A 102 4.87 -1.63 28.83
N CYS A 103 5.57 -0.92 29.68
CA CYS A 103 6.80 -0.26 29.21
C CYS A 103 7.95 -1.23 29.40
N SER A 104 8.80 -1.31 28.40
CA SER A 104 9.99 -2.17 28.48
C SER A 104 10.79 -1.77 29.69
N GLN A 105 10.83 -0.50 30.01
CA GLN A 105 11.73 -0.06 31.07
C GLN A 105 10.98 0.20 32.36
N SER A 106 10.13 -0.70 32.83
CA SER A 106 9.45 -0.41 34.11
C SER A 106 10.24 -1.07 35.21
N GLY A 107 11.23 -0.39 35.72
CA GLY A 107 12.11 -0.94 36.76
C GLY A 107 13.42 -0.22 36.57
N ASP A 108 13.64 0.25 35.35
CA ASP A 108 14.84 1.05 35.04
C ASP A 108 14.46 2.52 34.84
N CYS A 109 13.25 2.82 34.43
CA CYS A 109 12.87 4.22 34.13
C CYS A 109 13.31 5.10 35.28
N GLU A 110 14.03 6.18 34.97
CA GLU A 110 14.50 7.12 35.99
C GLU A 110 13.38 8.10 36.30
N LEU A 111 12.34 8.14 35.48
CA LEU A 111 11.19 9.00 35.82
C LEU A 111 10.32 8.20 36.78
N GLN A 112 10.39 6.88 36.68
CA GLN A 112 9.57 6.02 37.54
C GLN A 112 10.22 5.91 38.90
N ARG A 113 11.55 5.76 38.93
CA ARG A 113 12.28 5.69 40.22
C ARG A 113 12.00 6.98 41.01
N LEU A 114 12.13 8.13 40.34
CA LEU A 114 11.90 9.44 41.00
C LEU A 114 10.45 9.53 41.49
N ALA A 115 9.49 9.11 40.66
CA ALA A 115 8.06 9.20 41.03
C ALA A 115 7.79 8.37 42.30
N ILE A 116 8.29 7.14 42.34
CA ILE A 116 8.09 6.25 43.52
C ILE A 116 8.81 6.85 44.73
N GLU A 117 10.01 7.39 44.52
CA GLU A 117 10.79 8.02 45.63
C GLU A 117 10.01 9.19 46.22
N HIS A 118 9.39 10.01 45.37
CA HIS A 118 8.64 11.21 45.83
C HIS A 118 7.19 10.82 46.16
N GLU A 119 6.89 9.53 46.27
CA GLU A 119 5.53 9.04 46.62
C GLU A 119 4.48 9.74 45.74
N MET A 120 4.60 9.57 44.42
CA MET A 120 3.64 10.21 43.47
C MET A 120 2.41 9.30 43.34
N ASP A 121 1.52 9.33 44.33
CA ASP A 121 0.28 8.51 44.28
C ASP A 121 -0.82 9.35 43.61
N SER A 122 -0.54 9.99 42.47
CA SER A 122 -1.53 10.83 41.75
C SER A 122 -0.88 11.53 40.56
N VAL A 123 -1.64 12.36 39.84
CA VAL A 123 -1.05 13.16 38.73
C VAL A 123 -1.35 14.63 39.01
N ARG A 124 -2.45 14.93 39.72
CA ARG A 124 -2.83 16.33 40.10
C ARG A 124 -3.19 17.16 38.85
N PHE A 125 -2.25 17.35 37.93
CA PHE A 125 -2.50 18.19 36.73
C PHE A 125 -3.33 17.42 35.70
N PRO A 126 -4.27 18.08 35.00
CA PRO A 126 -5.12 17.42 33.99
C PRO A 126 -4.31 16.63 32.95
N TYR A 127 -4.73 15.40 32.66
CA TYR A 127 -4.02 14.54 31.68
C TYR A 127 -4.28 15.04 30.26
N LEU A 128 -3.27 15.61 29.60
CA LEU A 128 -3.41 16.01 28.20
C LEU A 128 -3.16 14.74 27.42
N TYR A 129 -4.17 14.20 26.76
CA TYR A 129 -4.04 12.89 26.11
C TYR A 129 -3.71 13.03 24.64
N GLU A 130 -2.68 13.80 24.32
CA GLU A 130 -2.37 14.05 22.93
C GLU A 130 -1.63 12.89 22.30
N ASP A 131 -1.65 12.87 20.98
CA ASP A 131 -1.18 11.73 20.21
C ASP A 131 0.24 12.01 19.74
N PHE A 132 1.21 11.41 20.43
CA PHE A 132 2.59 11.42 20.01
C PHE A 132 2.89 10.10 19.30
N GLU A 133 3.66 10.18 18.23
CA GLU A 133 3.83 9.04 17.36
C GLU A 133 4.76 8.01 17.96
N VAL A 134 4.50 6.75 17.62
CA VAL A 134 5.31 5.63 18.05
C VAL A 134 6.13 5.19 16.85
N ASP A 135 7.40 5.61 16.85
CA ASP A 135 8.30 5.31 15.70
C ASP A 135 9.01 4.00 15.95
N ALA A 136 8.45 2.91 15.43
CA ALA A 136 9.09 1.61 15.53
C ALA A 136 9.40 1.05 14.16
N THR A 137 9.64 1.95 13.19
CA THR A 137 10.03 1.55 11.85
C THR A 137 11.38 0.85 11.84
N ASP A 138 12.29 1.30 12.69
CA ASP A 138 13.61 0.67 12.79
C ASP A 138 13.46 -0.72 13.41
N PRO A 139 13.94 -1.77 12.75
CA PRO A 139 13.81 -3.12 13.34
C PRO A 139 14.65 -3.35 14.59
N ASN A 140 15.53 -2.43 14.97
CA ASN A 140 16.40 -2.58 16.13
C ASN A 140 16.05 -1.65 17.27
N LEU A 141 15.72 -0.40 16.99
CA LEU A 141 15.33 0.56 18.01
C LEU A 141 13.87 0.95 17.81
N MET A 142 13.22 1.29 18.92
CA MET A 142 11.85 1.80 18.87
C MET A 142 11.79 3.06 19.69
N MET A 143 11.15 4.09 19.15
CA MET A 143 11.02 5.39 19.80
C MET A 143 9.55 5.64 20.05
N ASP A 144 9.09 5.35 21.27
CA ASP A 144 7.71 5.58 21.67
C ASP A 144 7.64 6.94 22.34
N HIS A 145 7.30 7.97 21.57
CA HIS A 145 7.45 9.35 21.99
C HIS A 145 6.53 9.77 23.12
N ASN A 146 5.48 9.02 23.45
CA ASN A 146 4.65 9.44 24.57
C ASN A 146 5.26 9.10 25.93
N ARG A 147 6.51 8.69 25.99
CA ARG A 147 7.24 8.56 27.24
C ARG A 147 8.41 9.53 27.31
N CYS A 148 8.47 10.52 26.41
CA CYS A 148 9.67 11.39 26.27
C CYS A 148 9.64 12.62 27.13
N VAL A 149 10.37 12.59 28.23
CA VAL A 149 10.48 13.73 29.15
C VAL A 149 11.10 14.95 28.51
N LEU A 150 11.73 14.76 27.35
CA LEU A 150 12.48 15.82 26.62
C LEU A 150 13.68 16.24 27.45
N CYS A 151 14.69 15.38 27.52
CA CYS A 151 15.90 15.62 28.32
C CYS A 151 17.07 15.85 27.39
N GLN A 152 16.88 15.63 26.11
CA GLN A 152 17.93 15.84 25.10
C GLN A 152 19.15 14.95 25.41
N ARG A 153 19.04 13.98 26.31
CA ARG A 153 20.24 13.14 26.51
C ARG A 153 20.45 12.24 25.29
N CYS A 154 19.55 12.22 24.33
CA CYS A 154 19.66 11.35 23.15
C CYS A 154 20.15 12.20 21.99
N ILE A 155 19.83 13.48 22.02
CA ILE A 155 20.30 14.42 20.98
C ILE A 155 21.76 14.64 21.32
N ARG A 156 22.07 14.91 22.57
CA ARG A 156 23.45 15.16 23.00
C ARG A 156 24.32 13.91 22.81
N THR A 157 23.85 12.71 23.10
CA THR A 157 24.68 11.54 22.89
C THR A 157 24.80 11.17 21.43
N CYS A 158 23.99 11.76 20.55
CA CYS A 158 24.14 11.50 19.10
C CYS A 158 24.76 12.72 18.45
N SER A 159 24.91 13.83 19.17
CA SER A 159 25.58 14.99 18.63
C SER A 159 27.03 15.11 19.07
N GLU A 160 27.33 14.86 20.34
CA GLU A 160 28.67 15.06 20.86
C GLU A 160 29.44 13.77 21.13
N ILE A 161 28.78 12.61 21.14
CA ILE A 161 29.43 11.36 21.46
C ILE A 161 29.48 10.43 20.25
N VAL A 162 28.40 10.35 19.47
CA VAL A 162 28.39 9.54 18.27
C VAL A 162 28.72 10.35 17.03
N GLY A 163 28.21 11.57 16.93
CA GLY A 163 28.56 12.46 15.86
C GLY A 163 27.61 12.41 14.68
N ALA A 164 27.08 11.23 14.37
CA ALA A 164 26.11 11.07 13.30
C ALA A 164 24.81 11.68 13.80
N HIS A 165 24.73 13.00 13.70
CA HIS A 165 23.81 13.85 14.43
C HIS A 165 22.38 13.62 13.94
N THR A 166 21.83 12.46 14.27
CA THR A 166 20.57 12.04 13.69
C THR A 166 19.40 12.69 14.40
N LEU A 167 19.47 12.82 15.71
CA LEU A 167 18.36 13.30 16.49
C LEU A 167 18.56 14.78 16.83
N ASP A 168 17.50 15.56 16.67
CA ASP A 168 17.45 16.92 17.17
C ASP A 168 16.01 17.22 17.52
N LEU A 169 15.74 18.42 17.99
CA LEU A 169 14.39 18.79 18.36
C LEU A 169 13.64 19.36 17.17
N GLU A 170 12.32 19.14 17.16
CA GLU A 170 11.55 19.50 15.98
C GLU A 170 10.95 20.90 16.08
N ARG A 171 10.06 21.13 17.03
CA ARG A 171 9.35 22.40 17.11
C ARG A 171 9.64 23.06 18.44
N ARG A 172 8.93 24.15 18.69
CA ARG A 172 9.12 24.90 19.91
C ARG A 172 7.98 24.64 20.87
N GLY A 173 8.20 25.02 22.14
CA GLY A 173 7.14 24.90 23.13
C GLY A 173 6.72 23.48 23.33
N TRP A 174 5.40 23.30 23.41
CA TRP A 174 4.82 22.01 23.68
C TRP A 174 4.95 21.05 22.51
N GLN A 175 4.97 21.55 21.30
CA GLN A 175 5.06 20.67 20.15
C GLN A 175 6.47 20.10 19.92
N ALA A 176 7.39 20.28 20.85
CA ALA A 176 8.78 19.86 20.65
C ALA A 176 8.87 18.35 20.70
N LYS A 177 9.29 17.76 19.59
CA LYS A 177 9.44 16.32 19.45
C LYS A 177 10.86 16.01 19.03
N VAL A 178 11.35 14.85 19.45
CA VAL A 178 12.66 14.38 19.03
C VAL A 178 12.48 13.66 17.70
N ILE A 179 13.20 14.12 16.69
CA ILE A 179 13.02 13.64 15.32
C ILE A 179 14.35 13.16 14.77
N ALA A 180 14.27 12.27 13.80
CA ALA A 180 15.43 11.91 12.99
C ALA A 180 15.64 13.00 11.93
N ASP A 181 16.42 12.66 10.89
CA ASP A 181 16.75 13.64 9.82
C ASP A 181 15.48 14.18 9.15
N LEU A 182 15.41 15.50 8.96
CA LEU A 182 14.26 16.14 8.24
C LEU A 182 12.93 15.57 8.75
N GLY A 183 12.76 15.41 10.05
CA GLY A 183 11.49 14.93 10.63
C GLY A 183 11.02 13.64 9.98
N LYS A 184 11.94 12.72 9.70
CA LYS A 184 11.57 11.41 9.10
C LYS A 184 11.67 10.33 10.18
N ARG A 185 11.42 9.07 9.80
CA ARG A 185 11.49 7.94 10.77
C ARG A 185 12.94 7.48 10.92
N LEU A 186 13.26 6.75 11.98
CA LEU A 186 14.66 6.33 12.24
C LEU A 186 15.14 5.38 11.14
N ARG A 187 14.26 4.52 10.62
CA ARG A 187 14.62 3.60 9.51
C ARG A 187 14.93 4.42 8.25
N GLU A 188 14.15 5.47 7.99
CA GLU A 188 14.33 6.31 6.78
C GLU A 188 15.61 7.16 6.90
N SER A 189 16.19 7.24 8.09
CA SER A 189 17.38 8.10 8.32
C SER A 189 18.63 7.52 7.65
N ASP A 190 19.36 8.35 6.91
CA ASP A 190 20.61 7.92 6.28
C ASP A 190 21.76 8.01 7.26
N THR A 191 21.64 8.91 8.23
CA THR A 191 22.77 9.15 9.14
C THR A 191 22.71 8.38 10.45
N CYS A 192 21.85 7.38 10.64
CA CYS A 192 21.96 6.63 11.94
C CYS A 192 22.89 5.44 11.74
N VAL A 193 23.91 5.35 12.57
CA VAL A 193 24.90 4.26 12.48
C VAL A 193 24.34 3.09 13.28
N ASN A 194 23.06 3.13 13.63
CA ASN A 194 22.39 2.09 14.46
C ASN A 194 23.33 1.71 15.59
N CYS A 195 23.57 2.61 16.53
CA CYS A 195 24.56 2.39 17.59
C CYS A 195 23.88 1.94 18.87
N GLY A 196 22.79 2.61 19.25
CA GLY A 196 22.07 2.25 20.48
C GLY A 196 22.49 3.14 21.63
N ALA A 197 23.42 4.04 21.40
CA ALA A 197 23.91 4.90 22.48
C ALA A 197 22.76 5.80 22.87
N CYS A 198 21.76 5.90 22.01
CA CYS A 198 20.54 6.71 22.26
C CYS A 198 19.66 5.94 23.20
N ALA A 199 19.76 4.62 23.18
CA ALA A 199 19.01 3.79 24.10
C ALA A 199 19.70 3.67 25.45
N GLN A 200 21.01 3.88 25.50
CA GLN A 200 21.73 3.86 26.76
C GLN A 200 21.62 5.20 27.46
N SER A 201 21.36 6.26 26.71
CA SER A 201 21.18 7.57 27.28
C SER A 201 19.76 7.85 27.70
N CYS A 202 18.78 7.18 27.10
CA CYS A 202 17.37 7.54 27.39
C CYS A 202 17.02 6.97 28.74
N PRO A 203 16.60 7.82 29.67
CA PRO A 203 16.24 7.36 31.02
C PRO A 203 14.80 6.92 31.10
N THR A 204 13.99 7.23 30.09
CA THR A 204 12.54 7.20 30.20
C THR A 204 11.88 6.32 29.16
N GLY A 205 12.50 5.21 28.80
CA GLY A 205 11.89 4.18 27.97
C GLY A 205 11.28 4.55 26.63
N THR A 206 11.55 5.78 26.16
CA THR A 206 11.18 6.18 24.82
C THR A 206 11.93 5.35 23.80
N ILE A 207 13.25 5.42 23.84
CA ILE A 207 14.10 4.65 22.94
C ILE A 207 14.43 3.34 23.62
N THR A 208 14.06 2.23 22.99
CA THR A 208 14.32 0.90 23.54
C THR A 208 14.87 0.00 22.44
N ILE A 209 15.80 -0.86 22.82
CA ILE A 209 16.23 -1.95 21.97
C ILE A 209 15.10 -2.96 21.90
N ARG A 210 14.60 -3.22 20.70
CA ARG A 210 13.39 -4.02 20.55
C ARG A 210 13.63 -5.49 20.87
N GLU A 211 14.69 -6.06 20.27
CA GLU A 211 14.92 -7.51 20.33
C GLU A 211 15.06 -8.02 21.76
N PHE A 212 15.52 -7.16 22.67
CA PHE A 212 15.77 -7.55 24.05
C PHE A 212 14.88 -6.77 25.00
N ALA A 213 13.67 -6.47 24.55
CA ALA A 213 12.71 -5.76 25.38
C ALA A 213 12.20 -6.72 26.44
N TYR A 214 12.01 -6.19 27.65
CA TYR A 214 11.48 -6.83 28.86
C TYR A 214 12.47 -7.80 29.49
N ARG A 215 13.59 -8.09 28.83
CA ARG A 215 14.63 -8.96 29.37
C ARG A 215 15.85 -8.16 29.73
N GLY A 216 16.20 -7.19 28.92
CA GLY A 216 17.33 -6.33 29.23
C GLY A 216 16.98 -5.22 30.19
N ARG A 217 16.42 -5.58 31.32
CA ARG A 217 16.17 -4.65 32.41
C ARG A 217 17.27 -4.81 33.44
N ARG A 218 17.76 -3.69 33.95
CA ARG A 218 18.85 -3.75 34.91
C ARG A 218 18.38 -4.17 36.29
N SER A 219 17.10 -3.99 36.61
CA SER A 219 16.60 -4.39 37.91
C SER A 219 16.41 -5.90 38.00
N GLU A 220 16.09 -6.57 36.90
CA GLU A 220 15.86 -8.00 36.90
C GLU A 220 17.07 -8.79 36.42
N CYS A 221 18.28 -8.29 36.67
CA CYS A 221 19.49 -8.97 36.24
C CYS A 221 19.96 -9.93 37.31
N ASP A 222 20.48 -11.08 36.87
CA ASP A 222 21.07 -12.02 37.82
C ASP A 222 22.49 -11.60 38.17
N ALA A 223 23.24 -11.10 37.20
CA ALA A 223 24.59 -10.62 37.49
C ALA A 223 24.93 -9.48 36.56
N VAL A 224 25.96 -8.72 36.93
CA VAL A 224 26.47 -7.62 36.12
C VAL A 224 27.99 -7.79 36.01
N VAL A 225 28.46 -8.21 34.85
CA VAL A 225 29.86 -8.52 34.64
C VAL A 225 30.47 -7.48 33.72
N GLU A 226 31.54 -6.85 34.18
CA GLU A 226 32.29 -5.90 33.38
C GLU A 226 33.34 -6.64 32.57
N SER A 227 33.45 -6.29 31.30
CA SER A 227 34.45 -6.93 30.42
C SER A 227 34.79 -6.04 29.24
N VAL A 228 35.21 -6.63 28.15
CA VAL A 228 35.63 -5.90 26.94
C VAL A 228 34.97 -6.57 25.76
N CYS A 229 34.42 -5.78 24.84
CA CYS A 229 33.82 -6.35 23.61
C CYS A 229 34.94 -7.03 22.86
N PRO A 230 34.81 -8.28 22.35
CA PRO A 230 35.91 -8.87 21.60
C PRO A 230 35.74 -8.74 20.08
N LEU A 231 34.71 -8.03 19.63
CA LEU A 231 34.43 -8.00 18.17
C LEU A 231 35.43 -7.11 17.44
N CYS A 232 35.86 -5.98 18.01
CA CYS A 232 36.81 -5.18 17.21
C CYS A 232 38.01 -4.75 18.05
N ALA A 233 38.93 -3.98 17.48
CA ALA A 233 40.18 -3.63 18.18
C ALA A 233 39.95 -2.57 19.23
N VAL A 234 38.94 -1.75 19.06
CA VAL A 234 38.72 -0.60 19.98
C VAL A 234 38.53 -1.19 21.37
N GLY A 235 37.97 -2.38 21.47
CA GLY A 235 37.87 -3.05 22.77
C GLY A 235 37.09 -2.24 23.75
N CYS A 236 35.88 -1.87 23.36
CA CYS A 236 35.05 -1.02 24.22
C CYS A 236 34.81 -1.74 25.53
N LYS A 237 34.65 -0.99 26.61
CA LYS A 237 34.44 -1.57 27.96
C LYS A 237 32.94 -1.74 28.13
N ILE A 238 32.48 -2.90 28.59
CA ILE A 238 31.06 -3.21 28.60
C ILE A 238 30.65 -3.68 29.99
N LYS A 239 29.35 -3.57 30.27
CA LYS A 239 28.76 -3.83 31.58
C LYS A 239 27.66 -4.87 31.45
N THR A 240 27.99 -6.02 30.84
CA THR A 240 27.00 -7.00 30.42
C THR A 240 26.11 -7.48 31.57
N TYR A 241 24.80 -7.36 31.36
CA TYR A 241 23.81 -7.84 32.30
C TYR A 241 23.41 -9.26 31.96
N VAL A 242 23.43 -10.14 32.95
CA VAL A 242 23.19 -11.57 32.76
C VAL A 242 21.92 -11.92 33.49
N ARG A 243 20.98 -12.52 32.76
CA ARG A 243 19.69 -12.96 33.29
C ARG A 243 19.47 -14.39 32.81
N THR A 244 19.67 -15.35 33.72
CA THR A 244 19.47 -16.79 33.49
C THR A 244 20.29 -17.28 32.29
N GLY A 245 21.61 -17.16 32.42
CA GLY A 245 22.53 -17.73 31.46
C GLY A 245 22.56 -17.09 30.10
N SER A 246 22.02 -15.89 29.96
CA SER A 246 22.09 -15.16 28.70
C SER A 246 22.33 -13.69 29.00
N ILE A 247 23.08 -13.04 28.13
CA ILE A 247 23.25 -11.59 28.23
C ILE A 247 22.02 -10.92 27.64
N VAL A 248 21.39 -10.07 28.42
CA VAL A 248 20.14 -9.42 28.03
C VAL A 248 20.33 -7.96 27.63
N ARG A 249 21.43 -7.32 28.02
CA ARG A 249 21.65 -5.92 27.75
C ARG A 249 23.13 -5.61 27.95
N VAL A 250 23.74 -4.98 26.95
CA VAL A 250 25.16 -4.63 26.98
C VAL A 250 25.24 -3.11 26.91
N GLU A 251 25.42 -2.47 28.07
CA GLU A 251 25.64 -1.03 28.11
C GLU A 251 27.13 -0.79 28.33
N GLY A 252 27.66 0.19 27.62
CA GLY A 252 29.08 0.42 27.66
C GLY A 252 29.54 1.37 28.74
N THR A 253 30.30 0.87 29.70
CA THR A 253 31.02 1.76 30.59
C THR A 253 32.09 2.52 29.82
N GLY A 254 32.60 3.57 30.45
CA GLY A 254 33.58 4.40 29.81
C GLY A 254 32.99 5.70 29.33
N VAL A 255 32.02 6.20 30.11
CA VAL A 255 31.46 7.52 29.87
C VAL A 255 32.42 8.65 30.19
N GLU A 256 33.54 8.34 30.85
CA GLU A 256 34.60 9.30 31.11
C GLU A 256 35.73 9.19 30.10
N GLU A 257 35.89 8.03 29.48
CA GLU A 257 36.83 7.85 28.39
C GLU A 257 36.33 8.62 27.16
N PRO A 258 37.21 8.87 26.17
CA PRO A 258 36.76 9.65 25.00
C PRO A 258 35.65 9.04 24.17
N ASP A 259 35.48 7.71 24.21
CA ASP A 259 34.42 7.07 23.44
C ASP A 259 33.04 7.43 23.98
N GLY A 260 32.83 7.29 25.28
CA GLY A 260 31.57 7.68 25.87
C GLY A 260 30.50 6.62 25.88
N GLY A 261 30.87 5.35 25.95
CA GLY A 261 29.92 4.27 26.06
C GLY A 261 29.10 3.95 24.83
N GLN A 262 29.40 4.58 23.70
CA GLN A 262 28.66 4.34 22.46
C GLN A 262 29.14 3.06 21.80
N LEU A 263 28.74 1.96 22.36
CA LEU A 263 29.18 0.73 21.74
C LEU A 263 28.50 0.71 20.38
N CYS A 264 28.97 -0.09 19.45
CA CYS A 264 28.38 -0.16 18.09
C CYS A 264 27.21 -1.12 18.00
N HIS A 265 26.68 -1.31 16.81
CA HIS A 265 25.60 -2.28 16.58
C HIS A 265 26.12 -3.66 16.91
N MET A 266 27.34 -3.96 16.52
CA MET A 266 27.84 -5.32 16.72
C MET A 266 28.00 -5.59 18.21
N GLY A 267 28.01 -4.58 19.06
CA GLY A 267 28.27 -4.82 20.48
C GLY A 267 27.04 -4.68 21.34
N ARG A 268 26.13 -3.80 20.95
CA ARG A 268 24.86 -3.69 21.68
C ARG A 268 23.80 -4.55 21.01
N TRP A 269 24.17 -5.31 19.98
CA TRP A 269 23.11 -6.06 19.30
C TRP A 269 23.54 -7.45 18.89
N TRP A 270 24.83 -7.72 18.80
CA TRP A 270 25.32 -9.06 18.50
C TRP A 270 25.81 -9.78 19.73
N LEU A 271 26.35 -9.05 20.71
CA LEU A 271 26.77 -9.67 21.96
C LEU A 271 25.59 -10.26 22.74
N PRO A 272 24.46 -9.56 22.98
CA PRO A 272 23.37 -10.24 23.67
C PRO A 272 22.67 -11.27 22.80
N GLU A 273 22.62 -11.07 21.48
CA GLU A 273 22.00 -12.05 20.59
C GLU A 273 22.85 -13.30 20.41
N SER A 274 24.13 -13.26 20.76
CA SER A 274 24.97 -14.43 20.60
C SER A 274 24.85 -15.36 21.79
N THR A 275 24.42 -14.86 22.94
CA THR A 275 24.14 -15.70 24.09
C THR A 275 22.85 -16.50 23.94
N GLU A 276 22.18 -16.42 22.79
CA GLU A 276 20.97 -17.15 22.52
C GLU A 276 21.04 -17.83 21.18
N ARG A 277 22.17 -18.47 20.91
CA ARG A 277 22.36 -19.16 19.65
C ARG A 277 22.33 -20.67 19.91
N GLU A 278 22.61 -21.45 18.87
CA GLU A 278 22.22 -22.86 18.90
C GLU A 278 23.09 -23.71 19.83
N ARG A 279 24.39 -23.40 19.95
CA ARG A 279 25.26 -23.98 20.98
C ARG A 279 25.37 -25.50 20.95
N VAL A 280 26.11 -26.07 19.99
CA VAL A 280 26.20 -27.51 19.73
C VAL A 280 26.34 -28.43 20.95
N THR A 281 27.36 -28.21 21.79
CA THR A 281 27.62 -28.95 23.03
C THR A 281 27.65 -30.48 22.90
N VAL A 282 27.90 -31.01 21.69
CA VAL A 282 28.09 -32.43 21.38
C VAL A 282 28.77 -32.56 20.03
N PRO A 283 29.81 -33.38 19.93
CA PRO A 283 30.57 -33.55 18.68
C PRO A 283 29.71 -34.18 17.59
N LEU A 284 29.53 -33.45 16.49
CA LEU A 284 28.71 -33.92 15.39
C LEU A 284 29.58 -34.64 14.36
N ILE A 285 28.99 -34.93 13.21
CA ILE A 285 29.67 -35.57 12.05
C ILE A 285 28.75 -35.30 10.84
N ARG A 286 29.28 -35.03 9.64
CA ARG A 286 28.47 -34.60 8.47
C ARG A 286 27.39 -35.60 8.05
N GLU A 287 27.75 -36.82 7.63
CA GLU A 287 26.78 -37.87 7.16
C GLU A 287 26.11 -37.49 5.82
N GLY A 288 26.35 -36.30 5.28
CA GLY A 288 25.66 -35.86 4.10
C GLY A 288 24.44 -35.01 4.42
N ALA A 289 24.62 -33.68 4.34
CA ALA A 289 23.59 -32.65 4.39
C ALA A 289 22.92 -32.43 5.75
N SER A 290 23.24 -33.27 6.74
CA SER A 290 22.60 -33.16 8.05
C SER A 290 23.45 -33.90 9.07
N TYR A 291 23.79 -33.21 10.16
CA TYR A 291 24.71 -33.73 11.14
C TYR A 291 24.07 -34.78 12.03
N ARG A 292 24.91 -35.70 12.52
CA ARG A 292 24.49 -36.72 13.46
C ARG A 292 25.31 -36.61 14.73
N GLU A 293 24.68 -36.94 15.86
CA GLU A 293 25.36 -36.83 17.15
C GLU A 293 26.37 -37.96 17.30
N ALA A 294 27.61 -37.60 17.54
CA ALA A 294 28.68 -38.56 17.76
C ALA A 294 29.29 -38.36 19.13
N THR A 295 30.03 -39.38 19.58
CA THR A 295 30.79 -39.25 20.81
C THR A 295 32.12 -38.57 20.53
N TRP A 296 32.77 -38.12 21.60
CA TRP A 296 34.05 -37.42 21.46
C TRP A 296 35.14 -38.35 20.93
N GLU A 297 35.13 -39.61 21.37
CA GLU A 297 36.08 -40.60 20.87
C GLU A 297 35.89 -40.85 19.39
N GLU A 298 34.64 -41.07 18.97
CA GLU A 298 34.32 -41.32 17.57
C GLU A 298 34.67 -40.13 16.68
N ALA A 299 34.28 -38.92 17.11
CA ALA A 299 34.51 -37.73 16.30
C ALA A 299 35.99 -37.38 16.21
N LEU A 300 36.71 -37.47 17.34
CA LEU A 300 38.14 -37.17 17.29
C LEU A 300 38.90 -38.25 16.56
N ALA A 301 38.40 -39.49 16.54
CA ALA A 301 39.03 -40.53 15.74
C ALA A 301 38.84 -40.26 14.25
N LEU A 302 37.61 -39.93 13.85
CA LEU A 302 37.35 -39.64 12.44
C LEU A 302 37.97 -38.32 12.01
N ALA A 303 38.32 -37.45 12.96
CA ALA A 303 38.98 -36.19 12.62
C ALA A 303 40.49 -36.27 12.74
N SER A 304 41.03 -37.29 13.39
CA SER A 304 42.46 -37.51 13.44
C SER A 304 42.95 -38.48 12.38
N ALA A 305 42.11 -39.45 11.98
CA ALA A 305 42.42 -40.31 10.84
C ALA A 305 42.57 -39.47 9.58
N GLU A 306 41.73 -38.46 9.43
CA GLU A 306 41.80 -37.52 8.32
C GLU A 306 42.91 -36.50 8.50
N PHE A 307 43.51 -36.44 9.69
CA PHE A 307 44.65 -35.57 9.98
C PHE A 307 45.97 -36.33 9.96
N LYS A 308 45.94 -37.65 9.83
CA LYS A 308 47.19 -38.36 9.60
C LYS A 308 47.40 -38.72 8.15
N LYS A 309 46.34 -39.11 7.44
CA LYS A 309 46.42 -39.34 6.01
C LYS A 309 46.65 -38.05 5.20
N ALA A 310 46.55 -36.90 5.84
CA ALA A 310 46.74 -35.62 5.19
C ALA A 310 47.91 -34.83 5.76
N TYR A 311 48.67 -35.40 6.69
CA TYR A 311 49.86 -34.74 7.21
C TYR A 311 51.16 -35.35 6.67
N ASP A 312 51.14 -36.63 6.25
CA ASP A 312 52.30 -37.24 5.61
C ASP A 312 52.66 -36.50 4.32
N GLN A 313 51.77 -36.54 3.33
CA GLN A 313 51.78 -35.51 2.31
C GLN A 313 51.23 -34.27 2.99
N GLU A 314 51.92 -33.13 2.82
CA GLU A 314 51.81 -31.92 3.65
C GLU A 314 50.37 -31.52 3.98
N LYS A 315 49.62 -31.10 2.95
CA LYS A 315 48.15 -31.08 2.84
C LYS A 315 47.35 -30.86 4.12
N ALA A 316 47.71 -29.87 4.93
CA ALA A 316 47.05 -29.65 6.20
C ALA A 316 47.24 -28.22 6.63
N GLY A 317 46.19 -27.64 7.20
CA GLY A 317 46.25 -26.26 7.61
C GLY A 317 45.41 -25.98 8.84
N ALA A 318 45.33 -24.71 9.21
CA ALA A 318 44.56 -24.31 10.38
C ALA A 318 44.22 -22.84 10.29
N ILE A 319 42.95 -22.53 10.44
CA ILE A 319 42.47 -21.16 10.37
C ILE A 319 41.84 -20.88 11.72
N LEU A 320 42.63 -20.33 12.63
CA LEU A 320 42.14 -20.05 13.96
C LEU A 320 41.48 -18.68 13.96
N SER A 321 40.89 -18.29 15.08
CA SER A 321 40.20 -17.02 15.13
C SER A 321 41.04 -16.03 15.91
N SER A 322 41.08 -14.79 15.44
CA SER A 322 41.80 -13.75 16.13
C SER A 322 40.95 -13.09 17.21
N LEU A 323 39.70 -13.51 17.35
CA LEU A 323 38.91 -13.13 18.51
C LEU A 323 39.17 -14.04 19.70
N CYS A 324 40.03 -15.05 19.54
CA CYS A 324 40.43 -15.91 20.64
C CYS A 324 41.46 -15.23 21.52
N THR A 325 41.47 -15.63 22.79
CA THR A 325 42.43 -15.14 23.75
C THR A 325 43.83 -15.65 23.43
N ASP A 326 44.81 -15.04 24.11
CA ASP A 326 46.19 -15.49 23.92
C ASP A 326 46.47 -16.86 24.54
N GLU A 327 45.68 -17.28 25.54
CA GLU A 327 45.81 -18.64 26.07
C GLU A 327 45.44 -19.68 25.02
N GLU A 328 44.27 -19.50 24.38
CA GLU A 328 43.82 -20.44 23.36
C GLU A 328 44.76 -20.45 22.15
N LEU A 329 45.21 -19.27 21.73
CA LEU A 329 46.10 -19.18 20.58
C LEU A 329 47.46 -19.76 20.89
N THR A 330 47.93 -19.62 22.14
CA THR A 330 49.18 -20.25 22.55
C THR A 330 49.04 -21.77 22.57
N LEU A 331 47.86 -22.27 22.98
CA LEU A 331 47.57 -23.71 22.90
C LEU A 331 47.63 -24.21 21.46
N PHE A 332 46.99 -23.46 20.56
CA PHE A 332 46.96 -23.84 19.16
C PHE A 332 48.34 -23.79 18.55
N SER A 333 49.15 -22.82 18.96
CA SER A 333 50.55 -22.78 18.54
C SER A 333 51.34 -23.96 19.08
N ALA A 334 51.03 -24.40 20.29
CA ALA A 334 51.67 -25.57 20.87
C ALA A 334 51.41 -26.80 20.03
N LEU A 335 50.18 -26.96 19.55
CA LEU A 335 49.94 -28.12 18.69
C LEU A 335 50.44 -27.88 17.27
N PHE A 336 50.07 -26.76 16.66
CA PHE A 336 50.20 -26.61 15.22
C PHE A 336 51.55 -26.04 14.80
N ARG A 337 52.05 -25.02 15.49
CA ARG A 337 53.31 -24.41 15.08
C ARG A 337 54.52 -25.18 15.61
N ASN A 338 54.39 -25.87 16.75
CA ASN A 338 55.57 -26.50 17.34
C ASN A 338 55.54 -28.03 17.29
N ALA A 339 54.44 -28.67 17.70
CA ALA A 339 54.41 -30.13 17.74
C ALA A 339 54.50 -30.74 16.35
N LEU A 340 53.58 -30.39 15.46
CA LEU A 340 53.59 -30.95 14.12
C LEU A 340 54.12 -29.98 13.07
N LYS A 341 54.52 -28.77 13.47
CA LYS A 341 55.34 -27.85 12.66
C LYS A 341 54.68 -27.41 11.36
N MET A 342 53.35 -27.31 11.33
CA MET A 342 52.68 -26.82 10.13
C MET A 342 53.02 -25.36 9.85
N LYS A 343 53.41 -25.08 8.63
CA LYS A 343 53.64 -23.73 8.17
C LYS A 343 52.42 -23.17 7.46
N HIS A 344 51.26 -23.83 7.61
CA HIS A 344 50.03 -23.41 6.98
C HIS A 344 48.98 -23.02 8.01
N ILE A 345 49.37 -22.30 9.05
CA ILE A 345 48.43 -21.88 10.08
C ILE A 345 48.12 -20.39 9.92
N ASP A 346 46.83 -20.06 9.89
CA ASP A 346 46.42 -18.66 9.74
C ASP A 346 45.34 -18.29 10.75
N THR A 347 44.79 -17.08 10.62
CA THR A 347 44.00 -16.53 11.72
C THR A 347 42.71 -15.85 11.30
N PHE A 348 42.19 -16.19 10.10
CA PHE A 348 40.90 -15.81 9.50
C PHE A 348 40.90 -14.35 9.06
N ASP A 349 41.94 -13.60 9.42
CA ASP A 349 42.21 -12.26 8.95
C ASP A 349 43.70 -12.04 8.76
N GLY A 350 44.42 -13.13 8.45
CA GLY A 350 45.88 -13.10 8.36
C GLY A 350 46.42 -12.14 7.33
N ASP A 351 45.66 -11.92 6.25
CA ASP A 351 46.04 -10.94 5.25
C ASP A 351 46.16 -9.54 5.86
N ILE A 352 45.15 -9.15 6.64
CA ILE A 352 45.13 -7.82 7.24
C ILE A 352 46.27 -7.66 8.25
N ILE A 353 46.42 -8.63 9.16
CA ILE A 353 47.44 -8.56 10.20
C ILE A 353 48.84 -8.58 9.59
N ARG A 354 49.09 -9.49 8.64
CA ARG A 354 50.42 -9.56 8.04
C ARG A 354 50.73 -8.37 7.15
N GLY A 355 49.73 -7.82 6.45
CA GLY A 355 49.94 -6.58 5.71
C GLY A 355 50.29 -5.43 6.62
N PHE A 356 49.56 -5.31 7.74
CA PHE A 356 49.80 -4.23 8.68
C PHE A 356 51.18 -4.36 9.32
N PHE A 357 51.57 -5.56 9.72
CA PHE A 357 52.82 -5.79 10.41
C PHE A 357 53.98 -6.08 9.47
N LYS A 358 53.76 -5.97 8.16
CA LYS A 358 54.84 -5.93 7.20
C LYS A 358 54.93 -4.58 6.51
N GLY A 359 53.96 -3.72 6.71
CA GLY A 359 54.06 -2.35 6.28
C GLY A 359 54.61 -1.46 7.37
N PHE A 360 54.22 -1.74 8.61
CA PHE A 360 54.73 -0.99 9.76
C PHE A 360 56.17 -1.36 10.12
N MET A 361 56.65 -2.52 9.66
CA MET A 361 57.95 -3.04 10.11
C MET A 361 59.16 -2.17 9.76
N PRO A 362 59.26 -1.48 8.55
CA PRO A 362 60.32 -0.48 8.33
C PRO A 362 60.56 0.49 9.48
N PHE A 363 59.47 1.05 9.99
CA PHE A 363 59.57 2.03 11.05
C PHE A 363 59.99 1.38 12.36
N ARG A 364 59.68 0.08 12.55
CA ARG A 364 60.24 -0.65 13.69
C ARG A 364 61.74 -0.79 13.57
N GLU A 365 62.24 -0.94 12.33
CA GLU A 365 63.68 -0.92 12.11
C GLU A 365 64.24 0.46 12.44
N GLN A 366 63.60 1.52 11.96
CA GLN A 366 64.07 2.88 12.23
C GLN A 366 63.89 3.28 13.70
N GLY A 367 63.03 2.61 14.44
CA GLY A 367 62.96 2.86 15.87
C GLY A 367 61.93 3.89 16.27
N VAL A 368 60.70 3.72 15.79
CA VAL A 368 59.58 4.58 16.16
C VAL A 368 58.35 3.68 16.24
N ARG A 369 57.30 4.20 16.89
CA ARG A 369 55.99 3.58 17.00
C ARG A 369 55.12 4.13 15.87
N PRO A 370 54.92 3.36 14.80
CA PRO A 370 54.17 3.85 13.64
C PRO A 370 52.66 3.65 13.75
N PHE A 371 52.09 4.07 14.89
CA PHE A 371 50.65 4.17 15.16
C PHE A 371 50.40 4.85 16.50
N THR A 372 49.27 5.55 16.58
CA THR A 372 48.83 6.21 17.80
C THR A 372 47.44 5.70 18.18
N ALA A 373 46.92 6.24 19.28
CA ALA A 373 45.58 5.89 19.76
C ALA A 373 44.51 6.65 18.98
N ALA A 374 43.37 6.00 18.79
CA ALA A 374 42.28 6.58 18.01
C ALA A 374 41.67 7.81 18.64
N HIS A 375 41.75 7.95 19.97
CA HIS A 375 41.15 9.11 20.64
C HIS A 375 41.87 10.41 20.32
N HIS A 376 42.98 10.37 19.60
CA HIS A 376 43.68 11.54 19.12
C HIS A 376 43.16 12.01 17.77
N ILE A 377 42.13 11.37 17.23
CA ILE A 377 41.57 11.89 15.97
C ILE A 377 40.40 12.80 16.31
N LEU A 378 40.21 13.06 17.60
CA LEU A 378 39.19 13.98 18.07
C LEU A 378 39.65 15.43 18.10
N ASP A 379 40.95 15.66 18.28
CA ASP A 379 41.50 17.01 18.32
C ASP A 379 42.27 17.36 17.06
N SER A 380 42.30 16.47 16.07
CA SER A 380 43.00 16.74 14.82
C SER A 380 42.26 17.78 13.99
N ASP A 381 42.91 18.24 12.93
CA ASP A 381 42.35 19.26 12.05
C ASP A 381 42.00 18.76 10.67
N LEU A 382 42.65 17.72 10.17
CA LEU A 382 42.32 17.15 8.88
C LEU A 382 42.48 15.64 8.97
N ILE A 383 41.42 14.90 8.69
CA ILE A 383 41.40 13.44 8.81
C ILE A 383 41.41 12.85 7.41
N ILE A 384 42.31 11.88 7.18
CA ILE A 384 42.51 11.29 5.86
C ILE A 384 42.23 9.80 5.95
N THR A 385 41.08 9.34 5.46
CA THR A 385 40.77 7.92 5.47
C THR A 385 41.36 7.28 4.21
N MET A 386 42.45 6.55 4.36
CA MET A 386 43.10 5.87 3.24
C MET A 386 42.62 4.42 3.25
N PHE A 387 41.82 4.07 2.24
CA PHE A 387 41.35 2.71 1.98
C PHE A 387 40.55 2.14 3.15
N ALA A 388 39.80 3.00 3.82
CA ALA A 388 39.13 2.65 5.06
C ALA A 388 37.62 2.82 4.91
N ASP A 389 36.88 1.95 5.59
CA ASP A 389 35.45 2.12 5.82
C ASP A 389 35.26 1.89 7.31
N PRO A 390 35.55 2.90 8.15
CA PRO A 390 35.54 2.69 9.61
C PRO A 390 34.19 2.33 10.21
N GLN A 391 33.09 2.44 9.46
CA GLN A 391 31.80 2.02 9.98
C GLN A 391 31.71 0.49 10.06
N LYS A 392 32.44 -0.21 9.21
CA LYS A 392 32.45 -1.67 9.23
C LYS A 392 33.75 -2.24 9.77
N GLU A 393 34.64 -1.42 10.30
CA GLU A 393 35.93 -1.93 10.78
C GLU A 393 36.17 -1.63 12.25
N ALA A 394 35.82 -0.44 12.71
CA ALA A 394 35.95 0.01 14.09
C ALA A 394 35.06 1.23 14.30
N PRO A 395 33.75 1.03 14.50
CA PRO A 395 32.81 2.17 14.46
C PRO A 395 33.05 3.30 15.45
N VAL A 396 33.74 3.06 16.57
CA VAL A 396 34.08 4.15 17.46
C VAL A 396 35.09 5.10 16.81
N VAL A 397 35.99 4.57 15.97
CA VAL A 397 36.88 5.42 15.18
C VAL A 397 36.06 6.29 14.22
N ALA A 398 35.01 5.72 13.63
CA ALA A 398 34.14 6.48 12.74
C ALA A 398 33.37 7.55 13.50
N SER A 399 32.99 7.24 14.74
CA SER A 399 32.28 8.21 15.56
C SER A 399 33.18 9.35 15.99
N TYR A 400 34.43 9.03 16.32
CA TYR A 400 35.44 10.04 16.57
C TYR A 400 35.61 10.96 15.36
N ILE A 401 35.72 10.35 14.18
CA ILE A 401 35.84 11.10 12.92
C ILE A 401 34.66 12.04 12.75
N ARG A 402 33.45 11.56 13.04
CA ARG A 402 32.25 12.37 12.85
C ARG A 402 32.18 13.53 13.85
N VAL A 403 32.50 13.26 15.12
CA VAL A 403 32.49 14.29 16.15
C VAL A 403 33.52 15.36 15.80
N ALA A 404 34.70 14.94 15.36
CA ALA A 404 35.75 15.87 14.92
C ALA A 404 35.25 16.74 13.76
N CYS A 405 34.81 16.11 12.68
CA CYS A 405 34.48 16.84 11.46
C CYS A 405 33.14 17.55 11.53
N LEU A 406 32.39 17.44 12.63
CA LEU A 406 31.17 18.22 12.76
C LEU A 406 31.23 19.22 13.92
N HIS A 407 31.54 18.76 15.12
CA HIS A 407 31.53 19.62 16.29
C HIS A 407 32.91 20.16 16.66
N ARG A 408 33.95 19.85 15.87
CA ARG A 408 35.27 20.36 16.19
C ARG A 408 36.02 20.87 14.96
N ASN A 409 35.32 21.11 13.85
CA ASN A 409 35.81 21.82 12.67
C ASN A 409 37.05 21.16 12.06
N ALA A 410 36.86 19.94 11.57
CA ALA A 410 37.89 19.25 10.82
C ALA A 410 37.46 19.14 9.36
N LYS A 411 38.32 18.53 8.55
CA LYS A 411 38.04 18.28 7.14
C LYS A 411 38.42 16.84 6.81
N LEU A 412 37.64 16.23 5.93
CA LEU A 412 37.83 14.83 5.55
C LEU A 412 38.26 14.75 4.09
N MET A 413 39.20 13.85 3.81
CA MET A 413 39.67 13.62 2.45
C MET A 413 40.05 12.16 2.33
N ASN A 414 39.45 11.46 1.37
CA ASN A 414 39.58 10.03 1.23
C ASN A 414 40.48 9.66 0.05
N LEU A 415 41.33 8.66 0.26
CA LEU A 415 42.23 8.15 -0.76
C LEU A 415 41.93 6.68 -1.05
N SER A 416 40.67 6.34 -1.20
CA SER A 416 40.24 4.95 -1.35
C SER A 416 39.68 4.72 -2.74
N TYR A 417 39.71 3.45 -3.16
CA TYR A 417 39.02 3.04 -4.38
C TYR A 417 37.65 2.45 -4.05
N GLY A 418 36.81 3.26 -3.41
CA GLY A 418 35.55 2.75 -2.97
C GLY A 418 34.43 3.77 -2.89
N PRO A 419 33.49 3.56 -1.97
CA PRO A 419 32.24 4.32 -2.01
C PRO A 419 32.24 5.62 -1.22
N SER A 420 33.44 6.17 -0.91
CA SER A 420 33.61 7.38 -0.10
C SER A 420 32.92 7.24 1.26
N PRO A 421 33.55 6.50 2.23
CA PRO A 421 32.89 6.02 3.47
C PRO A 421 31.95 6.96 4.21
N PHE A 422 32.20 8.26 4.13
CA PHE A 422 31.33 9.28 4.72
C PHE A 422 30.79 10.09 3.53
N PRO A 423 29.75 9.59 2.84
CA PRO A 423 29.28 10.24 1.61
C PRO A 423 28.52 11.53 1.85
N GLY A 424 29.24 12.64 2.00
CA GLY A 424 28.57 13.90 2.23
C GLY A 424 29.29 14.64 3.33
N LEU A 425 30.36 14.01 3.82
CA LEU A 425 31.21 14.59 4.84
C LEU A 425 32.63 14.87 4.39
N VAL A 426 33.08 14.27 3.29
CA VAL A 426 34.41 14.53 2.76
C VAL A 426 34.35 15.77 1.89
N ASP A 427 35.43 16.55 1.91
CA ASP A 427 35.51 17.76 1.10
C ASP A 427 36.18 17.53 -0.24
N LEU A 428 37.14 16.60 -0.30
CA LEU A 428 37.82 16.30 -1.55
C LEU A 428 37.85 14.78 -1.71
N ASP A 429 37.27 14.28 -2.80
CA ASP A 429 37.17 12.85 -3.03
C ASP A 429 38.21 12.43 -4.06
N ILE A 430 39.00 11.42 -3.70
CA ILE A 430 39.94 10.77 -4.61
C ILE A 430 39.52 9.32 -4.78
N ARG A 431 39.65 8.81 -6.00
CA ARG A 431 39.34 7.43 -6.32
C ARG A 431 40.56 6.92 -7.09
N LEU A 432 41.56 6.46 -6.33
CA LEU A 432 42.80 5.96 -6.90
C LEU A 432 42.54 4.64 -7.62
N PRO A 433 42.83 4.52 -8.91
CA PRO A 433 42.58 3.26 -9.60
C PRO A 433 43.54 2.16 -9.19
N GLU A 434 43.09 0.92 -9.39
CA GLU A 434 43.83 -0.28 -9.04
C GLU A 434 45.14 -0.42 -9.82
N GLY A 435 45.94 -1.39 -9.37
CA GLY A 435 47.22 -1.68 -9.98
C GLY A 435 48.37 -1.65 -8.98
N GLN A 436 49.27 -0.71 -9.20
CA GLN A 436 50.45 -0.48 -8.38
C GLN A 436 50.50 1.03 -8.14
N ALA A 437 49.91 1.50 -7.04
CA ALA A 437 49.87 2.93 -6.74
C ALA A 437 50.68 3.33 -5.51
N VAL A 438 51.45 2.42 -4.94
CA VAL A 438 52.20 2.69 -3.71
C VAL A 438 53.51 3.49 -3.88
N PRO A 439 54.48 3.15 -4.76
CA PRO A 439 55.72 3.96 -4.78
C PRO A 439 55.54 5.33 -5.41
N LYS A 440 54.51 5.51 -6.22
CA LYS A 440 54.20 6.83 -6.72
C LYS A 440 53.66 7.71 -5.60
N ALA A 441 52.83 7.13 -4.72
CA ALA A 441 52.43 7.83 -3.50
C ALA A 441 53.65 8.12 -2.63
N LEU A 442 54.63 7.20 -2.61
CA LEU A 442 55.89 7.43 -1.92
C LEU A 442 56.59 8.68 -2.46
N SER A 443 56.67 8.79 -3.79
CA SER A 443 57.25 9.97 -4.43
C SER A 443 56.48 11.22 -4.04
N ASN A 444 55.14 11.13 -4.05
CA ASN A 444 54.27 12.26 -3.71
C ASN A 444 54.55 12.77 -2.29
N LEU A 445 54.68 11.86 -1.34
CA LEU A 445 54.92 12.29 0.04
C LEU A 445 56.35 12.80 0.22
N ALA A 446 57.32 12.17 -0.46
CA ALA A 446 58.70 12.65 -0.47
C ALA A 446 58.78 14.09 -0.98
N GLU A 447 57.94 14.41 -1.97
CA GLU A 447 57.75 15.79 -2.38
C GLU A 447 57.23 16.61 -1.20
N ILE A 448 56.05 16.24 -0.69
CA ILE A 448 55.30 17.03 0.31
C ILE A 448 56.13 17.36 1.55
N ILE A 449 57.13 16.54 1.87
CA ILE A 449 58.03 16.83 2.97
C ILE A 449 59.31 17.53 2.50
N GLY A 450 59.86 17.19 1.33
CA GLY A 450 61.13 17.78 0.93
C GLY A 450 61.01 19.13 0.24
N LYS A 451 60.02 19.27 -0.65
CA LYS A 451 59.74 20.56 -1.28
C LYS A 451 59.35 21.63 -0.27
N ILE A 452 58.86 21.24 0.90
CA ILE A 452 58.52 22.18 1.97
C ILE A 452 59.17 21.69 3.26
N SER A 479 57.37 17.41 -10.61
CA SER A 479 56.94 17.18 -9.23
C SER A 479 55.67 16.32 -9.18
N ILE A 480 54.59 16.87 -8.62
CA ILE A 480 53.29 16.19 -8.61
C ILE A 480 52.75 15.90 -10.00
N GLU A 481 53.21 16.63 -11.02
CA GLU A 481 52.75 16.42 -12.40
C GLU A 481 52.97 14.98 -12.88
N GLU A 482 54.17 14.45 -12.66
CA GLU A 482 54.43 13.09 -13.12
C GLU A 482 53.81 12.04 -12.21
N SER A 483 53.80 12.29 -10.90
CA SER A 483 53.17 11.37 -9.96
C SER A 483 51.66 11.28 -10.15
N ALA A 484 51.03 12.35 -10.62
CA ALA A 484 49.59 12.34 -10.91
C ALA A 484 49.23 11.32 -11.98
N ARG A 485 49.76 11.49 -13.20
CA ARG A 485 49.51 10.55 -14.28
C ARG A 485 50.08 9.18 -13.95
N ALA A 486 51.14 9.16 -13.15
CA ALA A 486 51.72 7.93 -12.64
C ALA A 486 50.74 7.21 -11.71
N MET A 487 50.11 7.94 -10.78
CA MET A 487 49.06 7.41 -9.92
C MET A 487 47.78 7.05 -10.69
N GLY A 488 47.69 7.39 -11.97
CA GLY A 488 46.44 7.29 -12.70
C GLY A 488 45.40 8.28 -12.22
N LEU A 489 45.81 9.52 -11.96
CA LEU A 489 44.95 10.53 -11.35
C LEU A 489 45.09 11.82 -12.16
N ASP A 490 44.08 12.67 -12.06
CA ASP A 490 44.12 13.97 -12.73
C ASP A 490 45.07 14.88 -11.95
N PRO A 491 45.87 15.71 -12.63
CA PRO A 491 46.87 16.52 -11.90
C PRO A 491 46.34 17.64 -11.02
N LYS A 492 45.24 18.32 -11.38
CA LYS A 492 44.73 19.42 -10.57
C LYS A 492 44.34 18.93 -9.18
N ILE A 493 43.53 17.87 -9.10
CA ILE A 493 43.11 17.36 -7.82
C ILE A 493 44.29 16.75 -7.05
N ALA A 494 45.30 16.23 -7.77
CA ALA A 494 46.50 15.73 -7.12
C ALA A 494 47.35 16.85 -6.51
N GLU A 495 47.25 18.08 -7.03
CA GLU A 495 47.93 19.18 -6.35
C GLU A 495 47.09 19.72 -5.19
N GLU A 496 45.75 19.76 -5.37
CA GLU A 496 44.87 20.15 -4.25
C GLU A 496 45.08 19.25 -3.03
N VAL A 497 45.32 17.95 -3.27
CA VAL A 497 45.61 17.02 -2.19
C VAL A 497 46.85 17.47 -1.41
N ALA A 498 47.92 17.81 -2.13
CA ALA A 498 49.15 18.27 -1.48
C ALA A 498 48.95 19.57 -0.72
N LEU A 499 48.20 20.52 -1.30
CA LEU A 499 47.95 21.81 -0.63
C LEU A 499 47.20 21.60 0.68
N MET A 500 46.07 20.87 0.63
CA MET A 500 45.31 20.67 1.85
C MET A 500 46.03 19.75 2.83
N LEU A 501 47.02 18.99 2.36
CA LEU A 501 47.81 18.15 3.26
C LEU A 501 48.88 18.97 3.97
N ILE A 502 49.49 19.95 3.29
CA ILE A 502 50.52 20.74 3.97
C ILE A 502 49.88 21.79 4.87
N SER A 503 48.74 22.36 4.47
CA SER A 503 48.14 23.46 5.23
C SER A 503 47.63 23.04 6.60
N ALA A 504 47.40 21.74 6.82
CA ALA A 504 46.88 21.26 8.10
C ALA A 504 47.93 21.42 9.18
N ARG A 505 47.47 21.71 10.40
CA ARG A 505 48.38 21.94 11.51
C ARG A 505 48.56 20.73 12.41
N ARG A 506 47.65 19.75 12.34
CA ARG A 506 47.75 18.49 13.07
C ARG A 506 46.91 17.41 12.41
N PRO A 507 47.19 17.02 11.16
CA PRO A 507 46.33 16.05 10.48
C PRO A 507 46.55 14.66 11.04
N ILE A 508 45.64 13.76 10.69
CA ILE A 508 45.77 12.37 11.08
C ILE A 508 45.29 11.53 9.90
N PHE A 509 45.86 10.35 9.79
CA PHE A 509 45.55 9.40 8.75
C PHE A 509 44.86 8.20 9.40
N ILE A 510 43.95 7.58 8.65
CA ILE A 510 43.14 6.45 9.08
C ILE A 510 43.46 5.34 8.09
N ILE A 511 44.38 4.44 8.42
CA ILE A 511 44.69 3.36 7.50
C ILE A 511 43.53 2.37 7.54
N GLY A 512 43.15 1.85 6.37
CA GLY A 512 42.11 0.85 6.29
C GLY A 512 42.66 -0.56 6.19
N GLY A 513 41.74 -1.51 6.37
CA GLY A 513 42.10 -2.90 6.21
C GLY A 513 42.32 -3.28 4.77
N ARG A 514 41.59 -2.63 3.86
CA ARG A 514 41.78 -2.84 2.43
C ARG A 514 43.15 -2.35 1.97
N ALA A 515 43.76 -1.41 2.69
CA ALA A 515 45.14 -0.99 2.43
C ALA A 515 46.18 -2.08 2.68
N THR A 516 45.80 -3.24 3.20
CA THR A 516 46.75 -4.29 3.57
C THR A 516 46.78 -5.46 2.60
N LYS A 517 46.07 -5.40 1.47
CA LYS A 517 46.20 -6.47 0.49
C LYS A 517 47.59 -6.43 -0.14
N SER A 518 48.13 -5.24 -0.33
CA SER A 518 49.53 -5.04 -0.70
C SER A 518 50.15 -4.28 0.48
N HIS A 519 51.02 -4.98 1.22
CA HIS A 519 51.59 -4.46 2.47
C HIS A 519 52.41 -3.19 2.31
N GLU A 520 52.83 -2.86 1.09
CA GLU A 520 53.61 -1.65 0.85
C GLU A 520 52.73 -0.40 0.82
N LEU A 521 51.43 -0.57 0.56
CA LEU A 521 50.50 0.55 0.63
C LEU A 521 50.37 1.10 2.04
N VAL A 522 50.50 0.23 3.04
CA VAL A 522 50.47 0.67 4.43
C VAL A 522 51.70 1.49 4.76
N THR A 523 52.87 1.10 4.22
CA THR A 523 54.07 1.90 4.41
C THR A 523 53.97 3.23 3.68
N ALA A 524 53.33 3.24 2.50
CA ALA A 524 53.05 4.50 1.80
C ALA A 524 52.17 5.41 2.65
N ALA A 525 51.17 4.83 3.31
CA ALA A 525 50.31 5.60 4.21
C ALA A 525 51.10 6.17 5.38
N CYS A 526 51.87 5.32 6.08
CA CYS A 526 52.69 5.77 7.21
C CYS A 526 53.71 6.81 6.78
N ASN A 527 54.22 6.68 5.57
CA ASN A 527 55.22 7.61 5.07
C ASN A 527 54.59 8.94 4.71
N LEU A 528 53.33 8.91 4.23
CA LEU A 528 52.57 10.13 4.06
C LEU A 528 52.30 10.81 5.39
N ALA A 529 52.18 10.02 6.46
CA ALA A 529 52.00 10.61 7.78
C ALA A 529 53.27 11.32 8.25
N VAL A 530 54.43 10.70 8.00
CA VAL A 530 55.70 11.38 8.26
C VAL A 530 55.82 12.65 7.42
N ALA A 531 55.32 12.60 6.19
CA ALA A 531 55.41 13.76 5.29
C ALA A 531 54.59 14.93 5.80
N SER A 532 53.35 14.66 6.21
CA SER A 532 52.41 15.73 6.55
C SER A 532 52.60 16.27 7.96
N LYS A 533 53.77 16.05 8.57
CA LYS A 533 54.11 16.56 9.91
C LYS A 533 53.14 16.09 10.99
N ALA A 534 52.58 14.90 10.81
CA ALA A 534 51.58 14.33 11.72
C ALA A 534 52.31 13.51 12.78
N PHE A 535 52.66 14.17 13.89
CA PHE A 535 53.32 13.50 15.00
C PHE A 535 52.48 13.67 16.25
N PHE A 536 52.27 12.57 16.98
CA PHE A 536 51.60 12.59 18.26
C PHE A 536 52.51 11.91 19.28
N GLU A 537 52.23 12.17 20.57
CA GLU A 537 53.09 11.75 21.67
C GLU A 537 53.32 10.24 21.70
N ASP A 538 52.37 9.46 21.18
CA ASP A 538 52.57 8.01 21.06
C ASP A 538 53.40 7.66 19.83
N GLY A 539 53.26 8.43 18.76
CA GLY A 539 53.98 8.15 17.53
C GLY A 539 53.25 8.76 16.35
N LEU A 540 53.37 8.08 15.21
CA LEU A 540 52.75 8.54 13.97
C LEU A 540 51.23 8.52 14.06
N GLY A 541 50.61 9.40 13.28
CA GLY A 541 49.17 9.49 13.19
C GLY A 541 48.60 8.68 12.05
N VAL A 542 48.62 7.35 12.16
CA VAL A 542 48.02 6.52 11.12
C VAL A 542 46.84 5.67 11.60
N VAL A 543 46.81 5.32 12.90
CA VAL A 543 45.74 4.61 13.63
C VAL A 543 45.15 3.46 12.82
N PRO A 544 45.86 2.34 12.72
CA PRO A 544 45.42 1.26 11.83
C PRO A 544 44.12 0.64 12.29
N LEU A 545 43.24 0.41 11.32
CA LEU A 545 41.94 -0.15 11.59
C LEU A 545 42.05 -1.67 11.57
N LEU A 546 42.51 -2.21 12.69
CA LEU A 546 42.58 -3.65 12.84
C LEU A 546 41.17 -4.22 12.92
N VAL A 547 40.90 -5.29 12.17
CA VAL A 547 39.57 -5.88 12.23
C VAL A 547 39.40 -6.64 13.54
N SER A 548 40.49 -7.15 14.10
CA SER A 548 40.45 -8.02 15.26
C SER A 548 41.08 -7.35 16.47
N ALA A 549 40.70 -7.83 17.66
CA ALA A 549 41.25 -7.26 18.91
C ALA A 549 42.63 -7.88 19.21
N ASN A 550 42.71 -9.20 19.27
CA ASN A 550 44.00 -9.90 19.53
C ASN A 550 44.80 -9.91 18.23
N SER A 551 45.42 -8.78 17.89
CA SER A 551 46.18 -8.68 16.61
C SER A 551 47.64 -9.08 16.84
N LEU A 552 48.31 -8.44 17.80
CA LEU A 552 49.73 -8.78 18.10
C LEU A 552 49.78 -10.20 18.67
N GLY A 553 48.79 -10.58 19.50
CA GLY A 553 48.74 -11.96 20.01
C GLY A 553 48.66 -12.96 18.88
N ALA A 554 47.80 -12.70 17.89
CA ALA A 554 47.68 -13.60 16.71
C ALA A 554 49.01 -13.62 15.94
N ARG A 555 49.64 -12.46 15.75
CA ARG A 555 50.88 -12.39 14.92
C ARG A 555 51.98 -13.24 15.57
N ASN A 556 52.16 -13.10 16.89
CA ASN A 556 53.26 -13.81 17.59
C ASN A 556 52.98 -15.31 17.69
N THR A 557 51.72 -15.73 17.52
CA THR A 557 51.39 -17.16 17.75
C THR A 557 50.91 -17.87 16.49
N VAL A 558 49.99 -17.27 15.72
CA VAL A 558 49.38 -18.02 14.58
C VAL A 558 49.72 -17.40 13.21
N VAL A 559 49.53 -16.09 13.02
CA VAL A 559 49.72 -15.46 11.69
C VAL A 559 50.93 -16.01 10.93
N SER A 560 50.71 -16.52 9.72
CA SER A 560 51.77 -17.03 8.86
C SER A 560 52.35 -15.88 8.05
N GLU A 561 53.66 -15.90 7.83
CA GLU A 561 54.33 -14.87 7.07
C GLU A 561 54.02 -14.94 5.58
N ASN A 562 53.39 -16.01 5.10
CA ASN A 562 53.01 -16.11 3.71
C ASN A 562 51.53 -16.45 3.60
N PRO A 563 50.80 -15.82 2.67
CA PRO A 563 49.41 -16.21 2.45
C PRO A 563 49.32 -17.55 1.73
N TRP A 564 48.48 -18.43 2.26
CA TRP A 564 48.35 -19.78 1.74
C TRP A 564 46.91 -20.13 1.41
N LEU A 565 45.97 -19.49 2.11
CA LEU A 565 44.56 -19.77 1.93
C LEU A 565 44.05 -19.37 0.54
N GLY A 566 43.37 -20.29 -0.10
CA GLY A 566 42.86 -20.08 -1.45
C GLY A 566 43.77 -20.53 -2.54
N ARG A 567 45.01 -20.06 -2.51
CA ARG A 567 46.03 -20.34 -3.50
C ARG A 567 46.82 -21.62 -3.23
N GLU A 568 46.35 -22.46 -2.31
CA GLU A 568 46.97 -23.74 -1.98
C GLU A 568 45.84 -24.70 -1.62
N ARG A 569 46.04 -25.99 -1.92
CA ARG A 569 44.94 -26.96 -1.86
C ARG A 569 44.44 -27.20 -0.44
N ARG A 570 45.33 -27.65 0.46
CA ARG A 570 45.03 -27.85 1.88
C ARG A 570 43.88 -28.84 2.10
N ASP A 571 44.18 -30.11 1.80
CA ASP A 571 43.24 -31.23 1.96
C ASP A 571 42.56 -31.28 3.34
N PHE A 572 43.24 -30.85 4.40
CA PHE A 572 42.65 -30.82 5.72
C PHE A 572 42.76 -29.41 6.26
N LEU A 573 41.76 -29.01 7.05
CA LEU A 573 41.70 -27.64 7.57
C LEU A 573 40.93 -27.69 8.88
N TYR A 574 41.62 -27.42 9.97
CA TYR A 574 40.99 -27.22 11.26
C TYR A 574 40.75 -25.73 11.41
N VAL A 575 39.50 -25.30 11.31
CA VAL A 575 39.21 -23.88 11.42
C VAL A 575 38.48 -23.64 12.73
N PHE A 576 39.04 -22.76 13.56
CA PHE A 576 38.39 -22.36 14.80
C PHE A 576 37.73 -21.02 14.56
N SER A 577 36.42 -20.96 14.78
CA SER A 577 35.64 -19.78 14.45
C SER A 577 34.72 -19.47 15.61
N THR A 578 35.12 -18.53 16.45
CA THR A 578 34.19 -17.92 17.39
C THR A 578 33.25 -17.09 16.53
N ALA A 579 32.12 -17.68 16.16
CA ALA A 579 31.28 -17.17 15.08
C ALA A 579 30.59 -15.89 15.48
N MET A 580 31.36 -14.81 15.52
CA MET A 580 30.88 -13.51 15.95
C MET A 580 30.90 -12.47 14.84
N VAL A 581 32.07 -12.24 14.26
CA VAL A 581 32.27 -11.22 13.24
C VAL A 581 31.95 -11.82 11.88
N PRO A 582 31.36 -11.07 10.96
CA PRO A 582 31.13 -11.59 9.61
C PRO A 582 32.46 -11.94 8.97
N GLU A 583 32.53 -13.18 8.47
CA GLU A 583 33.84 -13.68 7.98
C GLU A 583 34.04 -13.34 6.51
N GLU A 584 35.26 -12.96 6.15
CA GLU A 584 35.58 -12.63 4.74
C GLU A 584 35.08 -13.79 3.91
N GLU A 585 34.39 -13.47 2.84
CA GLU A 585 33.74 -14.52 2.03
C GLU A 585 34.72 -15.27 1.14
N GLU A 586 35.93 -14.75 0.96
CA GLU A 586 36.95 -15.42 0.14
C GLU A 586 37.55 -16.53 0.97
N ILE A 587 37.68 -16.28 2.26
CA ILE A 587 38.26 -17.28 3.20
C ILE A 587 37.25 -18.40 3.33
N LEU A 588 35.95 -18.10 3.33
CA LEU A 588 34.90 -19.13 3.47
C LEU A 588 34.89 -20.05 2.25
N ALA A 589 35.11 -19.51 1.06
CA ALA A 589 35.10 -20.31 -0.19
C ALA A 589 36.27 -21.24 -0.15
N ALA A 590 37.42 -20.67 0.13
CA ALA A 590 38.63 -21.47 0.28
C ALA A 590 38.40 -22.62 1.25
N ILE A 591 37.67 -22.38 2.33
CA ILE A 591 37.35 -23.45 3.28
C ILE A 591 36.39 -24.46 2.65
N SER A 592 35.50 -24.03 1.76
CA SER A 592 34.50 -24.94 1.21
C SER A 592 35.08 -25.92 0.19
N ALA A 593 36.25 -25.65 -0.38
CA ALA A 593 36.89 -26.53 -1.34
C ALA A 593 38.05 -27.30 -0.73
N THR A 594 37.93 -27.74 0.51
CA THR A 594 39.05 -28.31 1.26
C THR A 594 39.08 -29.84 1.30
N ARG A 595 37.92 -30.50 1.24
CA ARG A 595 37.57 -31.93 1.27
C ARG A 595 37.57 -32.53 2.70
N PHE A 596 38.03 -31.81 3.72
CA PHE A 596 37.71 -32.18 5.11
C PHE A 596 38.00 -30.99 6.00
N VAL A 597 36.96 -30.46 6.61
CA VAL A 597 37.01 -29.25 7.41
C VAL A 597 36.52 -29.59 8.82
N VAL A 598 37.38 -29.44 9.80
CA VAL A 598 37.00 -29.65 11.20
C VAL A 598 36.84 -28.27 11.82
N VAL A 599 35.60 -27.87 12.02
CA VAL A 599 35.29 -26.60 12.66
C VAL A 599 35.06 -26.88 14.13
N GLN A 600 35.57 -26.02 14.98
CA GLN A 600 35.31 -26.09 16.40
C GLN A 600 34.51 -24.86 16.82
N THR A 601 33.50 -24.53 16.02
CA THR A 601 32.69 -23.35 16.32
C THR A 601 31.79 -23.64 17.51
N PRO A 602 31.56 -22.64 18.37
CA PRO A 602 30.58 -22.82 19.44
C PRO A 602 29.13 -22.93 18.97
N PHE A 603 28.73 -22.11 18.00
CA PHE A 603 27.35 -22.05 17.56
C PHE A 603 27.13 -22.92 16.32
N LYS A 604 25.86 -22.99 15.89
CA LYS A 604 25.48 -23.60 14.62
C LYS A 604 25.04 -22.57 13.60
N VAL A 605 25.77 -21.46 13.50
CA VAL A 605 25.44 -20.40 12.56
C VAL A 605 25.55 -20.90 11.13
N ARG A 606 24.91 -20.17 10.22
CA ARG A 606 24.79 -20.60 8.84
C ARG A 606 26.13 -20.74 8.12
N PRO A 607 27.03 -19.73 8.05
CA PRO A 607 28.20 -19.86 7.17
C PRO A 607 29.24 -20.88 7.62
N LEU A 608 29.05 -21.57 8.73
CA LEU A 608 30.02 -22.54 9.23
C LEU A 608 29.50 -23.96 9.25
N VAL A 609 28.21 -24.20 9.50
CA VAL A 609 27.65 -25.54 9.40
C VAL A 609 27.55 -26.04 7.97
N ASN A 610 27.75 -25.17 6.98
CA ASN A 610 27.77 -25.61 5.60
C ASN A 610 29.15 -26.15 5.23
N LEU A 611 30.21 -25.42 5.57
CA LEU A 611 31.57 -25.85 5.31
C LEU A 611 32.17 -26.45 6.57
N ALA A 612 31.78 -27.67 6.86
CA ALA A 612 32.24 -28.39 8.05
C ALA A 612 31.95 -29.86 7.88
N ASP A 613 32.81 -30.69 8.42
CA ASP A 613 32.56 -32.15 8.37
C ASP A 613 32.48 -32.71 9.80
N ILE A 614 32.94 -31.99 10.83
CA ILE A 614 32.95 -32.54 12.18
C ILE A 614 32.16 -31.69 13.16
N LEU A 615 32.43 -30.38 13.22
CA LEU A 615 31.68 -29.40 14.02
C LEU A 615 31.69 -29.74 15.52
N LEU A 616 32.88 -29.61 16.12
CA LEU A 616 33.08 -29.74 17.56
C LEU A 616 32.65 -28.46 18.31
N PRO A 617 32.41 -28.55 19.62
CA PRO A 617 32.03 -27.37 20.40
C PRO A 617 33.21 -26.60 21.02
N ALA A 618 32.89 -25.44 21.58
CA ALA A 618 33.90 -24.47 22.01
C ALA A 618 33.34 -23.64 23.16
N PRO A 619 34.18 -22.87 23.86
CA PRO A 619 33.68 -22.11 25.02
C PRO A 619 32.90 -20.83 24.75
N ALA A 620 32.79 -20.36 23.50
CA ALA A 620 31.76 -19.40 23.07
C ALA A 620 31.92 -17.99 23.62
N TRP A 621 33.14 -17.53 23.91
CA TRP A 621 33.52 -16.15 24.15
C TRP A 621 33.00 -15.58 25.49
N TYR A 622 32.02 -16.22 26.10
CA TYR A 622 31.50 -15.72 27.35
C TYR A 622 31.60 -16.75 28.46
N GLU A 623 32.11 -17.93 28.16
CA GLU A 623 32.36 -18.93 29.18
C GLU A 623 33.86 -19.16 29.40
N ARG A 624 34.71 -18.31 28.82
CA ARG A 624 36.15 -18.36 29.00
C ARG A 624 36.67 -16.97 29.29
N SER A 625 37.86 -16.91 29.88
CA SER A 625 38.51 -15.66 30.23
C SER A 625 39.87 -15.59 29.55
N GLY A 626 40.32 -14.38 29.24
CA GLY A 626 41.58 -14.22 28.55
C GLY A 626 42.16 -12.84 28.70
N HIS A 627 43.15 -12.54 27.85
CA HIS A 627 43.94 -11.34 28.12
C HIS A 627 44.15 -10.37 26.95
N PHE A 628 44.16 -10.85 25.70
CA PHE A 628 44.06 -10.00 24.51
C PHE A 628 45.16 -8.95 24.39
N CYS A 629 46.39 -9.38 24.16
CA CYS A 629 47.42 -8.36 23.96
C CYS A 629 47.28 -7.77 22.56
N THR A 630 47.36 -6.46 22.47
CA THR A 630 46.98 -5.76 21.25
C THR A 630 48.18 -5.08 20.61
N ILE A 631 47.90 -4.40 19.49
CA ILE A 631 48.93 -3.69 18.75
C ILE A 631 49.47 -2.51 19.56
N GLU A 632 48.63 -1.89 20.38
CA GLU A 632 49.01 -0.74 21.19
C GLU A 632 49.73 -1.12 22.47
N GLY A 633 50.20 -2.36 22.61
CA GLY A 633 50.86 -2.79 23.82
C GLY A 633 49.98 -3.48 24.86
N GLU A 634 49.48 -2.69 25.82
CA GLU A 634 48.87 -3.14 27.09
C GLU A 634 47.85 -4.26 26.92
N ARG A 635 47.80 -5.14 27.90
CA ARG A 635 46.90 -6.29 27.86
C ARG A 635 45.58 -5.94 28.54
N ARG A 636 44.49 -6.35 27.92
CA ARG A 636 43.14 -6.16 28.45
C ARG A 636 42.76 -7.38 29.29
N LYS A 637 41.48 -7.51 29.61
CA LYS A 637 41.01 -8.68 30.32
C LYS A 637 39.58 -8.96 29.92
N LEU A 638 39.34 -10.15 29.37
CA LEU A 638 38.00 -10.65 29.15
C LEU A 638 37.63 -11.52 30.33
N ASN A 639 36.43 -11.32 30.86
CA ASN A 639 35.97 -12.04 32.03
C ASN A 639 34.90 -13.05 31.67
N THR A 640 34.85 -14.14 32.44
CA THR A 640 33.83 -15.17 32.26
C THR A 640 32.48 -14.59 32.68
N ILE A 641 31.69 -14.21 31.69
CA ILE A 641 30.42 -13.53 31.94
C ILE A 641 29.41 -14.49 32.58
N VAL A 642 29.12 -15.58 31.89
CA VAL A 642 28.28 -16.65 32.42
C VAL A 642 29.08 -17.95 32.30
N PRO A 643 29.11 -18.79 33.33
CA PRO A 643 29.98 -19.98 33.31
C PRO A 643 29.46 -21.00 32.31
N PRO A 644 30.29 -21.99 31.91
CA PRO A 644 29.80 -23.00 30.97
C PRO A 644 28.67 -23.84 31.56
N LYS A 645 27.78 -24.28 30.67
CA LYS A 645 26.63 -25.07 31.08
C LYS A 645 26.93 -26.56 31.00
N GLY A 646 27.30 -27.03 29.81
CA GLY A 646 27.61 -28.43 29.61
C GLY A 646 29.02 -28.77 30.05
N GLU A 647 29.64 -29.73 29.36
CA GLU A 647 31.02 -30.11 29.65
C GLU A 647 31.71 -30.44 28.33
N ILE A 648 32.37 -29.43 27.75
CA ILE A 648 33.34 -29.68 26.70
C ILE A 648 34.63 -30.23 27.30
N LYS A 649 34.79 -30.07 28.62
CA LYS A 649 35.75 -30.62 29.58
C LYS A 649 37.18 -30.13 29.41
N SER A 650 37.50 -29.52 28.26
CA SER A 650 38.72 -28.77 27.93
C SER A 650 38.62 -28.36 26.47
N LEU A 651 39.58 -27.53 26.04
CA LEU A 651 40.01 -27.47 24.65
C LEU A 651 41.39 -28.08 24.44
N HIS A 652 42.20 -28.16 25.49
CA HIS A 652 43.47 -28.87 25.47
C HIS A 652 43.28 -30.36 25.24
N TYR A 653 42.12 -30.91 25.58
CA TYR A 653 41.84 -32.33 25.36
C TYR A 653 41.79 -32.64 23.87
N VAL A 654 41.19 -31.74 23.08
CA VAL A 654 41.12 -31.90 21.64
C VAL A 654 42.51 -31.82 21.03
N MET A 655 43.31 -30.83 21.47
CA MET A 655 44.68 -30.68 20.97
C MET A 655 45.56 -31.84 21.38
N ASP A 656 45.28 -32.46 22.52
CA ASP A 656 46.04 -33.61 22.96
C ASP A 656 45.68 -34.83 22.12
N GLU A 657 44.38 -35.07 21.91
CA GLU A 657 43.93 -36.18 21.09
C GLU A 657 44.30 -35.98 19.61
N PHE A 658 44.59 -34.76 19.19
CA PHE A 658 45.22 -34.56 17.90
C PHE A 658 46.71 -34.91 17.98
N ALA A 659 47.39 -34.47 19.04
CA ALA A 659 48.81 -34.82 19.22
C ALA A 659 48.96 -36.34 19.30
N LYS A 660 48.00 -37.00 19.95
CA LYS A 660 48.02 -38.49 20.07
C LYS A 660 47.83 -39.11 18.68
N LYS A 661 48.37 -40.31 18.47
CA LYS A 661 48.27 -41.04 17.16
C LYS A 661 48.62 -40.09 15.99
N LEU A 662 49.57 -39.18 16.21
CA LEU A 662 50.05 -38.29 15.11
C LEU A 662 51.59 -38.27 15.19
N GLY A 663 52.16 -38.87 16.23
CA GLY A 663 53.63 -38.93 16.39
C GLY A 663 54.21 -37.67 17.00
N VAL A 664 53.37 -36.85 17.64
CA VAL A 664 53.86 -35.54 18.20
C VAL A 664 53.40 -35.40 19.65
N LYS A 665 54.03 -34.49 20.41
CA LYS A 665 53.61 -34.23 21.82
C LYS A 665 52.87 -32.88 21.87
N LEU A 666 52.93 -32.18 23.01
CA LEU A 666 52.21 -30.89 23.16
C LEU A 666 53.08 -29.89 23.93
N GLU A 667 53.53 -30.25 25.15
CA GLU A 667 54.40 -29.37 25.97
C GLU A 667 53.73 -27.99 26.13
N ARG A 668 52.70 -27.90 26.98
CA ARG A 668 51.97 -26.62 27.19
C ARG A 668 52.95 -25.51 27.58
N PRO A 669 53.10 -24.44 26.77
CA PRO A 669 53.97 -23.32 27.10
C PRO A 669 53.24 -22.24 27.89
N GLU A 670 54.02 -21.28 28.37
CA GLU A 670 53.44 -20.12 29.01
C GLU A 670 52.98 -19.15 27.94
N VAL A 671 52.01 -18.31 28.30
CA VAL A 671 51.54 -17.27 27.41
C VAL A 671 52.70 -16.32 27.13
N SER A 672 53.09 -16.24 25.87
CA SER A 672 54.22 -15.42 25.43
C SER A 672 53.99 -13.98 25.81
N PRO A 673 54.89 -13.36 26.58
CA PRO A 673 54.66 -11.97 27.04
C PRO A 673 54.69 -11.01 25.87
N CYS A 674 53.59 -10.26 25.72
CA CYS A 674 53.43 -9.38 24.58
C CYS A 674 54.21 -8.12 24.90
N GLU A 675 55.36 -7.92 24.23
CA GLU A 675 56.26 -6.79 24.60
C GLU A 675 56.21 -5.63 23.60
N GLU A 676 55.07 -5.37 22.97
CA GLU A 676 54.92 -4.20 22.06
C GLU A 676 56.11 -4.10 21.09
N ILE A 677 56.15 -4.94 20.05
CA ILE A 677 57.33 -4.96 19.14
C ILE A 677 57.62 -3.54 18.62
N PHE A 678 56.58 -2.74 18.34
CA PHE A 678 56.79 -1.34 17.89
C PHE A 678 56.91 -0.43 19.12
N LYS A 679 58.12 0.11 19.36
CA LYS A 679 58.36 0.97 20.55
C LYS A 679 58.70 2.39 20.10
N SER A 680 58.25 3.41 20.86
CA SER A 680 58.49 4.82 20.47
C SER A 680 59.75 5.37 21.15
N GLN A 681 60.93 5.05 20.62
CA GLN A 681 62.18 5.65 21.19
C GLN A 681 62.47 6.95 20.43
N LEU A 682 61.68 7.25 19.39
CA LEU A 682 61.83 8.52 18.63
C LEU A 682 60.47 9.22 18.53
N ARG A 683 60.45 10.55 18.64
CA ARG A 683 59.19 11.33 18.52
C ARG A 683 59.44 12.56 17.66
N ALA A 684 58.54 12.87 16.73
CA ALA A 684 58.67 14.06 15.85
C ALA A 684 60.06 14.10 15.22
N SER A 685 60.60 12.93 14.84
CA SER A 685 61.96 12.86 14.24
C SER A 685 62.10 11.58 13.43
N GLU A 686 61.30 11.43 12.37
CA GLU A 686 61.43 10.25 11.53
C GLU A 686 61.78 10.61 10.10
N ALA A 687 62.29 9.60 9.38
CA ALA A 687 62.58 9.71 7.96
C ALA A 687 61.66 8.74 7.22
N ARG A 688 61.48 9.03 5.93
CA ARG A 688 60.73 8.19 5.02
C ARG A 688 61.49 6.90 4.71
N ILE A 689 60.73 5.93 4.17
CA ILE A 689 61.34 4.60 3.85
C ILE A 689 61.15 4.33 2.35
N VAL A 690 62.25 4.07 1.64
CA VAL A 690 62.16 3.74 0.19
C VAL A 690 61.62 2.31 0.03
N THR A 691 60.86 2.05 -1.04
CA THR A 691 60.27 0.71 -1.27
C THR A 691 60.52 0.30 -2.73
N SER B 113 1.30 65.45 24.94
CA SER B 113 1.31 66.55 25.89
C SER B 113 2.70 66.74 26.49
N LYS B 114 2.77 66.92 27.80
CA LYS B 114 4.04 67.13 28.49
C LYS B 114 4.63 65.79 28.90
N GLN B 115 5.80 65.47 28.37
CA GLN B 115 6.44 64.23 28.81
C GLN B 115 7.94 64.32 29.05
N HIS B 116 8.63 65.41 28.66
CA HIS B 116 10.07 65.62 28.86
C HIS B 116 10.89 64.60 28.05
N ARG B 117 10.55 64.46 26.77
CA ARG B 117 11.14 63.42 25.94
C ARG B 117 12.61 63.71 25.61
N ILE B 118 13.48 62.76 25.93
CA ILE B 118 14.92 62.93 25.67
C ILE B 118 15.50 61.81 24.82
N VAL B 119 14.91 60.62 24.90
CA VAL B 119 15.48 59.45 24.15
C VAL B 119 15.03 59.55 22.69
N LEU B 120 13.72 59.59 22.44
CA LEU B 120 13.22 59.78 21.04
C LEU B 120 12.92 61.27 20.85
N SER B 121 13.68 62.15 21.51
CA SER B 121 13.47 63.61 21.42
C SER B 121 13.31 64.04 19.95
N ASN B 122 14.15 63.50 19.06
CA ASN B 122 14.03 63.82 17.61
C ASN B 122 13.01 62.89 16.97
N CYS B 123 13.30 61.59 16.90
CA CYS B 123 12.37 60.59 16.29
C CYS B 123 11.89 61.09 14.92
N GLY B 124 10.59 61.35 14.78
CA GLY B 124 10.02 61.75 13.47
C GLY B 124 10.59 63.06 12.94
N TYR B 125 10.97 63.99 13.82
CA TYR B 125 11.47 65.31 13.37
C TYR B 125 12.62 65.12 12.38
N ILE B 126 13.61 64.31 12.74
CA ILE B 126 14.76 64.03 11.83
C ILE B 126 14.32 63.01 10.78
N ASP B 127 14.56 63.30 9.50
CA ASP B 127 14.26 62.29 8.44
C ASP B 127 15.24 61.13 8.64
N PRO B 128 14.76 59.89 8.88
CA PRO B 128 15.66 58.77 9.18
C PRO B 128 16.67 58.46 8.07
N GLU B 129 16.30 58.70 6.81
CA GLU B 129 17.21 58.37 5.67
C GLU B 129 18.24 59.48 5.44
N LYS B 130 18.33 60.44 6.37
CA LYS B 130 19.27 61.59 6.20
C LYS B 130 20.14 61.71 7.46
N ILE B 131 21.40 61.30 7.36
CA ILE B 131 22.32 61.39 8.50
C ILE B 131 22.70 62.83 8.83
N GLU B 132 22.81 63.70 7.80
CA GLU B 132 23.25 65.08 8.01
C GLU B 132 22.36 65.86 8.95
N GLU B 133 21.04 65.60 8.93
CA GLU B 133 20.16 66.24 9.90
C GLU B 133 20.45 65.74 11.31
N TYR B 134 20.76 64.46 11.46
CA TYR B 134 21.06 63.91 12.79
C TYR B 134 22.33 64.51 13.37
N ILE B 135 23.40 64.59 12.57
CA ILE B 135 24.62 65.23 13.08
C ILE B 135 24.38 66.72 13.28
N ALA B 136 23.49 67.32 12.49
CA ALA B 136 23.05 68.68 12.75
C ALA B 136 22.27 68.79 14.06
N ARG B 137 21.75 67.67 14.59
CA ARG B 137 21.14 67.63 15.90
C ARG B 137 22.14 67.25 16.99
N ASP B 138 23.42 67.62 16.81
CA ASP B 138 24.53 67.42 17.74
C ASP B 138 24.80 65.93 18.00
N GLY B 139 24.32 65.05 17.12
CA GLY B 139 24.28 63.62 17.36
C GLY B 139 25.62 62.93 17.54
N TYR B 140 26.43 62.82 16.48
CA TYR B 140 27.64 62.03 16.57
C TYR B 140 28.78 62.77 17.26
N MET B 141 28.56 63.99 17.75
CA MET B 141 29.61 64.74 18.45
C MET B 141 30.06 63.99 19.69
N ALA B 142 29.18 63.15 20.27
CA ALA B 142 29.56 62.26 21.35
C ALA B 142 30.66 61.32 20.89
N LEU B 143 30.47 60.67 19.72
CA LEU B 143 31.43 59.72 19.18
C LEU B 143 32.81 60.35 19.07
N GLY B 144 32.88 61.52 18.45
CA GLY B 144 34.07 62.36 18.46
C GLY B 144 34.66 62.64 19.83
N LYS B 145 33.84 63.23 20.72
CA LYS B 145 34.18 63.44 22.13
C LYS B 145 34.79 62.21 22.80
N ALA B 146 34.22 61.05 22.55
CA ALA B 146 34.71 59.80 23.11
C ALA B 146 36.01 59.36 22.46
N LEU B 147 36.06 59.35 21.14
CA LEU B 147 37.21 58.76 20.45
C LEU B 147 38.44 59.66 20.51
N LEU B 148 38.27 60.97 20.66
CA LEU B 148 39.43 61.86 20.66
C LEU B 148 39.92 62.21 22.07
N GLU B 149 39.04 62.75 22.92
CA GLU B 149 39.44 63.27 24.22
C GLU B 149 39.22 62.29 25.37
N MET B 150 38.12 61.55 25.37
CA MET B 150 37.71 60.73 26.50
C MET B 150 38.40 59.37 26.44
N THR B 151 39.38 59.15 27.32
CA THR B 151 39.98 57.83 27.50
C THR B 151 38.91 56.82 27.93
N PRO B 152 39.00 55.54 27.45
CA PRO B 152 37.93 54.54 27.67
C PRO B 152 37.43 54.37 29.10
N GLU B 153 38.35 54.34 30.07
CA GLU B 153 37.96 54.19 31.47
C GLU B 153 37.15 55.38 31.97
N GLU B 154 37.36 56.56 31.36
CA GLU B 154 36.62 57.75 31.76
C GLU B 154 35.15 57.63 31.33
N VAL B 155 34.90 57.22 30.08
CA VAL B 155 33.51 57.00 29.66
C VAL B 155 32.92 55.82 30.44
N LEU B 156 33.76 54.85 30.82
CA LEU B 156 33.31 53.74 31.66
C LEU B 156 32.78 54.24 33.01
N GLU B 157 33.60 54.99 33.74
CA GLU B 157 33.16 55.51 35.02
C GLU B 157 32.07 56.56 34.88
N GLU B 158 31.97 57.21 33.72
CA GLU B 158 30.89 58.15 33.45
C GLU B 158 29.55 57.42 33.36
N VAL B 159 29.46 56.42 32.49
CA VAL B 159 28.21 55.68 32.31
C VAL B 159 27.89 54.90 33.59
N LYS B 160 28.93 54.47 34.33
CA LYS B 160 28.73 53.78 35.60
C LYS B 160 28.04 54.70 36.61
N LYS B 161 28.68 55.84 36.94
CA LYS B 161 28.04 56.77 37.88
C LYS B 161 26.81 57.45 37.30
N SER B 162 26.54 57.33 35.99
CA SER B 162 25.32 57.84 35.39
C SER B 162 24.08 57.08 35.84
N GLY B 163 24.25 55.91 36.45
CA GLY B 163 23.15 55.14 36.98
C GLY B 163 22.15 54.68 35.94
N LEU B 164 22.62 54.35 34.74
CA LEU B 164 21.70 53.93 33.69
C LEU B 164 21.15 52.54 34.01
N ARG B 165 19.98 52.52 34.64
CA ARG B 165 19.30 51.29 34.98
C ARG B 165 18.85 50.61 33.70
N GLY B 166 19.46 49.46 33.37
CA GLY B 166 19.22 48.72 32.14
C GLY B 166 17.77 48.50 31.80
N ARG B 167 17.33 49.08 30.68
CA ARG B 167 15.94 48.95 30.27
C ARG B 167 15.64 47.66 29.53
N GLY B 168 16.49 46.63 29.65
CA GLY B 168 16.27 45.36 28.99
C GLY B 168 15.28 44.44 29.69
N GLY B 169 14.31 45.02 30.39
CA GLY B 169 13.26 44.28 31.06
C GLY B 169 13.62 43.81 32.46
N ALA B 170 14.91 43.60 32.73
CA ALA B 170 15.31 43.10 34.04
C ALA B 170 15.65 44.21 35.01
N GLY B 171 16.31 45.26 34.54
CA GLY B 171 16.78 46.30 35.43
C GLY B 171 18.18 46.01 35.95
N PHE B 172 19.14 46.88 35.64
CA PHE B 172 20.55 46.65 35.96
C PHE B 172 21.38 47.91 35.76
N PRO B 173 22.42 48.11 36.57
CA PRO B 173 23.35 49.21 36.33
C PRO B 173 24.30 48.92 35.18
N THR B 174 23.92 49.22 33.94
CA THR B 174 24.68 48.82 32.74
C THR B 174 26.13 49.24 32.74
N GLY B 175 26.50 50.29 33.49
CA GLY B 175 27.91 50.58 33.69
C GLY B 175 28.63 49.41 34.32
N LEU B 176 28.02 48.80 35.34
CA LEU B 176 28.57 47.60 35.95
C LEU B 176 28.56 46.43 34.96
N LYS B 177 27.55 46.38 34.08
CA LYS B 177 27.48 45.33 33.05
C LYS B 177 28.68 45.43 32.11
N TRP B 178 28.98 46.64 31.64
CA TRP B 178 30.15 46.84 30.79
C TRP B 178 31.43 46.61 31.57
N GLU B 179 31.42 46.93 32.87
CA GLU B 179 32.56 46.64 33.74
C GLU B 179 32.84 45.15 33.78
N PHE B 180 31.77 44.34 33.81
CA PHE B 180 31.92 42.89 33.68
C PHE B 180 32.42 42.54 32.29
N ALA B 181 31.94 43.27 31.28
CA ALA B 181 32.19 42.91 29.88
C ALA B 181 33.65 43.15 29.49
N LYS B 182 34.28 44.18 30.07
CA LYS B 182 35.65 44.50 29.72
C LYS B 182 36.64 43.45 30.21
N LYS B 183 36.62 43.17 31.51
CA LYS B 183 37.65 42.36 32.16
C LYS B 183 37.71 40.88 31.72
N ALA B 184 36.80 40.48 30.84
CA ALA B 184 36.82 39.14 30.28
C ALA B 184 38.09 38.90 29.47
N SER B 185 38.76 37.80 29.75
CA SER B 185 39.98 37.45 29.04
C SER B 185 39.65 37.13 27.58
N GLY B 186 40.13 37.97 26.68
CA GLY B 186 39.89 37.77 25.25
C GLY B 186 40.13 39.05 24.48
N ASP B 187 40.08 38.91 23.15
CA ASP B 187 40.30 40.03 22.25
C ASP B 187 39.26 40.11 21.12
N LYS B 188 38.13 39.42 21.26
CA LYS B 188 37.09 39.42 20.24
C LYS B 188 35.72 39.62 20.88
N LYS B 189 35.61 40.62 21.74
CA LYS B 189 34.34 40.95 22.37
C LYS B 189 33.29 41.39 21.34
N TYR B 190 32.04 41.42 21.77
CA TYR B 190 30.92 41.80 20.90
C TYR B 190 30.01 42.76 21.64
N VAL B 191 29.13 43.41 20.87
CA VAL B 191 28.05 44.26 21.39
C VAL B 191 26.81 44.00 20.55
N ILE B 192 25.71 43.62 21.21
CA ILE B 192 24.49 43.23 20.52
C ILE B 192 23.39 44.18 20.93
N CYS B 193 22.39 44.33 20.06
CA CYS B 193 21.25 45.20 20.28
C CYS B 193 19.99 44.34 20.11
N ASN B 194 19.39 43.90 21.21
CA ASN B 194 18.20 43.07 21.11
C ASN B 194 16.97 43.89 20.72
N ALA B 195 16.96 44.41 19.48
CA ALA B 195 15.96 45.33 18.93
C ALA B 195 14.58 44.70 18.74
N ASP B 196 14.39 43.47 19.20
CA ASP B 196 13.09 42.84 19.23
C ASP B 196 12.34 43.24 20.50
N GLU B 197 11.03 43.17 20.43
CA GLU B 197 10.17 43.53 21.55
C GLU B 197 9.61 42.26 22.15
N GLY B 198 9.57 42.23 23.48
CA GLY B 198 8.96 41.10 24.14
C GLY B 198 7.47 41.07 23.92
N ASP B 199 6.79 42.08 24.45
CA ASP B 199 5.35 42.22 24.34
C ASP B 199 4.98 42.28 22.87
N PRO B 200 4.13 41.38 22.37
CA PRO B 200 3.69 41.50 20.97
C PRO B 200 2.57 42.51 20.77
N GLY B 201 2.64 43.62 21.48
CA GLY B 201 1.79 44.78 21.33
C GLY B 201 2.66 45.99 21.53
N ALA B 202 3.91 45.75 21.89
CA ALA B 202 4.86 46.82 22.10
C ALA B 202 5.55 47.10 20.78
N PHE B 203 5.62 48.37 20.43
CA PHE B 203 6.27 48.83 19.21
C PHE B 203 7.30 49.90 19.54
N MET B 204 7.92 49.79 20.72
CA MET B 204 8.89 50.80 21.13
C MET B 204 10.17 50.70 20.33
N ASP B 205 10.76 49.51 20.27
CA ASP B 205 11.99 49.31 19.51
C ASP B 205 11.74 49.53 18.02
N ARG B 206 10.58 49.10 17.54
CA ARG B 206 10.09 49.42 16.20
C ARG B 206 10.13 50.93 15.94
N SER B 207 9.47 51.71 16.81
CA SER B 207 9.36 53.15 16.61
C SER B 207 10.70 53.85 16.76
N THR B 208 11.60 53.29 17.57
CA THR B 208 12.88 53.94 17.80
C THR B 208 13.83 53.66 16.64
N LEU B 209 13.79 52.45 16.08
CA LEU B 209 14.54 52.20 14.86
C LEU B 209 13.91 52.88 13.65
N GLU B 210 12.62 53.25 13.72
CA GLU B 210 12.01 54.00 12.63
C GLU B 210 12.36 55.48 12.73
N GLY B 211 12.30 56.05 13.93
CA GLY B 211 12.47 57.46 14.12
C GLY B 211 13.90 57.92 14.08
N ASP B 212 14.72 57.40 15.00
CA ASP B 212 16.11 57.80 15.15
C ASP B 212 16.98 56.58 14.89
N PRO B 213 17.16 56.19 13.62
CA PRO B 213 17.98 55.00 13.31
C PRO B 213 19.47 55.15 13.62
N HIS B 214 19.94 56.30 14.08
CA HIS B 214 21.36 56.53 14.30
C HIS B 214 21.77 56.60 15.76
N SER B 215 20.84 56.95 16.66
CA SER B 215 21.13 56.95 18.09
C SER B 215 21.69 55.62 18.55
N VAL B 216 21.03 54.53 18.14
CA VAL B 216 21.49 53.19 18.50
C VAL B 216 22.87 52.91 17.91
N ILE B 217 23.14 53.40 16.69
CA ILE B 217 24.43 53.18 16.03
C ILE B 217 25.53 53.87 16.82
N GLU B 218 25.25 55.12 17.19
CA GLU B 218 26.21 55.93 17.93
C GLU B 218 26.47 55.34 19.31
N GLY B 219 25.40 54.90 19.98
CA GLY B 219 25.54 54.30 21.30
C GLY B 219 26.35 53.02 21.29
N MET B 220 26.09 52.14 20.31
CA MET B 220 26.86 50.90 20.26
C MET B 220 28.31 51.15 19.86
N THR B 221 28.60 52.13 19.00
CA THR B 221 30.00 52.47 18.73
C THR B 221 30.69 52.91 20.01
N ILE B 222 30.04 53.78 20.79
CA ILE B 222 30.58 54.23 22.07
C ILE B 222 30.86 53.03 22.97
N GLY B 223 29.86 52.16 23.15
CA GLY B 223 30.00 51.04 24.05
C GLY B 223 31.04 50.03 23.61
N ALA B 224 31.13 49.79 22.30
CA ALA B 224 32.16 48.90 21.77
C ALA B 224 33.54 49.47 21.99
N TYR B 225 33.67 50.80 21.89
CA TYR B 225 34.92 51.44 22.28
C TYR B 225 35.23 51.21 23.75
N VAL B 226 34.21 51.37 24.61
CA VAL B 226 34.42 51.24 26.05
C VAL B 226 34.87 49.83 26.39
N ILE B 227 34.15 48.82 25.92
CA ILE B 227 34.48 47.46 26.32
C ILE B 227 35.58 46.85 25.48
N GLY B 228 36.01 47.50 24.42
CA GLY B 228 37.04 46.93 23.58
C GLY B 228 36.54 45.92 22.57
N ALA B 229 35.35 46.14 22.01
CA ALA B 229 34.78 45.21 21.05
C ALA B 229 34.97 45.75 19.64
N ASP B 230 35.18 44.84 18.69
CA ASP B 230 35.22 45.20 17.29
C ASP B 230 33.97 44.79 16.52
N GLU B 231 33.53 43.55 16.65
CA GLU B 231 32.37 43.09 15.90
C GLU B 231 31.12 43.36 16.71
N GLY B 232 30.05 43.76 16.05
CA GLY B 232 28.80 44.02 16.72
C GLY B 232 27.63 43.67 15.84
N TYR B 233 26.49 43.36 16.47
CA TYR B 233 25.29 42.98 15.75
C TYR B 233 24.12 43.80 16.24
N ILE B 234 23.08 43.88 15.41
CA ILE B 234 21.81 44.50 15.75
C ILE B 234 20.71 43.54 15.34
N TYR B 235 20.10 42.88 16.31
CA TYR B 235 19.10 41.85 16.05
C TYR B 235 17.73 42.53 16.05
N CYS B 236 17.22 42.88 14.88
CA CYS B 236 15.87 43.43 14.79
C CYS B 236 15.01 42.44 14.02
N ARG B 237 13.74 42.31 14.40
CA ARG B 237 12.85 41.33 13.77
C ARG B 237 12.65 41.58 12.28
N ALA B 238 12.67 40.49 11.50
CA ALA B 238 12.41 40.56 10.08
C ALA B 238 10.95 40.89 9.77
N GLU B 239 10.04 40.71 10.72
CA GLU B 239 8.64 41.07 10.51
C GLU B 239 8.38 42.56 10.60
N TYR B 240 9.42 43.39 10.61
CA TYR B 240 9.33 44.84 10.54
C TYR B 240 9.92 45.27 9.21
N PRO B 241 9.16 45.18 8.11
CA PRO B 241 9.74 45.37 6.77
C PRO B 241 10.19 46.79 6.45
N LEU B 242 10.02 47.74 7.36
CA LEU B 242 10.45 49.11 7.11
C LEU B 242 11.58 49.56 8.01
N ALA B 243 11.64 49.09 9.26
CA ALA B 243 12.78 49.39 10.14
C ALA B 243 14.08 48.82 9.60
N ILE B 244 14.01 47.68 8.90
CA ILE B 244 15.21 47.04 8.36
C ILE B 244 15.87 47.94 7.31
N LYS B 245 15.08 48.46 6.36
CA LYS B 245 15.65 49.30 5.32
C LYS B 245 16.13 50.63 5.87
N ARG B 246 15.44 51.19 6.89
CA ARG B 246 15.91 52.42 7.51
C ARG B 246 17.26 52.20 8.19
N LEU B 247 17.40 51.07 8.90
CA LEU B 247 18.67 50.77 9.55
C LEU B 247 19.77 50.50 8.54
N LYS B 248 19.46 49.83 7.43
CA LYS B 248 20.47 49.54 6.42
C LYS B 248 20.93 50.82 5.72
N ILE B 249 19.98 51.73 5.45
CA ILE B 249 20.30 53.04 4.90
C ILE B 249 21.18 53.81 5.88
N ALA B 250 20.87 53.73 7.18
CA ALA B 250 21.65 54.41 8.21
C ALA B 250 23.06 53.83 8.29
N ILE B 251 23.19 52.51 8.13
CA ILE B 251 24.49 51.86 8.22
C ILE B 251 25.35 52.25 7.02
N ALA B 252 24.76 52.30 5.82
CA ALA B 252 25.46 52.75 4.63
C ALA B 252 25.91 54.21 4.76
N GLN B 253 24.94 55.12 4.96
CA GLN B 253 25.26 56.54 5.09
C GLN B 253 26.10 56.87 6.32
N ALA B 254 26.30 55.94 7.25
CA ALA B 254 27.29 56.17 8.27
C ALA B 254 28.62 55.54 7.87
N GLU B 255 28.59 54.54 6.99
CA GLU B 255 29.82 53.94 6.49
C GLU B 255 30.61 54.95 5.69
N GLU B 256 29.90 55.79 4.93
CA GLU B 256 30.63 56.70 4.05
C GLU B 256 31.19 57.92 4.79
N MET B 257 30.85 58.14 6.05
CA MET B 257 31.40 59.24 6.84
C MET B 257 32.51 58.80 7.80
N GLY B 258 33.17 57.67 7.53
CA GLY B 258 34.23 57.14 8.37
C GLY B 258 33.81 56.90 9.82
N LEU B 259 32.66 56.27 9.99
CA LEU B 259 32.02 56.08 11.27
C LEU B 259 31.96 54.62 11.72
N LEU B 260 32.01 53.67 10.78
CA LEU B 260 32.06 52.24 11.10
C LEU B 260 33.02 51.58 10.12
N GLY B 261 34.29 51.49 10.50
CA GLY B 261 35.28 50.95 9.60
C GLY B 261 36.66 50.83 10.20
N ASP B 262 37.68 51.21 9.43
CA ASP B 262 39.06 51.21 9.88
C ASP B 262 39.37 52.60 10.44
N HIS B 263 39.85 52.65 11.68
CA HIS B 263 40.24 53.87 12.40
C HIS B 263 39.18 54.96 12.30
N ILE B 264 38.01 54.67 12.89
CA ILE B 264 36.92 55.64 12.96
C ILE B 264 37.44 56.91 13.63
N MET B 265 37.22 58.05 12.97
CA MET B 265 37.72 59.38 13.39
C MET B 265 39.23 59.39 13.61
N GLY B 266 39.96 58.52 12.89
CA GLY B 266 41.39 58.34 13.01
C GLY B 266 41.83 58.06 14.44
N THR B 267 41.43 56.90 14.99
CA THR B 267 41.66 56.65 16.41
C THR B 267 42.16 55.25 16.75
N ASN B 268 42.57 54.45 15.76
CA ASN B 268 43.00 53.05 15.93
C ASN B 268 41.89 52.22 16.57
N PHE B 269 40.78 52.12 15.84
CA PHE B 269 39.58 51.44 16.31
C PHE B 269 38.86 50.84 15.12
N SER B 270 38.32 49.64 15.30
CA SER B 270 37.59 48.95 14.24
C SER B 270 36.21 48.56 14.75
N PHE B 271 35.21 48.69 13.87
CA PHE B 271 33.84 48.37 14.25
C PHE B 271 33.00 48.12 13.01
N HIS B 272 32.51 46.89 12.87
CA HIS B 272 31.59 46.49 11.82
C HIS B 272 30.23 46.23 12.44
N LEU B 273 29.25 47.07 12.12
CA LEU B 273 27.91 46.94 12.67
C LEU B 273 26.99 46.19 11.72
N HIS B 274 26.81 44.89 11.99
CA HIS B 274 25.98 44.03 11.17
C HIS B 274 24.51 44.31 11.44
N LEU B 275 23.64 43.51 10.83
CA LEU B 275 22.19 43.65 11.02
C LEU B 275 21.56 42.29 10.82
N LYS B 276 21.12 41.65 11.89
CA LYS B 276 20.51 40.33 11.79
C LYS B 276 18.99 40.42 11.90
N GLU B 277 18.31 40.01 10.84
CA GLU B 277 16.86 40.01 10.81
C GLU B 277 16.33 38.87 11.66
N GLY B 278 15.54 39.22 12.67
CA GLY B 278 15.02 38.26 13.62
C GLY B 278 14.02 37.32 13.01
N ALA B 279 14.18 36.04 13.27
CA ALA B 279 13.34 35.00 12.70
C ALA B 279 11.97 34.89 13.39
N GLY B 280 11.57 35.88 14.19
CA GLY B 280 10.27 35.91 14.81
C GLY B 280 10.07 34.98 15.99
N ALA B 281 10.79 35.25 17.09
CA ALA B 281 10.67 34.42 18.29
C ALA B 281 11.00 35.24 19.54
N PHE B 282 10.04 35.32 20.47
CA PHE B 282 10.28 35.95 21.78
C PHE B 282 11.23 35.15 22.65
N VAL B 283 11.32 33.83 22.45
CA VAL B 283 12.32 32.98 23.12
C VAL B 283 13.72 33.56 22.92
N CYS B 284 14.00 34.08 21.72
CA CYS B 284 15.26 34.74 21.41
C CYS B 284 15.18 36.20 21.85
N GLY B 285 14.78 36.44 23.08
CA GLY B 285 14.73 37.76 23.68
C GLY B 285 15.66 37.86 24.86
N GLU B 286 15.99 36.72 25.45
CA GLU B 286 16.99 36.62 26.49
C GLU B 286 18.38 36.60 25.88
N GLU B 287 19.39 36.61 26.75
CA GLU B 287 20.77 36.72 26.28
C GLU B 287 21.20 35.47 25.51
N THR B 288 21.17 34.31 26.17
CA THR B 288 21.77 33.11 25.60
C THR B 288 21.01 32.60 24.38
N ALA B 289 19.74 32.95 24.25
CA ALA B 289 19.01 32.52 23.07
C ALA B 289 19.25 33.47 21.91
N LEU B 290 19.41 34.76 22.20
CA LEU B 290 19.89 35.70 21.17
C LEU B 290 21.24 35.24 20.63
N MET B 291 22.17 34.93 21.55
CA MET B 291 23.50 34.46 21.16
C MET B 291 23.43 33.13 20.42
N ALA B 292 22.36 32.36 20.60
CA ALA B 292 22.25 31.12 19.85
C ALA B 292 21.71 31.38 18.45
N SER B 293 20.71 32.26 18.33
CA SER B 293 20.19 32.62 17.01
C SER B 293 21.21 33.36 16.15
N ILE B 294 22.18 34.04 16.76
CA ILE B 294 23.19 34.72 15.96
C ILE B 294 24.24 33.73 15.45
N GLU B 295 24.51 32.65 16.19
CA GLU B 295 25.41 31.63 15.66
C GLU B 295 24.75 30.69 14.67
N GLY B 296 23.51 30.97 14.29
CA GLY B 296 22.80 30.13 13.35
C GLY B 296 22.45 28.77 13.90
N ARG B 297 21.60 28.76 14.91
CA ARG B 297 21.28 27.55 15.65
C ARG B 297 19.99 27.85 16.40
N ARG B 298 19.29 26.76 16.78
CA ARG B 298 18.05 26.81 17.54
C ARG B 298 18.21 27.69 18.79
N GLY B 299 17.22 28.53 19.05
CA GLY B 299 17.34 29.47 20.16
C GLY B 299 16.96 28.79 21.45
N MET B 300 17.99 28.35 22.15
CA MET B 300 17.85 27.48 23.31
C MET B 300 18.72 28.00 24.44
N PRO B 301 18.13 28.56 25.50
CA PRO B 301 18.93 29.16 26.58
C PRO B 301 19.79 28.12 27.28
N ARG B 302 21.08 28.22 27.08
CA ARG B 302 21.98 27.39 27.84
C ARG B 302 22.08 27.94 29.26
N PRO B 303 22.28 27.08 30.25
CA PRO B 303 22.34 27.56 31.64
C PRO B 303 23.66 28.26 31.89
N ARG B 304 23.58 29.40 32.57
CA ARG B 304 24.85 30.04 32.91
C ARG B 304 25.32 29.61 34.30
N PRO B 305 26.62 29.30 34.50
CA PRO B 305 27.75 29.38 33.57
C PRO B 305 27.79 28.32 32.46
N PRO B 306 28.44 28.59 31.31
CA PRO B 306 29.24 29.75 30.87
C PRO B 306 28.45 31.04 30.69
N PHE B 307 28.93 32.11 31.33
CA PHE B 307 28.23 33.38 31.37
C PHE B 307 28.27 34.07 30.01
N PRO B 308 27.29 34.95 29.72
CA PRO B 308 27.30 35.61 28.41
C PRO B 308 28.39 36.66 28.27
N ALA B 309 28.68 37.40 29.35
CA ALA B 309 29.74 38.40 29.31
C ALA B 309 31.13 37.81 29.40
N GLN B 310 31.27 36.49 29.55
CA GLN B 310 32.57 35.84 29.58
C GLN B 310 32.77 34.86 28.45
N HIS B 311 31.75 34.07 28.10
CA HIS B 311 31.83 33.01 27.11
C HIS B 311 30.61 33.06 26.21
N GLY B 312 30.33 34.22 25.64
CA GLY B 312 29.06 34.41 24.97
C GLY B 312 29.08 34.01 23.51
N LEU B 313 28.93 34.99 22.61
CA LEU B 313 28.82 34.71 21.18
C LEU B 313 30.10 34.06 20.67
N TRP B 314 29.95 32.88 20.08
CA TRP B 314 31.05 32.06 19.55
C TRP B 314 32.11 31.73 20.58
N GLY B 315 31.74 31.70 21.86
CA GLY B 315 32.69 31.47 22.92
C GLY B 315 33.48 32.68 23.33
N LYS B 316 33.35 33.78 22.61
CA LYS B 316 33.96 35.07 22.84
C LYS B 316 33.04 35.93 23.70
N PRO B 317 33.59 36.92 24.44
CA PRO B 317 32.75 37.83 25.25
C PRO B 317 31.62 38.52 24.50
N THR B 318 30.58 38.94 25.22
CA THR B 318 29.41 39.52 24.58
C THR B 318 28.85 40.56 25.54
N ASN B 319 28.18 41.58 25.00
CA ASN B 319 27.69 42.73 25.78
C ASN B 319 26.25 43.05 25.37
N ILE B 320 25.36 42.06 25.38
CA ILE B 320 23.96 42.30 25.03
C ILE B 320 23.36 43.34 25.96
N ASN B 321 22.82 44.39 25.38
CA ASN B 321 22.16 45.43 26.14
C ASN B 321 20.99 45.92 25.29
N ASN B 322 20.01 46.57 25.93
CA ASN B 322 18.77 46.87 25.25
C ASN B 322 18.98 47.98 24.23
N VAL B 323 18.10 48.01 23.22
CA VAL B 323 18.14 49.02 22.19
C VAL B 323 17.82 50.40 22.80
N GLU B 324 16.88 50.44 23.73
CA GLU B 324 16.60 51.69 24.43
C GLU B 324 17.74 52.05 25.36
N THR B 325 18.35 51.05 26.00
CA THR B 325 19.48 51.33 26.88
C THR B 325 20.71 51.72 26.07
N TRP B 326 20.83 51.21 24.84
CA TRP B 326 21.90 51.67 23.96
C TRP B 326 21.62 53.09 23.52
N ALA B 327 20.37 53.40 23.16
CA ALA B 327 19.99 54.72 22.70
C ALA B 327 20.16 55.80 23.77
N ASN B 328 20.25 55.41 25.05
CA ASN B 328 20.53 56.37 26.11
C ASN B 328 22.02 56.68 26.22
N VAL B 329 22.87 55.83 25.66
CA VAL B 329 24.32 56.04 25.75
C VAL B 329 24.80 57.31 25.06
N PRO B 330 24.31 57.73 23.85
CA PRO B 330 24.73 59.04 23.28
C PRO B 330 24.57 60.22 24.20
N ARG B 331 23.54 60.21 25.03
CA ARG B 331 23.26 61.30 25.95
C ARG B 331 23.88 61.09 27.32
N ILE B 332 24.89 60.21 27.43
CA ILE B 332 25.60 60.09 28.70
C ILE B 332 26.82 61.01 28.74
N ILE B 333 27.49 61.21 27.61
CA ILE B 333 28.72 61.98 27.59
C ILE B 333 28.55 63.34 26.92
N LEU B 334 27.57 63.49 26.01
CA LEU B 334 27.27 64.81 25.45
C LEU B 334 26.86 65.81 26.51
N ASN B 335 26.26 65.34 27.61
CA ASN B 335 25.68 66.21 28.61
C ASN B 335 26.34 66.05 29.96
N GLY B 336 26.55 64.82 30.41
CA GLY B 336 27.18 64.57 31.68
C GLY B 336 26.29 63.77 32.62
N ALA B 337 26.88 63.42 33.76
CA ALA B 337 26.24 62.53 34.73
C ALA B 337 25.00 63.15 35.35
N ASP B 338 25.16 64.32 35.99
CA ASP B 338 24.07 64.98 36.71
C ASP B 338 22.87 65.28 35.81
N TRP B 339 23.11 65.52 34.52
CA TRP B 339 22.05 65.73 33.54
C TRP B 339 21.10 64.52 33.57
N PHE B 340 21.65 63.32 33.35
CA PHE B 340 20.90 62.08 33.49
C PHE B 340 20.36 61.87 34.91
N ALA B 341 21.03 62.43 35.92
CA ALA B 341 20.50 62.28 37.27
C ALA B 341 19.29 63.19 37.49
N SER B 342 19.33 64.40 36.95
CA SER B 342 18.31 65.42 37.19
C SER B 342 17.01 65.17 36.42
N MET B 343 16.39 64.02 36.68
CA MET B 343 15.11 63.69 36.07
C MET B 343 14.08 63.15 37.06
N GLY B 344 14.50 62.61 38.21
CA GLY B 344 13.57 62.07 39.17
C GLY B 344 14.20 61.49 40.41
N THR B 345 13.76 60.28 40.77
CA THR B 345 14.13 59.62 42.02
C THR B 345 15.58 59.14 41.99
N GLU B 346 16.05 58.69 43.15
CA GLU B 346 17.45 58.39 43.37
C GLU B 346 17.82 56.93 43.20
N LYS B 347 16.90 55.99 43.43
CA LYS B 347 17.24 54.58 43.29
C LYS B 347 17.39 54.19 41.83
N SER B 348 16.33 54.33 41.04
CA SER B 348 16.45 54.20 39.60
C SER B 348 16.75 55.54 38.97
N LYS B 349 17.50 55.52 37.88
CA LYS B 349 17.97 56.76 37.27
C LYS B 349 17.84 56.68 35.76
N GLY B 350 17.26 57.72 35.15
CA GLY B 350 17.15 57.83 33.71
C GLY B 350 15.74 58.10 33.22
N THR B 351 15.39 57.64 32.02
CA THR B 351 14.05 57.84 31.48
C THR B 351 13.69 56.66 30.58
N LYS B 352 12.41 56.27 30.59
CA LYS B 352 11.90 55.11 29.87
C LYS B 352 10.83 55.52 28.88
N ILE B 353 10.87 54.95 27.68
CA ILE B 353 9.81 55.13 26.69
C ILE B 353 8.74 54.08 26.95
N PHE B 354 7.48 54.43 26.72
CA PHE B 354 6.37 53.53 27.00
C PHE B 354 5.47 53.45 25.79
N ALA B 355 5.18 52.23 25.35
CA ALA B 355 4.19 52.00 24.30
C ALA B 355 2.79 51.99 24.91
N LEU B 356 2.39 53.15 25.42
CA LEU B 356 1.04 53.33 25.95
C LEU B 356 0.03 53.04 24.87
N THR B 357 -0.78 52.00 25.09
CA THR B 357 -1.81 51.62 24.15
C THR B 357 -2.95 51.00 24.92
N GLY B 358 -3.83 50.31 24.21
CA GLY B 358 -4.98 49.72 24.86
C GLY B 358 -6.27 50.33 24.39
N LYS B 359 -7.07 50.84 25.33
CA LYS B 359 -8.41 51.33 25.04
C LYS B 359 -8.68 52.66 25.72
N ILE B 360 -7.78 53.64 25.59
CA ILE B 360 -8.02 54.87 26.33
C ILE B 360 -8.53 56.04 25.49
N THR B 361 -7.65 56.70 24.75
CA THR B 361 -8.10 57.69 23.78
C THR B 361 -7.24 57.63 22.53
N ASN B 362 -5.94 57.46 22.73
CA ASN B 362 -4.96 57.58 21.65
C ASN B 362 -3.66 56.94 22.11
N THR B 363 -3.19 55.97 21.36
CA THR B 363 -2.01 55.19 21.72
C THR B 363 -0.76 55.99 21.36
N GLY B 364 0.39 55.32 21.40
CA GLY B 364 1.64 55.89 20.96
C GLY B 364 2.67 55.97 22.07
N LEU B 365 3.90 56.25 21.65
CA LEU B 365 5.03 56.33 22.56
C LEU B 365 4.89 57.53 23.49
N ILE B 366 4.83 57.25 24.79
CA ILE B 366 4.69 58.25 25.84
C ILE B 366 5.86 58.05 26.78
N GLU B 367 6.92 58.83 26.61
CA GLU B 367 8.14 58.68 27.38
C GLU B 367 8.15 59.66 28.54
N VAL B 368 7.69 59.19 29.69
CA VAL B 368 7.58 59.96 30.92
C VAL B 368 8.89 59.87 31.69
N PRO B 369 9.31 60.91 32.48
CA PRO B 369 10.69 60.97 32.98
C PRO B 369 11.11 59.86 33.94
N MET B 370 10.41 59.71 35.05
CA MET B 370 10.89 58.83 36.11
C MET B 370 9.64 58.32 36.82
N GLY B 371 9.79 57.86 38.06
CA GLY B 371 8.62 57.52 38.86
C GLY B 371 7.69 58.70 39.00
N ILE B 372 6.62 58.66 38.23
CA ILE B 372 5.56 59.65 38.23
C ILE B 372 4.27 58.89 38.51
N THR B 373 3.40 59.51 39.32
CA THR B 373 2.11 58.96 39.72
C THR B 373 1.32 58.48 38.51
N ILE B 374 0.98 57.18 38.53
CA ILE B 374 0.22 56.48 37.48
C ILE B 374 -1.04 57.24 37.06
N ARG B 375 -1.63 58.03 37.97
CA ARG B 375 -2.75 58.93 37.74
C ARG B 375 -2.42 59.85 36.58
N GLU B 376 -1.44 60.73 36.73
CA GLU B 376 -1.01 61.55 35.59
C GLU B 376 -0.02 60.80 34.69
N ILE B 377 -0.31 59.52 34.42
CA ILE B 377 0.21 58.79 33.27
C ILE B 377 -0.93 58.31 32.38
N ILE B 378 -2.04 57.87 32.98
CA ILE B 378 -3.12 57.23 32.25
C ILE B 378 -4.41 58.05 32.31
N TYR B 379 -4.70 58.70 33.44
CA TYR B 379 -5.97 59.38 33.64
C TYR B 379 -6.09 60.62 32.75
N GLU B 380 -5.04 61.43 32.66
CA GLU B 380 -5.11 62.68 31.90
C GLU B 380 -4.08 62.80 30.78
N LEU B 381 -3.01 62.00 30.78
CA LEU B 381 -2.09 62.06 29.65
C LEU B 381 -2.67 61.35 28.44
N GLY B 382 -2.97 60.06 28.57
CA GLY B 382 -3.83 59.43 27.59
C GLY B 382 -5.20 60.07 27.54
N GLY B 383 -5.78 60.31 28.72
CA GLY B 383 -7.01 61.06 28.79
C GLY B 383 -8.22 60.17 28.83
N GLY B 384 -8.81 60.02 30.01
CA GLY B 384 -9.95 59.16 30.31
C GLY B 384 -9.70 57.74 29.83
N ILE B 385 -10.80 57.04 29.53
CA ILE B 385 -10.79 55.71 28.94
C ILE B 385 -11.81 55.79 27.80
N LEU B 386 -11.65 54.91 26.80
CA LEU B 386 -12.63 54.84 25.71
C LEU B 386 -14.03 54.60 26.26
N ASN B 387 -14.98 55.43 25.80
CA ASN B 387 -16.35 55.50 26.31
C ASN B 387 -16.41 55.85 27.80
N GLY B 388 -15.34 56.47 28.32
CA GLY B 388 -15.24 57.00 29.66
C GLY B 388 -15.50 56.09 30.84
N LYS B 389 -15.55 54.77 30.62
CA LYS B 389 -15.81 53.83 31.69
C LYS B 389 -14.50 53.57 32.42
N GLU B 390 -14.49 53.78 33.74
CA GLU B 390 -13.29 53.68 34.58
C GLU B 390 -12.58 52.34 34.42
N PHE B 391 -11.25 52.39 34.29
CA PHE B 391 -10.45 51.19 34.06
C PHE B 391 -10.45 50.29 35.30
N LYS B 392 -10.18 49.01 35.05
CA LYS B 392 -10.07 48.03 36.13
C LYS B 392 -8.69 47.43 36.31
N ALA B 393 -7.79 47.60 35.34
CA ALA B 393 -6.42 47.09 35.45
C ALA B 393 -5.54 47.74 34.41
N VAL B 394 -4.23 47.60 34.61
CA VAL B 394 -3.22 47.99 33.64
C VAL B 394 -2.01 47.06 33.77
N GLN B 395 -1.52 46.57 32.63
CA GLN B 395 -0.33 45.73 32.54
C GLN B 395 0.84 46.68 32.40
N ILE B 396 1.84 46.58 33.27
CA ILE B 396 2.91 47.59 33.27
C ILE B 396 4.22 47.02 32.76
N GLY B 397 4.29 45.73 32.48
CA GLY B 397 5.51 45.14 31.98
C GLY B 397 5.35 44.22 30.80
N GLY B 398 4.14 44.11 30.26
CA GLY B 398 3.88 43.19 29.19
C GLY B 398 3.57 41.81 29.70
N PRO B 399 3.81 40.79 28.86
CA PRO B 399 3.57 39.41 29.31
C PRO B 399 4.54 38.96 30.38
N SER B 400 5.80 39.35 30.29
CA SER B 400 6.74 39.06 31.37
C SER B 400 6.49 39.90 32.61
N GLY B 401 5.52 40.82 32.59
CA GLY B 401 5.24 41.70 33.70
C GLY B 401 3.86 41.45 34.28
N GLY B 402 3.61 42.09 35.40
CA GLY B 402 2.38 41.92 36.14
C GLY B 402 1.37 43.02 35.86
N CYS B 403 0.33 43.06 36.69
CA CYS B 403 -0.78 43.98 36.55
C CYS B 403 -0.84 44.93 37.73
N LEU B 404 -1.31 46.15 37.46
CA LEU B 404 -1.53 47.16 38.48
C LEU B 404 -2.96 47.64 38.34
N THR B 405 -3.63 47.83 39.48
CA THR B 405 -5.06 48.11 39.46
C THR B 405 -5.49 48.91 40.69
N LYS B 406 -5.87 50.18 40.47
CA LYS B 406 -6.70 50.97 41.38
C LYS B 406 -6.11 51.21 42.78
N GLU B 407 -4.89 50.73 43.02
CA GLU B 407 -4.24 50.88 44.31
C GLU B 407 -2.85 51.45 44.10
N HIS B 408 -2.23 51.14 42.96
CA HIS B 408 -0.92 51.69 42.64
C HIS B 408 -1.07 52.95 41.77
N LEU B 409 -1.67 53.97 42.37
CA LEU B 409 -1.92 55.23 41.66
C LEU B 409 -0.88 56.28 42.00
N ASP B 410 -0.75 56.61 43.28
CA ASP B 410 0.29 57.52 43.75
C ASP B 410 1.60 56.79 44.06
N LEU B 411 2.06 55.99 43.11
CA LEU B 411 3.23 55.16 43.28
C LEU B 411 4.26 55.53 42.23
N PRO B 412 5.52 55.75 42.60
CA PRO B 412 6.55 55.93 41.58
C PRO B 412 6.74 54.65 40.78
N ILE B 413 6.85 54.81 39.46
CA ILE B 413 6.96 53.69 38.54
C ILE B 413 8.41 53.25 38.38
N ASP B 414 9.30 53.77 39.23
CA ASP B 414 10.72 53.46 39.14
C ASP B 414 10.95 51.98 39.47
N TYR B 415 12.13 51.48 39.06
CA TYR B 415 12.44 50.05 39.08
C TYR B 415 12.34 49.42 40.46
N GLU B 416 12.62 50.16 41.53
CA GLU B 416 12.58 49.55 42.85
C GLU B 416 11.17 49.51 43.42
N SER B 417 10.36 50.53 43.15
CA SER B 417 9.05 50.65 43.78
C SER B 417 7.99 49.71 43.23
N LEU B 418 8.31 48.91 42.21
CA LEU B 418 7.30 48.06 41.60
C LEU B 418 7.73 46.62 41.42
N THR B 419 9.02 46.30 41.58
CA THR B 419 9.46 44.91 41.62
C THR B 419 8.92 44.21 42.86
N ALA B 420 8.67 44.96 43.94
CA ALA B 420 8.02 44.42 45.13
C ALA B 420 6.53 44.29 44.91
N ALA B 421 5.93 45.22 44.14
CA ALA B 421 4.54 45.09 43.74
C ALA B 421 4.32 43.88 42.84
N GLY B 422 5.36 43.42 42.16
CA GLY B 422 5.30 42.17 41.40
C GLY B 422 5.24 42.36 39.91
N ALA B 423 5.82 43.42 39.37
CA ALA B 423 5.71 43.64 37.94
C ALA B 423 6.97 44.33 37.42
N ILE B 424 7.93 43.54 36.92
CA ILE B 424 9.15 44.11 36.36
C ILE B 424 8.83 44.95 35.13
N MET B 425 9.34 46.19 35.12
CA MET B 425 8.99 47.21 34.13
C MET B 425 9.71 46.84 32.83
N GLY B 426 9.16 45.84 32.16
CA GLY B 426 9.75 45.26 30.98
C GLY B 426 9.28 45.77 29.64
N SER B 427 10.09 46.64 29.03
CA SER B 427 9.94 47.13 27.65
C SER B 427 8.61 47.82 27.41
N GLY B 428 8.06 48.47 28.44
CA GLY B 428 6.96 49.43 28.41
C GLY B 428 5.80 49.17 27.48
N GLY B 429 5.13 48.05 27.67
CA GLY B 429 3.97 47.68 26.88
C GLY B 429 2.67 47.94 27.61
N LEU B 430 2.55 49.10 28.28
CA LEU B 430 1.37 49.35 29.11
C LEU B 430 0.08 49.38 28.32
N VAL B 431 -0.83 48.48 28.70
CA VAL B 431 -2.15 48.33 28.11
C VAL B 431 -3.19 48.48 29.20
N VAL B 432 -4.12 49.37 28.98
CA VAL B 432 -5.20 49.68 29.90
C VAL B 432 -6.38 48.75 29.62
N MET B 433 -7.04 48.28 30.66
CA MET B 433 -8.15 47.36 30.48
C MET B 433 -9.29 47.76 31.42
N ASP B 434 -10.41 48.18 30.83
CA ASP B 434 -11.57 48.59 31.61
C ASP B 434 -12.41 47.37 31.95
N GLU B 435 -13.59 47.58 32.54
CA GLU B 435 -14.44 46.48 33.00
C GLU B 435 -14.98 45.59 31.90
N ASP B 436 -14.89 45.99 30.63
CA ASP B 436 -15.43 45.17 29.56
C ASP B 436 -14.44 44.11 29.07
N THR B 437 -13.29 44.01 29.76
CA THR B 437 -12.27 42.99 29.42
C THR B 437 -12.02 42.14 30.68
N CYS B 438 -12.06 40.82 30.54
CA CYS B 438 -11.90 39.93 31.72
C CYS B 438 -10.43 39.71 32.05
N MET B 439 -10.10 39.56 33.33
CA MET B 439 -8.70 39.36 33.76
C MET B 439 -8.27 37.92 33.51
N VAL B 440 -9.17 36.95 33.72
CA VAL B 440 -8.85 35.53 33.40
C VAL B 440 -8.57 35.43 31.90
N ASP B 441 -9.34 36.17 31.09
CA ASP B 441 -9.16 36.16 29.62
C ASP B 441 -7.75 36.64 29.27
N VAL B 442 -7.34 37.79 29.82
CA VAL B 442 -6.00 38.36 29.46
C VAL B 442 -4.90 37.47 30.06
N ALA B 443 -5.16 36.85 31.22
CA ALA B 443 -4.17 35.91 31.80
C ALA B 443 -3.96 34.75 30.84
N LYS B 444 -5.06 34.18 30.32
CA LYS B 444 -4.95 33.08 29.33
C LYS B 444 -4.23 33.61 28.09
N PHE B 445 -4.59 34.81 27.63
CA PHE B 445 -3.98 35.38 26.41
C PHE B 445 -2.46 35.47 26.58
N PHE B 446 -2.00 36.12 27.65
CA PHE B 446 -0.56 36.28 27.86
C PHE B 446 0.13 34.94 28.01
N LEU B 447 -0.49 34.01 28.74
CA LEU B 447 0.10 32.69 28.91
C LEU B 447 0.08 31.91 27.60
N GLU B 448 -0.89 32.18 26.72
CA GLU B 448 -0.94 31.54 25.41
C GLU B 448 0.18 32.08 24.51
N PHE B 449 0.44 33.39 24.58
CA PHE B 449 1.56 33.96 23.87
C PHE B 449 2.88 33.37 24.36
N THR B 450 2.99 33.21 25.69
CA THR B 450 4.20 32.63 26.26
C THR B 450 4.37 31.18 25.81
N GLN B 451 3.29 30.39 25.84
CA GLN B 451 3.34 29.00 25.39
C GLN B 451 3.74 28.92 23.92
N ARG B 452 3.28 29.88 23.13
CA ARG B 452 3.62 29.86 21.72
C ARG B 452 5.04 30.35 21.46
N GLU B 453 5.61 31.13 22.37
CA GLU B 453 6.96 31.65 22.17
C GLU B 453 7.90 31.18 23.28
N SER B 454 8.29 29.92 23.22
CA SER B 454 9.11 29.25 24.22
C SER B 454 9.82 28.13 23.49
N CYS B 455 11.03 27.80 23.94
CA CYS B 455 11.86 26.78 23.25
C CYS B 455 11.32 25.37 23.52
N GLY B 456 11.06 25.04 24.78
CA GLY B 456 10.62 23.66 25.12
C GLY B 456 11.72 22.87 25.79
N LYS B 457 12.65 23.53 26.45
CA LYS B 457 13.77 22.84 27.06
C LYS B 457 13.36 22.53 28.48
N CYS B 458 12.88 23.52 29.19
CA CYS B 458 12.60 23.29 30.62
C CYS B 458 11.24 22.63 30.79
N VAL B 459 11.17 21.75 31.77
CA VAL B 459 9.93 21.02 32.05
C VAL B 459 8.97 22.01 32.67
N PRO B 460 9.34 22.94 33.56
CA PRO B 460 8.37 23.93 33.97
C PRO B 460 7.73 24.82 32.88
N CYS B 461 8.45 25.39 31.93
CA CYS B 461 7.82 26.31 30.95
C CYS B 461 7.16 25.53 29.83
N ARG B 462 7.47 24.26 29.66
CA ARG B 462 6.84 23.56 28.52
C ARG B 462 5.55 22.96 29.01
N GLU B 463 5.56 22.38 30.19
CA GLU B 463 4.35 21.68 30.61
C GLU B 463 3.55 22.58 31.56
N GLY B 464 4.18 23.21 32.55
CA GLY B 464 3.50 24.14 33.43
C GLY B 464 2.63 25.13 32.68
N THR B 465 3.20 25.83 31.69
CA THR B 465 2.42 26.85 31.00
C THR B 465 1.27 26.24 30.21
N LYS B 466 1.45 25.01 29.71
CA LYS B 466 0.36 24.29 29.04
C LYS B 466 -0.76 23.99 30.03
N GLN B 467 -0.40 23.48 31.21
CA GLN B 467 -1.42 23.10 32.17
C GLN B 467 -2.09 24.33 32.76
N MET B 468 -1.34 25.41 32.93
CA MET B 468 -1.91 26.65 33.42
C MET B 468 -2.86 27.24 32.39
N LEU B 469 -2.50 27.13 31.11
CA LEU B 469 -3.42 27.51 30.04
C LEU B 469 -4.70 26.69 30.10
N LEU B 470 -4.58 25.38 30.37
CA LEU B 470 -5.74 24.52 30.49
C LEU B 470 -6.61 24.91 31.68
N MET B 471 -5.97 25.16 32.83
CA MET B 471 -6.71 25.53 34.02
C MET B 471 -7.37 26.90 33.88
N LEU B 472 -6.74 27.81 33.13
CA LEU B 472 -7.34 29.12 32.91
C LEU B 472 -8.50 29.02 31.93
N GLN B 473 -8.35 28.19 30.89
CA GLN B 473 -9.45 27.93 29.98
C GLN B 473 -10.60 27.19 30.66
N LYS B 474 -10.31 26.46 31.74
CA LYS B 474 -11.35 25.78 32.48
C LYS B 474 -12.03 26.70 33.48
N ILE B 475 -11.28 27.66 34.03
CA ILE B 475 -11.85 28.65 34.99
C ILE B 475 -12.69 29.66 34.20
N CYS B 476 -12.21 30.08 33.02
CA CYS B 476 -12.96 31.03 32.16
C CYS B 476 -14.31 30.41 31.77
N ASN B 477 -14.31 29.13 31.39
CA ASN B 477 -15.56 28.44 30.98
C ASN B 477 -16.43 28.16 32.21
N GLY B 478 -15.88 28.31 33.42
CA GLY B 478 -16.67 28.11 34.65
C GLY B 478 -16.58 26.66 35.12
N GLU B 479 -15.97 25.79 34.32
CA GLU B 479 -15.83 24.39 34.69
C GLU B 479 -14.86 24.17 35.84
N GLY B 480 -14.33 25.22 36.45
CA GLY B 480 -13.29 25.06 37.44
C GLY B 480 -13.81 24.89 38.85
N THR B 481 -12.90 24.51 39.75
CA THR B 481 -13.17 24.36 41.17
C THR B 481 -12.19 25.16 42.02
N MET B 482 -12.22 24.96 43.34
CA MET B 482 -11.31 25.69 44.22
C MET B 482 -9.92 25.07 44.24
N ASP B 483 -9.85 23.73 44.25
CA ASP B 483 -8.57 23.03 44.08
C ASP B 483 -7.90 23.40 42.77
N ASP B 484 -8.69 23.73 41.75
CA ASP B 484 -8.14 24.26 40.50
C ASP B 484 -7.38 25.56 40.74
N LEU B 485 -7.93 26.44 41.56
CA LEU B 485 -7.26 27.71 41.84
C LEU B 485 -6.01 27.50 42.67
N SER B 486 -6.07 26.58 43.64
CA SER B 486 -4.88 26.27 44.44
C SER B 486 -3.77 25.66 43.59
N LYS B 487 -4.15 24.74 42.68
CA LYS B 487 -3.18 24.15 41.76
C LYS B 487 -2.60 25.19 40.82
N LEU B 488 -3.42 26.14 40.37
CA LEU B 488 -2.94 27.20 39.49
C LEU B 488 -1.93 28.09 40.20
N GLU B 489 -2.23 28.47 41.45
CA GLU B 489 -1.30 29.26 42.24
C GLU B 489 0.02 28.52 42.48
N GLU B 490 -0.07 27.25 42.86
CA GLU B 490 1.14 26.48 43.18
C GLU B 490 1.97 26.21 41.94
N LEU B 491 1.32 25.93 40.80
CA LEU B 491 2.05 25.72 39.56
C LEU B 491 2.69 27.01 39.08
N ALA B 492 1.99 28.14 39.24
CA ALA B 492 2.56 29.45 38.91
C ALA B 492 3.82 29.71 39.72
N HIS B 493 3.77 29.47 41.04
CA HIS B 493 4.93 29.73 41.87
C HIS B 493 6.07 28.78 41.52
N MET B 494 5.74 27.52 41.19
CA MET B 494 6.77 26.56 40.82
C MET B 494 7.45 26.95 39.52
N VAL B 495 6.67 27.34 38.50
CA VAL B 495 7.25 27.73 37.22
C VAL B 495 8.06 29.01 37.36
N LYS B 496 7.67 29.90 38.29
CA LYS B 496 8.48 31.09 38.51
C LYS B 496 9.80 30.74 39.18
N GLU B 497 9.78 29.82 40.13
CA GLU B 497 10.99 29.50 40.88
C GLU B 497 11.90 28.50 40.20
N THR B 498 11.42 27.71 39.23
CA THR B 498 12.22 26.62 38.70
C THR B 498 12.65 26.76 37.25
N SER B 499 11.98 27.60 36.46
CA SER B 499 12.29 27.75 35.04
C SER B 499 13.72 28.26 34.83
N LEU B 500 14.23 28.03 33.62
CA LEU B 500 15.65 28.21 33.38
C LEU B 500 16.03 29.65 33.08
N CYS B 501 15.61 30.16 31.92
CA CYS B 501 16.14 31.47 31.45
C CYS B 501 15.62 32.70 32.19
N GLY B 502 14.31 32.89 32.24
CA GLY B 502 13.74 34.12 32.76
C GLY B 502 12.49 34.52 32.02
N LEU B 503 12.30 34.01 30.80
CA LEU B 503 10.96 34.08 30.20
C LEU B 503 9.97 33.30 31.04
N GLY B 504 10.33 32.06 31.40
CA GLY B 504 9.46 31.25 32.23
C GLY B 504 9.48 31.64 33.68
N GLN B 505 10.61 32.17 34.17
CA GLN B 505 10.68 32.68 35.53
C GLN B 505 9.76 33.88 35.73
N THR B 506 9.38 34.56 34.65
CA THR B 506 8.42 35.65 34.69
C THR B 506 7.20 35.38 33.82
N ALA B 507 7.04 34.15 33.32
CA ALA B 507 5.84 33.81 32.56
C ALA B 507 4.58 33.80 33.41
N PRO B 508 4.52 33.17 34.62
CA PRO B 508 3.27 33.26 35.38
C PRO B 508 3.17 34.51 36.24
N ASN B 509 3.57 35.65 35.72
CA ASN B 509 3.26 36.91 36.36
C ASN B 509 1.83 37.33 36.01
N PRO B 510 1.32 37.22 34.73
CA PRO B 510 -0.11 37.46 34.53
C PRO B 510 -1.07 36.47 35.20
N VAL B 511 -0.56 35.53 35.99
CA VAL B 511 -1.40 34.74 36.89
C VAL B 511 -1.20 35.18 38.34
N ILE B 512 0.05 35.06 38.86
CA ILE B 512 0.42 35.40 40.25
C ILE B 512 -0.11 36.78 40.65
N THR B 513 0.21 37.81 39.85
CA THR B 513 -0.25 39.16 40.14
C THR B 513 -1.76 39.22 40.11
N THR B 514 -2.37 38.63 39.07
CA THR B 514 -3.82 38.63 38.99
C THR B 514 -4.47 37.76 40.06
N ILE B 515 -3.67 36.99 40.80
CA ILE B 515 -4.15 36.30 41.99
C ILE B 515 -4.08 37.24 43.19
N ARG B 516 -3.03 38.05 43.29
CA ARG B 516 -2.88 38.90 44.46
C ARG B 516 -3.61 40.23 44.31
N TYR B 517 -4.25 40.48 43.17
CA TYR B 517 -5.00 41.70 42.95
C TYR B 517 -6.41 41.48 42.41
N PHE B 518 -6.77 40.24 42.03
CA PHE B 518 -8.12 39.93 41.57
C PHE B 518 -8.62 38.59 42.11
N ARG B 519 -8.16 38.18 43.30
CA ARG B 519 -8.47 36.88 43.90
C ARG B 519 -9.97 36.61 43.90
N ASP B 520 -10.75 37.55 44.47
CA ASP B 520 -12.21 37.45 44.53
C ASP B 520 -12.77 37.23 43.13
N GLU B 521 -12.23 37.97 42.16
CA GLU B 521 -12.60 37.85 40.75
C GLU B 521 -12.42 36.43 40.25
N TYR B 522 -11.25 35.86 40.56
CA TYR B 522 -10.98 34.45 40.29
C TYR B 522 -12.02 33.55 40.93
N VAL B 523 -12.30 33.78 42.22
CA VAL B 523 -13.36 33.07 42.93
C VAL B 523 -14.70 33.30 42.24
N ALA B 524 -14.96 34.55 41.81
CA ALA B 524 -16.21 34.87 41.12
C ALA B 524 -16.36 34.15 39.79
N HIS B 525 -15.27 33.64 39.22
CA HIS B 525 -15.37 32.88 37.98
C HIS B 525 -15.68 31.41 38.23
N ILE B 526 -15.53 30.92 39.46
CA ILE B 526 -15.67 29.50 39.75
C ILE B 526 -16.74 29.20 40.79
N LYS B 527 -16.68 29.84 41.97
CA LYS B 527 -17.72 29.66 42.97
C LYS B 527 -19.07 30.16 42.47
N ASP B 528 -19.12 31.43 42.09
CA ASP B 528 -20.34 31.93 41.40
C ASP B 528 -20.04 31.77 39.91
N LYS B 529 -21.06 31.62 39.07
CA LYS B 529 -20.80 31.38 37.62
C LYS B 529 -20.96 32.71 36.86
N ARG B 530 -20.07 33.67 37.11
CA ARG B 530 -20.23 35.01 36.48
C ARG B 530 -18.91 35.51 35.89
N CYS B 531 -18.97 36.45 34.95
CA CYS B 531 -17.75 37.05 34.35
C CYS B 531 -18.09 38.46 33.87
N PRO B 532 -17.36 39.52 34.31
CA PRO B 532 -17.61 40.89 33.83
C PRO B 532 -17.77 41.00 32.33
N ALA B 533 -16.90 40.33 31.57
CA ALA B 533 -17.02 40.34 30.10
C ALA B 533 -17.84 39.11 29.68
N LYS B 534 -19.12 39.32 29.35
CA LYS B 534 -20.01 38.17 29.02
C LYS B 534 -19.69 37.65 27.62
N ILE B 535 -18.57 36.93 27.47
CA ILE B 535 -18.21 36.32 26.15
C ILE B 535 -18.70 34.86 26.19
N CYS B 536 -18.32 34.11 27.22
CA CYS B 536 -18.78 32.71 27.37
C CYS B 536 -18.99 32.40 28.85
N PRO B 537 -20.05 31.67 29.25
CA PRO B 537 -20.34 31.41 30.66
C PRO B 537 -19.25 30.53 31.29
N THR C 5 11.14 20.01 -10.03
CA THR C 5 12.03 19.32 -9.10
C THR C 5 13.48 19.76 -9.27
N VAL C 6 13.91 19.99 -10.52
CA VAL C 6 15.27 20.50 -10.73
C VAL C 6 15.38 22.01 -10.53
N ASP C 7 14.26 22.71 -10.43
CA ASP C 7 14.26 24.16 -10.17
C ASP C 7 14.67 24.48 -8.74
N VAL C 8 14.60 23.51 -7.83
CA VAL C 8 14.83 23.73 -6.41
C VAL C 8 16.20 23.21 -5.96
N VAL C 9 17.06 22.81 -6.89
CA VAL C 9 18.35 22.28 -6.49
C VAL C 9 19.51 23.25 -6.73
N GLU C 10 19.46 24.12 -7.73
CA GLU C 10 20.60 25.04 -7.89
C GLU C 10 20.38 26.41 -7.28
N LYS C 11 19.13 26.90 -7.25
CA LYS C 11 18.79 28.15 -6.56
C LYS C 11 19.18 28.08 -5.09
N VAL C 12 19.02 26.91 -4.47
CA VAL C 12 19.41 26.79 -3.08
C VAL C 12 20.92 26.55 -3.01
N LYS C 13 21.49 25.89 -4.02
CA LYS C 13 22.93 25.66 -4.04
C LYS C 13 23.72 26.91 -4.42
N GLU C 14 23.07 27.97 -4.89
CA GLU C 14 23.77 29.20 -5.20
C GLU C 14 23.70 30.23 -4.09
N ILE C 15 22.57 30.30 -3.36
CA ILE C 15 22.46 31.21 -2.22
C ILE C 15 23.34 30.78 -1.05
N VAL C 16 23.88 29.57 -1.07
CA VAL C 16 24.73 29.12 0.02
C VAL C 16 26.19 29.44 -0.26
N ALA C 17 26.54 29.72 -1.52
CA ALA C 17 27.91 30.05 -1.92
C ALA C 17 28.56 31.18 -1.10
N PRO C 18 27.94 32.32 -0.81
CA PRO C 18 28.63 33.34 -0.02
C PRO C 18 28.70 33.05 1.47
N TRP C 19 28.34 31.85 1.91
CA TRP C 19 28.41 31.47 3.31
C TRP C 19 29.33 30.29 3.55
N LYS C 20 29.89 29.68 2.50
CA LYS C 20 30.78 28.53 2.66
C LYS C 20 32.04 28.94 3.40
N GLY C 21 32.41 28.16 4.40
CA GLY C 21 33.59 28.41 5.19
C GLY C 21 33.47 29.55 6.19
N LYS C 22 32.25 30.00 6.48
CA LYS C 22 31.99 31.07 7.43
C LYS C 22 31.14 30.48 8.55
N GLN C 23 31.58 30.70 9.79
CA GLN C 23 30.85 30.22 10.95
C GLN C 23 29.47 30.86 11.04
N GLY C 24 28.42 30.09 11.30
CA GLY C 24 27.09 30.68 11.48
C GLY C 24 26.33 30.89 10.18
N GLY C 25 25.18 31.56 10.25
CA GLY C 25 24.49 31.83 8.99
C GLY C 25 23.63 30.70 8.47
N LEU C 26 22.65 30.24 9.25
CA LEU C 26 21.64 29.28 8.76
C LEU C 26 20.33 30.03 8.89
N ILE C 27 20.23 30.92 9.89
CA ILE C 27 19.01 31.78 9.99
C ILE C 27 18.92 32.64 8.73
N PRO C 28 19.94 33.43 8.31
CA PRO C 28 19.84 34.14 7.05
C PRO C 28 19.76 33.22 5.84
N ILE C 29 20.57 32.17 5.77
CA ILE C 29 20.61 31.26 4.57
C ILE C 29 19.20 30.74 4.26
N LEU C 30 18.30 30.74 5.24
CA LEU C 30 16.93 30.24 5.05
C LEU C 30 16.02 31.42 4.74
N GLN C 31 16.25 32.56 5.38
CA GLN C 31 15.33 33.71 5.16
C GLN C 31 15.40 34.11 3.69
N GLU C 32 16.45 33.72 2.98
CA GLU C 32 16.61 34.00 1.56
C GLU C 32 15.86 32.98 0.71
N VAL C 33 15.99 31.68 1.03
CA VAL C 33 15.20 30.70 0.28
C VAL C 33 13.72 30.84 0.58
N GLN C 34 13.36 31.40 1.73
CA GLN C 34 11.96 31.69 2.02
C GLN C 34 11.45 32.82 1.15
N ARG C 35 12.20 33.94 1.09
CA ARG C 35 11.80 35.06 0.25
C ARG C 35 11.76 34.69 -1.22
N GLU C 36 12.64 33.80 -1.67
CA GLU C 36 12.61 33.44 -3.08
C GLU C 36 11.49 32.45 -3.36
N LEU C 37 11.55 31.28 -2.73
CA LEU C 37 10.62 30.20 -3.05
C LEU C 37 9.26 30.30 -2.37
N GLY C 38 9.06 31.23 -1.45
CA GLY C 38 7.82 31.23 -0.68
C GLY C 38 7.75 30.24 0.47
N TYR C 39 8.52 29.15 0.40
CA TYR C 39 8.54 28.15 1.46
C TYR C 39 9.86 27.41 1.42
N LEU C 40 10.05 26.51 2.39
CA LEU C 40 11.25 25.69 2.52
C LEU C 40 10.90 24.23 2.26
N PRO C 41 10.94 23.76 1.01
CA PRO C 41 10.73 22.32 0.75
C PRO C 41 11.80 21.45 1.39
N GLU C 42 11.50 20.15 1.48
CA GLU C 42 12.45 19.19 2.02
C GLU C 42 13.72 19.10 1.18
N GLU C 43 13.59 19.26 -0.14
CA GLU C 43 14.74 19.33 -1.03
C GLU C 43 15.65 20.51 -0.68
N ALA C 44 15.03 21.65 -0.34
CA ALA C 44 15.79 22.85 0.02
C ALA C 44 16.65 22.59 1.24
N LEU C 45 16.05 22.10 2.32
CA LEU C 45 16.76 21.81 3.55
C LEU C 45 17.81 20.74 3.35
N LEU C 46 17.51 19.75 2.49
CA LEU C 46 18.46 18.69 2.19
C LEU C 46 19.71 19.24 1.52
N THR C 47 19.52 20.13 0.53
CA THR C 47 20.68 20.73 -0.14
C THR C 47 21.42 21.70 0.77
N ILE C 48 20.72 22.41 1.67
CA ILE C 48 21.39 23.26 2.65
C ILE C 48 22.28 22.42 3.55
N SER C 49 21.77 21.29 4.02
CA SER C 49 22.55 20.41 4.89
C SER C 49 23.73 19.81 4.13
N ARG C 50 23.54 19.49 2.85
CA ARG C 50 24.65 18.98 2.04
C ARG C 50 25.74 20.03 1.84
N GLU C 51 25.35 21.25 1.48
CA GLU C 51 26.33 22.29 1.16
C GLU C 51 27.05 22.81 2.39
N LEU C 52 26.31 23.11 3.45
CA LEU C 52 26.97 23.64 4.64
C LEU C 52 27.66 22.57 5.48
N LYS C 53 27.41 21.29 5.18
CA LYS C 53 27.89 20.13 5.93
C LYS C 53 27.48 20.21 7.39
N MET C 54 26.29 20.74 7.64
CA MET C 54 25.49 20.83 8.85
C MET C 54 24.49 19.69 8.86
N PRO C 55 24.19 19.12 10.03
CA PRO C 55 23.27 17.98 10.10
C PRO C 55 21.86 18.33 9.66
N LYS C 56 21.22 17.38 8.96
CA LYS C 56 19.86 17.59 8.48
C LYS C 56 18.88 17.80 9.63
N ALA C 57 19.13 17.14 10.75
CA ALA C 57 18.28 17.28 11.93
C ALA C 57 18.36 18.69 12.48
N GLU C 58 19.56 19.27 12.48
CA GLU C 58 19.74 20.64 12.95
C GLU C 58 19.07 21.64 12.03
N VAL C 59 19.17 21.42 10.72
CA VAL C 59 18.53 22.30 9.75
C VAL C 59 17.02 22.24 9.90
N TYR C 60 16.45 21.05 10.07
CA TYR C 60 15.01 20.93 10.25
C TYR C 60 14.57 21.51 11.59
N GLY C 61 15.42 21.38 12.62
CA GLY C 61 15.09 21.96 13.90
C GLY C 61 15.05 23.47 13.88
N VAL C 62 16.00 24.08 13.16
CA VAL C 62 15.99 25.54 13.06
C VAL C 62 14.85 25.99 12.15
N ALA C 63 14.57 25.21 11.10
CA ALA C 63 13.49 25.57 10.17
C ALA C 63 12.12 25.48 10.81
N THR C 64 11.93 24.58 11.78
CA THR C 64 10.65 24.44 12.45
C THR C 64 10.63 25.12 13.80
N PHE C 65 11.75 25.65 14.26
CA PHE C 65 11.77 26.30 15.55
C PHE C 65 11.25 27.73 15.47
N TYR C 66 11.50 28.42 14.38
CA TYR C 66 11.10 29.82 14.25
C TYR C 66 9.80 29.92 13.46
N ALA C 67 8.98 30.90 13.84
CA ALA C 67 7.62 30.99 13.30
C ALA C 67 7.61 31.38 11.84
N GLN C 68 8.42 32.36 11.42
CA GLN C 68 8.29 32.89 10.06
C GLN C 68 8.83 31.95 8.98
N PHE C 69 9.18 30.71 9.27
CA PHE C 69 9.54 29.74 8.25
C PHE C 69 8.36 28.82 8.05
N HIS C 70 8.08 28.49 6.79
CA HIS C 70 6.97 27.62 6.45
C HIS C 70 7.53 26.50 5.58
N LEU C 71 7.43 25.29 6.09
CA LEU C 71 7.93 24.09 5.41
C LEU C 71 7.00 23.58 4.33
N LYS C 72 5.76 24.05 4.31
CA LYS C 72 4.79 23.71 3.30
C LYS C 72 4.55 24.97 2.47
N PRO C 73 4.08 24.84 1.22
CA PRO C 73 3.80 26.04 0.41
C PRO C 73 2.76 26.94 1.06
N ARG C 74 3.18 28.17 1.34
CA ARG C 74 2.25 29.15 1.86
C ARG C 74 1.36 29.68 0.74
N GLY C 75 0.22 30.25 1.14
CA GLY C 75 -0.75 30.74 0.18
C GLY C 75 -0.27 31.94 -0.62
N ARG C 76 -1.07 32.31 -1.61
CA ARG C 76 -0.74 33.46 -2.44
C ARG C 76 -1.21 34.78 -1.85
N HIS C 77 -1.92 34.75 -0.72
CA HIS C 77 -2.33 35.96 -0.01
C HIS C 77 -2.45 35.62 1.46
N VAL C 78 -1.55 36.15 2.29
CA VAL C 78 -1.63 35.90 3.73
C VAL C 78 -2.68 36.80 4.37
N ILE C 79 -3.27 36.32 5.47
CA ILE C 79 -4.41 36.98 6.10
C ILE C 79 -4.07 37.34 7.55
N ARG C 80 -2.82 37.77 7.79
CA ARG C 80 -2.29 38.10 9.12
C ARG C 80 -3.24 38.90 10.01
N VAL C 81 -3.82 38.24 11.01
CA VAL C 81 -4.67 38.98 11.98
C VAL C 81 -3.76 39.31 13.16
N CYS C 82 -4.03 40.37 13.91
CA CYS C 82 -3.09 40.78 14.97
C CYS C 82 -3.57 40.21 16.28
N ARG C 83 -2.82 39.28 16.86
CA ARG C 83 -3.26 38.81 18.17
C ARG C 83 -2.30 39.46 19.16
N GLY C 84 -2.20 40.78 19.10
CA GLY C 84 -1.41 41.48 20.07
C GLY C 84 -2.25 41.89 21.23
N THR C 85 -1.59 42.39 22.29
CA THR C 85 -2.30 42.77 23.51
C THR C 85 -3.33 43.86 23.24
N ALA C 86 -3.00 44.85 22.39
CA ALA C 86 -3.93 45.95 22.13
C ALA C 86 -5.12 45.45 21.31
N CYS C 87 -4.87 44.59 20.32
CA CYS C 87 -6.00 44.12 19.53
C CYS C 87 -6.84 43.14 20.34
N HIS C 88 -6.19 42.31 21.17
CA HIS C 88 -6.93 41.30 21.91
C HIS C 88 -7.83 41.94 22.96
N VAL C 89 -7.34 42.99 23.65
CA VAL C 89 -8.21 43.68 24.61
C VAL C 89 -9.36 44.37 23.88
N ARG C 90 -9.17 44.70 22.60
CA ARG C 90 -10.22 45.27 21.78
C ARG C 90 -11.17 44.20 21.25
N GLY C 91 -10.72 42.94 21.23
CA GLY C 91 -11.52 41.84 20.75
C GLY C 91 -11.17 41.25 19.40
N SER C 92 -9.89 41.30 19.02
CA SER C 92 -9.44 40.69 17.76
C SER C 92 -9.65 39.20 17.70
N LEU C 93 -9.76 38.51 18.84
CA LEU C 93 -10.01 37.08 18.88
C LEU C 93 -11.28 36.72 18.12
N GLN C 94 -12.30 37.59 18.20
CA GLN C 94 -13.55 37.37 17.49
C GLN C 94 -13.32 37.38 15.99
N ILE C 95 -12.54 38.35 15.51
CA ILE C 95 -12.22 38.45 14.09
C ILE C 95 -11.41 37.25 13.65
N LEU C 96 -10.46 36.81 14.49
CA LEU C 96 -9.64 35.64 14.18
C LEU C 96 -10.50 34.39 14.04
N GLU C 97 -11.41 34.15 14.99
CA GLU C 97 -12.21 32.94 14.95
C GLU C 97 -13.21 32.99 13.81
N LYS C 98 -13.67 34.18 13.43
CA LYS C 98 -14.60 34.20 12.32
C LYS C 98 -13.90 34.02 10.98
N VAL C 99 -12.68 34.55 10.79
CA VAL C 99 -11.93 34.19 9.58
C VAL C 99 -11.55 32.71 9.61
N LYS C 100 -11.36 32.14 10.81
CA LYS C 100 -11.17 30.70 10.96
C LYS C 100 -12.37 29.91 10.44
N GLN C 101 -13.55 30.13 11.02
CA GLN C 101 -14.73 29.39 10.62
C GLN C 101 -15.22 29.76 9.22
N MET C 102 -14.74 30.87 8.66
CA MET C 102 -15.15 31.32 7.34
C MET C 102 -14.31 30.69 6.23
N LEU C 103 -12.99 30.67 6.39
CA LEU C 103 -12.17 29.91 5.47
C LEU C 103 -12.25 28.41 5.74
N GLY C 104 -12.74 28.01 6.92
CA GLY C 104 -12.90 26.62 7.30
C GLY C 104 -11.62 25.85 7.51
N ILE C 105 -10.47 26.51 7.43
CA ILE C 105 -9.18 25.86 7.53
C ILE C 105 -8.68 26.02 8.96
N GLU C 106 -7.72 25.18 9.34
CA GLU C 106 -7.16 25.15 10.69
C GLU C 106 -6.38 26.46 10.95
N GLU C 107 -5.93 26.62 12.20
CA GLU C 107 -5.46 27.90 12.76
C GLU C 107 -4.32 28.52 11.95
N ASN C 108 -3.33 27.72 11.56
CA ASN C 108 -2.11 28.30 11.01
C ASN C 108 -1.69 27.59 9.72
N GLU C 109 -2.66 27.16 8.91
CA GLU C 109 -2.40 26.43 7.68
C GLU C 109 -3.04 27.11 6.47
N THR C 110 -2.72 26.59 5.30
CA THR C 110 -3.16 27.15 4.02
C THR C 110 -4.43 26.47 3.53
N THR C 111 -5.15 27.19 2.65
CA THR C 111 -6.31 26.62 1.97
C THR C 111 -5.90 25.45 1.06
N ASP C 112 -6.89 24.61 0.76
CA ASP C 112 -6.67 23.38 -0.01
C ASP C 112 -6.11 23.59 -1.43
N ASP C 113 -6.16 24.82 -1.97
CA ASP C 113 -5.73 25.06 -3.35
C ASP C 113 -4.78 26.24 -3.46
N LEU C 114 -4.21 26.67 -2.33
CA LEU C 114 -3.21 27.72 -2.22
C LEU C 114 -3.70 29.08 -2.73
N ARG C 115 -4.73 29.58 -2.02
CA ARG C 115 -5.28 30.93 -2.32
C ARG C 115 -5.07 31.83 -1.09
N PHE C 116 -5.39 31.34 0.13
CA PHE C 116 -5.20 32.16 1.31
C PHE C 116 -4.41 31.40 2.35
N THR C 117 -4.05 32.10 3.44
CA THR C 117 -3.42 31.49 4.61
C THR C 117 -3.54 32.42 5.80
N LEU C 118 -3.91 31.86 6.95
CA LEU C 118 -4.12 32.61 8.17
C LEU C 118 -2.85 32.53 9.01
N GLU C 119 -2.28 33.69 9.35
CA GLU C 119 -1.02 33.76 10.07
C GLU C 119 -1.11 34.79 11.18
N PRO C 120 -1.59 34.38 12.37
CA PRO C 120 -1.65 35.31 13.52
C PRO C 120 -0.30 35.88 13.91
N VAL C 121 -0.15 37.19 13.74
CA VAL C 121 1.12 37.86 13.93
C VAL C 121 1.16 38.63 15.23
N ALA C 122 2.29 39.26 15.50
CA ALA C 122 2.37 40.16 16.66
C ALA C 122 1.94 41.55 16.20
N CYS C 123 2.35 42.60 16.90
CA CYS C 123 1.83 43.94 16.54
C CYS C 123 2.36 44.31 15.16
N LEU C 124 1.45 44.69 14.29
CA LEU C 124 1.84 45.11 12.95
C LEU C 124 2.13 46.60 13.05
N GLY C 125 1.95 47.20 14.23
CA GLY C 125 2.29 48.62 14.44
C GLY C 125 1.09 49.52 14.64
N ALA C 126 -0.05 49.18 14.05
CA ALA C 126 -1.26 50.02 14.16
C ALA C 126 -1.92 49.70 15.48
N CYS C 127 -1.25 49.91 16.56
CA CYS C 127 -1.82 49.58 17.87
C CYS C 127 -2.77 50.72 18.22
N GLY C 128 -2.85 51.76 17.36
CA GLY C 128 -3.90 52.77 17.58
C GLY C 128 -5.16 52.31 16.90
N LEU C 129 -5.12 52.11 15.60
CA LEU C 129 -6.24 51.56 14.85
C LEU C 129 -6.30 50.07 15.16
N ALA C 130 -6.98 49.73 16.25
CA ALA C 130 -7.10 48.35 16.65
C ALA C 130 -8.55 47.88 16.54
N PRO C 131 -8.79 46.63 16.12
CA PRO C 131 -7.83 45.61 15.66
C PRO C 131 -7.45 45.79 14.20
N VAL C 132 -6.25 45.33 13.84
CA VAL C 132 -5.78 45.37 12.47
C VAL C 132 -5.82 43.95 11.91
N MET C 133 -6.27 43.83 10.66
CA MET C 133 -6.37 42.55 9.95
C MET C 133 -5.74 42.75 8.58
N MET C 134 -4.43 42.58 8.48
CA MET C 134 -3.75 42.80 7.22
C MET C 134 -4.00 41.61 6.29
N VAL C 135 -4.25 41.90 5.02
CA VAL C 135 -4.66 40.91 4.05
C VAL C 135 -3.58 40.79 2.97
N ASP C 136 -2.31 40.90 3.40
CA ASP C 136 -1.03 40.77 2.70
C ASP C 136 -0.63 42.04 1.95
N GLU C 137 -1.50 43.05 1.85
CA GLU C 137 -1.09 44.27 1.16
C GLU C 137 -1.04 45.48 2.10
N ASP C 138 -2.13 45.80 2.79
CA ASP C 138 -2.20 47.07 3.50
C ASP C 138 -2.90 46.86 4.83
N THR C 139 -2.73 47.83 5.71
CA THR C 139 -3.40 47.82 7.00
C THR C 139 -4.93 47.90 6.82
N HIS C 140 -5.64 47.65 7.92
CA HIS C 140 -7.09 47.67 7.94
C HIS C 140 -7.51 48.02 9.36
N GLY C 141 -7.93 49.27 9.56
CA GLY C 141 -7.91 49.87 10.88
C GLY C 141 -8.99 49.46 11.86
N ARG C 142 -10.21 49.23 11.39
CA ARG C 142 -11.34 48.99 12.29
C ARG C 142 -11.68 47.51 12.39
N MET C 143 -12.04 46.89 11.26
CA MET C 143 -12.35 45.46 11.12
C MET C 143 -13.30 44.94 12.20
N THR C 144 -14.52 45.46 12.16
CA THR C 144 -15.62 44.97 12.96
C THR C 144 -16.01 43.60 12.38
N PRO C 145 -16.84 42.77 13.11
CA PRO C 145 -17.26 41.47 12.58
C PRO C 145 -17.89 41.38 11.18
N ASP C 146 -18.45 42.46 10.67
CA ASP C 146 -19.13 42.41 9.37
C ASP C 146 -18.23 42.80 8.22
N LYS C 147 -17.18 43.58 8.45
CA LYS C 147 -16.27 44.02 7.40
C LYS C 147 -15.25 42.97 6.94
N ILE C 148 -15.38 41.70 7.36
CA ILE C 148 -14.39 40.70 6.97
C ILE C 148 -14.71 40.11 5.60
N GLN C 149 -16.00 40.08 5.22
CA GLN C 149 -16.37 39.51 3.92
C GLN C 149 -15.94 40.40 2.77
N ALA C 150 -16.16 41.72 2.89
CA ALA C 150 -15.91 42.66 1.80
C ALA C 150 -14.44 42.77 1.39
N ILE C 151 -13.52 42.16 2.13
CA ILE C 151 -12.11 42.14 1.77
C ILE C 151 -11.64 40.75 1.34
N LEU C 152 -12.10 39.70 2.03
CA LEU C 152 -11.73 38.33 1.69
C LEU C 152 -12.24 37.88 0.32
N ASP C 153 -13.34 38.45 -0.17
CA ASP C 153 -13.72 38.15 -1.55
C ASP C 153 -12.95 39.00 -2.54
N LYS C 154 -12.54 40.21 -2.13
CA LYS C 154 -11.89 41.15 -3.05
C LYS C 154 -10.49 40.67 -3.43
N TYR C 155 -9.70 40.23 -2.45
CA TYR C 155 -8.31 39.90 -2.74
C TYR C 155 -8.14 38.54 -3.40
N GLN C 156 -9.18 37.70 -3.38
CA GLN C 156 -9.09 36.38 -3.99
C GLN C 156 -9.24 36.46 -5.51
N VAL D 4 -43.34 -4.69 26.78
CA VAL D 4 -43.94 -3.61 27.55
C VAL D 4 -43.07 -3.22 28.76
N PHE D 5 -42.50 -4.20 29.46
CA PHE D 5 -41.64 -3.89 30.60
C PHE D 5 -40.69 -5.05 30.86
N LYS D 6 -39.62 -4.72 31.58
CA LYS D 6 -38.48 -5.62 31.71
C LYS D 6 -37.89 -5.57 33.11
N LEU D 7 -37.22 -6.64 33.47
CA LEU D 7 -36.48 -6.78 34.71
C LEU D 7 -34.99 -6.76 34.40
N GLU D 8 -34.22 -6.18 35.32
CA GLU D 8 -32.78 -6.09 35.17
C GLU D 8 -32.11 -6.63 36.41
N ILE D 9 -31.04 -7.40 36.22
CA ILE D 9 -30.29 -7.96 37.33
C ILE D 9 -28.91 -7.29 37.34
N ASN D 10 -28.85 -6.06 36.88
CA ASN D 10 -27.60 -5.28 36.87
C ASN D 10 -27.24 -4.84 38.28
N PRO D 11 -26.06 -5.17 38.81
CA PRO D 11 -24.98 -5.97 38.22
C PRO D 11 -25.05 -7.46 38.55
N VAL D 12 -24.78 -8.29 37.55
CA VAL D 12 -24.70 -9.73 37.77
C VAL D 12 -23.46 -10.01 38.60
N THR D 13 -23.65 -10.59 39.77
CA THR D 13 -22.58 -10.71 40.75
C THR D 13 -22.00 -12.11 40.74
N ARG D 14 -20.85 -12.25 41.39
CA ARG D 14 -20.05 -13.48 41.49
C ARG D 14 -19.69 -14.05 40.12
N ILE D 15 -19.55 -13.16 39.13
CA ILE D 15 -18.89 -13.45 37.87
C ILE D 15 -17.86 -12.34 37.66
N GLU D 16 -16.98 -12.55 36.71
CA GLU D 16 -16.00 -11.53 36.39
C GLU D 16 -16.58 -10.57 35.38
N GLY D 17 -16.18 -9.32 35.46
CA GLY D 17 -16.60 -8.33 34.51
C GLY D 17 -17.91 -7.67 34.85
N HIS D 18 -18.48 -7.05 33.83
CA HIS D 18 -19.75 -6.33 33.95
C HIS D 18 -20.78 -7.04 33.09
N GLY D 19 -21.90 -7.42 33.71
CA GLY D 19 -22.96 -8.09 32.99
C GLY D 19 -24.30 -7.48 33.34
N LYS D 20 -25.30 -7.83 32.54
CA LYS D 20 -26.63 -7.27 32.72
C LYS D 20 -27.63 -8.23 32.10
N ILE D 21 -28.36 -8.96 32.93
CA ILE D 21 -29.45 -9.82 32.46
C ILE D 21 -30.74 -9.03 32.38
N THR D 22 -31.30 -8.87 31.19
CA THR D 22 -32.62 -8.28 31.06
C THR D 22 -33.63 -9.35 30.67
N VAL D 23 -34.79 -9.28 31.29
CA VAL D 23 -35.87 -10.26 31.11
C VAL D 23 -37.10 -9.43 30.75
N MET D 24 -37.36 -9.28 29.46
CA MET D 24 -38.54 -8.56 28.97
C MET D 24 -39.73 -9.48 29.03
N LEU D 25 -40.71 -9.09 29.84
CA LEU D 25 -41.94 -9.84 30.05
C LEU D 25 -43.04 -9.30 29.14
N ASP D 26 -44.18 -9.96 29.16
CA ASP D 26 -45.33 -9.54 28.38
C ASP D 26 -46.29 -8.76 29.27
N GLU D 27 -47.47 -8.42 28.74
CA GLU D 27 -48.49 -7.79 29.56
C GLU D 27 -49.06 -8.76 30.59
N SER D 28 -49.03 -10.06 30.31
CA SER D 28 -49.55 -11.04 31.24
C SER D 28 -48.54 -11.45 32.30
N GLY D 29 -47.31 -10.96 32.21
CA GLY D 29 -46.28 -11.29 33.17
C GLY D 29 -45.48 -12.54 32.87
N HIS D 30 -45.35 -12.90 31.60
CA HIS D 30 -44.58 -14.06 31.18
C HIS D 30 -43.45 -13.60 30.27
N VAL D 31 -42.36 -14.37 30.26
CA VAL D 31 -41.12 -13.97 29.60
C VAL D 31 -41.24 -13.99 28.10
N ARG D 32 -41.34 -12.80 27.49
CA ARG D 32 -41.20 -12.74 26.03
C ARG D 32 -39.80 -13.13 25.61
N GLU D 33 -38.78 -12.48 26.19
CA GLU D 33 -37.40 -12.84 25.84
C GLU D 33 -36.43 -12.32 26.87
N THR D 34 -35.32 -13.03 27.03
CA THR D 34 -34.21 -12.59 27.86
C THR D 34 -32.97 -12.40 27.01
N ARG D 35 -32.14 -11.47 27.42
CA ARG D 35 -30.82 -11.34 26.84
C ARG D 35 -29.84 -11.06 27.97
N PHE D 36 -28.56 -11.27 27.68
CA PHE D 36 -27.47 -11.06 28.63
C PHE D 36 -26.39 -10.19 28.00
N HIS D 37 -26.37 -8.93 28.39
CA HIS D 37 -25.39 -7.96 27.93
C HIS D 37 -24.13 -8.01 28.78
N VAL D 38 -23.01 -7.72 28.13
CA VAL D 38 -21.80 -7.29 28.81
C VAL D 38 -21.63 -5.79 28.60
N THR D 39 -21.59 -5.04 29.71
CA THR D 39 -21.68 -3.59 29.65
C THR D 39 -20.34 -2.91 29.78
N GLN D 40 -19.25 -3.60 29.47
CA GLN D 40 -17.93 -2.99 29.49
C GLN D 40 -17.22 -3.29 28.19
N TYR D 41 -16.39 -2.35 27.75
CA TYR D 41 -15.58 -2.50 26.55
C TYR D 41 -14.37 -1.60 26.72
N ARG D 42 -13.20 -2.11 26.36
CA ARG D 42 -11.99 -1.32 26.50
C ARG D 42 -11.31 -1.06 25.17
N GLY D 43 -11.24 -2.04 24.30
CA GLY D 43 -10.70 -1.78 22.99
C GLY D 43 -9.31 -2.31 22.73
N PHE D 44 -9.00 -3.52 23.22
CA PHE D 44 -7.69 -4.11 22.99
C PHE D 44 -7.43 -4.52 21.54
N GLU D 45 -8.33 -4.24 20.60
CA GLU D 45 -8.02 -4.40 19.20
C GLU D 45 -7.76 -3.07 18.52
N VAL D 46 -7.96 -1.96 19.23
CA VAL D 46 -7.57 -0.66 18.71
C VAL D 46 -6.46 0.01 19.51
N PHE D 47 -6.21 -0.41 20.76
CA PHE D 47 -5.03 0.05 21.51
C PHE D 47 -3.75 -0.19 20.73
N THR D 48 -3.61 -1.40 20.21
CA THR D 48 -2.34 -1.99 19.89
C THR D 48 -1.79 -1.60 18.53
N HIS D 49 -2.59 -0.95 17.68
CA HIS D 49 -2.14 -0.52 16.37
C HIS D 49 -1.01 0.49 16.51
N GLY D 50 0.20 0.07 16.12
CA GLY D 50 1.41 0.87 16.25
C GLY D 50 2.44 0.23 17.14
N ARG D 51 2.00 -0.55 18.12
CA ARG D 51 2.91 -1.14 19.08
C ARG D 51 3.73 -2.27 18.47
N ASP D 52 4.97 -2.39 18.94
CA ASP D 52 5.80 -3.55 18.65
C ASP D 52 5.12 -4.81 19.12
N PHE D 53 5.26 -5.89 18.34
CA PHE D 53 4.58 -7.15 18.69
C PHE D 53 5.11 -7.73 19.98
N ARG D 54 6.39 -7.48 20.31
CA ARG D 54 6.96 -7.91 21.57
C ARG D 54 6.28 -7.25 22.77
N GLU D 55 5.65 -6.10 22.57
CA GLU D 55 4.90 -5.46 23.62
C GLU D 55 3.57 -6.15 23.89
N MET D 56 3.15 -7.06 23.01
CA MET D 56 1.82 -7.64 23.12
C MET D 56 1.73 -8.67 24.24
N PRO D 57 2.73 -9.58 24.51
CA PRO D 57 2.61 -10.43 25.71
C PRO D 57 2.62 -9.71 27.06
N VAL D 58 2.69 -8.39 27.09
CA VAL D 58 2.62 -7.59 28.31
C VAL D 58 1.37 -6.72 28.25
N ILE D 59 0.93 -6.35 27.04
CA ILE D 59 -0.31 -5.58 26.93
C ILE D 59 -1.51 -6.50 27.08
N THR D 60 -1.47 -7.65 26.41
CA THR D 60 -2.59 -8.58 26.38
C THR D 60 -2.90 -9.26 27.71
N PRO D 61 -1.97 -9.53 28.64
CA PRO D 61 -2.43 -10.02 29.95
C PRO D 61 -3.35 -9.07 30.70
N ARG D 62 -3.40 -7.80 30.33
CA ARG D 62 -4.28 -6.84 30.99
C ARG D 62 -5.73 -6.93 30.51
N ILE D 63 -6.11 -7.99 29.79
CA ILE D 63 -7.50 -8.15 29.40
C ILE D 63 -8.24 -8.80 30.56
N CYS D 64 -7.52 -9.49 31.44
CA CYS D 64 -8.13 -10.17 32.57
C CYS D 64 -7.07 -10.55 33.60
N GLY D 65 -7.51 -10.59 34.84
CA GLY D 65 -6.62 -10.98 35.92
C GLY D 65 -6.93 -12.38 36.40
N ILE D 66 -8.05 -12.97 35.98
CA ILE D 66 -8.24 -14.35 36.39
C ILE D 66 -7.44 -15.24 35.48
N CYS D 67 -7.23 -14.82 34.25
CA CYS D 67 -6.41 -15.56 33.29
C CYS D 67 -5.35 -14.72 32.58
N PRO D 68 -4.44 -14.07 33.32
CA PRO D 68 -3.46 -13.21 32.65
C PRO D 68 -2.40 -14.01 31.94
N VAL D 69 -2.25 -15.28 32.30
CA VAL D 69 -1.24 -16.11 31.69
C VAL D 69 -1.80 -16.76 30.44
N SER D 70 -3.12 -16.97 30.38
CA SER D 70 -3.72 -17.49 29.16
C SER D 70 -3.52 -16.52 28.00
N HIS D 71 -3.77 -15.23 28.25
CA HIS D 71 -3.54 -14.23 27.22
C HIS D 71 -2.06 -14.04 26.96
N HIS D 72 -1.24 -14.08 28.03
CA HIS D 72 0.21 -14.11 27.90
C HIS D 72 0.69 -15.19 26.94
N LEU D 73 0.22 -16.42 27.11
CA LEU D 73 0.71 -17.54 26.33
C LEU D 73 0.15 -17.55 24.93
N ALA D 74 -1.09 -17.10 24.74
CA ALA D 74 -1.63 -16.98 23.40
C ALA D 74 -0.87 -15.92 22.62
N SER D 75 -0.60 -14.78 23.25
CA SER D 75 0.19 -13.73 22.61
C SER D 75 1.60 -14.21 22.34
N ALA D 76 2.15 -15.02 23.24
CA ALA D 76 3.48 -15.58 23.06
C ALA D 76 3.52 -16.52 21.87
N LYS D 77 2.50 -17.37 21.71
CA LYS D 77 2.46 -18.27 20.56
C LYS D 77 2.25 -17.50 19.27
N ALA D 78 1.44 -16.44 19.31
CA ALA D 78 1.27 -15.58 18.15
C ALA D 78 2.59 -14.93 17.73
N CYS D 79 3.34 -14.39 18.70
CA CYS D 79 4.61 -13.77 18.35
C CYS D 79 5.68 -14.80 17.98
N ASP D 80 5.58 -16.01 18.50
CA ASP D 80 6.48 -17.09 18.10
C ASP D 80 6.19 -17.55 16.68
N GLU D 81 4.94 -17.44 16.24
CA GLU D 81 4.64 -17.71 14.85
C GLU D 81 5.00 -16.52 13.96
N ILE D 82 5.02 -15.32 14.53
CA ILE D 82 5.54 -14.15 13.83
C ILE D 82 7.04 -14.29 13.60
N LEU D 83 7.78 -14.72 14.61
CA LEU D 83 9.21 -14.96 14.44
C LEU D 83 9.45 -16.20 13.60
N GLY D 84 8.70 -17.26 13.85
CA GLY D 84 8.91 -18.53 13.19
C GLY D 84 9.90 -19.42 13.92
N VAL D 85 9.70 -19.60 15.21
CA VAL D 85 10.60 -20.38 16.03
C VAL D 85 9.94 -21.72 16.31
N THR D 86 10.70 -22.64 16.90
CA THR D 86 10.36 -24.06 16.80
C THR D 86 9.13 -24.47 17.64
N ILE D 87 9.09 -24.27 18.98
CA ILE D 87 10.03 -23.70 19.96
C ILE D 87 10.58 -24.86 20.78
N THR D 88 11.53 -24.54 21.68
CA THR D 88 12.29 -25.54 22.43
C THR D 88 11.35 -26.41 23.27
N PRO D 89 11.63 -27.73 23.40
CA PRO D 89 10.78 -28.58 24.26
C PRO D 89 10.70 -28.13 25.72
N ALA D 90 11.81 -27.65 26.27
CA ALA D 90 11.80 -27.13 27.63
C ALA D 90 10.89 -25.91 27.76
N ALA D 91 10.86 -25.06 26.74
CA ALA D 91 9.94 -23.93 26.72
C ALA D 91 8.50 -24.39 26.65
N HIS D 92 8.23 -25.41 25.83
CA HIS D 92 6.91 -26.01 25.73
C HIS D 92 6.43 -26.50 27.08
N LYS D 93 7.29 -27.24 27.80
CA LYS D 93 6.89 -27.84 29.05
C LYS D 93 6.75 -26.80 30.16
N LEU D 94 7.58 -25.75 30.14
CA LEU D 94 7.45 -24.69 31.12
C LEU D 94 6.19 -23.87 30.89
N ARG D 95 5.90 -23.55 29.62
CA ARG D 95 4.66 -22.85 29.28
C ARG D 95 3.45 -23.67 29.67
N GLU D 96 3.53 -24.99 29.46
CA GLU D 96 2.45 -25.87 29.85
C GLU D 96 2.31 -25.93 31.38
N LEU D 97 3.41 -25.85 32.11
CA LEU D 97 3.34 -25.83 33.58
C LEU D 97 2.66 -24.56 34.08
N MET D 98 3.02 -23.41 33.50
CA MET D 98 2.36 -22.15 33.85
C MET D 98 0.89 -22.18 33.51
N HIS D 99 0.56 -22.75 32.34
CA HIS D 99 -0.83 -22.87 31.94
C HIS D 99 -1.62 -23.82 32.84
N MET D 100 -0.98 -24.89 33.34
CA MET D 100 -1.68 -25.80 34.23
C MET D 100 -1.91 -25.16 35.59
N GLY D 101 -0.91 -24.42 36.08
CA GLY D 101 -1.10 -23.63 37.29
C GLY D 101 -2.25 -22.64 37.15
N GLN D 102 -2.37 -22.04 35.97
CA GLN D 102 -3.44 -21.09 35.75
C GLN D 102 -4.79 -21.78 35.68
N ILE D 103 -4.85 -22.95 35.02
CA ILE D 103 -6.05 -23.79 34.98
C ILE D 103 -6.52 -24.08 36.40
N VAL D 104 -5.58 -24.50 37.25
CA VAL D 104 -5.88 -24.89 38.62
C VAL D 104 -6.41 -23.69 39.41
N GLN D 105 -5.73 -22.55 39.31
CA GLN D 105 -6.13 -21.39 40.11
C GLN D 105 -7.46 -20.81 39.63
N SER D 106 -7.67 -20.77 38.31
CA SER D 106 -8.91 -20.20 37.78
C SER D 106 -10.09 -21.09 38.08
N HIS D 107 -9.92 -22.41 37.98
CA HIS D 107 -11.01 -23.31 38.32
C HIS D 107 -11.26 -23.36 39.81
N ALA D 108 -10.21 -23.20 40.63
CA ALA D 108 -10.41 -23.08 42.07
C ALA D 108 -11.22 -21.85 42.43
N LEU D 109 -10.90 -20.72 41.81
CA LEU D 109 -11.66 -19.50 42.05
C LEU D 109 -13.08 -19.64 41.50
N SER D 110 -13.22 -20.35 40.38
CA SER D 110 -14.52 -20.48 39.75
C SER D 110 -15.44 -21.38 40.53
N PHE D 111 -14.90 -22.41 41.16
CA PHE D 111 -15.75 -23.29 41.94
C PHE D 111 -15.94 -22.72 43.33
N PHE D 112 -14.85 -22.54 44.07
CA PHE D 112 -14.93 -22.25 45.50
C PHE D 112 -15.32 -20.81 45.80
N HIS D 113 -14.94 -19.84 44.98
CA HIS D 113 -15.23 -18.47 45.35
C HIS D 113 -16.53 -17.97 44.74
N LEU D 114 -16.79 -18.31 43.49
CA LEU D 114 -17.90 -17.72 42.76
C LEU D 114 -19.12 -18.63 42.70
N SER D 115 -18.93 -19.93 42.53
CA SER D 115 -20.06 -20.82 42.31
C SER D 115 -20.31 -21.79 43.45
N SER D 116 -19.48 -21.79 44.49
CA SER D 116 -19.71 -22.70 45.62
C SER D 116 -20.90 -22.30 46.48
N PRO D 117 -21.18 -21.01 46.78
CA PRO D 117 -22.40 -20.68 47.54
C PRO D 117 -23.71 -21.27 46.98
N ASP D 118 -23.97 -21.15 45.68
CA ASP D 118 -25.19 -21.73 45.13
C ASP D 118 -25.17 -23.26 45.21
N ILE D 119 -24.00 -23.85 44.97
CA ILE D 119 -23.87 -25.32 44.98
C ILE D 119 -24.12 -25.87 46.37
N LEU D 120 -23.72 -25.14 47.41
CA LEU D 120 -23.85 -25.66 48.76
C LEU D 120 -25.15 -25.23 49.44
N TRP D 121 -25.39 -23.92 49.54
CA TRP D 121 -26.52 -23.42 50.28
C TRP D 121 -27.79 -23.32 49.47
N GLY D 122 -27.77 -23.69 48.19
CA GLY D 122 -29.00 -23.64 47.42
C GLY D 122 -29.32 -22.26 46.88
N PHE D 123 -30.04 -22.21 45.78
CA PHE D 123 -30.35 -20.97 45.09
C PHE D 123 -31.29 -20.05 45.86
N ASP D 124 -31.92 -20.52 46.93
CA ASP D 124 -32.83 -19.71 47.71
C ASP D 124 -32.22 -19.23 49.02
N ALA D 125 -30.93 -19.49 49.22
CA ALA D 125 -30.23 -19.06 50.44
C ALA D 125 -30.25 -17.53 50.58
N PRO D 126 -30.16 -17.01 51.82
CA PRO D 126 -30.11 -15.56 52.00
C PRO D 126 -28.87 -14.94 51.36
N VAL D 127 -29.01 -13.67 50.98
CA VAL D 127 -27.96 -12.99 50.24
C VAL D 127 -26.76 -12.67 51.11
N LYS D 128 -26.95 -12.56 52.43
CA LYS D 128 -25.84 -12.24 53.32
C LYS D 128 -24.88 -13.40 53.47
N ILE D 129 -25.36 -14.64 53.28
CA ILE D 129 -24.53 -15.82 53.47
C ILE D 129 -23.92 -16.30 52.16
N ARG D 130 -24.53 -15.95 51.04
CA ARG D 130 -24.08 -16.36 49.70
C ARG D 130 -22.92 -15.47 49.26
N ASN D 131 -21.71 -15.84 49.68
CA ASN D 131 -20.45 -15.18 49.32
C ASN D 131 -19.31 -16.05 49.83
N VAL D 132 -18.08 -15.61 49.59
CA VAL D 132 -16.91 -16.29 50.14
C VAL D 132 -16.82 -16.07 51.64
N ALA D 133 -17.34 -14.95 52.14
CA ALA D 133 -17.23 -14.61 53.56
C ALA D 133 -18.07 -15.55 54.42
N GLY D 134 -19.37 -15.67 54.10
CA GLY D 134 -20.23 -16.62 54.78
C GLY D 134 -19.79 -18.06 54.59
N LEU D 135 -19.01 -18.33 53.54
CA LEU D 135 -18.46 -19.65 53.32
C LEU D 135 -17.31 -19.92 54.27
N VAL D 136 -16.43 -18.92 54.46
CA VAL D 136 -15.38 -18.99 55.48
C VAL D 136 -16.01 -19.17 56.86
N ASP D 137 -17.12 -18.49 57.12
CA ASP D 137 -17.77 -18.56 58.42
C ASP D 137 -18.36 -19.96 58.65
N ARG D 138 -19.27 -20.40 57.78
CA ARG D 138 -19.99 -21.63 58.05
C ARG D 138 -19.19 -22.87 57.68
N TYR D 139 -18.48 -22.85 56.56
CA TYR D 139 -17.66 -23.97 56.13
C TYR D 139 -16.18 -23.61 56.23
N PRO D 140 -15.58 -23.64 57.43
CA PRO D 140 -14.22 -23.11 57.59
C PRO D 140 -13.14 -23.91 56.87
N GLU D 141 -13.40 -25.16 56.53
CA GLU D 141 -12.39 -25.99 55.90
C GLU D 141 -12.47 -25.98 54.38
N LEU D 142 -13.67 -25.90 53.79
CA LEU D 142 -13.78 -25.94 52.34
C LEU D 142 -13.30 -24.66 51.70
N ALA D 143 -13.60 -23.51 52.30
CA ALA D 143 -13.10 -22.24 51.80
C ALA D 143 -11.59 -22.17 51.90
N LYS D 144 -11.03 -22.69 52.99
CA LYS D 144 -9.58 -22.74 53.15
C LYS D 144 -8.95 -23.67 52.12
N LYS D 145 -9.62 -24.79 51.80
CA LYS D 145 -9.08 -25.71 50.80
C LYS D 145 -9.09 -25.08 49.41
N GLY D 146 -10.17 -24.38 49.06
CA GLY D 146 -10.22 -23.69 47.79
C GLY D 146 -9.18 -22.59 47.70
N ILE D 147 -8.98 -21.86 48.80
CA ILE D 147 -7.94 -20.85 48.88
C ILE D 147 -6.56 -21.48 48.70
N MET D 148 -6.36 -22.68 49.26
CA MET D 148 -5.08 -23.37 49.13
C MET D 148 -4.83 -23.82 47.69
N LEU D 149 -5.89 -24.27 47.01
CA LEU D 149 -5.75 -24.69 45.61
C LEU D 149 -5.42 -23.50 44.72
N ARG D 150 -6.13 -22.38 44.93
CA ARG D 150 -5.85 -21.15 44.20
C ARG D 150 -4.44 -20.66 44.48
N LYS D 151 -4.01 -20.76 45.73
CA LYS D 151 -2.66 -20.39 46.11
C LYS D 151 -1.61 -21.29 45.49
N PHE D 152 -1.93 -22.56 45.30
CA PHE D 152 -0.99 -23.47 44.64
C PHE D 152 -0.78 -23.07 43.19
N GLY D 153 -1.88 -22.84 42.48
CA GLY D 153 -1.79 -22.37 41.09
C GLY D 153 -1.02 -21.07 40.97
N GLN D 154 -1.34 -20.10 41.83
CA GLN D 154 -0.69 -18.81 41.74
C GLN D 154 0.74 -18.84 42.26
N GLU D 155 1.10 -19.81 43.10
CA GLU D 155 2.50 -19.96 43.47
C GLU D 155 3.31 -20.49 42.31
N ILE D 156 2.73 -21.40 41.51
CA ILE D 156 3.39 -21.81 40.27
C ILE D 156 3.57 -20.61 39.34
N ILE D 157 2.49 -19.83 39.14
CA ILE D 157 2.56 -18.67 38.26
C ILE D 157 3.54 -17.62 38.77
N LYS D 158 3.63 -17.46 40.09
CA LYS D 158 4.54 -16.48 40.67
C LYS D 158 5.99 -16.93 40.58
N THR D 159 6.23 -18.21 40.87
CA THR D 159 7.55 -18.82 40.70
C THR D 159 8.05 -18.67 39.27
N LEU D 160 7.19 -18.88 38.30
CA LEU D 160 7.62 -18.81 36.91
C LEU D 160 7.77 -17.38 36.42
N GLY D 161 6.82 -16.50 36.76
CA GLY D 161 6.79 -15.18 36.16
C GLY D 161 6.71 -13.99 37.10
N GLY D 162 7.39 -14.07 38.24
CA GLY D 162 7.52 -12.90 39.10
C GLY D 162 6.29 -12.51 39.89
N LYS D 163 5.26 -12.05 39.19
CA LYS D 163 4.02 -11.64 39.80
C LYS D 163 2.98 -12.75 39.66
N LYS D 164 1.97 -12.69 40.53
CA LYS D 164 0.86 -13.64 40.40
C LYS D 164 -0.08 -13.19 39.30
N ILE D 165 -0.63 -12.01 39.43
CA ILE D 165 -1.53 -11.45 38.44
C ILE D 165 -0.67 -10.64 37.48
N HIS D 166 -0.96 -10.78 36.18
CA HIS D 166 -0.21 -10.25 35.05
C HIS D 166 1.25 -10.67 35.15
N PRO D 167 1.58 -11.94 34.96
CA PRO D 167 2.99 -12.34 35.01
C PRO D 167 3.68 -12.14 33.67
N TRP D 168 4.99 -12.05 33.74
CA TRP D 168 5.82 -11.99 32.56
C TRP D 168 6.84 -13.11 32.67
N HIS D 169 6.60 -14.17 31.92
CA HIS D 169 7.45 -15.35 31.94
C HIS D 169 7.82 -15.87 30.56
N SER D 170 7.03 -15.57 29.54
CA SER D 170 7.18 -16.12 28.21
C SER D 170 7.44 -14.98 27.24
N ILE D 171 8.66 -14.92 26.73
CA ILE D 171 9.09 -13.92 25.76
C ILE D 171 8.58 -14.33 24.38
N PRO D 172 8.63 -13.45 23.36
CA PRO D 172 8.39 -13.96 22.01
C PRO D 172 9.57 -14.79 21.55
N GLY D 173 9.40 -16.12 21.53
CA GLY D 173 10.48 -16.98 21.12
C GLY D 173 10.77 -18.12 22.08
N GLY D 174 10.43 -17.93 23.35
CA GLY D 174 10.70 -18.95 24.33
C GLY D 174 10.18 -18.66 25.72
N VAL D 175 10.99 -18.94 26.73
CA VAL D 175 10.63 -18.80 28.13
C VAL D 175 11.78 -18.12 28.86
N ASN D 176 11.45 -17.20 29.78
CA ASN D 176 12.49 -16.39 30.40
C ASN D 176 13.21 -17.12 31.53
N ARG D 177 12.52 -17.99 32.25
CA ARG D 177 13.10 -18.53 33.47
C ARG D 177 12.61 -19.95 33.69
N SER D 178 13.55 -20.81 34.07
CA SER D 178 13.30 -22.21 34.34
C SER D 178 13.01 -22.41 35.83
N LEU D 179 13.03 -23.67 36.27
CA LEU D 179 12.70 -24.02 37.65
C LEU D 179 13.91 -24.68 38.30
N THR D 180 14.42 -24.08 39.37
CA THR D 180 15.51 -24.73 40.08
C THR D 180 14.93 -25.88 40.91
N PRO D 181 15.70 -26.95 41.17
CA PRO D 181 15.15 -28.13 41.88
C PRO D 181 14.46 -27.88 43.22
N GLN D 182 14.88 -26.87 43.99
CA GLN D 182 14.26 -26.59 45.28
C GLN D 182 12.79 -26.23 45.13
N GLU D 183 12.47 -25.31 44.22
CA GLU D 183 11.08 -24.91 44.07
C GLU D 183 10.28 -25.98 43.33
N ARG D 184 10.93 -26.77 42.48
CA ARG D 184 10.27 -27.92 41.87
C ARG D 184 9.80 -28.90 42.95
N ASP D 185 10.70 -29.25 43.88
CA ASP D 185 10.33 -30.14 44.98
C ASP D 185 9.30 -29.49 45.88
N ALA D 186 9.37 -28.16 46.05
CA ALA D 186 8.38 -27.46 46.87
C ALA D 186 6.99 -27.55 46.26
N ILE D 187 6.88 -27.37 44.94
CA ILE D 187 5.60 -27.49 44.25
C ILE D 187 5.11 -28.92 44.26
N ALA D 188 6.02 -29.89 44.10
CA ALA D 188 5.63 -31.30 44.09
C ALA D 188 5.25 -31.82 45.46
N ALA D 189 5.73 -31.20 46.54
CA ALA D 189 5.42 -31.69 47.88
C ALA D 189 4.00 -31.33 48.34
N GLN D 190 3.30 -30.47 47.61
CA GLN D 190 1.94 -30.12 47.96
C GLN D 190 0.91 -30.79 47.08
N LEU D 191 1.33 -31.55 46.07
CA LEU D 191 0.40 -32.16 45.12
C LEU D 191 -0.44 -33.29 45.74
N PRO D 192 0.07 -34.17 46.62
CA PRO D 192 -0.84 -35.10 47.31
C PRO D 192 -1.95 -34.43 48.12
N GLU D 193 -1.74 -33.20 48.57
CA GLU D 193 -2.77 -32.48 49.31
C GLU D 193 -3.72 -31.74 48.39
N MET D 194 -3.19 -31.12 47.34
CA MET D 194 -4.04 -30.39 46.41
C MET D 194 -4.90 -31.34 45.59
N LYS D 195 -4.39 -32.54 45.25
CA LYS D 195 -5.21 -33.54 44.60
C LYS D 195 -6.32 -34.04 45.52
N SER D 196 -6.04 -34.13 46.82
CA SER D 196 -7.07 -34.48 47.79
C SER D 196 -8.16 -33.43 47.84
N ILE D 197 -7.76 -32.15 47.82
CA ILE D 197 -8.72 -31.03 47.77
C ILE D 197 -9.60 -31.14 46.54
N ALA D 198 -8.97 -31.38 45.38
CA ALA D 198 -9.70 -31.45 44.11
C ALA D 198 -10.64 -32.64 44.09
N MET D 199 -10.22 -33.79 44.62
CA MET D 199 -11.08 -34.97 44.63
C MET D 199 -12.23 -34.82 45.62
N GLU D 200 -12.01 -34.13 46.74
CA GLU D 200 -13.10 -33.86 47.66
C GLU D 200 -14.12 -32.93 47.03
N ALA D 201 -13.65 -31.94 46.26
CA ALA D 201 -14.56 -31.07 45.54
C ALA D 201 -15.32 -31.82 44.45
N ILE D 202 -14.65 -32.76 43.77
CA ILE D 202 -15.29 -33.61 42.76
C ILE D 202 -16.41 -34.43 43.40
N LYS D 203 -16.13 -35.03 44.55
CA LYS D 203 -17.13 -35.82 45.26
C LYS D 203 -18.30 -34.96 45.72
N LEU D 204 -18.01 -33.75 46.20
CA LEU D 204 -19.06 -32.84 46.65
C LEU D 204 -19.96 -32.41 45.50
N ILE D 205 -19.38 -32.08 44.35
CA ILE D 205 -20.21 -31.64 43.22
C ILE D 205 -20.93 -32.83 42.61
N LYS D 206 -20.35 -34.03 42.69
CA LYS D 206 -21.04 -35.22 42.18
C LYS D 206 -22.20 -35.60 43.08
N ASP D 207 -22.11 -35.28 44.37
CA ASP D 207 -23.24 -35.52 45.26
C ASP D 207 -24.31 -34.45 45.10
N TYR D 208 -23.90 -33.23 44.75
CA TYR D 208 -24.88 -32.18 44.46
C TYR D 208 -25.65 -32.51 43.20
N LEU D 209 -24.94 -32.92 42.14
CA LEU D 209 -25.61 -33.25 40.89
C LEU D 209 -26.43 -34.53 41.00
N GLN D 210 -25.99 -35.48 41.84
CA GLN D 210 -26.75 -36.70 42.03
C GLN D 210 -27.97 -36.48 42.93
N GLU D 211 -27.94 -35.44 43.78
CA GLU D 211 -29.09 -35.20 44.65
C GLU D 211 -30.24 -34.59 43.88
N GLY D 212 -30.01 -33.43 43.26
CA GLY D 212 -30.97 -32.85 42.35
C GLY D 212 -30.97 -33.57 41.01
N GLY D 213 -31.47 -34.81 40.99
CA GLY D 213 -31.32 -35.74 39.87
C GLY D 213 -31.64 -35.26 38.48
N GLU D 214 -32.91 -34.99 38.20
CA GLU D 214 -33.33 -34.66 36.85
C GLU D 214 -33.54 -33.18 36.62
N GLU D 215 -33.85 -32.40 37.67
CA GLU D 215 -34.03 -30.97 37.54
C GLU D 215 -32.74 -30.27 37.13
N LEU D 216 -31.63 -30.59 37.80
CA LEU D 216 -30.34 -30.04 37.45
C LEU D 216 -29.79 -30.62 36.15
N LYS D 217 -30.44 -31.63 35.59
CA LYS D 217 -30.09 -32.19 34.29
C LYS D 217 -30.86 -31.51 33.16
N GLU D 218 -31.84 -30.65 33.47
CA GLU D 218 -32.50 -29.85 32.45
C GLU D 218 -32.41 -28.37 32.77
N PHE D 219 -31.50 -27.99 33.67
CA PHE D 219 -31.28 -26.60 34.07
C PHE D 219 -30.39 -25.97 33.00
N ALA D 220 -31.04 -25.35 32.01
CA ALA D 220 -30.39 -24.65 30.89
C ALA D 220 -29.53 -25.57 30.05
N THR D 221 -30.02 -26.77 29.80
CA THR D 221 -29.28 -27.78 29.06
C THR D 221 -29.77 -27.84 27.62
N LEU D 222 -29.08 -27.13 26.73
CA LEU D 222 -29.41 -27.12 25.32
C LEU D 222 -28.31 -27.81 24.53
N ASP D 223 -28.71 -28.50 23.47
CA ASP D 223 -27.78 -29.30 22.68
C ASP D 223 -27.08 -28.39 21.66
N THR D 224 -25.78 -28.19 21.84
CA THR D 224 -24.97 -27.36 20.97
C THR D 224 -23.67 -28.10 20.67
N ALA D 225 -22.78 -27.44 19.93
CA ALA D 225 -21.52 -28.04 19.54
C ALA D 225 -20.43 -27.73 20.57
N TYR D 226 -19.39 -28.56 20.57
CA TYR D 226 -18.36 -28.57 21.60
C TYR D 226 -16.99 -28.38 20.99
N MET D 227 -16.45 -27.18 21.08
CA MET D 227 -15.12 -26.87 20.58
C MET D 227 -14.09 -27.08 21.68
N GLY D 228 -12.98 -27.71 21.33
CA GLY D 228 -11.90 -27.89 22.27
C GLY D 228 -10.61 -28.06 21.52
N LEU D 229 -9.53 -28.23 22.27
CA LEU D 229 -8.22 -28.54 21.69
C LEU D 229 -7.92 -30.00 21.98
N VAL D 230 -7.30 -30.66 21.01
CA VAL D 230 -6.97 -32.08 21.12
C VAL D 230 -5.59 -32.37 20.56
N ARG D 231 -4.88 -33.29 21.22
CA ARG D 231 -3.73 -34.00 20.67
C ARG D 231 -4.28 -35.11 19.77
N ASP D 232 -3.42 -36.09 19.44
CA ASP D 232 -3.73 -37.24 18.58
C ASP D 232 -5.14 -37.78 18.82
N GLY D 233 -5.49 -38.01 20.08
CA GLY D 233 -6.85 -38.27 20.47
C GLY D 233 -7.16 -37.73 21.86
N TYR D 234 -6.22 -36.99 22.45
CA TYR D 234 -6.28 -36.70 23.87
C TYR D 234 -6.78 -35.28 24.15
N LEU D 235 -6.80 -34.93 25.44
CA LEU D 235 -7.20 -33.60 25.91
C LEU D 235 -5.94 -32.78 26.16
N GLU D 236 -5.61 -31.89 25.26
CA GLU D 236 -4.47 -31.01 25.44
C GLU D 236 -4.96 -29.58 25.67
N LEU D 237 -4.35 -28.90 26.64
CA LEU D 237 -4.77 -27.56 27.02
C LEU D 237 -3.84 -26.47 26.52
N TYR D 238 -2.63 -26.79 26.10
CA TYR D 238 -1.70 -25.77 25.62
C TYR D 238 -1.63 -25.70 24.10
N ASP D 239 -1.47 -26.83 23.43
CA ASP D 239 -1.37 -26.87 21.98
C ASP D 239 -2.45 -27.83 21.46
N GLY D 240 -2.40 -28.15 20.17
CA GLY D 240 -3.27 -29.14 19.59
C GLY D 240 -4.22 -28.54 18.57
N GLU D 241 -4.91 -29.43 17.87
CA GLU D 241 -5.87 -29.04 16.86
C GLU D 241 -7.21 -28.71 17.48
N VAL D 242 -7.98 -27.90 16.81
CA VAL D 242 -9.31 -27.53 17.27
C VAL D 242 -10.30 -28.56 16.76
N ARG D 243 -11.15 -29.06 17.65
CA ARG D 243 -12.12 -30.10 17.35
C ARG D 243 -13.49 -29.60 17.77
N ILE D 244 -14.42 -29.56 16.82
CA ILE D 244 -15.79 -29.15 17.10
C ILE D 244 -16.64 -30.41 17.00
N LYS D 245 -17.01 -30.96 18.14
CA LYS D 245 -17.90 -32.10 18.13
C LYS D 245 -19.33 -31.62 17.96
N ALA D 246 -20.04 -32.23 17.02
CA ALA D 246 -21.45 -31.97 16.79
C ALA D 246 -22.24 -32.32 18.06
N PRO D 247 -23.50 -31.80 18.21
CA PRO D 247 -24.26 -32.07 19.46
C PRO D 247 -24.55 -33.51 19.82
N ARG D 248 -24.19 -34.49 18.99
CA ARG D 248 -24.45 -35.89 19.32
C ARG D 248 -23.29 -36.81 19.00
N GLY D 249 -22.04 -36.33 18.92
CA GLY D 249 -20.87 -37.18 18.95
C GLY D 249 -19.92 -37.09 17.78
N ARG D 250 -20.41 -36.70 16.61
CA ARG D 250 -19.57 -36.74 15.42
C ARG D 250 -18.64 -35.54 15.35
N ILE D 251 -17.35 -35.81 15.14
CA ILE D 251 -16.34 -34.76 15.03
C ILE D 251 -16.63 -33.98 13.75
N LEU D 252 -17.01 -32.72 13.91
CA LEU D 252 -17.33 -31.84 12.80
C LEU D 252 -16.20 -30.84 12.62
N ASP D 253 -15.42 -31.00 11.55
CA ASP D 253 -14.38 -30.05 11.13
C ASP D 253 -13.31 -29.86 12.21
N GLN D 254 -12.55 -30.93 12.42
CA GLN D 254 -11.29 -30.81 13.15
C GLN D 254 -10.26 -30.08 12.31
N PHE D 255 -9.71 -28.97 12.82
CA PHE D 255 -8.84 -28.15 11.99
C PHE D 255 -7.66 -27.60 12.77
N ASP D 256 -6.59 -27.34 12.03
CA ASP D 256 -5.40 -26.68 12.55
C ASP D 256 -5.80 -25.29 13.03
N PRO D 257 -5.42 -24.88 14.24
CA PRO D 257 -5.77 -23.53 14.72
C PRO D 257 -5.30 -22.36 13.88
N LYS D 258 -4.33 -22.56 12.98
CA LYS D 258 -3.85 -21.47 12.13
C LYS D 258 -4.96 -21.00 11.19
N ASP D 259 -5.45 -21.90 10.34
CA ASP D 259 -6.53 -21.51 9.43
C ASP D 259 -7.84 -21.63 10.19
N TYR D 260 -8.16 -20.56 10.92
CA TYR D 260 -9.40 -20.47 11.69
C TYR D 260 -10.39 -19.47 11.12
N LEU D 261 -9.93 -18.50 10.32
CA LEU D 261 -10.83 -17.50 9.73
C LEU D 261 -11.79 -18.12 8.73
N ASP D 262 -11.50 -19.31 8.22
CA ASP D 262 -12.39 -20.00 7.30
C ASP D 262 -13.41 -20.87 8.02
N HIS D 263 -13.40 -20.88 9.34
CA HIS D 263 -14.34 -21.69 10.10
C HIS D 263 -15.13 -20.91 11.14
N ILE D 264 -14.52 -19.94 11.80
CA ILE D 264 -15.14 -19.21 12.91
C ILE D 264 -15.49 -17.81 12.44
N GLY D 265 -16.71 -17.37 12.72
CA GLY D 265 -17.11 -16.01 12.46
C GLY D 265 -17.72 -15.39 13.71
N GLU D 266 -17.89 -14.07 13.68
CA GLU D 266 -18.42 -13.35 14.82
C GLU D 266 -19.59 -12.50 14.38
N HIS D 267 -20.77 -12.74 14.97
CA HIS D 267 -21.94 -11.93 14.72
C HIS D 267 -22.04 -10.87 15.81
N VAL D 268 -22.32 -9.63 15.41
CA VAL D 268 -22.34 -8.51 16.33
C VAL D 268 -23.79 -8.17 16.63
N GLU D 269 -24.26 -8.59 17.77
CA GLU D 269 -25.63 -8.22 18.04
C GLU D 269 -25.65 -6.84 18.69
N PRO D 270 -26.68 -6.03 18.41
CA PRO D 270 -26.71 -4.65 18.92
C PRO D 270 -26.69 -4.53 20.43
N TRP D 271 -27.29 -5.48 21.13
CA TRP D 271 -27.57 -5.32 22.55
C TRP D 271 -26.39 -5.68 23.44
N SER D 272 -25.24 -6.03 22.91
CA SER D 272 -24.14 -6.41 23.78
C SER D 272 -22.82 -6.11 23.09
N TYR D 273 -21.81 -5.84 23.92
CA TYR D 273 -20.47 -5.65 23.38
C TYR D 273 -19.79 -6.97 23.02
N LEU D 274 -20.36 -8.10 23.44
CA LEU D 274 -19.79 -9.39 23.12
C LEU D 274 -20.24 -9.86 21.74
N LYS D 275 -19.29 -10.12 20.87
CA LYS D 275 -19.59 -10.78 19.61
C LYS D 275 -20.00 -12.23 19.89
N PHE D 276 -20.58 -12.84 18.88
CA PHE D 276 -20.98 -14.25 18.93
C PHE D 276 -20.18 -15.03 17.93
N PRO D 277 -19.09 -15.68 18.31
CA PRO D 277 -18.43 -16.61 17.39
C PRO D 277 -19.26 -17.85 17.16
N PHE D 278 -19.14 -18.38 15.95
CA PHE D 278 -19.93 -19.50 15.50
C PHE D 278 -19.19 -20.19 14.38
N TYR D 279 -19.51 -21.47 14.20
CA TYR D 279 -18.97 -22.24 13.09
C TYR D 279 -19.61 -21.74 11.80
N LYS D 280 -18.79 -21.12 10.94
CA LYS D 280 -19.28 -20.28 9.84
C LYS D 280 -20.12 -21.06 8.82
N ALA D 281 -19.84 -22.35 8.64
CA ALA D 281 -20.56 -23.11 7.62
C ALA D 281 -22.02 -23.29 7.98
N LEU D 282 -22.34 -23.38 9.27
CA LEU D 282 -23.72 -23.54 9.70
C LEU D 282 -24.43 -22.21 9.87
N GLY D 283 -23.71 -21.14 10.18
CA GLY D 283 -24.31 -19.83 10.27
C GLY D 283 -24.84 -19.50 11.65
N PHE D 284 -24.94 -18.21 11.92
CA PHE D 284 -25.54 -17.74 13.16
C PHE D 284 -27.06 -17.78 13.04
N PRO D 285 -27.78 -18.34 14.04
CA PRO D 285 -27.29 -18.91 15.28
C PRO D 285 -27.31 -20.42 15.33
N HIS D 286 -26.87 -21.07 14.26
CA HIS D 286 -26.86 -22.52 14.21
C HIS D 286 -25.46 -23.09 14.21
N GLY D 287 -24.45 -22.28 13.99
CA GLY D 287 -23.07 -22.70 14.14
C GLY D 287 -22.47 -22.43 15.48
N SER D 288 -23.20 -21.74 16.34
CA SER D 288 -22.72 -21.44 17.68
C SER D 288 -22.45 -22.72 18.46
N TYR D 289 -21.34 -22.73 19.16
CA TYR D 289 -20.86 -23.90 19.88
C TYR D 289 -20.60 -23.53 21.32
N ARG D 290 -20.15 -24.51 22.10
CA ARG D 290 -19.75 -24.30 23.47
C ARG D 290 -18.25 -24.49 23.60
N VAL D 291 -17.69 -23.87 24.62
CA VAL D 291 -16.30 -24.02 25.00
C VAL D 291 -16.26 -24.17 26.52
N GLY D 292 -15.06 -24.28 27.06
CA GLY D 292 -14.90 -24.43 28.48
C GLY D 292 -14.68 -25.88 28.82
N PRO D 293 -14.74 -26.22 30.11
CA PRO D 293 -14.43 -27.59 30.56
C PRO D 293 -15.34 -28.67 29.99
N LEU D 294 -16.65 -28.41 29.99
CA LEU D 294 -17.65 -29.34 29.45
C LEU D 294 -17.34 -29.71 28.01
N ALA D 295 -17.10 -28.69 27.17
CA ALA D 295 -16.85 -28.94 25.76
C ALA D 295 -15.55 -29.69 25.52
N ARG D 296 -14.55 -29.44 26.35
CA ARG D 296 -13.29 -30.16 26.23
C ARG D 296 -13.45 -31.63 26.56
N LEU D 297 -14.04 -31.92 27.72
CA LEU D 297 -14.25 -33.32 28.10
C LEU D 297 -15.22 -34.01 27.14
N ASN D 298 -16.14 -33.27 26.53
CA ASN D 298 -17.02 -33.86 25.53
C ASN D 298 -16.29 -34.11 24.23
N ALA D 299 -15.31 -33.27 23.89
CA ALA D 299 -14.61 -33.42 22.63
C ALA D 299 -13.42 -34.36 22.73
N ALA D 300 -12.84 -34.51 23.91
CA ALA D 300 -11.70 -35.40 24.10
C ALA D 300 -12.17 -36.84 24.18
N ASP D 301 -11.50 -37.72 23.44
CA ASP D 301 -11.84 -39.14 23.51
C ASP D 301 -11.18 -39.81 24.71
N ALA D 302 -10.06 -39.26 25.19
CA ALA D 302 -9.38 -39.78 26.36
C ALA D 302 -8.52 -38.66 26.93
N VAL D 303 -8.18 -38.79 28.21
CA VAL D 303 -7.23 -37.89 28.86
C VAL D 303 -5.96 -38.68 29.13
N SER D 304 -4.85 -37.95 29.28
CA SER D 304 -3.56 -38.59 29.39
C SER D 304 -3.17 -38.96 30.80
N THR D 305 -3.61 -38.18 31.79
CA THR D 305 -3.20 -38.39 33.17
C THR D 305 -3.83 -39.67 33.74
N PRO D 306 -3.13 -40.35 34.68
CA PRO D 306 -3.65 -41.62 35.21
C PRO D 306 -4.87 -41.54 36.12
N GLU D 307 -4.82 -40.71 37.17
CA GLU D 307 -5.85 -40.71 38.19
C GLU D 307 -7.06 -39.88 37.79
N ALA D 308 -6.87 -38.85 36.97
CA ALA D 308 -8.00 -38.12 36.44
C ALA D 308 -8.73 -38.87 35.34
N SER D 309 -8.10 -39.90 34.78
CA SER D 309 -8.74 -40.69 33.73
C SER D 309 -9.92 -41.49 34.27
N LYS D 310 -9.83 -41.97 35.51
CA LYS D 310 -10.94 -42.70 36.12
C LYS D 310 -12.18 -41.83 36.23
N GLU D 311 -12.02 -40.61 36.74
CA GLU D 311 -13.18 -39.76 36.90
C GLU D 311 -13.61 -39.16 35.56
N PHE D 312 -12.70 -39.05 34.59
CA PHE D 312 -13.10 -38.68 33.24
C PHE D 312 -13.95 -39.77 32.61
N ALA D 313 -13.61 -41.03 32.87
CA ALA D 313 -14.43 -42.15 32.39
C ALA D 313 -15.78 -42.14 33.06
N LEU D 314 -15.83 -41.84 34.37
CA LEU D 314 -17.10 -41.71 35.08
C LEU D 314 -17.93 -40.55 34.53
N TYR D 315 -17.27 -39.50 34.06
CA TYR D 315 -17.98 -38.40 33.40
C TYR D 315 -18.52 -38.85 32.06
N LYS D 316 -17.76 -39.65 31.32
CA LYS D 316 -18.17 -40.04 29.97
C LYS D 316 -19.30 -41.05 30.00
N GLU D 317 -19.37 -41.91 31.03
CA GLU D 317 -20.53 -42.80 31.13
C GLU D 317 -21.69 -42.11 31.87
N MET D 318 -21.99 -40.88 31.47
CA MET D 318 -23.09 -40.11 32.00
C MET D 318 -23.83 -39.36 30.92
N GLY D 319 -23.37 -39.43 29.68
CA GLY D 319 -23.83 -38.47 28.69
C GLY D 319 -24.11 -38.95 27.29
N GLU D 320 -24.60 -40.18 27.08
CA GLU D 320 -25.16 -40.68 25.80
C GLU D 320 -24.13 -40.56 24.66
N ASP D 321 -23.11 -41.41 24.77
CA ASP D 321 -21.97 -41.52 23.82
C ASP D 321 -21.08 -40.28 23.93
N GLY D 322 -20.63 -40.00 25.15
CA GLY D 322 -19.59 -39.02 25.39
C GLY D 322 -19.99 -37.56 25.32
N ILE D 323 -21.24 -37.24 25.00
CA ILE D 323 -21.61 -35.84 24.83
C ILE D 323 -22.52 -35.42 25.97
N VAL D 324 -21.92 -34.93 27.04
CA VAL D 324 -22.64 -34.44 28.22
C VAL D 324 -23.19 -33.05 27.95
N PRO D 325 -24.51 -32.89 27.83
CA PRO D 325 -25.08 -31.59 27.47
C PRO D 325 -25.48 -30.71 28.64
N TYR D 326 -25.38 -31.20 29.87
CA TYR D 326 -25.91 -30.49 31.01
C TYR D 326 -25.07 -29.30 31.42
N THR D 327 -25.75 -28.19 31.70
CA THR D 327 -25.06 -26.95 32.02
C THR D 327 -24.44 -27.02 33.41
N LEU D 328 -25.14 -27.57 34.39
CA LEU D 328 -24.57 -27.64 35.73
C LEU D 328 -23.36 -28.56 35.82
N TYR D 329 -23.27 -29.55 34.92
CA TYR D 329 -22.10 -30.41 34.91
C TYR D 329 -20.82 -29.68 34.52
N TYR D 330 -20.92 -28.45 33.97
CA TYR D 330 -19.78 -27.53 33.80
C TYR D 330 -19.01 -27.31 35.07
N HIS D 331 -19.63 -27.53 36.23
CA HIS D 331 -18.89 -27.49 37.49
C HIS D 331 -18.04 -28.74 37.63
N TYR D 332 -18.71 -29.90 37.53
CA TYR D 332 -18.09 -31.23 37.61
C TYR D 332 -16.88 -31.33 36.71
N ALA D 333 -17.11 -31.16 35.38
CA ALA D 333 -16.06 -31.17 34.36
C ALA D 333 -14.91 -30.26 34.74
N ARG D 334 -15.23 -29.06 35.26
CA ARG D 334 -14.26 -28.06 35.68
C ARG D 334 -13.22 -28.68 36.61
N LEU D 335 -13.70 -29.35 37.64
CA LEU D 335 -12.82 -29.92 38.64
C LEU D 335 -11.98 -31.05 38.06
N ILE D 336 -12.56 -31.83 37.12
CA ILE D 336 -11.80 -32.82 36.35
C ILE D 336 -10.59 -32.17 35.74
N GLU D 337 -10.84 -31.06 35.03
CA GLU D 337 -9.80 -30.19 34.49
C GLU D 337 -8.76 -29.87 35.54
N ALA D 338 -9.22 -29.35 36.69
CA ALA D 338 -8.37 -29.05 37.83
C ALA D 338 -7.55 -30.27 38.19
N LEU D 339 -8.23 -31.41 38.39
CA LEU D 339 -7.60 -32.70 38.64
C LEU D 339 -6.54 -32.98 37.61
N TYR D 340 -6.95 -32.93 36.32
CA TYR D 340 -6.06 -33.10 35.18
C TYR D 340 -4.85 -32.19 35.32
N GLY D 341 -5.12 -30.89 35.51
CA GLY D 341 -4.07 -29.89 35.66
C GLY D 341 -3.08 -30.28 36.72
N LEU D 342 -3.59 -30.68 37.89
CA LEU D 342 -2.74 -31.10 39.01
C LEU D 342 -1.88 -32.27 38.59
N GLU D 343 -2.52 -33.31 38.04
CA GLU D 343 -1.79 -34.49 37.62
C GLU D 343 -0.92 -34.20 36.40
N ARG D 344 -1.21 -33.14 35.66
CA ARG D 344 -0.30 -32.79 34.59
C ARG D 344 0.94 -32.13 35.15
N ILE D 345 0.78 -31.34 36.23
CA ILE D 345 1.89 -30.73 36.93
C ILE D 345 2.88 -31.79 37.38
N GLU D 346 2.35 -32.86 38.00
CA GLU D 346 3.16 -33.99 38.46
C GLU D 346 3.94 -34.64 37.33
N GLN D 347 3.43 -34.56 36.10
CA GLN D 347 4.16 -35.12 34.97
C GLN D 347 5.24 -34.16 34.49
N LEU D 348 4.96 -32.86 34.52
CA LEU D 348 5.95 -31.88 34.10
C LEU D 348 7.07 -31.74 35.12
N LEU D 349 6.75 -31.89 36.40
CA LEU D 349 7.77 -31.82 37.42
C LEU D 349 8.60 -33.10 37.53
N ALA D 350 8.17 -34.18 36.90
CA ALA D 350 8.95 -35.41 36.86
C ALA D 350 9.83 -35.51 35.63
N ASP D 351 9.87 -34.47 34.81
CA ASP D 351 10.68 -34.47 33.61
C ASP D 351 11.94 -33.65 33.84
N PRO D 352 13.12 -34.06 33.37
CA PRO D 352 14.33 -33.25 33.57
C PRO D 352 14.47 -32.04 32.66
N ASP D 353 13.41 -31.63 31.98
CA ASP D 353 13.47 -30.51 31.04
C ASP D 353 12.91 -29.21 31.61
N ILE D 354 12.12 -29.26 32.68
CA ILE D 354 11.65 -28.02 33.28
C ILE D 354 12.79 -27.31 34.00
N THR D 355 13.79 -28.05 34.44
CA THR D 355 14.93 -27.49 35.14
C THR D 355 16.08 -27.17 34.22
N SER D 356 15.87 -27.23 32.91
CA SER D 356 16.96 -27.11 31.95
C SER D 356 17.40 -25.65 31.80
N SER D 357 18.28 -25.40 30.84
CA SER D 357 18.80 -24.06 30.62
C SER D 357 18.71 -23.63 29.16
N ASP D 358 18.18 -24.47 28.27
CA ASP D 358 17.94 -24.11 26.88
C ASP D 358 16.45 -23.81 26.74
N LEU D 359 16.07 -22.56 27.03
CA LEU D 359 14.67 -22.20 27.06
C LEU D 359 14.22 -21.32 25.91
N ARG D 360 15.13 -20.58 25.29
CA ARG D 360 14.77 -19.58 24.29
C ARG D 360 15.37 -19.92 22.94
N VAL D 361 14.70 -19.47 21.88
CA VAL D 361 15.19 -19.58 20.52
C VAL D 361 14.94 -18.25 19.84
N THR D 362 15.98 -17.62 19.32
CA THR D 362 15.86 -16.31 18.68
C THR D 362 15.84 -16.49 17.18
N SER D 363 15.28 -15.49 16.50
CA SER D 363 15.22 -15.51 15.04
C SER D 363 14.92 -14.11 14.52
N LYS D 364 15.45 -13.83 13.35
CA LYS D 364 15.06 -12.69 12.54
C LYS D 364 13.94 -13.15 11.61
N GLU D 365 13.65 -12.39 10.55
CA GLU D 365 12.66 -12.71 9.53
C GLU D 365 11.26 -12.86 10.15
N ILE D 366 10.79 -11.71 10.62
CA ILE D 366 9.46 -11.60 11.20
C ILE D 366 8.39 -11.73 10.11
N ASN D 367 7.55 -12.75 10.24
CA ASN D 367 6.49 -13.06 9.30
C ASN D 367 5.35 -12.04 9.45
N PRO D 368 4.42 -11.95 8.48
CA PRO D 368 3.39 -10.90 8.60
C PRO D 368 2.20 -11.29 9.46
N GLU D 369 2.09 -12.54 9.87
CA GLU D 369 0.93 -13.02 10.60
C GLU D 369 1.39 -14.01 11.65
N GLY D 370 0.73 -13.98 12.80
CA GLY D 370 0.98 -14.94 13.85
C GLY D 370 -0.28 -15.26 14.60
N ILE D 371 -0.66 -16.53 14.65
CA ILE D 371 -1.88 -16.97 15.30
C ILE D 371 -1.51 -17.96 16.38
N GLY D 372 -1.80 -17.59 17.62
CA GLY D 372 -1.57 -18.48 18.74
C GLY D 372 -2.87 -18.82 19.41
N VAL D 373 -3.17 -20.11 19.50
CA VAL D 373 -4.42 -20.59 20.05
C VAL D 373 -4.09 -21.51 21.21
N ILE D 374 -4.54 -21.13 22.40
CA ILE D 374 -4.42 -22.07 23.50
C ILE D 374 -5.82 -22.34 24.02
N GLU D 375 -5.90 -23.12 25.08
CA GLU D 375 -7.16 -23.48 25.67
C GLU D 375 -7.17 -22.93 27.09
N ALA D 376 -7.66 -21.70 27.21
CA ALA D 376 -7.84 -21.06 28.50
C ALA D 376 -8.91 -21.82 29.29
N PRO D 377 -8.95 -21.66 30.63
CA PRO D 377 -9.89 -22.46 31.43
C PRO D 377 -11.36 -22.28 31.10
N ARG D 378 -11.75 -21.15 30.53
CA ARG D 378 -13.14 -20.92 30.17
C ARG D 378 -13.39 -21.24 28.70
N GLY D 379 -12.36 -21.62 27.96
CA GLY D 379 -12.54 -22.03 26.59
C GLY D 379 -11.35 -21.70 25.72
N THR D 380 -11.55 -21.91 24.42
CA THR D 380 -10.48 -21.71 23.45
C THR D 380 -10.18 -20.22 23.29
N LEU D 381 -8.90 -19.88 23.31
CA LEU D 381 -8.44 -18.51 23.18
C LEU D 381 -7.61 -18.41 21.91
N ILE D 382 -7.95 -17.45 21.06
CA ILE D 382 -7.31 -17.24 19.76
C ILE D 382 -6.76 -15.83 19.72
N HIS D 383 -5.44 -15.69 19.64
CA HIS D 383 -4.79 -14.43 19.33
C HIS D 383 -4.31 -14.49 17.90
N HIS D 384 -4.59 -13.43 17.14
CA HIS D 384 -4.27 -13.40 15.72
C HIS D 384 -3.72 -12.01 15.41
N TYR D 385 -2.41 -11.91 15.34
CA TYR D 385 -1.77 -10.63 15.08
C TYR D 385 -1.33 -10.56 13.63
N GLN D 386 -1.48 -9.38 13.04
CA GLN D 386 -0.96 -9.08 11.71
C GLN D 386 -0.01 -7.92 11.87
N VAL D 387 1.27 -8.16 11.63
CA VAL D 387 2.31 -7.15 11.72
C VAL D 387 2.90 -6.91 10.33
N ASN D 388 3.47 -5.73 10.17
CA ASN D 388 4.11 -5.35 8.92
C ASN D 388 5.58 -5.79 8.94
N GLU D 389 6.37 -5.32 7.97
CA GLU D 389 7.78 -5.66 7.89
C GLU D 389 8.53 -5.18 9.13
N SER D 390 8.19 -4.01 9.64
CA SER D 390 8.86 -3.43 10.79
C SER D 390 8.48 -4.06 12.12
N GLY D 391 7.68 -5.12 12.14
CA GLY D 391 7.25 -5.70 13.40
C GLY D 391 6.25 -4.87 14.16
N VAL D 392 5.61 -3.93 13.51
CA VAL D 392 4.62 -3.06 14.13
C VAL D 392 3.26 -3.69 13.91
N ILE D 393 2.45 -3.74 14.97
CA ILE D 393 1.12 -4.34 14.91
C ILE D 393 0.26 -3.56 13.91
N THR D 394 -0.27 -4.26 12.91
CA THR D 394 -1.15 -3.63 11.94
C THR D 394 -2.62 -3.95 12.18
N LYS D 395 -2.93 -5.17 12.62
CA LYS D 395 -4.32 -5.54 12.89
C LYS D 395 -4.36 -6.77 13.79
N VAL D 396 -5.00 -6.65 14.93
CA VAL D 396 -5.13 -7.76 15.87
C VAL D 396 -6.57 -8.24 15.91
N ASN D 397 -6.73 -9.52 16.21
CA ASN D 397 -8.03 -10.14 16.42
C ASN D 397 -7.92 -11.17 17.53
N LEU D 398 -8.69 -10.97 18.59
CA LEU D 398 -8.70 -11.88 19.71
C LEU D 398 -10.10 -12.47 19.80
N ILE D 399 -10.19 -13.78 19.60
CA ILE D 399 -11.45 -14.49 19.82
C ILE D 399 -11.30 -15.22 21.13
N VAL D 400 -12.07 -14.77 22.11
CA VAL D 400 -11.87 -15.09 23.51
C VAL D 400 -12.91 -16.10 23.96
N ALA D 401 -12.72 -16.61 25.19
CA ALA D 401 -13.43 -17.78 25.69
C ALA D 401 -14.94 -17.54 25.81
N THR D 402 -15.35 -16.54 26.60
CA THR D 402 -16.76 -16.27 26.86
C THR D 402 -17.55 -15.93 25.60
N GLY D 403 -16.86 -15.48 24.55
CA GLY D 403 -17.53 -15.19 23.29
C GLY D 403 -18.23 -16.39 22.70
N HIS D 404 -17.56 -17.54 22.69
CA HIS D 404 -18.18 -18.73 22.12
C HIS D 404 -19.36 -19.20 22.96
N ASN D 405 -19.34 -18.93 24.25
CA ASN D 405 -20.40 -19.33 25.14
C ASN D 405 -21.49 -18.30 25.30
N ASN D 406 -21.36 -17.14 24.65
CA ASN D 406 -22.37 -16.08 24.75
C ASN D 406 -23.75 -16.57 24.33
N PHE D 407 -23.84 -17.34 23.25
CA PHE D 407 -25.14 -17.83 22.80
C PHE D 407 -25.70 -18.86 23.76
N ALA D 408 -24.83 -19.75 24.27
CA ALA D 408 -25.25 -20.72 25.28
C ALA D 408 -25.76 -20.03 26.54
N MET D 409 -25.11 -18.93 26.93
CA MET D 409 -25.53 -18.20 28.12
C MET D 409 -26.86 -17.49 27.90
N ASN D 410 -27.01 -16.87 26.72
CA ASN D 410 -28.27 -16.21 26.37
C ASN D 410 -29.43 -17.19 26.36
N LYS D 411 -29.24 -18.34 25.67
CA LYS D 411 -30.29 -19.34 25.60
C LYS D 411 -30.54 -19.98 26.96
N GLY D 412 -29.50 -20.09 27.79
CA GLY D 412 -29.69 -20.65 29.11
C GLY D 412 -30.47 -19.73 30.02
N VAL D 413 -30.21 -18.42 29.95
CA VAL D 413 -30.98 -17.45 30.71
C VAL D 413 -32.42 -17.43 30.22
N GLU D 414 -32.61 -17.62 28.91
CA GLU D 414 -33.97 -17.73 28.37
C GLU D 414 -34.69 -18.95 28.92
N MET D 415 -34.03 -20.11 28.94
CA MET D 415 -34.68 -21.33 29.41
C MET D 415 -34.95 -21.30 30.91
N VAL D 416 -34.02 -20.76 31.70
CA VAL D 416 -34.25 -20.71 33.15
C VAL D 416 -35.20 -19.58 33.52
N ALA D 417 -35.35 -18.57 32.67
CA ALA D 417 -36.41 -17.62 32.91
C ALA D 417 -37.77 -18.22 32.58
N LYS D 418 -37.88 -18.88 31.43
CA LYS D 418 -39.14 -19.45 30.94
C LYS D 418 -39.65 -20.64 31.75
N LYS D 419 -38.96 -21.05 32.82
CA LYS D 419 -39.44 -22.09 33.71
C LYS D 419 -39.70 -21.57 35.11
N TYR D 420 -39.21 -20.38 35.44
CA TYR D 420 -39.40 -19.78 36.76
C TYR D 420 -40.02 -18.39 36.65
N ILE D 421 -41.09 -18.28 35.88
CA ILE D 421 -41.82 -17.02 35.76
C ILE D 421 -42.83 -16.92 36.87
N THR D 422 -43.06 -15.69 37.34
CA THR D 422 -44.21 -15.32 38.14
C THR D 422 -44.68 -13.99 37.59
N GLY D 423 -46.00 -13.86 37.38
CA GLY D 423 -46.58 -12.62 36.83
C GLY D 423 -46.15 -11.35 37.55
N THR D 424 -46.03 -11.42 38.87
CA THR D 424 -45.59 -10.31 39.71
C THR D 424 -44.64 -10.85 40.76
N ASN D 425 -44.16 -9.92 41.61
CA ASN D 425 -43.48 -10.13 42.89
C ASN D 425 -42.03 -10.62 42.74
N VAL D 426 -41.65 -11.06 41.53
CA VAL D 426 -40.30 -11.27 40.98
C VAL D 426 -39.25 -11.72 42.00
N PRO D 427 -39.34 -12.94 42.55
CA PRO D 427 -38.52 -13.33 43.71
C PRO D 427 -37.02 -13.34 43.43
N GLU D 428 -36.28 -13.58 44.51
CA GLU D 428 -34.83 -13.46 44.51
C GLU D 428 -34.13 -14.78 44.21
N GLY D 429 -34.75 -15.91 44.54
CA GLY D 429 -34.15 -17.18 44.21
C GLY D 429 -34.15 -17.46 42.73
N VAL D 430 -35.23 -17.11 42.03
CA VAL D 430 -35.24 -17.22 40.58
C VAL D 430 -34.19 -16.29 39.95
N PHE D 431 -33.91 -15.15 40.58
CA PHE D 431 -32.81 -14.30 40.14
C PHE D 431 -31.47 -14.99 40.34
N ASN D 432 -31.31 -15.71 41.46
CA ASN D 432 -30.09 -16.44 41.71
C ASN D 432 -29.90 -17.59 40.73
N ARG D 433 -31.00 -18.20 40.27
CA ARG D 433 -30.88 -19.23 39.25
C ARG D 433 -30.55 -18.63 37.90
N LEU D 434 -31.17 -17.50 37.56
CA LEU D 434 -30.83 -16.75 36.36
C LEU D 434 -29.38 -16.28 36.36
N GLU D 435 -28.79 -16.11 37.54
CA GLU D 435 -27.40 -15.74 37.61
C GLU D 435 -26.52 -16.98 37.62
N HIS D 436 -27.06 -18.10 38.10
CA HIS D 436 -26.27 -19.30 38.21
C HIS D 436 -26.05 -19.95 36.87
N VAL D 437 -26.98 -19.75 35.91
CA VAL D 437 -26.72 -20.26 34.57
C VAL D 437 -25.44 -19.61 34.02
N ILE D 438 -25.28 -18.32 34.27
CA ILE D 438 -24.05 -17.59 33.83
C ILE D 438 -22.87 -18.12 34.64
N ARG D 439 -23.03 -18.27 35.95
CA ARG D 439 -21.93 -18.71 36.83
C ARG D 439 -21.53 -20.16 36.56
N ALA D 440 -22.37 -20.92 35.86
CA ALA D 440 -21.96 -22.30 35.49
C ALA D 440 -20.75 -22.23 34.57
N TYR D 441 -20.78 -21.36 33.57
CA TYR D 441 -19.61 -21.15 32.68
C TYR D 441 -18.61 -20.26 33.41
N ASP D 442 -19.04 -19.56 34.46
CA ASP D 442 -18.17 -18.59 35.20
C ASP D 442 -17.41 -17.77 34.17
N PRO D 443 -18.05 -16.81 33.52
CA PRO D 443 -17.41 -16.09 32.43
C PRO D 443 -16.51 -14.90 32.78
N CYS D 444 -15.36 -14.81 32.12
CA CYS D 444 -14.52 -13.60 32.33
C CYS D 444 -15.00 -12.60 31.28
N LEU D 445 -15.96 -11.75 31.67
CA LEU D 445 -16.54 -10.81 30.69
C LEU D 445 -15.50 -9.78 30.28
N SER D 446 -14.41 -9.65 31.03
CA SER D 446 -13.33 -8.72 30.60
C SER D 446 -12.62 -9.30 29.38
N CYS D 447 -12.39 -10.61 29.35
CA CYS D 447 -11.77 -11.24 28.16
C CYS D 447 -12.73 -11.09 26.99
N SER D 448 -14.01 -11.38 27.20
CA SER D 448 -15.00 -11.36 26.13
C SER D 448 -14.98 -10.04 25.39
N THR D 449 -14.94 -8.96 26.16
CA THR D 449 -14.94 -7.60 25.68
C THR D 449 -13.54 -7.05 25.96
N HIS D 450 -12.60 -7.46 25.12
CA HIS D 450 -11.21 -7.05 25.19
C HIS D 450 -10.99 -5.54 25.21
N MET E 1 -21.53 -7.34 63.79
CA MET E 1 -22.09 -5.99 63.70
C MET E 1 -21.02 -4.93 63.90
N ALA E 2 -20.08 -5.19 64.81
CA ALA E 2 -19.00 -4.27 65.11
C ALA E 2 -17.88 -4.29 64.09
N LYS E 3 -17.96 -5.14 63.06
CA LYS E 3 -16.95 -5.17 62.03
C LYS E 3 -17.01 -3.91 61.17
N ALA E 4 -15.95 -3.69 60.40
CA ALA E 4 -15.92 -2.58 59.46
C ALA E 4 -16.81 -2.88 58.26
N LYS E 5 -16.85 -1.94 57.30
CA LYS E 5 -17.86 -1.98 56.27
C LYS E 5 -17.30 -1.70 54.87
N VAL E 6 -16.23 -2.42 54.46
CA VAL E 6 -15.70 -2.17 53.11
C VAL E 6 -16.70 -2.63 52.05
N ALA E 7 -16.56 -2.06 50.86
CA ALA E 7 -17.40 -2.44 49.71
C ALA E 7 -16.68 -2.04 48.43
N THR E 8 -16.24 -3.04 47.66
CA THR E 8 -15.48 -2.85 46.44
C THR E 8 -16.39 -2.89 45.22
N PHE E 9 -15.81 -2.55 44.07
CA PHE E 9 -16.37 -2.76 42.73
C PHE E 9 -15.32 -2.35 41.72
N TRP E 10 -15.53 -2.80 40.49
CA TRP E 10 -14.63 -2.47 39.40
C TRP E 10 -15.41 -1.68 38.37
N LEU E 11 -14.72 -0.79 37.66
CA LEU E 11 -15.40 0.08 36.71
C LEU E 11 -15.00 -0.22 35.28
N GLU E 12 -13.72 -0.13 34.95
CA GLU E 12 -13.22 -0.60 33.68
C GLU E 12 -11.96 -1.40 33.94
N ALA E 13 -12.07 -2.30 34.90
CA ALA E 13 -10.95 -3.12 35.32
C ALA E 13 -10.96 -4.47 34.63
N CYS E 14 -9.79 -5.08 34.59
CA CYS E 14 -9.60 -6.42 34.06
C CYS E 14 -9.70 -7.42 35.18
N ALA E 15 -10.12 -7.01 36.37
CA ALA E 15 -10.34 -7.89 37.53
C ALA E 15 -9.04 -8.26 38.22
N GLY E 16 -7.93 -7.71 37.81
CA GLY E 16 -6.69 -8.17 38.44
C GLY E 16 -6.52 -7.53 39.77
N CYS E 17 -7.11 -6.37 39.96
CA CYS E 17 -6.91 -5.59 41.19
C CYS E 17 -7.79 -6.19 42.27
N HIS E 18 -8.69 -7.07 41.92
CA HIS E 18 -9.49 -7.77 42.93
C HIS E 18 -8.91 -9.16 43.06
N MET E 19 -8.46 -9.71 41.96
CA MET E 19 -7.73 -10.97 42.00
C MET E 19 -6.54 -10.89 42.93
N SER E 20 -5.92 -9.70 43.02
CA SER E 20 -4.87 -9.47 44.01
C SER E 20 -5.43 -9.33 45.40
N PHE E 21 -6.67 -8.84 45.52
CA PHE E 21 -7.33 -8.83 46.82
C PHE E 21 -7.61 -10.24 47.31
N LEU E 22 -8.05 -11.13 46.43
CA LEU E 22 -8.19 -12.54 46.77
C LEU E 22 -6.86 -13.28 46.77
N ASP E 23 -5.76 -12.61 46.44
CA ASP E 23 -4.41 -13.14 46.62
C ASP E 23 -3.92 -13.00 48.06
N LEU E 24 -4.82 -12.69 48.98
CA LEU E 24 -4.60 -12.54 50.41
C LEU E 24 -4.95 -13.82 51.15
N ASP E 25 -4.58 -14.95 50.54
CA ASP E 25 -5.17 -16.28 50.72
C ASP E 25 -5.54 -16.70 52.15
N GLU E 26 -4.57 -16.85 53.04
CA GLU E 26 -4.90 -17.21 54.41
C GLU E 26 -5.31 -15.97 55.20
N ARG E 27 -4.72 -14.82 54.86
CA ARG E 27 -5.04 -13.56 55.51
C ARG E 27 -6.41 -13.03 55.12
N LEU E 28 -7.05 -13.61 54.10
CA LEU E 28 -8.43 -13.28 53.78
C LEU E 28 -9.37 -13.78 54.86
N ILE E 29 -9.04 -14.91 55.49
CA ILE E 29 -9.81 -15.42 56.63
C ILE E 29 -9.77 -14.43 57.78
N ASP E 30 -8.61 -13.83 58.03
CA ASP E 30 -8.47 -12.89 59.13
C ASP E 30 -9.13 -11.56 58.79
N LEU E 31 -9.01 -11.14 57.53
CA LEU E 31 -9.67 -9.92 57.10
C LEU E 31 -11.18 -10.07 57.18
N PHE E 32 -11.71 -11.23 56.77
CA PHE E 32 -13.14 -11.46 56.85
C PHE E 32 -13.59 -11.52 58.29
N GLN E 33 -12.73 -12.01 59.19
CA GLN E 33 -13.02 -11.99 60.61
C GLN E 33 -12.94 -10.58 61.18
N ASN E 34 -12.36 -9.63 60.43
CA ASN E 34 -12.27 -8.24 60.87
C ASN E 34 -13.20 -7.29 60.12
N VAL E 35 -13.54 -7.58 58.87
CA VAL E 35 -14.39 -6.70 58.08
C VAL E 35 -15.50 -7.54 57.44
N GLU E 36 -16.69 -6.97 57.33
CA GLU E 36 -17.78 -7.61 56.63
C GLU E 36 -17.90 -6.94 55.27
N ILE E 37 -18.00 -7.75 54.24
CA ILE E 37 -17.97 -7.27 52.87
C ILE E 37 -19.39 -7.00 52.41
N LEU E 38 -19.74 -5.72 52.32
CA LEU E 38 -20.97 -5.27 51.65
C LEU E 38 -20.68 -5.26 50.14
N PHE E 39 -21.52 -4.56 49.34
CA PHE E 39 -21.55 -4.60 47.87
C PHE E 39 -20.18 -4.75 47.23
N SER E 40 -20.03 -5.79 46.41
CA SER E 40 -18.75 -6.20 45.87
C SER E 40 -19.00 -7.33 44.88
N PRO E 41 -18.07 -7.57 43.95
CA PRO E 41 -18.24 -8.69 43.02
C PRO E 41 -18.18 -10.08 43.67
N ILE E 42 -18.00 -10.16 44.97
CA ILE E 42 -17.95 -11.39 45.75
C ILE E 42 -19.29 -11.62 46.44
N VAL E 43 -19.96 -10.56 46.86
CA VAL E 43 -21.26 -10.68 47.49
C VAL E 43 -22.36 -10.41 46.47
N ASP E 44 -23.56 -10.92 46.75
CA ASP E 44 -24.65 -10.87 45.79
C ASP E 44 -25.57 -9.67 46.01
N ALA E 45 -25.13 -8.66 46.75
CA ALA E 45 -25.91 -7.43 46.87
C ALA E 45 -25.90 -6.65 45.56
N LYS E 46 -26.95 -5.86 45.35
CA LYS E 46 -27.11 -5.13 44.10
C LYS E 46 -27.04 -3.63 44.25
N ASP E 47 -27.42 -3.09 45.40
CA ASP E 47 -27.33 -1.67 45.70
C ASP E 47 -26.33 -1.45 46.81
N ILE E 48 -25.43 -0.49 46.62
CA ILE E 48 -24.38 -0.21 47.61
C ILE E 48 -25.02 0.33 48.88
N PRO E 49 -24.68 -0.18 50.05
CA PRO E 49 -25.20 0.42 51.28
C PRO E 49 -24.28 1.54 51.76
N ASN E 50 -24.61 2.16 52.89
CA ASN E 50 -23.70 3.13 53.49
C ASN E 50 -22.53 2.40 54.10
N ILE E 51 -21.32 2.78 53.68
CA ILE E 51 -20.12 2.00 53.93
C ILE E 51 -19.05 2.90 54.53
N ASP E 52 -17.92 2.30 54.87
CA ASP E 52 -16.80 2.99 55.49
C ASP E 52 -15.61 3.16 54.57
N VAL E 53 -15.15 2.08 53.95
CA VAL E 53 -14.01 2.11 53.05
C VAL E 53 -14.53 1.64 51.69
N GLY E 54 -14.91 2.57 50.84
CA GLY E 54 -15.43 2.21 49.54
C GLY E 54 -14.31 2.08 48.53
N VAL E 55 -14.09 0.89 48.03
CA VAL E 55 -12.98 0.62 47.13
C VAL E 55 -13.46 0.68 45.69
N LEU E 56 -12.59 1.12 44.79
CA LEU E 56 -12.91 1.22 43.37
C LEU E 56 -11.67 0.94 42.54
N SER E 57 -11.73 -0.10 41.71
CA SER E 57 -10.72 -0.41 40.72
C SER E 57 -11.25 -0.07 39.34
N GLY E 58 -10.34 0.11 38.40
CA GLY E 58 -10.72 0.41 37.04
C GLY E 58 -11.07 1.86 36.83
N GLY E 59 -10.67 2.41 35.68
CA GLY E 59 -10.95 3.78 35.35
C GLY E 59 -12.37 3.97 34.87
N LEU E 60 -12.65 5.18 34.40
CA LEU E 60 -13.96 5.53 33.89
C LEU E 60 -13.91 5.44 32.37
N GLY E 61 -14.65 4.49 31.80
CA GLY E 61 -14.71 4.36 30.36
C GLY E 61 -16.11 4.40 29.78
N ASN E 62 -17.09 4.01 30.57
CA ASN E 62 -18.49 4.01 30.19
C ASN E 62 -19.22 5.10 30.96
N VAL E 63 -20.55 5.15 30.78
CA VAL E 63 -21.36 6.06 31.58
C VAL E 63 -21.88 5.42 32.87
N GLU E 64 -22.18 4.12 32.84
CA GLU E 64 -22.66 3.42 34.04
C GLU E 64 -21.59 3.36 35.13
N GLU E 65 -20.34 3.22 34.73
CA GLU E 65 -19.25 3.13 35.70
C GLU E 65 -18.81 4.49 36.22
N VAL E 66 -19.29 5.58 35.64
CA VAL E 66 -19.16 6.86 36.32
C VAL E 66 -20.23 6.99 37.39
N GLU E 67 -21.44 6.51 37.07
CA GLU E 67 -22.55 6.61 38.02
C GLU E 67 -22.30 5.77 39.27
N LEU E 68 -21.74 4.57 39.09
CA LEU E 68 -21.49 3.75 40.27
C LEU E 68 -20.34 4.29 41.09
N ALA E 69 -19.34 4.90 40.45
CA ALA E 69 -18.26 5.54 41.18
C ALA E 69 -18.78 6.73 42.00
N LYS E 70 -19.64 7.54 41.39
CA LYS E 70 -20.26 8.66 42.12
C LYS E 70 -21.12 8.15 43.27
N LYS E 71 -21.83 7.04 43.06
CA LYS E 71 -22.61 6.41 44.12
C LYS E 71 -21.72 5.99 45.28
N MET E 72 -20.63 5.27 44.97
CA MET E 72 -19.70 4.79 45.97
C MET E 72 -19.11 5.93 46.76
N ARG E 73 -18.72 7.02 46.08
CA ARG E 73 -18.21 8.20 46.76
C ARG E 73 -19.25 8.82 47.68
N GLU E 74 -20.49 8.93 47.19
CA GLU E 74 -21.57 9.49 47.99
C GLU E 74 -21.88 8.65 49.20
N ARG E 75 -21.53 7.36 49.19
CA ARG E 75 -21.96 6.48 50.27
C ARG E 75 -20.81 6.00 51.15
N CYS E 76 -19.63 6.63 51.11
CA CYS E 76 -18.54 6.24 52.01
C CYS E 76 -17.90 7.49 52.59
N LYS E 77 -16.87 7.28 53.41
CA LYS E 77 -16.04 8.37 53.91
C LYS E 77 -14.59 8.29 53.47
N TYR E 78 -14.05 7.10 53.23
CA TYR E 78 -12.73 6.93 52.60
C TYR E 78 -12.90 6.13 51.32
N LEU E 79 -12.34 6.63 50.23
CA LEU E 79 -12.36 5.93 48.95
C LEU E 79 -10.95 5.51 48.55
N VAL E 80 -10.79 4.24 48.19
CA VAL E 80 -9.50 3.67 47.83
C VAL E 80 -9.47 3.36 46.34
N ALA E 81 -8.56 3.99 45.61
CA ALA E 81 -8.37 3.74 44.19
C ALA E 81 -7.38 2.60 43.99
N TRP E 82 -7.87 1.45 43.54
CA TRP E 82 -7.04 0.28 43.31
C TRP E 82 -6.54 0.25 41.88
N GLY E 83 -5.23 0.24 41.77
CA GLY E 83 -4.67 0.02 40.44
C GLY E 83 -4.29 1.27 39.73
N ASP E 84 -3.55 1.10 38.65
CA ASP E 84 -3.14 2.26 37.86
C ASP E 84 -4.32 2.69 37.01
N CYS E 85 -5.36 1.87 36.91
CA CYS E 85 -6.51 2.16 36.05
C CYS E 85 -7.37 3.18 36.78
N ALA E 86 -7.32 3.16 38.10
CA ALA E 86 -8.17 4.06 38.89
C ALA E 86 -7.34 5.21 39.39
N VAL E 87 -6.03 5.03 39.39
CA VAL E 87 -5.11 6.06 39.87
C VAL E 87 -4.56 6.89 38.72
N PHE E 88 -3.99 6.25 37.70
CA PHE E 88 -3.37 6.96 36.57
C PHE E 88 -4.14 6.85 35.28
N GLY E 89 -5.30 6.21 35.28
CA GLY E 89 -6.02 5.99 34.04
C GLY E 89 -5.77 4.59 33.51
N GLY E 90 -4.51 4.16 33.56
CA GLY E 90 -4.16 2.80 33.25
C GLY E 90 -4.07 2.47 31.76
N ILE E 91 -4.37 1.20 31.46
CA ILE E 91 -4.24 0.70 30.10
C ILE E 91 -5.46 1.09 29.28
N ASN E 92 -6.61 1.34 29.93
CA ASN E 92 -7.83 1.79 29.24
C ASN E 92 -7.57 3.06 28.44
N CYS E 93 -6.77 3.97 28.99
CA CYS E 93 -6.43 5.25 28.37
C CYS E 93 -5.75 5.12 27.01
N MET E 94 -5.32 3.92 26.62
CA MET E 94 -4.77 3.73 25.29
C MET E 94 -5.81 3.94 24.20
N ARG E 95 -7.10 3.95 24.54
CA ARG E 95 -8.12 4.29 23.56
C ARG E 95 -8.39 5.79 23.49
N ASN E 96 -7.60 6.60 24.20
CA ASN E 96 -7.80 8.03 24.18
C ASN E 96 -7.17 8.69 22.96
N PHE E 97 -6.37 7.97 22.19
CA PHE E 97 -5.68 8.55 21.05
C PHE E 97 -6.45 8.39 19.75
N ILE E 98 -7.54 7.64 19.78
CA ILE E 98 -8.46 7.51 18.66
C ILE E 98 -9.85 7.82 19.21
N PRO E 99 -10.72 8.43 18.41
CA PRO E 99 -12.08 8.72 18.87
C PRO E 99 -12.85 7.45 19.21
N LYS E 100 -13.85 7.59 20.08
CA LYS E 100 -14.65 6.45 20.53
C LYS E 100 -15.42 5.81 19.39
N ASP E 101 -15.83 6.60 18.40
CA ASP E 101 -16.46 6.06 17.20
C ASP E 101 -15.50 5.14 16.47
N VAL E 102 -14.24 5.56 16.34
CA VAL E 102 -13.23 4.75 15.66
C VAL E 102 -12.89 3.51 16.51
N VAL E 103 -12.93 3.63 17.84
CA VAL E 103 -12.71 2.48 18.71
C VAL E 103 -13.78 1.43 18.48
N LEU E 104 -15.04 1.85 18.52
CA LEU E 104 -16.14 0.93 18.27
C LEU E 104 -16.20 0.45 16.81
N ARG E 105 -15.62 1.19 15.86
CA ARG E 105 -15.70 0.79 14.46
C ARG E 105 -14.61 -0.20 14.06
N GLU E 106 -13.40 -0.06 14.58
CA GLU E 106 -12.34 -1.02 14.24
C GLU E 106 -12.43 -2.30 15.03
N GLY E 107 -13.20 -2.33 16.11
CA GLY E 107 -13.34 -3.51 16.91
C GLY E 107 -14.69 -4.18 16.79
N TYR E 108 -15.56 -3.71 15.89
CA TYR E 108 -16.83 -4.38 15.63
C TYR E 108 -17.20 -4.49 14.17
N ILE E 109 -16.53 -3.79 13.25
CA ILE E 109 -16.86 -3.80 11.84
C ILE E 109 -15.71 -4.34 11.00
N GLU E 110 -14.48 -3.93 11.27
CA GLU E 110 -13.35 -4.29 10.42
C GLU E 110 -12.32 -5.06 11.24
N THR E 111 -12.77 -6.08 11.96
CA THR E 111 -11.93 -6.70 12.98
C THR E 111 -11.59 -8.14 12.64
N ALA E 112 -11.15 -8.38 11.40
CA ALA E 112 -10.37 -9.55 11.00
C ALA E 112 -11.12 -10.86 11.29
N SER E 113 -12.12 -11.12 10.43
CA SER E 113 -13.14 -12.17 10.54
C SER E 113 -14.17 -11.88 11.61
N THR E 114 -14.81 -10.72 11.50
CA THR E 114 -16.15 -10.50 11.99
C THR E 114 -17.05 -10.46 10.77
N VAL E 115 -18.31 -10.84 10.95
CA VAL E 115 -19.15 -11.15 9.79
C VAL E 115 -20.45 -10.35 9.79
N ASN E 116 -20.45 -9.17 10.41
CA ASN E 116 -21.63 -8.31 10.35
C ASN E 116 -21.57 -7.46 9.08
N PRO E 117 -22.53 -7.61 8.17
CA PRO E 117 -22.53 -6.81 6.94
C PRO E 117 -23.34 -5.53 7.01
N GLN E 118 -23.81 -5.14 8.18
CA GLN E 118 -24.64 -3.95 8.30
C GLN E 118 -24.05 -2.86 9.17
N GLY E 119 -22.87 -3.07 9.76
CA GLY E 119 -22.26 -2.07 10.61
C GLY E 119 -23.11 -1.83 11.85
N ILE E 120 -23.14 -2.81 12.75
CA ILE E 120 -24.12 -2.79 13.82
C ILE E 120 -23.76 -1.75 14.88
N VAL E 121 -22.48 -1.65 15.24
CA VAL E 121 -21.91 -0.69 16.21
C VAL E 121 -22.67 -0.79 17.54
N PRO E 122 -22.39 -1.80 18.35
CA PRO E 122 -23.31 -2.18 19.45
C PRO E 122 -23.41 -1.19 20.59
N SER E 123 -24.25 -0.18 20.43
CA SER E 123 -24.61 0.76 21.49
C SER E 123 -26.11 0.76 21.79
N GLU E 124 -26.77 -0.40 21.76
CA GLU E 124 -28.23 -0.41 21.84
C GLU E 124 -28.75 -0.14 23.25
N ASP E 125 -28.44 -1.02 24.22
CA ASP E 125 -28.95 -0.84 25.58
C ASP E 125 -27.82 -0.70 26.60
N ILE E 126 -26.60 -0.99 26.20
CA ILE E 126 -25.42 -0.96 27.05
C ILE E 126 -24.90 0.48 27.17
N PRO E 127 -24.23 0.84 28.27
CA PRO E 127 -23.60 2.16 28.37
C PRO E 127 -22.61 2.39 27.24
N GLU E 128 -22.73 3.54 26.58
CA GLU E 128 -22.16 3.77 25.27
C GLU E 128 -20.63 3.67 25.27
N LEU E 129 -19.95 4.67 25.81
CA LEU E 129 -18.52 4.77 26.07
C LEU E 129 -18.32 6.17 26.62
N LEU E 130 -17.14 6.44 27.06
CA LEU E 130 -16.83 7.84 27.26
C LEU E 130 -15.87 8.28 26.16
N PRO E 131 -15.87 9.55 25.75
CA PRO E 131 -14.95 9.99 24.68
C PRO E 131 -13.48 9.82 25.01
N ARG E 132 -13.13 9.69 26.30
CA ARG E 132 -11.76 9.47 26.74
C ARG E 132 -11.84 8.73 28.07
N ALA E 133 -11.00 7.71 28.22
CA ALA E 133 -10.87 6.99 29.47
C ALA E 133 -10.14 7.85 30.49
N LEU E 134 -10.66 7.92 31.70
CA LEU E 134 -10.14 8.81 32.71
C LEU E 134 -9.95 8.05 34.01
N PRO E 135 -9.04 8.50 34.88
CA PRO E 135 -8.97 7.94 36.22
C PRO E 135 -10.21 8.30 37.03
N ILE E 136 -10.36 7.65 38.18
CA ILE E 136 -11.52 7.94 39.01
C ILE E 136 -11.35 9.18 39.85
N ASP E 137 -10.18 9.81 39.83
CA ASP E 137 -10.02 11.11 40.47
C ASP E 137 -10.29 12.26 39.50
N TYR E 138 -11.41 12.13 38.79
CA TYR E 138 -11.90 13.13 37.85
C TYR E 138 -13.36 13.39 38.13
N GLU E 139 -14.05 12.37 38.64
CA GLU E 139 -15.43 12.49 39.08
C GLU E 139 -15.62 12.09 40.53
N VAL E 140 -14.57 11.64 41.21
CA VAL E 140 -14.62 11.14 42.57
C VAL E 140 -13.37 11.60 43.30
N LYS E 141 -13.53 12.29 44.43
CA LYS E 141 -12.40 12.62 45.27
C LYS E 141 -11.90 11.35 45.96
N VAL E 142 -10.61 11.09 45.85
CA VAL E 142 -10.02 9.84 46.34
C VAL E 142 -9.18 10.17 47.57
N ASP E 143 -9.12 9.23 48.50
CA ASP E 143 -8.42 9.40 49.76
C ASP E 143 -7.17 8.55 49.87
N VAL E 144 -7.15 7.34 49.30
CA VAL E 144 -6.00 6.46 49.36
C VAL E 144 -5.77 5.94 47.93
N TYR E 145 -4.80 6.51 47.24
CA TYR E 145 -4.42 6.01 45.93
C TYR E 145 -3.48 4.84 46.12
N VAL E 146 -3.78 3.72 45.45
CA VAL E 146 -2.93 2.53 45.54
C VAL E 146 -2.54 2.10 44.14
N PRO E 147 -1.32 2.48 43.68
CA PRO E 147 -0.97 2.24 42.31
C PRO E 147 -0.39 0.86 42.01
N GLY E 148 -0.63 0.36 40.80
CA GLY E 148 -0.05 -0.94 40.38
C GLY E 148 -0.96 -1.70 39.45
N CYS E 149 -0.45 -2.71 38.77
CA CYS E 149 -1.28 -3.55 37.88
C CYS E 149 -0.93 -5.00 38.14
N PRO E 150 -1.23 -5.59 39.31
CA PRO E 150 -2.09 -4.99 40.26
C PRO E 150 -1.39 -4.54 41.55
N PRO E 151 -2.06 -3.82 42.45
CA PRO E 151 -1.45 -3.54 43.71
C PRO E 151 -1.16 -4.89 44.35
N ASP E 152 0.06 -5.17 44.80
CA ASP E 152 0.42 -6.41 45.45
C ASP E 152 -0.49 -6.69 46.64
N ALA E 153 -0.60 -7.97 47.00
CA ALA E 153 -1.45 -8.38 48.12
C ALA E 153 -0.98 -7.76 49.43
N ASP E 154 0.33 -7.61 49.61
CA ASP E 154 0.87 -6.96 50.79
C ASP E 154 0.41 -5.52 50.89
N THR E 155 0.37 -4.81 49.76
CA THR E 155 -0.03 -3.40 49.76
C THR E 155 -1.51 -3.24 50.05
N ILE E 156 -2.35 -4.10 49.46
CA ILE E 156 -3.78 -4.09 49.72
C ILE E 156 -4.05 -4.40 51.19
N TYR E 157 -3.35 -5.40 51.74
CA TYR E 157 -3.50 -5.75 53.15
C TYR E 157 -3.07 -4.60 54.04
N TYR E 158 -2.01 -3.88 53.68
CA TYR E 158 -1.54 -2.76 54.47
C TYR E 158 -2.57 -1.63 54.46
N VAL E 159 -3.12 -1.32 53.28
CA VAL E 159 -4.13 -0.26 53.16
C VAL E 159 -5.36 -0.60 53.98
N PHE E 160 -5.81 -1.85 53.91
CA PHE E 160 -6.97 -2.28 54.71
C PHE E 160 -6.66 -2.23 56.20
N LYS E 161 -5.48 -2.75 56.60
CA LYS E 161 -5.06 -2.77 58.00
C LYS E 161 -4.95 -1.37 58.58
N GLU E 162 -4.55 -0.40 57.77
CA GLU E 162 -4.39 0.95 58.27
C GLU E 162 -5.69 1.72 58.26
N LEU E 163 -6.59 1.41 57.32
CA LEU E 163 -7.90 2.06 57.34
C LEU E 163 -8.83 1.49 58.39
N LEU E 164 -8.60 0.26 58.84
CA LEU E 164 -9.43 -0.29 59.91
C LEU E 164 -8.96 0.15 61.27
N ALA E 165 -7.70 0.57 61.39
CA ALA E 165 -7.20 1.14 62.63
C ALA E 165 -7.57 2.60 62.81
N GLY E 166 -8.10 3.25 61.77
CA GLY E 166 -8.61 4.60 61.91
C GLY E 166 -7.71 5.70 61.41
N ARG E 167 -6.99 5.45 60.32
CA ARG E 167 -6.14 6.46 59.71
C ARG E 167 -6.16 6.30 58.21
N VAL E 168 -5.83 7.38 57.51
CA VAL E 168 -5.81 7.41 56.05
C VAL E 168 -4.37 7.22 55.58
N PRO E 169 -4.00 6.03 55.11
CA PRO E 169 -2.59 5.79 54.79
C PRO E 169 -2.20 6.19 53.38
N LYS E 170 -0.99 6.72 53.27
CA LYS E 170 -0.34 6.93 51.99
C LYS E 170 0.63 5.77 51.81
N VAL E 171 0.50 5.06 50.70
CA VAL E 171 1.30 3.88 50.38
C VAL E 171 2.79 4.25 50.38
N PRO E 172 3.59 3.62 51.25
CA PRO E 172 5.02 3.95 51.34
C PRO E 172 5.79 3.71 50.07
N SER E 173 6.97 4.31 50.00
CA SER E 173 7.80 4.21 48.81
C SER E 173 8.43 2.83 48.66
N GLU E 174 8.69 2.15 49.77
CA GLU E 174 9.33 0.85 49.72
C GLU E 174 8.41 -0.25 49.24
N MET E 175 7.09 0.00 49.19
CA MET E 175 6.13 -1.04 48.81
C MET E 175 5.17 -0.57 47.73
N MET E 176 5.53 0.44 46.96
CA MET E 176 4.69 0.92 45.88
C MET E 176 5.37 0.66 44.55
N ARG E 177 4.58 0.22 43.57
CA ARG E 177 5.06 -0.04 42.23
C ARG E 177 3.98 0.42 41.26
N TYR E 178 4.40 0.72 40.04
CA TYR E 178 3.47 0.97 38.96
C TYR E 178 3.36 -0.20 38.00
N ASP E 179 4.22 -1.22 38.18
CA ASP E 179 4.25 -2.47 37.40
C ASP E 179 4.42 -2.24 35.90
N MET F 1 -45.04 -8.77 -50.87
CA MET F 1 -44.61 -10.18 -50.70
C MET F 1 -43.62 -10.29 -49.55
N LYS F 2 -43.99 -11.01 -48.48
CA LYS F 2 -43.06 -11.21 -47.34
C LYS F 2 -41.88 -12.07 -47.81
N GLU F 3 -42.16 -13.19 -48.47
CA GLU F 3 -41.07 -14.08 -48.95
C GLU F 3 -40.38 -13.45 -50.16
N ILE F 4 -39.26 -12.76 -49.92
CA ILE F 4 -38.51 -12.09 -51.02
C ILE F 4 -37.40 -13.02 -51.52
N THR F 5 -36.99 -12.87 -52.78
CA THR F 5 -35.95 -13.75 -53.36
C THR F 5 -34.79 -12.90 -53.86
N LEU F 6 -33.58 -13.11 -53.30
CA LEU F 6 -32.42 -12.36 -53.74
C LEU F 6 -31.37 -13.32 -54.29
N THR F 7 -30.22 -12.76 -54.66
CA THR F 7 -29.12 -13.54 -55.21
C THR F 7 -27.84 -13.09 -54.52
N ILE F 8 -27.37 -13.89 -53.57
CA ILE F 8 -26.11 -13.66 -52.88
C ILE F 8 -25.07 -14.60 -53.47
N ASP F 9 -24.03 -14.00 -54.09
CA ASP F 9 -22.90 -14.74 -54.68
C ASP F 9 -23.36 -15.77 -55.71
N GLY F 10 -24.37 -15.41 -56.49
CA GLY F 10 -24.98 -16.32 -57.43
C GLY F 10 -26.05 -17.20 -56.80
N LYS F 11 -25.82 -17.67 -55.59
CA LYS F 11 -26.78 -18.53 -54.91
C LYS F 11 -28.06 -17.76 -54.58
N VAL F 12 -29.20 -18.32 -54.96
CA VAL F 12 -30.48 -17.69 -54.69
C VAL F 12 -30.86 -17.89 -53.23
N CYS F 13 -31.42 -16.86 -52.62
CA CYS F 13 -31.75 -16.89 -51.21
C CYS F 13 -33.18 -16.41 -50.99
N LYS F 14 -33.79 -16.90 -49.91
CA LYS F 14 -35.19 -16.64 -49.59
C LYS F 14 -35.27 -16.06 -48.19
N GLY F 15 -36.05 -14.98 -48.02
CA GLY F 15 -36.14 -14.38 -46.71
C GLY F 15 -37.44 -13.65 -46.47
N VAL F 16 -37.66 -13.30 -45.20
CA VAL F 16 -38.80 -12.45 -44.84
C VAL F 16 -38.47 -11.02 -45.30
N GLN F 17 -39.52 -10.20 -45.46
CA GLN F 17 -39.37 -8.86 -46.04
C GLN F 17 -38.47 -7.96 -45.18
N GLY F 18 -38.73 -7.89 -43.88
CA GLY F 18 -37.97 -6.98 -43.05
C GLY F 18 -36.54 -7.42 -42.76
N ASP F 19 -36.17 -8.64 -43.13
CA ASP F 19 -34.85 -9.18 -42.82
C ASP F 19 -33.75 -8.40 -43.53
N THR F 20 -32.66 -8.15 -42.80
CA THR F 20 -31.46 -7.59 -43.38
C THR F 20 -30.77 -8.64 -44.25
N ILE F 21 -29.79 -8.18 -45.04
CA ILE F 21 -29.07 -9.05 -45.97
C ILE F 21 -28.31 -10.13 -45.21
N LEU F 22 -27.81 -9.80 -44.02
CA LEU F 22 -27.15 -10.81 -43.19
C LEU F 22 -28.13 -11.87 -42.69
N ASP F 23 -29.39 -11.50 -42.48
CA ASP F 23 -30.37 -12.48 -42.01
C ASP F 23 -30.72 -13.47 -43.10
N VAL F 24 -31.02 -12.97 -44.31
CA VAL F 24 -31.27 -13.83 -45.46
C VAL F 24 -30.00 -14.58 -45.86
N ALA F 25 -28.84 -14.09 -45.47
CA ALA F 25 -27.59 -14.79 -45.74
C ALA F 25 -27.42 -15.97 -44.82
N ASN F 26 -27.41 -15.72 -43.50
CA ASN F 26 -27.31 -16.80 -42.50
C ASN F 26 -28.50 -17.74 -42.52
N LYS F 27 -29.61 -17.36 -43.16
CA LYS F 27 -30.76 -18.25 -43.22
C LYS F 27 -30.52 -19.40 -44.18
N ASN F 28 -30.00 -19.12 -45.37
CA ASN F 28 -29.85 -20.24 -46.29
C ASN F 28 -28.57 -21.03 -46.07
N ASP F 29 -27.42 -20.52 -46.52
CA ASP F 29 -26.16 -21.13 -46.10
C ASP F 29 -25.01 -20.14 -46.02
N VAL F 30 -25.10 -19.06 -46.81
CA VAL F 30 -23.92 -18.36 -47.30
C VAL F 30 -23.23 -17.60 -46.17
N TYR F 31 -21.91 -17.48 -46.28
CA TYR F 31 -21.06 -16.90 -45.25
C TYR F 31 -20.65 -15.48 -45.60
N ILE F 32 -20.90 -14.55 -44.69
CA ILE F 32 -20.45 -13.17 -44.79
C ILE F 32 -19.61 -12.89 -43.56
N PRO F 33 -18.36 -12.42 -43.70
CA PRO F 33 -17.52 -12.13 -42.54
C PRO F 33 -18.11 -11.07 -41.62
N THR F 34 -18.38 -11.46 -40.38
CA THR F 34 -18.91 -10.57 -39.37
C THR F 34 -18.11 -10.67 -38.08
N LEU F 35 -18.03 -9.56 -37.36
CA LEU F 35 -17.29 -9.55 -36.11
C LEU F 35 -18.13 -8.93 -35.00
N CYS F 36 -19.06 -8.05 -35.36
CA CYS F 36 -19.90 -7.34 -34.36
C CYS F 36 -21.37 -7.74 -34.39
N TYR F 37 -21.76 -8.74 -35.17
CA TYR F 37 -23.17 -9.20 -35.14
C TYR F 37 -23.25 -10.38 -34.20
N GLN F 38 -23.95 -10.21 -33.10
CA GLN F 38 -24.21 -11.35 -32.21
C GLN F 38 -25.65 -11.73 -32.48
N LYS F 39 -25.91 -12.95 -32.93
CA LYS F 39 -27.32 -13.38 -33.10
C LYS F 39 -28.06 -12.97 -31.85
N GLY F 40 -29.01 -12.07 -31.99
CA GLY F 40 -29.78 -11.59 -30.83
C GLY F 40 -29.62 -10.11 -30.72
N LEU F 41 -28.57 -9.68 -30.05
CA LEU F 41 -28.26 -8.25 -29.95
C LEU F 41 -28.55 -7.54 -31.27
N THR F 42 -29.29 -6.44 -31.22
CA THR F 42 -29.66 -5.65 -32.40
C THR F 42 -28.43 -5.34 -33.26
N PRO F 43 -28.48 -5.56 -34.57
CA PRO F 43 -27.36 -5.33 -35.43
C PRO F 43 -26.67 -4.00 -35.11
N ILE F 44 -25.45 -4.05 -34.60
CA ILE F 44 -24.63 -2.83 -34.34
C ILE F 44 -23.69 -2.73 -35.52
N GLY F 45 -23.52 -1.56 -36.11
CA GLY F 45 -22.73 -1.46 -37.35
C GLY F 45 -21.39 -0.86 -37.09
N ALA F 46 -20.50 -1.58 -36.43
CA ALA F 46 -19.22 -0.97 -36.02
C ALA F 46 -18.03 -1.51 -36.78
N CYS F 47 -17.95 -2.82 -37.00
CA CYS F 47 -16.75 -3.42 -37.60
C CYS F 47 -16.64 -3.14 -39.09
N ARG F 48 -17.77 -2.98 -39.75
CA ARG F 48 -17.81 -2.64 -41.18
C ARG F 48 -17.10 -3.72 -41.99
N MET F 49 -17.16 -4.97 -41.55
CA MET F 49 -16.52 -6.11 -42.23
C MET F 49 -17.53 -6.85 -43.08
N CYS F 50 -18.79 -6.69 -42.79
CA CYS F 50 -19.84 -7.42 -43.50
C CYS F 50 -20.28 -6.72 -44.76
N VAL F 51 -19.54 -5.68 -45.19
CA VAL F 51 -19.87 -4.88 -46.35
C VAL F 51 -20.05 -5.74 -47.58
N VAL F 52 -21.17 -5.54 -48.27
CA VAL F 52 -21.48 -6.24 -49.51
C VAL F 52 -21.85 -5.20 -50.55
N GLN F 53 -21.69 -5.56 -51.81
CA GLN F 53 -21.96 -4.65 -52.90
C GLN F 53 -23.20 -5.12 -53.64
N LEU F 54 -24.05 -4.16 -54.01
CA LEU F 54 -25.20 -4.47 -54.85
C LEU F 54 -24.79 -4.23 -56.30
N GLU F 55 -25.32 -5.05 -57.20
CA GLU F 55 -24.99 -4.89 -58.61
C GLU F 55 -25.52 -3.56 -59.13
N GLY F 56 -24.72 -2.90 -59.95
CA GLY F 56 -25.07 -1.60 -60.49
C GLY F 56 -24.73 -0.44 -59.58
N ASN F 57 -25.05 -0.56 -58.29
CA ASN F 57 -24.72 0.44 -57.29
C ASN F 57 -23.24 0.30 -56.93
N PRO F 58 -22.41 1.28 -57.25
CA PRO F 58 -20.96 1.11 -57.08
C PRO F 58 -20.47 1.21 -55.65
N LYS F 59 -21.32 1.56 -54.69
CA LYS F 59 -20.91 1.68 -53.30
C LYS F 59 -21.21 0.39 -52.55
N MET F 60 -20.66 0.30 -51.34
CA MET F 60 -20.77 -0.88 -50.50
C MET F 60 -21.55 -0.58 -49.24
N LEU F 61 -22.41 -1.52 -48.85
CA LEU F 61 -23.25 -1.30 -47.69
C LEU F 61 -23.20 -2.48 -46.74
N PRO F 62 -23.22 -2.25 -45.39
CA PRO F 62 -23.24 -3.31 -44.44
C PRO F 62 -24.38 -4.29 -44.60
N SER F 63 -24.11 -5.58 -44.50
CA SER F 63 -25.16 -6.59 -44.67
C SER F 63 -25.92 -6.78 -43.38
N CYS F 64 -25.38 -6.32 -42.27
CA CYS F 64 -26.01 -6.50 -40.96
C CYS F 64 -27.10 -5.47 -40.80
N THR F 65 -26.96 -4.30 -41.40
CA THR F 65 -27.93 -3.24 -41.12
C THR F 65 -28.84 -2.91 -42.31
N THR F 66 -28.42 -3.11 -43.56
CA THR F 66 -29.19 -2.75 -44.74
C THR F 66 -30.23 -3.83 -45.01
N PRO F 67 -31.48 -3.47 -45.24
CA PRO F 67 -32.53 -4.48 -45.41
C PRO F 67 -32.53 -5.07 -46.81
N ALA F 68 -33.16 -6.23 -46.91
CA ALA F 68 -33.31 -6.93 -48.18
C ALA F 68 -34.58 -6.42 -48.87
N GLN F 69 -34.43 -6.00 -50.12
CA GLN F 69 -35.48 -5.29 -50.86
C GLN F 69 -35.83 -6.05 -52.13
N ASP F 70 -36.76 -7.00 -52.00
CA ASP F 70 -37.66 -7.56 -53.02
C ASP F 70 -37.01 -8.18 -54.26
N GLY F 71 -35.70 -8.24 -54.31
CA GLY F 71 -34.99 -8.75 -55.46
C GLY F 71 -33.84 -7.83 -55.84
N MET F 72 -32.64 -8.37 -55.83
CA MET F 72 -31.39 -7.63 -55.93
C MET F 72 -30.24 -8.63 -55.97
N VAL F 73 -29.09 -8.17 -56.43
CA VAL F 73 -27.93 -9.02 -56.66
C VAL F 73 -26.83 -8.57 -55.71
N VAL F 74 -26.56 -9.38 -54.69
CA VAL F 74 -25.55 -9.07 -53.68
C VAL F 74 -24.29 -9.89 -53.97
N VAL F 75 -23.15 -9.23 -54.01
CA VAL F 75 -21.86 -9.90 -54.17
C VAL F 75 -21.06 -9.73 -52.88
N THR F 76 -20.69 -10.85 -52.27
CA THR F 76 -20.01 -10.87 -50.99
C THR F 76 -18.50 -11.08 -51.12
N LYS F 77 -18.06 -11.92 -52.05
CA LYS F 77 -16.64 -12.18 -52.24
C LYS F 77 -16.21 -11.69 -53.61
N ASN F 78 -15.28 -10.74 -53.62
CA ASN F 78 -14.53 -10.35 -54.81
C ASN F 78 -13.23 -9.70 -54.33
N GLU F 79 -12.51 -9.06 -55.24
CA GLU F 79 -11.19 -8.54 -54.91
C GLU F 79 -11.28 -7.31 -54.02
N LYS F 80 -12.14 -6.36 -54.35
CA LYS F 80 -12.21 -5.09 -53.63
C LYS F 80 -12.72 -5.28 -52.21
N LEU F 81 -13.71 -6.15 -52.03
CA LEU F 81 -14.24 -6.42 -50.70
C LEU F 81 -13.21 -7.14 -49.83
N LYS F 82 -12.50 -8.11 -50.42
CA LYS F 82 -11.43 -8.80 -49.70
C LYS F 82 -10.34 -7.82 -49.28
N ASP F 83 -10.00 -6.88 -50.16
CA ASP F 83 -8.98 -5.88 -49.85
C ASP F 83 -9.44 -5.00 -48.70
N TYR F 84 -10.69 -4.54 -48.74
CA TYR F 84 -11.18 -3.65 -47.68
C TYR F 84 -11.34 -4.38 -46.36
N ARG F 85 -11.75 -5.64 -46.39
CA ARG F 85 -11.88 -6.41 -45.16
C ARG F 85 -10.50 -6.70 -44.56
N ARG F 86 -9.52 -7.00 -45.41
CA ARG F 86 -8.15 -7.19 -44.92
C ARG F 86 -7.61 -5.90 -44.32
N GLN F 87 -7.94 -4.77 -44.93
CA GLN F 87 -7.50 -3.49 -44.38
C GLN F 87 -8.14 -3.18 -43.04
N ILE F 88 -9.42 -3.52 -42.88
CA ILE F 88 -10.11 -3.31 -41.60
C ILE F 88 -9.49 -4.17 -40.51
N LEU F 89 -9.26 -5.46 -40.82
CA LEU F 89 -8.64 -6.38 -39.86
C LEU F 89 -7.25 -5.91 -39.47
N GLU F 90 -6.50 -5.41 -40.45
CA GLU F 90 -5.16 -4.92 -40.19
C GLU F 90 -5.17 -3.64 -39.38
N LEU F 91 -6.17 -2.77 -39.59
CA LEU F 91 -6.33 -1.60 -38.73
C LEU F 91 -6.58 -2.02 -37.28
N LEU F 92 -7.41 -3.04 -37.08
CA LEU F 92 -7.69 -3.51 -35.73
C LEU F 92 -6.43 -4.09 -35.10
N PHE F 93 -5.63 -4.80 -35.88
CA PHE F 93 -4.41 -5.39 -35.34
C PHE F 93 -3.35 -4.33 -35.06
N ALA F 94 -3.33 -3.25 -35.83
CA ALA F 94 -2.33 -2.22 -35.64
C ALA F 94 -2.69 -1.24 -34.55
N GLY F 95 -3.97 -1.05 -34.30
CA GLY F 95 -4.35 -0.02 -33.33
C GLY F 95 -4.21 -0.57 -31.95
N ARG F 96 -4.81 -1.72 -31.73
CA ARG F 96 -4.73 -2.34 -30.41
C ARG F 96 -3.57 -3.34 -30.41
N ASN F 97 -3.10 -3.71 -29.25
CA ASN F 97 -1.91 -4.57 -29.14
C ASN F 97 -2.36 -6.02 -29.06
N HIS F 98 -2.33 -6.75 -30.17
CA HIS F 98 -2.85 -8.12 -30.20
C HIS F 98 -1.75 -9.16 -30.23
N PHE F 99 -1.57 -9.88 -29.14
CA PHE F 99 -0.53 -10.91 -29.04
C PHE F 99 -1.22 -12.25 -28.90
N CYS F 100 -1.25 -13.05 -29.96
CA CYS F 100 -2.07 -14.29 -29.92
C CYS F 100 -1.31 -15.39 -29.20
N MET F 101 0.00 -15.33 -29.20
CA MET F 101 0.86 -16.30 -28.50
C MET F 101 0.31 -16.61 -27.11
N TYR F 102 -0.15 -15.64 -26.33
CA TYR F 102 -0.61 -15.85 -24.94
C TYR F 102 -2.09 -15.54 -24.73
N CYS F 103 -2.91 -15.52 -25.76
CA CYS F 103 -4.31 -15.12 -25.54
C CYS F 103 -5.10 -16.37 -25.20
N SER F 104 -5.96 -16.25 -24.21
CA SER F 104 -6.82 -17.37 -23.81
C SER F 104 -7.62 -17.81 -25.02
N GLN F 105 -8.02 -16.88 -25.86
CA GLN F 105 -8.92 -17.25 -26.94
C GLN F 105 -8.19 -17.37 -28.27
N SER F 106 -7.09 -18.09 -28.35
CA SER F 106 -6.44 -18.20 -29.66
C SER F 106 -6.91 -19.48 -30.31
N GLY F 107 -8.02 -19.43 -30.99
CA GLY F 107 -8.63 -20.61 -31.61
C GLY F 107 -10.10 -20.31 -31.67
N ASP F 108 -10.53 -19.44 -30.78
CA ASP F 108 -11.93 -18.99 -30.76
C ASP F 108 -12.03 -17.54 -31.26
N CYS F 109 -10.98 -16.74 -31.11
CA CYS F 109 -11.08 -15.32 -31.48
C CYS F 109 -11.68 -15.20 -32.87
N GLU F 110 -12.71 -14.38 -33.01
CA GLU F 110 -13.36 -14.17 -34.31
C GLU F 110 -12.57 -13.14 -35.09
N LEU F 111 -11.65 -12.44 -34.46
CA LEU F 111 -10.78 -11.51 -35.22
C LEU F 111 -9.65 -12.35 -35.79
N GLN F 112 -9.32 -13.44 -35.11
CA GLN F 112 -8.23 -14.31 -35.56
C GLN F 112 -8.71 -15.20 -36.69
N ARG F 113 -9.93 -15.73 -36.56
CA ARG F 113 -10.51 -16.58 -37.62
C ARG F 113 -10.58 -15.75 -38.91
N LEU F 114 -11.10 -14.52 -38.81
CA LEU F 114 -11.22 -13.64 -40.00
C LEU F 114 -9.83 -13.34 -40.58
N ALA F 115 -8.85 -13.04 -39.72
CA ALA F 115 -7.49 -12.70 -40.19
C ALA F 115 -6.90 -13.88 -40.98
N ILE F 116 -7.00 -15.09 -40.44
CA ILE F 116 -6.46 -16.31 -41.12
C ILE F 116 -7.24 -16.55 -42.42
N GLU F 117 -8.56 -16.36 -42.38
CA GLU F 117 -9.41 -16.54 -43.60
C GLU F 117 -8.97 -15.58 -44.70
N HIS F 118 -8.69 -14.33 -44.34
CA HIS F 118 -8.30 -13.30 -45.34
C HIS F 118 -6.78 -13.33 -45.56
N GLU F 119 -6.10 -14.38 -45.11
CA GLU F 119 -4.63 -14.54 -45.31
C GLU F 119 -3.92 -13.25 -44.91
N MET F 120 -4.07 -12.85 -43.63
CA MET F 120 -3.41 -11.60 -43.14
C MET F 120 -1.98 -11.95 -42.71
N ASP F 121 -1.08 -12.09 -43.68
CA ASP F 121 0.35 -12.39 -43.35
C ASP F 121 1.09 -11.05 -43.20
N SER F 122 0.56 -10.10 -42.45
CA SER F 122 1.20 -8.77 -42.24
C SER F 122 0.28 -7.85 -41.43
N VAL F 123 0.70 -6.61 -41.22
CA VAL F 123 -0.17 -5.61 -40.52
C VAL F 123 -0.31 -4.40 -41.45
N ARG F 124 0.70 -4.13 -42.30
CA ARG F 124 0.67 -3.00 -43.28
C ARG F 124 0.68 -1.64 -42.56
N PHE F 125 -0.34 -1.35 -41.75
CA PHE F 125 -0.44 -0.04 -41.07
C PHE F 125 0.51 0.01 -39.86
N PRO F 126 1.16 1.16 -39.59
CA PRO F 126 2.08 1.30 -38.46
C PRO F 126 1.48 0.85 -37.12
N TYR F 127 2.23 0.06 -36.35
CA TYR F 127 1.74 -0.45 -35.05
C TYR F 127 1.73 0.67 -34.01
N LEU F 128 0.56 1.15 -33.61
CA LEU F 128 0.47 2.14 -32.53
C LEU F 128 0.55 1.34 -31.25
N TYR F 129 1.64 1.47 -30.50
CA TYR F 129 1.85 0.61 -29.33
C TYR F 129 1.40 1.28 -28.05
N GLU F 130 0.16 1.76 -28.04
CA GLU F 130 -0.31 2.50 -26.88
C GLU F 130 -0.71 1.57 -25.75
N ASP F 131 -0.78 2.14 -24.57
CA ASP F 131 -0.94 1.38 -23.34
C ASP F 131 -2.42 1.39 -22.94
N PHE F 132 -3.10 0.30 -23.22
CA PHE F 132 -4.45 0.08 -22.75
C PHE F 132 -4.39 -0.82 -21.52
N GLU F 133 -5.22 -0.51 -20.54
CA GLU F 133 -5.11 -1.14 -19.24
C GLU F 133 -5.65 -2.56 -19.26
N VAL F 134 -5.05 -3.40 -18.43
CA VAL F 134 -5.45 -4.78 -18.26
C VAL F 134 -6.18 -4.86 -16.93
N ASP F 135 -7.52 -4.89 -17.02
CA ASP F 135 -8.36 -4.90 -15.80
C ASP F 135 -8.64 -6.34 -15.39
N ALA F 136 -7.81 -6.86 -14.48
CA ALA F 136 -8.02 -8.20 -13.96
C ALA F 136 -8.25 -8.16 -12.46
N THR F 137 -8.81 -7.04 -11.98
CA THR F 137 -9.16 -6.90 -10.57
C THR F 137 -10.24 -7.90 -10.16
N ASP F 138 -11.18 -8.17 -11.05
CA ASP F 138 -12.24 -9.14 -10.77
C ASP F 138 -11.64 -10.54 -10.72
N PRO F 139 -11.83 -11.29 -9.63
CA PRO F 139 -11.26 -12.65 -9.57
C PRO F 139 -11.89 -13.65 -10.53
N ASN F 140 -12.98 -13.30 -11.21
CA ASN F 140 -13.68 -14.19 -12.12
C ASN F 140 -13.55 -13.81 -13.58
N LEU F 141 -13.63 -12.53 -13.90
CA LEU F 141 -13.47 -12.04 -15.27
C LEU F 141 -12.22 -11.19 -15.37
N MET F 142 -11.61 -11.20 -16.55
CA MET F 142 -10.46 -10.34 -16.83
C MET F 142 -10.73 -9.61 -18.13
N MET F 143 -10.46 -8.31 -18.15
CA MET F 143 -10.69 -7.46 -19.31
C MET F 143 -9.34 -6.92 -19.75
N ASP F 144 -8.73 -7.57 -20.74
CA ASP F 144 -7.46 -7.13 -21.30
C ASP F 144 -7.75 -6.26 -22.50
N HIS F 145 -7.79 -4.94 -22.29
CA HIS F 145 -8.31 -4.00 -23.27
C HIS F 145 -7.48 -3.87 -24.54
N ASN F 146 -6.23 -4.34 -24.56
CA ASN F 146 -5.50 -4.22 -25.81
C ASN F 146 -5.88 -5.29 -26.84
N ARG F 147 -6.94 -6.05 -26.62
CA ARG F 147 -7.51 -6.92 -27.63
C ARG F 147 -8.91 -6.48 -28.03
N CYS F 148 -9.32 -5.27 -27.66
CA CYS F 148 -10.73 -4.83 -27.83
C CYS F 148 -11.01 -4.16 -29.15
N VAL F 149 -11.62 -4.88 -30.07
CA VAL F 149 -12.00 -4.36 -31.38
C VAL F 149 -13.00 -3.22 -31.31
N LEU F 150 -13.62 -3.07 -30.14
CA LEU F 150 -14.70 -2.07 -29.90
C LEU F 150 -15.91 -2.44 -30.74
N CYS F 151 -16.62 -3.50 -30.35
CA CYS F 151 -17.79 -4.01 -31.09
C CYS F 151 -19.03 -3.76 -30.28
N GLN F 152 -18.87 -3.32 -29.04
CA GLN F 152 -20.01 -3.01 -28.16
C GLN F 152 -20.87 -4.26 -27.96
N ARG F 153 -20.42 -5.45 -28.34
CA ARG F 153 -21.29 -6.61 -28.07
C ARG F 153 -21.32 -6.89 -26.57
N CYS F 154 -20.53 -6.22 -25.76
CA CYS F 154 -20.45 -6.47 -24.31
C CYS F 154 -21.25 -5.39 -23.61
N ILE F 155 -21.32 -4.22 -24.23
CA ILE F 155 -22.13 -3.11 -23.69
C ILE F 155 -23.56 -3.51 -23.98
N ARG F 156 -23.84 -3.93 -25.19
CA ARG F 156 -25.20 -4.31 -25.58
C ARG F 156 -25.67 -5.54 -24.80
N THR F 157 -24.85 -6.55 -24.57
CA THR F 157 -25.30 -7.70 -23.81
C THR F 157 -25.41 -7.40 -22.33
N CYS F 158 -24.88 -6.27 -21.86
CA CYS F 158 -25.04 -5.90 -20.43
C CYS F 158 -26.06 -4.76 -20.34
N SER F 159 -26.47 -4.19 -21.47
CA SER F 159 -27.50 -3.17 -21.45
C SER F 159 -28.88 -3.69 -21.79
N GLU F 160 -29.00 -4.55 -22.80
CA GLU F 160 -30.29 -5.02 -23.26
C GLU F 160 -30.62 -6.46 -22.87
N ILE F 161 -29.65 -7.24 -22.42
CA ILE F 161 -29.87 -8.64 -22.11
C ILE F 161 -29.72 -8.91 -20.61
N VAL F 162 -28.74 -8.31 -19.96
CA VAL F 162 -28.57 -8.47 -18.53
C VAL F 162 -29.21 -7.33 -17.75
N GLY F 163 -29.10 -6.10 -18.24
CA GLY F 163 -29.77 -4.98 -17.64
C GLY F 163 -28.94 -4.22 -16.64
N ALA F 164 -28.11 -4.92 -15.88
CA ALA F 164 -27.21 -4.30 -14.91
C ALA F 164 -26.12 -3.62 -15.72
N HIS F 165 -26.45 -2.42 -16.22
CA HIS F 165 -25.77 -1.76 -17.32
C HIS F 165 -24.38 -1.31 -16.88
N THR F 166 -23.48 -2.27 -16.70
CA THR F 166 -22.20 -2.00 -16.09
C THR F 166 -21.23 -1.40 -17.09
N LEU F 167 -21.24 -1.89 -18.31
CA LEU F 167 -20.27 -1.50 -19.31
C LEU F 167 -20.88 -0.45 -20.25
N ASP F 168 -20.11 0.59 -20.52
CA ASP F 168 -20.44 1.54 -21.57
C ASP F 168 -19.13 2.07 -22.12
N LEU F 169 -19.21 2.96 -23.09
CA LEU F 169 -18.00 3.51 -23.68
C LEU F 169 -17.55 4.74 -22.92
N GLU F 170 -16.22 4.95 -22.91
CA GLU F 170 -15.68 6.01 -22.06
C GLU F 170 -15.53 7.33 -22.82
N ARG F 171 -14.68 7.38 -23.83
CA ARG F 171 -14.38 8.63 -24.51
C ARG F 171 -14.74 8.52 -25.98
N ARG F 172 -14.38 9.54 -26.73
CA ARG F 172 -14.71 9.58 -28.14
C ARG F 172 -13.47 9.27 -28.96
N GLY F 173 -13.70 8.97 -30.25
CA GLY F 173 -12.59 8.75 -31.16
C GLY F 173 -11.75 7.58 -30.74
N TRP F 174 -10.44 7.80 -30.83
CA TRP F 174 -9.48 6.75 -30.55
C TRP F 174 -9.40 6.42 -29.07
N GLN F 175 -9.65 7.37 -28.20
CA GLN F 175 -9.55 7.11 -26.78
C GLN F 175 -10.74 6.31 -26.22
N ALA F 176 -11.61 5.77 -27.07
CA ALA F 176 -12.82 5.09 -26.60
C ALA F 176 -12.45 3.76 -25.98
N LYS F 177 -12.75 3.62 -24.69
CA LYS F 177 -12.47 2.42 -23.92
C LYS F 177 -13.77 1.91 -23.31
N VAL F 178 -13.85 0.61 -23.14
CA VAL F 178 -14.99 0.00 -22.47
C VAL F 178 -14.69 0.03 -20.97
N ILE F 179 -15.59 0.65 -20.21
CA ILE F 179 -15.37 0.90 -18.79
C ILE F 179 -16.54 0.34 -17.99
N ALA F 180 -16.27 0.04 -16.74
CA ALA F 180 -17.32 -0.26 -15.77
C ALA F 180 -17.92 1.07 -15.29
N ASP F 181 -18.63 1.01 -14.15
CA ASP F 181 -19.31 2.21 -13.60
C ASP F 181 -18.32 3.34 -13.33
N LEU F 182 -18.66 4.57 -13.75
CA LEU F 182 -17.81 5.76 -13.47
C LEU F 182 -16.33 5.46 -13.76
N GLY F 183 -16.03 4.80 -14.88
CA GLY F 183 -14.64 4.52 -15.27
C GLY F 183 -13.85 3.85 -14.16
N LYS F 184 -14.47 2.93 -13.43
CA LYS F 184 -13.77 2.19 -12.35
C LYS F 184 -13.47 0.77 -12.83
N ARG F 185 -12.88 -0.05 -11.95
CA ARG F 185 -12.54 -1.46 -12.32
C ARG F 185 -13.77 -2.35 -12.14
N LEU F 186 -13.78 -3.53 -12.75
CA LEU F 186 -14.97 -4.42 -12.70
C LEU F 186 -15.22 -4.88 -11.26
N ARG F 187 -14.16 -5.11 -10.48
CA ARG F 187 -14.31 -5.51 -9.06
C ARG F 187 -14.94 -4.36 -8.27
N GLU F 188 -14.53 -3.12 -8.55
CA GLU F 188 -15.04 -1.94 -7.82
C GLU F 188 -16.50 -1.65 -8.21
N SER F 189 -17.00 -2.28 -9.28
CA SER F 189 -18.37 -2.00 -9.77
C SER F 189 -19.43 -2.58 -8.83
N ASP F 190 -20.43 -1.77 -8.48
CA ASP F 190 -21.53 -2.22 -7.64
C ASP F 190 -22.59 -2.93 -8.48
N THR F 191 -22.67 -2.56 -9.74
CA THR F 191 -23.76 -3.09 -10.58
C THR F 191 -23.37 -4.30 -11.43
N CYS F 192 -22.24 -4.97 -11.22
CA CYS F 192 -22.03 -6.22 -12.03
C CYS F 192 -22.57 -7.41 -11.27
N VAL F 193 -23.46 -8.16 -11.90
CA VAL F 193 -24.07 -9.34 -11.26
C VAL F 193 -23.14 -10.52 -11.51
N ASN F 194 -21.91 -10.25 -11.93
CA ASN F 194 -20.90 -11.30 -12.26
C ASN F 194 -21.59 -12.40 -13.04
N CYS F 195 -22.03 -12.12 -14.26
CA CYS F 195 -22.84 -13.07 -15.04
C CYS F 195 -21.96 -13.81 -16.04
N GLY F 196 -21.09 -13.09 -16.75
CA GLY F 196 -20.22 -13.72 -17.75
C GLY F 196 -20.80 -13.60 -19.13
N ALA F 197 -21.97 -13.01 -19.26
CA ALA F 197 -22.61 -12.91 -20.57
C ALA F 197 -21.76 -11.98 -21.39
N CYS F 198 -20.89 -11.21 -20.75
CA CYS F 198 -19.96 -10.27 -21.41
C CYS F 198 -18.83 -11.08 -21.98
N ALA F 199 -18.53 -12.21 -21.37
CA ALA F 199 -17.51 -13.10 -21.88
C ALA F 199 -18.03 -14.00 -22.98
N GLN F 200 -19.34 -14.23 -23.03
CA GLN F 200 -19.92 -15.02 -24.10
C GLN F 200 -20.17 -14.16 -25.32
N SER F 201 -20.29 -12.86 -25.13
CA SER F 201 -20.47 -11.94 -26.24
C SER F 201 -19.17 -11.47 -26.83
N CYS F 202 -18.08 -11.48 -26.07
CA CYS F 202 -16.83 -10.88 -26.59
C CYS F 202 -16.23 -11.85 -27.57
N PRO F 203 -16.02 -11.42 -28.81
CA PRO F 203 -15.44 -12.29 -29.84
C PRO F 203 -13.93 -12.27 -29.82
N THR F 204 -13.33 -11.32 -29.11
CA THR F 204 -11.93 -10.96 -29.30
C THR F 204 -11.11 -11.06 -28.03
N GLY F 205 -11.39 -12.02 -27.17
CA GLY F 205 -10.56 -12.34 -26.02
C GLY F 205 -10.21 -11.25 -25.03
N THR F 206 -10.85 -10.09 -25.13
CA THR F 206 -10.71 -9.05 -24.14
C THR F 206 -11.26 -9.53 -22.80
N ILE F 207 -12.53 -9.87 -22.77
CA ILE F 207 -13.17 -10.39 -21.57
C ILE F 207 -13.04 -11.90 -21.58
N THR F 208 -12.40 -12.45 -20.55
CA THR F 208 -12.22 -13.89 -20.44
C THR F 208 -12.55 -14.33 -19.03
N ILE F 209 -13.15 -15.51 -18.92
CA ILE F 209 -13.29 -16.18 -17.64
C ILE F 209 -11.92 -16.67 -17.22
N ARG F 210 -11.45 -16.22 -16.06
CA ARG F 210 -10.07 -16.46 -15.67
C ARG F 210 -9.84 -17.91 -15.28
N GLU F 211 -10.71 -18.45 -14.43
CA GLU F 211 -10.50 -19.77 -13.82
C GLU F 211 -10.38 -20.88 -14.86
N PHE F 212 -11.01 -20.69 -16.02
CA PHE F 212 -11.03 -21.71 -17.06
C PHE F 212 -10.35 -21.20 -18.33
N ALA F 213 -9.32 -20.38 -18.14
CA ALA F 213 -8.56 -19.86 -19.27
C ALA F 213 -7.71 -20.98 -19.82
N TYR F 214 -7.60 -21.01 -21.16
CA TYR F 214 -6.82 -21.93 -21.99
C TYR F 214 -7.43 -23.33 -22.07
N ARG F 215 -8.45 -23.61 -21.27
CA ARG F 215 -9.14 -24.89 -21.29
C ARG F 215 -10.52 -24.75 -21.88
N GLY F 216 -11.21 -23.67 -21.55
CA GLY F 216 -12.51 -23.41 -22.13
C GLY F 216 -12.45 -22.79 -23.50
N ARG F 217 -11.72 -23.43 -24.39
CA ARG F 217 -11.68 -23.05 -25.79
C ARG F 217 -12.61 -23.97 -26.57
N ARG F 218 -13.37 -23.40 -27.49
CA ARG F 218 -14.33 -24.20 -28.24
C ARG F 218 -13.66 -25.02 -29.33
N SER F 219 -12.47 -24.62 -29.78
CA SER F 219 -11.78 -25.39 -30.80
C SER F 219 -11.14 -26.64 -30.24
N GLU F 220 -10.71 -26.63 -28.98
CA GLU F 220 -10.06 -27.77 -28.37
C GLU F 220 -11.01 -28.59 -27.50
N CYS F 221 -12.30 -28.64 -27.85
CA CYS F 221 -13.28 -29.38 -27.09
C CYS F 221 -13.36 -30.82 -27.59
N ASP F 222 -13.55 -31.75 -26.65
CA ASP F 222 -13.76 -33.13 -27.04
C ASP F 222 -15.21 -33.36 -27.44
N ALA F 223 -16.15 -32.74 -26.73
CA ALA F 223 -17.55 -32.86 -27.11
C ALA F 223 -18.28 -31.58 -26.76
N VAL F 224 -19.46 -31.41 -27.35
CA VAL F 224 -20.33 -30.28 -27.08
C VAL F 224 -21.73 -30.83 -26.80
N VAL F 225 -22.14 -30.81 -25.53
CA VAL F 225 -23.39 -31.40 -25.11
C VAL F 225 -24.35 -30.30 -24.70
N GLU F 226 -25.52 -30.29 -25.32
CA GLU F 226 -26.58 -29.35 -24.96
C GLU F 226 -27.42 -29.94 -23.84
N SER F 227 -27.73 -29.12 -22.84
CA SER F 227 -28.54 -29.57 -21.70
C SER F 227 -29.22 -28.39 -21.02
N VAL F 228 -29.51 -28.54 -19.75
CA VAL F 228 -30.22 -27.52 -18.97
C VAL F 228 -29.47 -27.36 -17.66
N CYS F 229 -29.25 -26.13 -17.22
CA CYS F 229 -28.60 -25.89 -15.92
C CYS F 229 -29.51 -26.47 -14.87
N PRO F 230 -28.98 -27.26 -13.94
CA PRO F 230 -29.80 -27.87 -12.98
C PRO F 230 -29.74 -27.11 -11.67
N LEU F 231 -29.31 -25.87 -11.69
CA LEU F 231 -29.09 -25.17 -10.41
C LEU F 231 -30.28 -24.30 -10.01
N CYS F 232 -31.05 -23.72 -10.93
CA CYS F 232 -32.26 -22.97 -10.49
C CYS F 232 -33.46 -23.34 -11.35
N ALA F 233 -34.60 -22.71 -11.12
CA ALA F 233 -35.86 -23.10 -11.81
C ALA F 233 -35.87 -22.60 -13.23
N VAL F 234 -35.17 -21.52 -13.51
CA VAL F 234 -35.23 -20.89 -14.85
C VAL F 234 -34.79 -21.94 -15.85
N GLY F 235 -33.89 -22.83 -15.45
CA GLY F 235 -33.50 -23.94 -16.33
C GLY F 235 -32.93 -23.45 -17.62
N CYS F 236 -31.92 -22.61 -17.52
CA CYS F 236 -31.32 -22.01 -18.72
C CYS F 236 -30.78 -23.13 -19.60
N LYS F 237 -30.78 -22.93 -20.90
CA LYS F 237 -30.31 -23.94 -21.87
C LYS F 237 -28.82 -23.72 -22.05
N ILE F 238 -28.00 -24.76 -21.99
CA ILE F 238 -26.55 -24.61 -21.96
C ILE F 238 -25.93 -25.50 -23.03
N LYS F 239 -24.70 -25.13 -23.42
CA LYS F 239 -23.97 -25.76 -24.52
C LYS F 239 -22.62 -26.25 -24.03
N THR F 240 -22.63 -27.05 -22.95
CA THR F 240 -21.43 -27.41 -22.21
C THR F 240 -20.36 -28.05 -23.09
N TYR F 241 -19.16 -27.47 -23.05
CA TYR F 241 -18.01 -27.99 -23.75
C TYR F 241 -17.23 -28.92 -22.85
N VAL F 242 -16.92 -30.11 -23.34
CA VAL F 242 -16.28 -31.16 -22.57
C VAL F 242 -14.90 -31.40 -23.15
N ARG F 243 -13.88 -31.31 -22.30
CA ARG F 243 -12.49 -31.52 -22.68
C ARG F 243 -11.89 -32.46 -21.64
N THR F 244 -11.72 -33.74 -22.01
CA THR F 244 -11.12 -34.78 -21.18
C THR F 244 -11.84 -34.92 -19.83
N GLY F 245 -13.12 -35.28 -19.92
CA GLY F 245 -13.89 -35.61 -18.74
C GLY F 245 -14.21 -34.48 -17.80
N SER F 246 -14.06 -33.24 -18.23
CA SER F 246 -14.44 -32.08 -17.42
C SER F 246 -15.08 -31.04 -18.33
N ILE F 247 -16.05 -30.33 -17.78
CA ILE F 247 -16.64 -29.20 -18.50
C ILE F 247 -15.71 -28.00 -18.35
N VAL F 248 -15.32 -27.44 -19.48
CA VAL F 248 -14.35 -26.35 -19.49
C VAL F 248 -14.99 -24.99 -19.77
N ARG F 249 -16.21 -24.95 -20.32
CA ARG F 249 -16.86 -23.71 -20.68
C ARG F 249 -18.34 -23.98 -20.89
N VAL F 250 -19.18 -23.19 -20.23
CA VAL F 250 -20.63 -23.33 -20.31
C VAL F 250 -21.17 -22.04 -20.91
N GLU F 251 -21.44 -22.06 -22.21
CA GLU F 251 -22.08 -20.92 -22.86
C GLU F 251 -23.56 -21.26 -23.06
N GLY F 252 -24.41 -20.28 -22.83
CA GLY F 252 -25.82 -20.53 -22.86
C GLY F 252 -26.47 -20.33 -24.21
N THR F 253 -26.98 -21.41 -24.80
CA THR F 253 -27.86 -21.26 -25.94
C THR F 253 -29.16 -20.60 -25.51
N GLY F 254 -29.91 -20.14 -26.50
CA GLY F 254 -31.15 -19.45 -26.22
C GLY F 254 -31.00 -17.97 -26.41
N VAL F 255 -30.18 -17.59 -27.39
CA VAL F 255 -30.05 -16.20 -27.80
C VAL F 255 -31.28 -15.67 -28.51
N GLU F 256 -32.21 -16.56 -28.89
CA GLU F 256 -33.49 -16.18 -29.47
C GLU F 256 -34.60 -16.16 -28.43
N GLU F 257 -34.45 -16.92 -27.36
CA GLU F 257 -35.37 -16.88 -26.24
C GLU F 257 -35.21 -15.53 -25.51
N PRO F 258 -36.19 -15.15 -24.67
CA PRO F 258 -36.09 -13.84 -24.00
C PRO F 258 -34.90 -13.66 -23.08
N ASP F 259 -34.34 -14.75 -22.53
CA ASP F 259 -33.20 -14.63 -21.63
C ASP F 259 -31.95 -14.15 -22.38
N GLY F 260 -31.62 -14.78 -23.50
CA GLY F 260 -30.49 -14.34 -24.29
C GLY F 260 -29.15 -14.92 -23.90
N GLY F 261 -29.13 -16.14 -23.37
CA GLY F 261 -27.89 -16.81 -23.07
C GLY F 261 -27.11 -16.30 -21.89
N GLN F 262 -27.65 -15.35 -21.12
CA GLN F 262 -26.96 -14.79 -19.96
C GLN F 262 -27.10 -15.73 -18.77
N LEU F 263 -26.34 -16.79 -18.82
CA LEU F 263 -26.44 -17.69 -17.69
C LEU F 263 -25.87 -16.90 -16.52
N CYS F 264 -26.15 -17.31 -15.29
CA CYS F 264 -25.66 -16.59 -14.09
C CYS F 264 -24.27 -17.01 -13.68
N HIS F 265 -23.80 -16.49 -12.56
CA HIS F 265 -22.49 -16.89 -12.00
C HIS F 265 -22.55 -18.36 -11.66
N MET F 266 -23.65 -18.80 -11.09
CA MET F 266 -23.71 -20.20 -10.64
C MET F 266 -23.67 -21.13 -11.84
N GLY F 267 -23.93 -20.65 -13.04
CA GLY F 267 -24.00 -21.56 -14.19
C GLY F 267 -22.81 -21.45 -15.10
N ARG F 268 -22.23 -20.27 -15.21
CA ARG F 268 -21.01 -20.11 -16.00
C ARG F 268 -19.79 -20.23 -15.10
N TRP F 269 -19.98 -20.53 -13.81
CA TRP F 269 -18.80 -20.55 -12.96
C TRP F 269 -18.82 -21.67 -11.94
N TRP F 270 -19.97 -22.25 -11.65
CA TRP F 270 -20.06 -23.39 -10.75
C TRP F 270 -20.23 -24.69 -11.50
N LEU F 271 -20.89 -24.66 -12.66
CA LEU F 271 -21.01 -25.87 -13.48
C LEU F 271 -19.66 -26.36 -14.00
N PRO F 272 -18.78 -25.53 -14.61
CA PRO F 272 -17.49 -26.09 -15.00
C PRO F 272 -16.57 -26.37 -13.82
N GLU F 273 -16.68 -25.60 -12.73
CA GLU F 273 -15.86 -25.85 -11.54
C GLU F 273 -16.31 -27.08 -10.78
N SER F 274 -17.51 -27.59 -11.01
CA SER F 274 -17.97 -28.76 -10.29
C SER F 274 -17.50 -30.04 -10.96
N THR F 275 -17.16 -29.99 -12.24
CA THR F 275 -16.55 -31.12 -12.91
C THR F 275 -15.10 -31.34 -12.52
N GLU F 276 -14.57 -30.58 -11.58
CA GLU F 276 -13.22 -30.71 -11.10
C GLU F 276 -13.18 -30.72 -9.59
N ARG F 277 -14.08 -31.47 -8.99
CA ARG F 277 -14.15 -31.56 -7.54
C ARG F 277 -13.65 -32.94 -7.12
N GLU F 278 -13.76 -33.23 -5.82
CA GLU F 278 -12.96 -34.32 -5.25
C GLU F 278 -13.47 -35.71 -5.65
N ARG F 279 -14.79 -35.89 -5.80
CA ARG F 279 -15.37 -37.10 -6.40
C ARG F 279 -15.02 -38.40 -5.70
N VAL F 280 -15.63 -38.68 -4.53
CA VAL F 280 -15.30 -39.81 -3.66
C VAL F 280 -15.07 -41.17 -4.34
N THR F 281 -16.05 -41.66 -5.12
CA THR F 281 -15.99 -42.91 -5.89
C THR F 281 -15.57 -44.15 -5.08
N VAL F 282 -15.73 -44.14 -3.76
CA VAL F 282 -15.51 -45.27 -2.84
C VAL F 282 -16.22 -44.99 -1.52
N PRO F 283 -16.97 -45.95 -1.00
CA PRO F 283 -17.72 -45.77 0.25
C PRO F 283 -16.79 -45.56 1.44
N LEU F 284 -16.93 -44.41 2.08
CA LEU F 284 -16.08 -44.07 3.23
C LEU F 284 -16.77 -44.49 4.52
N ILE F 285 -16.19 -44.05 5.64
CA ILE F 285 -16.74 -44.29 7.01
C ILE F 285 -16.03 -43.25 7.91
N ARG F 286 -16.70 -42.65 8.90
CA ARG F 286 -16.14 -41.53 9.70
C ARG F 286 -14.84 -41.87 10.44
N GLU F 287 -14.85 -42.82 11.38
CA GLU F 287 -13.65 -43.22 12.19
C GLU F 287 -13.22 -42.10 13.17
N GLY F 288 -13.85 -40.93 13.14
CA GLY F 288 -13.40 -39.83 13.96
C GLY F 288 -12.47 -38.89 13.22
N ALA F 289 -13.05 -37.78 12.71
CA ALA F 289 -12.37 -36.62 12.14
C ALA F 289 -11.70 -36.84 10.78
N SER F 290 -11.68 -38.08 10.28
CA SER F 290 -11.02 -38.37 9.02
C SER F 290 -11.53 -39.70 8.49
N TYR F 291 -11.98 -39.69 7.24
CA TYR F 291 -12.64 -40.85 6.64
C TYR F 291 -11.65 -41.94 6.28
N ARG F 292 -12.14 -43.18 6.30
CA ARG F 292 -11.36 -44.33 5.88
C ARG F 292 -12.08 -45.05 4.76
N GLU F 293 -11.31 -45.63 3.84
CA GLU F 293 -11.89 -46.31 2.69
C GLU F 293 -12.49 -47.64 3.12
N ALA F 294 -13.78 -47.81 2.84
CA ALA F 294 -14.50 -49.04 3.15
C ALA F 294 -15.05 -49.66 1.88
N THR F 295 -15.41 -50.93 1.98
CA THR F 295 -16.08 -51.60 0.87
C THR F 295 -17.57 -51.30 0.92
N TRP F 296 -18.25 -51.58 -0.20
CA TRP F 296 -19.69 -51.31 -0.28
C TRP F 296 -20.48 -52.19 0.67
N GLU F 297 -20.06 -53.45 0.83
CA GLU F 297 -20.71 -54.35 1.78
C GLU F 297 -20.56 -53.85 3.21
N GLU F 298 -19.33 -53.47 3.59
CA GLU F 298 -19.05 -52.97 4.93
C GLU F 298 -19.81 -51.68 5.23
N ALA F 299 -19.77 -50.74 4.29
CA ALA F 299 -20.39 -49.43 4.50
C ALA F 299 -21.91 -49.54 4.54
N LEU F 300 -22.49 -50.33 3.61
CA LEU F 300 -23.94 -50.49 3.63
C LEU F 300 -24.40 -51.31 4.82
N ALA F 301 -23.55 -52.20 5.34
CA ALA F 301 -23.90 -52.91 6.56
C ALA F 301 -23.90 -51.97 7.76
N LEU F 302 -22.87 -51.15 7.89
CA LEU F 302 -22.80 -50.21 9.00
C LEU F 302 -23.82 -49.08 8.84
N ALA F 303 -24.35 -48.87 7.64
CA ALA F 303 -25.37 -47.85 7.43
C ALA F 303 -26.78 -48.42 7.47
N SER F 304 -26.93 -49.73 7.38
CA SER F 304 -28.24 -50.36 7.53
C SER F 304 -28.48 -50.87 8.95
N ALA F 305 -27.42 -51.26 9.67
CA ALA F 305 -27.54 -51.58 11.09
C ALA F 305 -28.02 -50.36 11.86
N GLU F 306 -27.54 -49.18 11.49
CA GLU F 306 -27.97 -47.93 12.08
C GLU F 306 -29.32 -47.47 11.54
N PHE F 307 -29.81 -48.13 10.48
CA PHE F 307 -31.14 -47.86 9.93
C PHE F 307 -32.17 -48.89 10.37
N LYS F 308 -31.76 -49.93 11.07
CA LYS F 308 -32.75 -50.81 11.68
C LYS F 308 -32.95 -50.53 13.15
N LYS F 309 -31.87 -50.24 13.88
CA LYS F 309 -31.98 -49.82 15.27
C LYS F 309 -32.64 -48.45 15.44
N ALA F 310 -32.85 -47.72 14.36
CA ALA F 310 -33.45 -46.41 14.38
C ALA F 310 -34.76 -46.35 13.61
N TYR F 311 -35.25 -47.46 13.08
CA TYR F 311 -36.55 -47.49 12.42
C TYR F 311 -37.63 -48.16 13.26
N ASP F 312 -37.26 -49.05 14.19
CA ASP F 312 -38.23 -49.63 15.12
C ASP F 312 -38.89 -48.54 15.97
N GLN F 313 -38.10 -47.87 16.81
CA GLN F 313 -38.49 -46.56 17.27
C GLN F 313 -38.29 -45.64 16.09
N GLU F 314 -39.30 -44.81 15.78
CA GLU F 314 -39.50 -44.12 14.49
C GLU F 314 -38.23 -43.49 13.92
N LYS F 315 -37.71 -42.46 14.60
CA LYS F 315 -36.33 -41.96 14.58
C LYS F 315 -35.53 -42.10 13.29
N ALA F 316 -36.12 -41.72 12.16
CA ALA F 316 -35.46 -41.90 10.87
C ALA F 316 -36.04 -40.93 9.88
N GLY F 317 -35.18 -40.38 9.04
CA GLY F 317 -35.62 -39.41 8.06
C GLY F 317 -34.81 -39.46 6.78
N ALA F 318 -35.09 -38.53 5.88
CA ALA F 318 -34.40 -38.48 4.60
C ALA F 318 -34.52 -37.09 4.01
N ILE F 319 -33.39 -36.51 3.65
CA ILE F 319 -33.35 -35.18 3.08
C ILE F 319 -32.74 -35.34 1.70
N LEU F 320 -33.58 -35.52 0.70
CA LEU F 320 -33.11 -35.73 -0.65
C LEU F 320 -32.89 -34.37 -1.30
N SER F 321 -32.37 -34.36 -2.52
CA SER F 321 -32.09 -33.09 -3.17
C SER F 321 -33.13 -32.85 -4.25
N SER F 322 -33.56 -31.61 -4.37
CA SER F 322 -34.51 -31.25 -5.39
C SER F 322 -33.83 -30.91 -6.71
N LEU F 323 -32.50 -30.95 -6.74
CA LEU F 323 -31.78 -30.91 -8.00
C LEU F 323 -31.67 -32.28 -8.64
N CYS F 324 -32.20 -33.31 -8.00
CA CYS F 324 -32.24 -34.64 -8.57
C CYS F 324 -33.37 -34.77 -9.59
N THR F 325 -33.16 -35.67 -10.54
CA THR F 325 -34.15 -35.97 -11.56
C THR F 325 -35.36 -36.67 -10.95
N ASP F 326 -36.43 -36.76 -11.75
CA ASP F 326 -37.61 -37.46 -11.29
C ASP F 326 -37.42 -38.97 -11.20
N GLU F 327 -36.48 -39.54 -11.98
CA GLU F 327 -36.16 -40.96 -11.85
C GLU F 327 -35.57 -41.27 -10.48
N GLU F 328 -34.56 -40.48 -10.06
CA GLU F 328 -33.92 -40.70 -8.77
C GLU F 328 -34.90 -40.46 -7.63
N LEU F 329 -35.71 -39.40 -7.73
CA LEU F 329 -36.66 -39.08 -6.67
C LEU F 329 -37.76 -40.13 -6.60
N THR F 330 -38.16 -40.69 -7.73
CA THR F 330 -39.13 -41.78 -7.75
C THR F 330 -38.54 -43.04 -7.11
N LEU F 331 -37.24 -43.29 -7.33
CA LEU F 331 -36.54 -44.39 -6.65
C LEU F 331 -36.55 -44.19 -5.14
N PHE F 332 -36.23 -42.96 -4.70
CA PHE F 332 -36.19 -42.66 -3.29
C PHE F 332 -37.56 -42.77 -2.67
N SER F 333 -38.60 -42.37 -3.40
CA SER F 333 -39.97 -42.57 -2.94
C SER F 333 -40.34 -44.04 -2.85
N ALA F 334 -39.81 -44.85 -3.77
CA ALA F 334 -40.04 -46.29 -3.73
C ALA F 334 -39.48 -46.88 -2.44
N LEU F 335 -38.30 -46.44 -2.03
CA LEU F 335 -37.78 -46.97 -0.77
C LEU F 335 -38.43 -46.29 0.43
N PHE F 336 -38.46 -44.97 0.45
CA PHE F 336 -38.74 -44.24 1.69
C PHE F 336 -40.22 -43.98 1.92
N ARG F 337 -40.94 -43.56 0.88
CA ARG F 337 -42.35 -43.24 1.07
C ARG F 337 -43.24 -44.49 1.01
N ASN F 338 -42.83 -45.54 0.29
CA ASN F 338 -43.71 -46.69 0.13
C ASN F 338 -43.24 -47.95 0.84
N ALA F 339 -41.97 -48.34 0.68
CA ALA F 339 -41.50 -49.59 1.28
C ALA F 339 -41.51 -49.52 2.80
N LEU F 340 -40.80 -48.56 3.38
CA LEU F 340 -40.73 -48.44 4.82
C LEU F 340 -41.60 -47.32 5.38
N LYS F 341 -42.32 -46.59 4.51
CA LYS F 341 -43.43 -45.70 4.89
C LYS F 341 -43.03 -44.55 5.82
N MET F 342 -41.79 -44.06 5.70
CA MET F 342 -41.39 -42.91 6.51
C MET F 342 -42.16 -41.66 6.14
N LYS F 343 -42.71 -41.00 7.14
CA LYS F 343 -43.37 -39.72 6.98
C LYS F 343 -42.42 -38.57 7.28
N HIS F 344 -41.12 -38.85 7.34
CA HIS F 344 -40.11 -37.85 7.64
C HIS F 344 -39.16 -37.66 6.47
N ILE F 345 -39.67 -37.63 5.25
CA ILE F 345 -38.83 -37.45 4.07
C ILE F 345 -38.99 -36.02 3.55
N ASP F 346 -37.86 -35.34 3.33
CA ASP F 346 -37.90 -33.97 2.82
C ASP F 346 -36.91 -33.78 1.68
N THR F 347 -36.75 -32.53 1.22
CA THR F 347 -36.09 -32.31 -0.07
C THR F 347 -35.10 -31.16 -0.08
N PHE F 348 -34.58 -30.77 1.11
CA PHE F 348 -33.51 -29.80 1.38
C PHE F 348 -33.99 -28.36 1.14
N ASP F 349 -35.17 -28.20 0.56
CA ASP F 349 -35.86 -26.94 0.40
C ASP F 349 -37.36 -27.12 0.58
N GLY F 350 -37.74 -28.12 1.40
CA GLY F 350 -39.14 -28.49 1.56
C GLY F 350 -40.02 -27.38 2.10
N ASP F 351 -39.44 -26.49 2.91
CA ASP F 351 -40.17 -25.34 3.41
C ASP F 351 -40.65 -24.46 2.26
N ILE F 352 -39.76 -24.17 1.31
CA ILE F 352 -40.09 -23.30 0.18
C ILE F 352 -41.15 -23.95 -0.71
N ILE F 353 -40.93 -25.22 -1.08
CA ILE F 353 -41.86 -25.92 -1.97
C ILE F 353 -43.23 -26.10 -1.32
N ARG F 354 -43.26 -26.52 -0.05
CA ARG F 354 -44.55 -26.71 0.61
C ARG F 354 -45.26 -25.40 0.91
N GLY F 355 -44.52 -24.33 1.22
CA GLY F 355 -45.15 -23.02 1.35
C GLY F 355 -45.76 -22.55 0.05
N PHE F 356 -45.02 -22.72 -1.05
CA PHE F 356 -45.50 -22.30 -2.36
C PHE F 356 -46.74 -23.10 -2.77
N PHE F 357 -46.71 -24.41 -2.56
CA PHE F 357 -47.79 -25.28 -3.00
C PHE F 357 -48.87 -25.46 -1.94
N LYS F 358 -48.79 -24.73 -0.83
CA LYS F 358 -49.90 -24.59 0.09
C LYS F 358 -50.44 -23.17 0.11
N GLY F 359 -49.75 -22.24 -0.52
CA GLY F 359 -50.29 -20.92 -0.73
C GLY F 359 -51.01 -20.81 -2.06
N PHE F 360 -50.46 -21.48 -3.07
CA PHE F 360 -51.09 -21.50 -4.39
C PHE F 360 -52.32 -22.40 -4.44
N MET F 361 -52.46 -23.32 -3.49
CA MET F 361 -53.51 -24.36 -3.58
C MET F 361 -54.96 -23.83 -3.56
N PRO F 362 -55.34 -22.74 -2.77
CA PRO F 362 -56.66 -22.11 -2.94
C PRO F 362 -57.10 -21.87 -4.38
N PHE F 363 -56.19 -21.29 -5.15
CA PHE F 363 -56.51 -20.97 -6.53
C PHE F 363 -56.62 -22.22 -7.39
N ARG F 364 -55.92 -23.31 -7.01
CA ARG F 364 -56.15 -24.59 -7.67
C ARG F 364 -57.55 -25.11 -7.39
N GLU F 365 -58.06 -24.84 -6.18
CA GLU F 365 -59.46 -25.15 -5.89
C GLU F 365 -60.38 -24.30 -6.75
N GLN F 366 -60.12 -23.00 -6.84
CA GLN F 366 -60.95 -22.11 -7.65
C GLN F 366 -60.80 -22.36 -9.15
N GLY F 367 -59.73 -22.99 -9.57
CA GLY F 367 -59.64 -23.40 -10.97
C GLY F 367 -58.94 -22.39 -11.85
N VAL F 368 -57.74 -21.95 -11.44
CA VAL F 368 -56.91 -21.06 -12.22
C VAL F 368 -55.47 -21.49 -11.99
N ARG F 369 -54.58 -21.02 -12.87
CA ARG F 369 -53.14 -21.20 -12.79
C ARG F 369 -52.55 -19.98 -12.09
N PRO F 370 -52.21 -20.09 -10.81
CA PRO F 370 -51.73 -18.95 -10.03
C PRO F 370 -50.23 -18.71 -10.15
N PHE F 371 -49.73 -18.69 -11.40
CA PHE F 371 -48.37 -18.29 -11.79
C PHE F 371 -48.24 -18.24 -13.30
N THR F 372 -47.37 -17.34 -13.77
CA THR F 372 -47.05 -17.18 -15.18
C THR F 372 -45.55 -17.37 -15.39
N ALA F 373 -45.14 -17.24 -16.65
CA ALA F 373 -43.73 -17.35 -17.02
C ALA F 373 -42.99 -16.04 -16.74
N ALA F 374 -41.72 -16.17 -16.36
CA ALA F 374 -40.93 -15.01 -15.99
C ALA F 374 -40.66 -14.06 -17.15
N HIS F 375 -40.68 -14.55 -18.39
CA HIS F 375 -40.42 -13.69 -19.54
C HIS F 375 -41.50 -12.66 -19.78
N HIS F 376 -42.61 -12.71 -19.04
CA HIS F 376 -43.65 -11.72 -19.07
C HIS F 376 -43.39 -10.58 -18.11
N ILE F 377 -42.26 -10.56 -17.42
CA ILE F 377 -41.98 -9.40 -16.56
C ILE F 377 -41.11 -8.43 -17.35
N LEU F 378 -40.92 -8.73 -18.63
CA LEU F 378 -40.18 -7.84 -19.53
C LEU F 378 -41.06 -6.77 -20.17
N ASP F 379 -42.35 -7.04 -20.34
CA ASP F 379 -43.27 -6.09 -20.93
C ASP F 379 -44.20 -5.46 -19.90
N SER F 380 -44.03 -5.78 -18.62
CA SER F 380 -44.86 -5.22 -17.57
C SER F 380 -44.54 -3.75 -17.34
N ASP F 381 -45.37 -3.09 -16.54
CA ASP F 381 -45.20 -1.67 -16.25
C ASP F 381 -44.81 -1.38 -14.82
N LEU F 382 -45.16 -2.24 -13.87
CA LEU F 382 -44.76 -2.05 -12.49
C LEU F 382 -44.46 -3.41 -11.88
N ILE F 383 -43.25 -3.61 -11.39
CA ILE F 383 -42.78 -4.88 -10.85
C ILE F 383 -42.72 -4.77 -9.34
N ILE F 384 -43.30 -5.76 -8.64
CA ILE F 384 -43.41 -5.73 -7.19
C ILE F 384 -42.69 -6.95 -6.63
N THR F 385 -41.49 -6.78 -6.08
CA THR F 385 -40.78 -7.89 -5.47
C THR F 385 -41.23 -8.06 -4.02
N MET F 386 -42.04 -9.08 -3.76
CA MET F 386 -42.53 -9.34 -2.42
C MET F 386 -41.65 -10.43 -1.81
N PHE F 387 -40.85 -10.04 -0.81
CA PHE F 387 -40.02 -10.94 -0.01
C PHE F 387 -39.00 -11.70 -0.86
N ALA F 388 -38.50 -11.05 -1.90
CA ALA F 388 -37.66 -11.69 -2.90
C ALA F 388 -36.30 -11.02 -2.95
N ASP F 389 -35.28 -11.84 -3.23
CA ASP F 389 -33.95 -11.37 -3.61
C ASP F 389 -33.60 -12.16 -4.86
N PRO F 390 -34.11 -11.77 -6.03
CA PRO F 390 -33.93 -12.58 -7.25
C PRO F 390 -32.50 -12.75 -7.72
N GLN F 391 -31.54 -12.00 -7.18
CA GLN F 391 -30.16 -12.20 -7.55
C GLN F 391 -29.61 -13.50 -6.96
N LYS F 392 -30.15 -13.94 -5.83
CA LYS F 392 -29.72 -15.18 -5.21
C LYS F 392 -30.75 -16.30 -5.35
N GLU F 393 -31.81 -16.10 -6.12
CA GLU F 393 -32.84 -17.13 -6.23
C GLU F 393 -33.05 -17.59 -7.66
N ALA F 394 -33.05 -16.68 -8.62
CA ALA F 394 -33.21 -16.95 -10.05
C ALA F 394 -32.71 -15.75 -10.84
N PRO F 395 -31.39 -15.61 -11.02
CA PRO F 395 -30.84 -14.34 -11.55
C PRO F 395 -31.32 -13.90 -12.93
N VAL F 396 -31.84 -14.80 -13.76
CA VAL F 396 -32.43 -14.37 -15.03
C VAL F 396 -33.72 -13.58 -14.78
N VAL F 397 -34.47 -13.92 -13.74
CA VAL F 397 -35.63 -13.12 -13.34
C VAL F 397 -35.19 -11.72 -12.92
N ALA F 398 -34.05 -11.63 -12.21
CA ALA F 398 -33.51 -10.33 -11.82
C ALA F 398 -33.05 -9.54 -13.02
N SER F 399 -32.50 -10.23 -14.02
CA SER F 399 -32.06 -9.56 -15.24
C SER F 399 -33.23 -9.05 -16.06
N TYR F 400 -34.30 -9.85 -16.13
CA TYR F 400 -35.55 -9.40 -16.73
C TYR F 400 -36.06 -8.14 -16.03
N ILE F 401 -36.07 -8.17 -14.69
CA ILE F 401 -36.50 -7.02 -13.89
C ILE F 401 -35.68 -5.79 -14.25
N ARG F 402 -34.36 -5.96 -14.37
CA ARG F 402 -33.47 -4.83 -14.64
C ARG F 402 -33.68 -4.28 -16.06
N VAL F 403 -33.81 -5.16 -17.05
CA VAL F 403 -34.04 -4.73 -18.43
C VAL F 403 -35.36 -3.98 -18.52
N ALA F 404 -36.39 -4.50 -17.85
CA ALA F 404 -37.70 -3.83 -17.79
C ALA F 404 -37.57 -2.43 -17.17
N CYS F 405 -37.04 -2.36 -15.96
CA CYS F 405 -37.03 -1.11 -15.21
C CYS F 405 -35.96 -0.13 -15.69
N LEU F 406 -35.14 -0.49 -16.68
CA LEU F 406 -34.20 0.48 -17.23
C LEU F 406 -34.47 0.80 -18.69
N HIS F 407 -34.55 -0.21 -19.55
CA HIS F 407 -34.70 0.01 -20.97
C HIS F 407 -36.15 -0.11 -21.44
N ARG F 408 -37.10 -0.34 -20.52
CA ARG F 408 -38.49 -0.44 -20.94
C ARG F 408 -39.45 0.30 -20.01
N ASN F 409 -38.93 1.21 -19.18
CA ASN F 409 -39.70 2.18 -18.40
C ASN F 409 -40.72 1.52 -17.47
N ALA F 410 -40.21 0.76 -16.51
CA ALA F 410 -41.04 0.20 -15.45
C ALA F 410 -40.70 0.87 -14.13
N LYS F 411 -41.40 0.46 -13.08
CA LYS F 411 -41.16 0.95 -11.73
C LYS F 411 -41.11 -0.23 -10.77
N LEU F 412 -40.24 -0.13 -9.77
CA LEU F 412 -40.04 -1.20 -8.80
C LEU F 412 -40.52 -0.75 -7.43
N MET F 413 -41.17 -1.68 -6.71
CA MET F 413 -41.65 -1.41 -5.36
C MET F 413 -41.57 -2.71 -4.59
N ASN F 414 -40.87 -2.69 -3.46
CA ASN F 414 -40.57 -3.89 -2.69
C ASN F 414 -41.41 -3.95 -1.41
N LEU F 415 -41.90 -5.14 -1.10
CA LEU F 415 -42.68 -5.39 0.10
C LEU F 415 -41.98 -6.42 0.99
N SER F 416 -40.68 -6.26 1.18
CA SER F 416 -39.87 -7.25 1.90
C SER F 416 -39.37 -6.67 3.20
N TYR F 417 -39.04 -7.56 4.14
CA TYR F 417 -38.36 -7.16 5.37
C TYR F 417 -36.85 -7.40 5.24
N GLY F 418 -36.25 -6.75 4.25
CA GLY F 418 -34.86 -6.99 3.98
C GLY F 418 -34.10 -5.82 3.38
N PRO F 419 -33.08 -6.13 2.59
CA PRO F 419 -32.12 -5.10 2.19
C PRO F 419 -32.45 -4.34 0.92
N SER F 420 -33.73 -4.38 0.48
CA SER F 420 -34.20 -3.76 -0.76
C SER F 420 -33.39 -4.27 -1.96
N PRO F 421 -33.71 -5.51 -2.46
CA PRO F 421 -32.85 -6.26 -3.41
C PRO F 421 -32.18 -5.51 -4.55
N PHE F 422 -32.81 -4.45 -5.03
CA PHE F 422 -32.25 -3.59 -6.08
C PHE F 422 -32.07 -2.22 -5.41
N PRO F 423 -30.97 -2.03 -4.65
CA PRO F 423 -30.81 -0.80 -3.87
C PRO F 423 -30.45 0.41 -4.70
N GLY F 424 -31.46 1.07 -5.27
CA GLY F 424 -31.18 2.24 -6.08
C GLY F 424 -32.01 2.16 -7.34
N LEU F 425 -32.81 1.10 -7.43
CA LEU F 425 -33.72 0.89 -8.53
C LEU F 425 -35.18 0.90 -8.15
N VAL F 426 -35.50 0.73 -6.88
CA VAL F 426 -36.89 0.79 -6.42
C VAL F 426 -37.26 2.25 -6.18
N ASP F 427 -38.53 2.58 -6.47
CA ASP F 427 -39.02 3.93 -6.27
C ASP F 427 -39.68 4.12 -4.93
N LEU F 428 -40.32 3.08 -4.39
CA LEU F 428 -40.97 3.18 -3.09
C LEU F 428 -40.56 1.95 -2.28
N ASP F 429 -39.94 2.18 -1.13
CA ASP F 429 -39.43 1.09 -0.31
C ASP F 429 -40.36 0.88 0.88
N ILE F 430 -40.79 -0.36 1.06
CA ILE F 430 -41.56 -0.79 2.23
C ILE F 430 -40.73 -1.82 2.99
N ARG F 431 -40.79 -1.75 4.31
CA ARG F 431 -40.11 -2.69 5.19
C ARG F 431 -41.18 -3.15 6.19
N LEU F 432 -41.93 -4.17 5.78
CA LEU F 432 -43.00 -4.72 6.60
C LEU F 432 -42.41 -5.44 7.81
N PRO F 433 -42.74 -5.05 9.04
CA PRO F 433 -42.17 -5.75 10.19
C PRO F 433 -42.73 -7.15 10.38
N GLU F 434 -41.95 -7.97 11.07
CA GLU F 434 -42.27 -9.36 11.34
C GLU F 434 -43.53 -9.53 12.19
N GLY F 435 -43.97 -10.79 12.27
CA GLY F 435 -45.14 -11.15 13.04
C GLY F 435 -46.17 -11.90 12.22
N GLN F 436 -47.33 -11.28 12.06
CA GLN F 436 -48.46 -11.80 11.31
C GLN F 436 -48.94 -10.65 10.43
N ALA F 437 -48.45 -10.55 9.20
CA ALA F 437 -48.81 -9.46 8.30
C ALA F 437 -49.60 -9.91 7.07
N VAL F 438 -50.04 -11.16 7.03
CA VAL F 438 -50.74 -11.70 5.86
C VAL F 438 -52.24 -11.34 5.75
N PRO F 439 -53.12 -11.52 6.76
CA PRO F 439 -54.55 -11.20 6.51
C PRO F 439 -54.83 -9.71 6.46
N LYS F 440 -53.96 -8.90 7.03
CA LYS F 440 -54.10 -7.46 6.87
C LYS F 440 -53.77 -7.05 5.45
N ALA F 441 -52.74 -7.68 4.85
CA ALA F 441 -52.49 -7.51 3.42
C ALA F 441 -53.66 -8.01 2.61
N LEU F 442 -54.32 -9.09 3.06
CA LEU F 442 -55.55 -9.58 2.42
C LEU F 442 -56.62 -8.48 2.42
N SER F 443 -56.82 -7.84 3.56
CA SER F 443 -57.78 -6.73 3.65
C SER F 443 -57.39 -5.60 2.70
N ASN F 444 -56.09 -5.28 2.66
CA ASN F 444 -55.57 -4.22 1.79
C ASN F 444 -55.89 -4.50 0.32
N LEU F 445 -55.68 -5.72 -0.13
CA LEU F 445 -55.94 -6.04 -1.53
C LEU F 445 -57.43 -6.11 -1.82
N ALA F 446 -58.22 -6.63 -0.86
CA ALA F 446 -59.67 -6.63 -0.96
C ALA F 446 -60.22 -5.22 -1.13
N GLU F 447 -59.58 -4.26 -0.45
CA GLU F 447 -59.85 -2.85 -0.71
C GLU F 447 -59.52 -2.52 -2.16
N ILE F 448 -58.24 -2.71 -2.54
CA ILE F 448 -57.69 -2.26 -3.84
C ILE F 448 -58.50 -2.77 -5.04
N ILE F 449 -59.17 -3.90 -4.88
CA ILE F 449 -60.04 -4.41 -5.93
C ILE F 449 -61.51 -4.00 -5.73
N GLY F 450 -62.01 -3.94 -4.49
CA GLY F 450 -63.42 -3.63 -4.30
C GLY F 450 -63.75 -2.15 -4.29
N LYS F 451 -62.93 -1.35 -3.63
CA LYS F 451 -63.09 0.11 -3.65
C LYS F 451 -62.96 0.69 -5.05
N ILE F 452 -62.29 -0.02 -5.97
CA ILE F 452 -62.18 0.41 -7.36
C ILE F 452 -62.56 -0.77 -8.25
N SER F 479 -60.55 2.26 5.92
CA SER F 479 -59.98 1.58 4.75
C SER F 479 -58.51 1.21 5.00
N ILE F 480 -57.60 1.76 4.18
CA ILE F 480 -56.17 1.56 4.37
C ILE F 480 -55.66 2.09 5.70
N GLU F 481 -56.40 3.02 6.34
CA GLU F 481 -55.99 3.59 7.63
C GLU F 481 -55.80 2.52 8.70
N GLU F 482 -56.77 1.61 8.83
CA GLU F 482 -56.65 0.58 9.86
C GLU F 482 -55.68 -0.52 9.46
N SER F 483 -55.65 -0.88 8.17
CA SER F 483 -54.71 -1.89 7.70
C SER F 483 -53.25 -1.43 7.80
N ALA F 484 -53.01 -0.12 7.70
CA ALA F 484 -51.66 0.43 7.86
C ALA F 484 -51.08 0.14 9.25
N ARG F 485 -51.73 0.66 10.30
CA ARG F 485 -51.29 0.42 11.67
C ARG F 485 -51.39 -1.06 12.01
N ALA F 486 -52.34 -1.75 11.38
CA ALA F 486 -52.49 -3.19 11.51
C ALA F 486 -51.28 -3.91 10.93
N MET F 487 -50.83 -3.51 9.73
CA MET F 487 -49.61 -4.02 9.11
C MET F 487 -48.33 -3.61 9.87
N GLY F 488 -48.45 -2.73 10.85
CA GLY F 488 -47.28 -2.12 11.47
C GLY F 488 -46.55 -1.18 10.52
N LEU F 489 -47.29 -0.37 9.77
CA LEU F 489 -46.73 0.47 8.72
C LEU F 489 -47.31 1.88 8.89
N ASP F 490 -46.60 2.86 8.36
CA ASP F 490 -47.07 4.24 8.40
C ASP F 490 -48.19 4.38 7.36
N PRO F 491 -49.25 5.15 7.66
CA PRO F 491 -50.39 5.22 6.72
C PRO F 491 -50.15 5.93 5.39
N LYS F 492 -49.34 7.00 5.34
CA LYS F 492 -49.12 7.72 4.09
C LYS F 492 -48.50 6.81 3.03
N ILE F 493 -47.42 6.12 3.38
CA ILE F 493 -46.77 5.25 2.42
C ILE F 493 -47.67 4.05 2.09
N ALA F 494 -48.52 3.61 3.04
CA ALA F 494 -49.46 2.55 2.76
C ALA F 494 -50.55 2.97 1.79
N GLU F 495 -50.87 4.28 1.69
CA GLU F 495 -51.79 4.70 0.65
C GLU F 495 -51.08 4.90 -0.68
N GLU F 496 -49.83 5.42 -0.64
CA GLU F 496 -49.03 5.51 -1.87
C GLU F 496 -48.87 4.15 -2.55
N VAL F 497 -48.72 3.08 -1.75
CA VAL F 497 -48.65 1.73 -2.28
C VAL F 497 -49.91 1.41 -3.09
N ALA F 498 -51.08 1.69 -2.52
CA ALA F 498 -52.34 1.42 -3.22
C ALA F 498 -52.49 2.25 -4.48
N LEU F 499 -52.09 3.53 -4.44
CA LEU F 499 -52.20 4.39 -5.63
C LEU F 499 -51.33 3.87 -6.76
N MET F 500 -50.04 3.62 -6.47
CA MET F 500 -49.16 3.13 -7.54
C MET F 500 -49.50 1.71 -7.95
N LEU F 501 -50.25 0.97 -7.12
CA LEU F 501 -50.69 -0.37 -7.50
C LEU F 501 -51.90 -0.31 -8.43
N ILE F 502 -52.82 0.64 -8.21
CA ILE F 502 -53.99 0.70 -9.08
C ILE F 502 -53.63 1.38 -10.40
N SER F 503 -52.75 2.38 -10.37
CA SER F 503 -52.46 3.16 -11.58
C SER F 503 -51.74 2.35 -12.66
N ALA F 504 -51.11 1.23 -12.31
CA ALA F 504 -50.39 0.41 -13.27
C ALA F 504 -51.36 -0.25 -14.23
N ARG F 505 -50.93 -0.40 -15.49
CA ARG F 505 -51.78 -0.97 -16.51
C ARG F 505 -51.53 -2.44 -16.77
N ARG F 506 -50.37 -2.97 -16.35
CA ARG F 506 -50.03 -4.38 -16.44
C ARG F 506 -48.95 -4.75 -15.42
N PRO F 507 -49.20 -4.62 -14.12
CA PRO F 507 -48.14 -4.88 -13.14
C PRO F 507 -47.89 -6.37 -13.02
N ILE F 508 -46.78 -6.70 -12.37
CA ILE F 508 -46.46 -8.10 -12.10
C ILE F 508 -45.84 -8.14 -10.70
N PHE F 509 -46.04 -9.27 -10.05
CA PHE F 509 -45.53 -9.52 -8.72
C PHE F 509 -44.46 -10.61 -8.82
N ILE F 510 -43.47 -10.53 -7.94
CA ILE F 510 -42.33 -11.44 -7.89
C ILE F 510 -42.37 -12.04 -6.49
N ILE F 511 -42.96 -13.22 -6.33
CA ILE F 511 -42.99 -13.82 -5.00
C ILE F 511 -41.59 -14.33 -4.68
N GLY F 512 -41.16 -14.14 -3.44
CA GLY F 512 -39.88 -14.64 -2.99
C GLY F 512 -39.98 -15.96 -2.24
N GLY F 513 -38.81 -16.56 -2.05
CA GLY F 513 -38.75 -17.78 -1.28
C GLY F 513 -38.96 -17.53 0.20
N ARG F 514 -38.51 -16.36 0.67
CA ARG F 514 -38.74 -15.97 2.06
C ARG F 514 -40.21 -15.76 2.35
N ALA F 515 -41.03 -15.46 1.33
CA ALA F 515 -42.49 -15.41 1.48
C ALA F 515 -43.13 -16.75 1.81
N THR F 516 -42.39 -17.85 1.84
CA THR F 516 -42.94 -19.18 2.04
C THR F 516 -42.70 -19.75 3.42
N LYS F 517 -42.12 -19.00 4.35
CA LYS F 517 -42.00 -19.50 5.71
C LYS F 517 -43.37 -19.62 6.35
N SER F 518 -44.25 -18.68 6.04
CA SER F 518 -45.68 -18.77 6.38
C SER F 518 -46.41 -18.83 5.03
N HIS F 519 -46.98 -20.01 4.73
CA HIS F 519 -47.58 -20.29 3.43
C HIS F 519 -48.75 -19.38 3.08
N GLU F 520 -49.34 -18.70 4.05
CA GLU F 520 -50.45 -17.80 3.79
C GLU F 520 -50.00 -16.47 3.20
N LEU F 521 -48.73 -16.11 3.42
CA LEU F 521 -48.17 -14.91 2.80
C LEU F 521 -48.12 -15.03 1.28
N VAL F 522 -47.91 -16.25 0.78
CA VAL F 522 -47.91 -16.48 -0.66
C VAL F 522 -49.31 -16.30 -1.22
N THR F 523 -50.33 -16.73 -0.49
CA THR F 523 -51.71 -16.50 -0.93
C THR F 523 -52.06 -15.02 -0.87
N ALA F 524 -51.54 -14.30 0.14
CA ALA F 524 -51.70 -12.85 0.20
C ALA F 524 -51.08 -12.19 -1.04
N ALA F 525 -49.90 -12.67 -1.44
CA ALA F 525 -49.25 -12.16 -2.65
C ALA F 525 -50.09 -12.43 -3.89
N CYS F 526 -50.51 -13.69 -4.08
CA CYS F 526 -51.35 -14.05 -5.24
C CYS F 526 -52.67 -13.28 -5.24
N ASN F 527 -53.19 -13.01 -4.06
CA ASN F 527 -54.46 -12.31 -3.95
C ASN F 527 -54.28 -10.83 -4.26
N LEU F 528 -53.11 -10.27 -3.91
CA LEU F 528 -52.76 -8.93 -4.35
C LEU F 528 -52.62 -8.86 -5.85
N ALA F 529 -52.19 -9.97 -6.47
CA ALA F 529 -52.10 -9.99 -7.93
C ALA F 529 -53.48 -9.98 -8.56
N VAL F 530 -54.43 -10.75 -7.98
CA VAL F 530 -55.82 -10.66 -8.43
C VAL F 530 -56.37 -9.26 -8.23
N ALA F 531 -55.97 -8.60 -7.14
CA ALA F 531 -56.46 -7.25 -6.85
C ALA F 531 -55.99 -6.24 -7.87
N SER F 532 -54.71 -6.28 -8.21
CA SER F 532 -54.11 -5.25 -9.05
C SER F 532 -54.35 -5.46 -10.54
N LYS F 533 -55.35 -6.27 -10.92
CA LYS F 533 -55.73 -6.53 -12.31
C LYS F 533 -54.60 -7.11 -13.14
N ALA F 534 -53.71 -7.87 -12.48
CA ALA F 534 -52.53 -8.46 -13.12
C ALA F 534 -52.90 -9.83 -13.66
N PHE F 535 -53.35 -9.87 -14.91
CA PHE F 535 -53.71 -11.13 -15.57
C PHE F 535 -52.86 -11.28 -16.82
N PHE F 536 -52.29 -12.47 -17.00
CA PHE F 536 -51.57 -12.82 -18.21
C PHE F 536 -52.16 -14.11 -18.75
N GLU F 537 -51.87 -14.38 -20.05
CA GLU F 537 -52.49 -15.47 -20.78
C GLU F 537 -52.25 -16.84 -20.13
N ASP F 538 -51.16 -16.98 -19.38
CA ASP F 538 -50.92 -18.21 -18.62
C ASP F 538 -51.68 -18.22 -17.31
N GLY F 539 -51.87 -17.05 -16.70
CA GLY F 539 -52.55 -16.97 -15.43
C GLY F 539 -52.12 -15.71 -14.69
N LEU F 540 -52.12 -15.82 -13.36
CA LEU F 540 -51.75 -14.70 -12.50
C LEU F 540 -50.30 -14.30 -12.68
N GLY F 541 -50.02 -13.02 -12.41
CA GLY F 541 -48.69 -12.48 -12.47
C GLY F 541 -47.98 -12.49 -11.14
N VAL F 542 -47.60 -13.67 -10.65
CA VAL F 542 -46.85 -13.74 -9.40
C VAL F 542 -45.44 -14.31 -9.54
N VAL F 543 -45.22 -15.17 -10.55
CA VAL F 543 -43.93 -15.78 -10.96
C VAL F 543 -43.08 -16.22 -9.78
N PRO F 544 -43.43 -17.34 -9.14
CA PRO F 544 -42.76 -17.73 -7.91
C PRO F 544 -41.30 -18.06 -8.14
N LEU F 545 -40.47 -17.57 -7.22
CA LEU F 545 -39.04 -17.77 -7.31
C LEU F 545 -38.69 -19.08 -6.62
N LEU F 546 -38.89 -20.17 -7.35
CA LEU F 546 -38.51 -21.48 -6.84
C LEU F 546 -36.99 -21.58 -6.77
N VAL F 547 -36.47 -22.07 -5.65
CA VAL F 547 -35.03 -22.19 -5.53
C VAL F 547 -34.54 -23.37 -6.38
N SER F 548 -35.39 -24.37 -6.57
CA SER F 548 -35.01 -25.61 -7.24
C SER F 548 -35.72 -25.76 -8.57
N ALA F 549 -35.14 -26.58 -9.45
CA ALA F 549 -35.74 -26.81 -10.78
C ALA F 549 -36.84 -27.88 -10.68
N ASN F 550 -36.51 -29.05 -10.14
CA ASN F 550 -37.52 -30.14 -9.98
C ASN F 550 -38.36 -29.82 -8.75
N SER F 551 -39.32 -28.89 -8.89
CA SER F 551 -40.16 -28.47 -7.74
C SER F 551 -41.41 -29.35 -7.67
N LEU F 552 -42.18 -29.43 -8.76
CA LEU F 552 -43.40 -30.28 -8.78
C LEU F 552 -42.99 -31.74 -8.66
N GLY F 553 -41.88 -32.13 -9.30
CA GLY F 553 -41.38 -33.52 -9.16
C GLY F 553 -41.08 -33.84 -7.71
N ALA F 554 -40.41 -32.93 -7.00
CA ALA F 554 -40.12 -33.13 -5.57
C ALA F 554 -41.42 -33.20 -4.77
N ARG F 555 -42.38 -32.33 -5.05
CA ARG F 555 -43.64 -32.28 -4.26
C ARG F 555 -44.39 -33.61 -4.39
N ASN F 556 -44.52 -34.13 -5.62
CA ASN F 556 -45.30 -35.36 -5.85
C ASN F 556 -44.57 -36.59 -5.30
N THR F 557 -43.26 -36.50 -5.06
CA THR F 557 -42.51 -37.71 -4.65
C THR F 557 -41.92 -37.62 -3.24
N VAL F 558 -41.29 -36.49 -2.89
CA VAL F 558 -40.56 -36.44 -1.58
C VAL F 558 -41.17 -35.42 -0.60
N VAL F 559 -41.39 -34.17 -1.03
CA VAL F 559 -41.85 -33.10 -0.09
C VAL F 559 -42.90 -33.60 0.91
N SER F 560 -42.62 -33.43 2.20
CA SER F 560 -43.55 -33.79 3.27
C SER F 560 -44.49 -32.64 3.53
N GLU F 561 -45.74 -32.96 3.83
CA GLU F 561 -46.75 -31.95 4.10
C GLU F 561 -46.54 -31.25 5.44
N ASN F 562 -45.66 -31.76 6.30
CA ASN F 562 -45.36 -31.12 7.56
C ASN F 562 -43.86 -30.92 7.70
N PRO F 563 -43.42 -29.76 8.20
CA PRO F 563 -41.99 -29.57 8.48
C PRO F 563 -41.56 -30.37 9.70
N TRP F 564 -40.46 -31.10 9.56
CA TRP F 564 -39.98 -31.96 10.61
C TRP F 564 -38.52 -31.69 10.96
N LEU F 565 -37.76 -31.17 9.98
CA LEU F 565 -36.35 -30.90 10.17
C LEU F 565 -36.09 -29.80 11.19
N GLY F 566 -35.21 -30.09 12.12
CA GLY F 566 -34.88 -29.17 13.20
C GLY F 566 -35.70 -29.35 14.45
N ARG F 567 -37.01 -29.33 14.30
CA ARG F 567 -37.97 -29.44 15.38
C ARG F 567 -38.32 -30.88 15.75
N GLU F 568 -37.56 -31.85 15.28
CA GLU F 568 -37.74 -33.27 15.58
C GLU F 568 -36.35 -33.90 15.60
N ARG F 569 -36.18 -34.92 16.46
CA ARG F 569 -34.84 -35.43 16.75
C ARG F 569 -34.19 -36.11 15.55
N ARG F 570 -34.83 -37.16 15.01
CA ARG F 570 -34.39 -37.86 13.80
C ARG F 570 -32.98 -38.45 13.96
N ASP F 571 -32.90 -39.49 14.81
CA ASP F 571 -31.67 -40.23 15.09
C ASP F 571 -30.91 -40.68 13.83
N PHE F 572 -31.61 -40.98 12.74
CA PHE F 572 -30.96 -41.36 11.50
C PHE F 572 -31.45 -40.44 10.40
N LEU F 573 -30.57 -40.15 9.45
CA LEU F 573 -30.87 -39.20 8.38
C LEU F 573 -30.04 -39.58 7.18
N TYR F 574 -30.70 -40.04 6.13
CA TYR F 574 -30.06 -40.26 4.84
C TYR F 574 -30.27 -38.99 4.03
N VAL F 575 -29.21 -38.21 3.84
CA VAL F 575 -29.35 -36.97 3.10
C VAL F 575 -28.64 -37.12 1.77
N PHE F 576 -29.37 -36.91 0.68
CA PHE F 576 -28.79 -36.93 -0.66
C PHE F 576 -28.58 -35.49 -1.07
N SER F 577 -27.34 -35.15 -1.39
CA SER F 577 -26.97 -33.77 -1.67
C SER F 577 -26.11 -33.74 -2.92
N THR F 578 -26.72 -33.43 -4.06
CA THR F 578 -25.93 -33.05 -5.22
C THR F 578 -25.35 -31.69 -4.89
N ALA F 579 -24.13 -31.68 -4.38
CA ALA F 579 -23.55 -30.53 -3.70
C ALA F 579 -23.25 -29.42 -4.67
N MET F 580 -24.31 -28.75 -5.12
CA MET F 580 -24.21 -27.70 -6.12
C MET F 580 -24.61 -26.34 -5.58
N VAL F 581 -25.85 -26.23 -5.08
CA VAL F 581 -26.40 -24.98 -4.60
C VAL F 581 -26.02 -24.80 -3.14
N PRO F 582 -25.75 -23.57 -2.69
CA PRO F 582 -25.47 -23.36 -1.27
C PRO F 582 -26.68 -23.77 -0.45
N GLU F 583 -26.41 -24.61 0.55
CA GLU F 583 -27.54 -25.21 1.30
C GLU F 583 -27.94 -24.34 2.48
N GLU F 584 -29.24 -24.22 2.72
CA GLU F 584 -29.74 -23.42 3.86
C GLU F 584 -28.98 -23.89 5.08
N GLU F 585 -28.50 -22.94 5.85
CA GLU F 585 -27.62 -23.27 6.99
C GLU F 585 -28.39 -23.81 8.18
N GLU F 586 -29.71 -23.65 8.20
CA GLU F 586 -30.54 -24.16 9.31
C GLU F 586 -30.72 -25.65 9.09
N ILE F 587 -30.84 -26.05 7.83
CA ILE F 587 -31.02 -27.47 7.48
C ILE F 587 -29.71 -28.18 7.78
N LEU F 588 -28.56 -27.53 7.56
CA LEU F 588 -27.24 -28.16 7.81
C LEU F 588 -27.05 -28.39 9.31
N ALA F 589 -27.50 -27.48 10.16
CA ALA F 589 -27.34 -27.60 11.63
C ALA F 589 -28.17 -28.76 12.08
N ALA F 590 -29.41 -28.74 11.66
CA ALA F 590 -30.32 -29.85 11.96
C ALA F 590 -29.69 -31.18 11.59
N ILE F 591 -28.99 -31.23 10.46
CA ILE F 591 -28.30 -32.46 10.07
C ILE F 591 -27.13 -32.76 11.00
N SER F 592 -26.47 -31.73 11.55
CA SER F 592 -25.29 -31.96 12.36
C SER F 592 -25.61 -32.51 13.75
N ALA F 593 -26.85 -32.38 14.22
CA ALA F 593 -27.27 -32.90 15.52
C ALA F 593 -28.10 -34.17 15.40
N THR F 594 -27.76 -35.05 14.48
CA THR F 594 -28.61 -36.19 14.14
C THR F 594 -28.18 -37.51 14.77
N ARG F 595 -26.88 -37.70 15.03
CA ARG F 595 -26.12 -38.82 15.61
C ARG F 595 -25.83 -39.95 14.60
N PHE F 596 -26.42 -39.94 13.40
CA PHE F 596 -25.90 -40.76 12.30
C PHE F 596 -26.47 -40.24 11.00
N VAL F 597 -25.58 -39.75 10.14
CA VAL F 597 -25.93 -39.09 8.89
C VAL F 597 -25.27 -39.85 7.76
N VAL F 598 -26.07 -40.41 6.87
CA VAL F 598 -25.54 -41.10 5.68
C VAL F 598 -25.76 -40.15 4.51
N VAL F 599 -24.68 -39.53 4.07
CA VAL F 599 -24.73 -38.65 2.91
C VAL F 599 -24.32 -39.46 1.71
N GLN F 600 -25.00 -39.26 0.60
CA GLN F 600 -24.62 -39.87 -0.67
C GLN F 600 -24.20 -38.77 -1.63
N THR F 601 -23.40 -37.84 -1.14
CA THR F 601 -22.96 -36.73 -1.98
C THR F 601 -21.93 -37.23 -2.99
N PRO F 602 -21.95 -36.69 -4.21
CA PRO F 602 -20.88 -37.03 -5.16
C PRO F 602 -19.51 -36.48 -4.79
N PHE F 603 -19.44 -35.24 -4.31
CA PHE F 603 -18.18 -34.58 -4.04
C PHE F 603 -17.80 -34.70 -2.57
N LYS F 604 -16.60 -34.19 -2.24
CA LYS F 604 -16.15 -34.04 -0.87
C LYS F 604 -16.11 -32.58 -0.44
N VAL F 605 -17.14 -31.82 -0.79
CA VAL F 605 -17.21 -30.41 -0.44
C VAL F 605 -17.27 -30.23 1.07
N ARG F 606 -16.93 -29.02 1.51
CA ARG F 606 -16.80 -28.74 2.94
C ARG F 606 -18.09 -28.95 3.74
N PRO F 607 -19.24 -28.33 3.42
CA PRO F 607 -20.38 -28.40 4.35
C PRO F 607 -21.04 -29.77 4.47
N LEU F 608 -20.57 -30.79 3.76
CA LEU F 608 -21.15 -32.12 3.81
C LEU F 608 -20.24 -33.18 4.39
N VAL F 609 -18.93 -33.10 4.17
CA VAL F 609 -18.01 -34.03 4.82
C VAL F 609 -17.86 -33.79 6.31
N ASN F 610 -18.38 -32.68 6.82
CA ASN F 610 -18.37 -32.45 8.26
C ASN F 610 -19.54 -33.16 8.92
N LEU F 611 -20.74 -33.01 8.37
CA LEU F 611 -21.94 -33.66 8.90
C LEU F 611 -22.25 -34.90 8.08
N ALA F 612 -21.47 -35.95 8.32
CA ALA F 612 -21.61 -37.21 7.61
C ALA F 612 -20.91 -38.30 8.39
N ASP F 613 -21.44 -39.50 8.33
CA ASP F 613 -20.77 -40.64 9.00
C ASP F 613 -20.42 -41.71 7.96
N ILE F 614 -21.01 -41.70 6.76
CA ILE F 614 -20.75 -42.76 5.79
C ILE F 614 -20.19 -42.23 4.48
N LEU F 615 -20.84 -41.24 3.87
CA LEU F 615 -20.35 -40.54 2.67
C LEU F 615 -20.15 -41.49 1.48
N LEU F 616 -21.28 -42.00 0.97
CA LEU F 616 -21.34 -42.80 -0.25
C LEU F 616 -21.26 -41.92 -1.51
N PRO F 617 -20.91 -42.50 -2.66
CA PRO F 617 -20.84 -41.73 -3.91
C PRO F 617 -22.15 -41.71 -4.71
N ALA F 618 -22.16 -40.87 -5.76
CA ALA F 618 -23.37 -40.55 -6.50
C ALA F 618 -23.01 -40.19 -7.92
N PRO F 619 -24.00 -40.10 -8.84
CA PRO F 619 -23.65 -39.81 -10.25
C PRO F 619 -23.32 -38.37 -10.62
N ALA F 620 -23.44 -37.40 -9.72
CA ALA F 620 -22.77 -36.09 -9.83
C ALA F 620 -23.31 -35.18 -10.93
N TRP F 621 -24.59 -35.29 -11.31
CA TRP F 621 -25.35 -34.33 -12.10
C TRP F 621 -24.92 -34.28 -13.59
N TYR F 622 -23.76 -34.81 -13.92
CA TYR F 622 -23.32 -34.78 -15.30
C TYR F 622 -23.03 -36.17 -15.83
N GLU F 623 -23.19 -37.19 -15.01
CA GLU F 623 -23.05 -38.56 -15.46
C GLU F 623 -24.39 -39.29 -15.45
N ARG F 624 -25.50 -38.57 -15.25
CA ARG F 624 -26.84 -39.13 -15.28
C ARG F 624 -27.73 -38.23 -16.12
N SER F 625 -28.84 -38.80 -16.59
CA SER F 625 -29.81 -38.09 -17.40
C SER F 625 -31.17 -38.13 -16.73
N GLY F 626 -31.98 -37.11 -16.95
CA GLY F 626 -33.28 -37.05 -16.32
C GLY F 626 -34.24 -36.12 -17.02
N HIS F 627 -35.33 -35.79 -16.32
CA HIS F 627 -36.42 -35.13 -17.03
C HIS F 627 -36.99 -33.86 -16.40
N PHE F 628 -36.95 -33.71 -15.07
CA PHE F 628 -37.18 -32.44 -14.38
C PHE F 628 -38.56 -31.82 -14.66
N CYS F 629 -39.63 -32.45 -14.18
CA CYS F 629 -40.92 -31.81 -14.37
C CYS F 629 -41.05 -30.65 -13.39
N THR F 630 -41.53 -29.53 -13.88
CA THR F 630 -41.47 -28.29 -13.14
C THR F 630 -42.85 -27.79 -12.77
N ILE F 631 -42.87 -26.63 -12.09
CA ILE F 631 -44.12 -26.01 -11.66
C ILE F 631 -44.92 -25.54 -12.86
N GLU F 632 -44.25 -25.12 -13.94
CA GLU F 632 -44.90 -24.62 -15.14
C GLU F 632 -45.38 -25.72 -16.07
N GLY F 633 -45.44 -26.97 -15.60
CA GLY F 633 -45.86 -28.06 -16.46
C GLY F 633 -44.75 -28.84 -17.14
N GLU F 634 -44.43 -28.45 -18.39
CA GLU F 634 -43.63 -29.21 -19.36
C GLU F 634 -42.34 -29.78 -18.80
N ARG F 635 -41.95 -30.94 -19.29
CA ARG F 635 -40.76 -31.62 -18.81
C ARG F 635 -39.56 -31.23 -19.67
N ARG F 636 -38.44 -30.98 -19.01
CA ARG F 636 -37.18 -30.65 -19.66
C ARG F 636 -36.39 -31.93 -19.91
N LYS F 637 -35.11 -31.80 -20.23
CA LYS F 637 -34.27 -32.97 -20.38
C LYS F 637 -32.85 -32.60 -20.00
N LEU F 638 -32.31 -33.29 -19.01
CA LEU F 638 -30.89 -33.22 -18.68
C LEU F 638 -30.20 -34.37 -19.39
N ASN F 639 -29.08 -34.07 -20.03
CA ASN F 639 -28.34 -35.06 -20.79
C ASN F 639 -27.04 -35.44 -20.09
N THR F 640 -26.62 -36.68 -20.31
CA THR F 640 -25.36 -37.17 -19.77
C THR F 640 -24.22 -36.46 -20.50
N ILE F 641 -23.65 -35.46 -19.83
CA ILE F 641 -22.62 -34.62 -20.45
C ILE F 641 -21.33 -35.41 -20.67
N VAL F 642 -20.77 -35.95 -19.59
CA VAL F 642 -19.61 -36.84 -19.66
C VAL F 642 -20.00 -38.12 -18.92
N PRO F 643 -19.71 -39.29 -19.47
CA PRO F 643 -20.18 -40.55 -18.86
C PRO F 643 -19.45 -40.82 -17.56
N PRO F 644 -19.97 -41.73 -16.71
CA PRO F 644 -19.27 -42.02 -15.45
C PRO F 644 -17.90 -42.66 -15.69
N LYS F 645 -16.99 -42.37 -14.76
CA LYS F 645 -15.62 -42.87 -14.87
C LYS F 645 -15.48 -44.19 -14.11
N GLY F 646 -15.76 -44.18 -12.81
CA GLY F 646 -15.67 -45.37 -12.00
C GLY F 646 -16.87 -46.27 -12.14
N GLU F 647 -17.22 -46.96 -11.06
CA GLU F 647 -18.39 -47.82 -11.04
C GLU F 647 -19.05 -47.73 -9.67
N ILE F 648 -20.02 -46.82 -9.56
CA ILE F 648 -20.95 -46.85 -8.43
C ILE F 648 -21.96 -47.97 -8.63
N LYS F 649 -22.08 -48.46 -9.88
CA LYS F 649 -22.75 -49.64 -10.43
C LYS F 649 -24.28 -49.58 -10.39
N SER F 650 -24.84 -48.65 -9.60
CA SER F 650 -26.25 -48.24 -9.55
C SER F 650 -26.38 -47.21 -8.44
N LEU F 651 -27.57 -46.62 -8.35
CA LEU F 651 -28.10 -46.08 -7.10
C LEU F 651 -29.24 -46.91 -6.54
N HIS F 652 -29.92 -47.68 -7.40
CA HIS F 652 -30.92 -48.66 -6.97
C HIS F 652 -30.31 -49.76 -6.12
N TYR F 653 -29.01 -50.03 -6.27
CA TYR F 653 -28.34 -51.05 -5.46
C TYR F 653 -28.30 -50.64 -3.99
N VAL F 654 -28.06 -49.35 -3.73
CA VAL F 654 -28.05 -48.83 -2.37
C VAL F 654 -29.45 -48.91 -1.77
N MET F 655 -30.46 -48.51 -2.53
CA MET F 655 -31.85 -48.57 -2.06
C MET F 655 -32.31 -49.99 -1.84
N ASP F 656 -31.77 -50.94 -2.62
CA ASP F 656 -32.13 -52.34 -2.45
C ASP F 656 -31.48 -52.89 -1.19
N GLU F 657 -30.18 -52.61 -0.99
CA GLU F 657 -29.48 -53.05 0.21
C GLU F 657 -30.00 -52.35 1.47
N PHE F 658 -30.67 -51.21 1.32
CA PHE F 658 -31.42 -50.66 2.43
C PHE F 658 -32.72 -51.44 2.62
N ALA F 659 -33.43 -51.73 1.54
CA ALA F 659 -34.67 -52.53 1.62
C ALA F 659 -34.35 -53.90 2.24
N LYS F 660 -33.19 -54.46 1.88
CA LYS F 660 -32.76 -55.78 2.42
C LYS F 660 -32.48 -55.64 3.93
N LYS F 661 -32.66 -56.72 4.69
CA LYS F 661 -32.43 -56.73 6.17
C LYS F 661 -33.14 -55.52 6.83
N LEU F 662 -34.30 -55.13 6.30
CA LEU F 662 -35.10 -54.03 6.93
C LEU F 662 -36.56 -54.51 6.95
N GLY F 663 -36.85 -55.65 6.32
CA GLY F 663 -38.22 -56.21 6.32
C GLY F 663 -39.11 -55.58 5.26
N VAL F 664 -38.51 -54.92 4.26
CA VAL F 664 -39.33 -54.21 3.22
C VAL F 664 -38.83 -54.59 1.82
N LYS F 665 -39.64 -54.34 0.79
CA LYS F 665 -39.23 -54.62 -0.62
C LYS F 665 -38.92 -53.28 -1.31
N LEU F 666 -39.11 -53.21 -2.64
CA LEU F 666 -38.79 -51.96 -3.39
C LEU F 666 -39.87 -51.72 -4.46
N GLU F 667 -40.10 -52.69 -5.35
CA GLU F 667 -41.13 -52.56 -6.41
C GLU F 667 -40.90 -51.28 -7.23
N ARG F 668 -39.88 -51.26 -8.08
CA ARG F 668 -39.56 -50.05 -8.89
C ARG F 668 -40.79 -49.58 -9.66
N PRO F 669 -41.31 -48.36 -9.40
CA PRO F 669 -42.46 -47.82 -10.13
C PRO F 669 -42.03 -47.03 -11.36
N GLU F 670 -43.01 -46.66 -12.15
CA GLU F 670 -42.77 -45.79 -13.28
C GLU F 670 -42.70 -44.36 -12.80
N VAL F 671 -41.99 -43.52 -13.55
CA VAL F 671 -41.93 -42.11 -13.24
C VAL F 671 -43.33 -41.53 -13.33
N SER F 672 -43.83 -41.02 -12.21
CA SER F 672 -45.17 -40.47 -12.09
C SER F 672 -45.35 -39.34 -13.08
N PRO F 673 -46.34 -39.43 -13.98
CA PRO F 673 -46.51 -38.39 -15.02
C PRO F 673 -46.90 -37.07 -14.40
N CYS F 674 -46.10 -36.04 -14.66
CA CYS F 674 -46.30 -34.75 -14.05
C CYS F 674 -47.38 -34.05 -14.84
N GLU F 675 -48.58 -33.93 -14.24
CA GLU F 675 -49.75 -33.41 -15.01
C GLU F 675 -50.13 -31.97 -14.63
N GLU F 676 -49.16 -31.13 -14.26
CA GLU F 676 -49.44 -29.69 -13.97
C GLU F 676 -50.66 -29.54 -13.06
N ILE F 677 -50.52 -29.80 -11.76
CA ILE F 677 -51.70 -29.77 -10.85
C ILE F 677 -52.44 -28.43 -10.99
N PHE F 678 -51.71 -27.32 -11.17
CA PHE F 678 -52.36 -26.00 -11.37
C PHE F 678 -52.66 -25.81 -12.86
N LYS F 679 -53.95 -25.81 -13.22
CA LYS F 679 -54.36 -25.68 -14.66
C LYS F 679 -55.14 -24.39 -14.85
N SER F 680 -54.96 -23.73 -16.01
CA SER F 680 -55.65 -22.43 -16.26
C SER F 680 -56.96 -22.64 -17.03
N GLN F 681 -58.02 -23.03 -16.33
CA GLN F 681 -59.35 -23.15 -17.01
C GLN F 681 -60.07 -21.80 -16.89
N LEU F 682 -59.48 -20.85 -16.15
CA LEU F 682 -60.06 -19.48 -16.01
C LEU F 682 -58.98 -18.44 -16.33
N ARG F 683 -59.35 -17.36 -17.01
CA ARG F 683 -58.39 -16.26 -17.34
C ARG F 683 -59.06 -14.92 -17.10
N ALA F 684 -58.36 -13.98 -16.46
CA ALA F 684 -58.90 -12.63 -16.19
C ALA F 684 -60.29 -12.73 -15.55
N SER F 685 -60.48 -13.71 -14.66
CA SER F 685 -61.79 -13.91 -13.99
C SER F 685 -61.60 -14.68 -12.69
N GLU F 686 -60.87 -14.11 -11.73
CA GLU F 686 -60.70 -14.77 -10.45
C GLU F 686 -61.24 -13.94 -9.30
N ALA F 687 -61.48 -14.63 -8.18
CA ALA F 687 -61.88 -14.00 -6.94
C ALA F 687 -60.77 -14.21 -5.91
N ARG F 688 -60.78 -13.35 -4.90
CA ARG F 688 -59.88 -13.44 -3.77
C ARG F 688 -60.24 -14.62 -2.86
N ILE F 689 -59.27 -14.98 -2.01
CA ILE F 689 -59.47 -16.14 -1.10
C ILE F 689 -59.32 -15.66 0.35
N VAL F 690 -60.33 -15.90 1.18
CA VAL F 690 -60.25 -15.51 2.62
C VAL F 690 -59.33 -16.48 3.35
N THR F 691 -58.60 -16.00 4.37
CA THR F 691 -57.66 -16.86 5.13
C THR F 691 -57.88 -16.64 6.63
N SER G 113 -19.02 44.02 -51.06
CA SER G 113 -19.30 44.53 -52.40
C SER G 113 -20.63 44.01 -52.92
N LYS G 114 -20.66 43.57 -54.17
CA LYS G 114 -21.88 43.06 -54.79
C LYS G 114 -22.01 41.57 -54.52
N GLN G 115 -23.07 41.18 -53.82
CA GLN G 115 -23.28 39.74 -53.62
C GLN G 115 -24.71 39.27 -53.77
N HIS G 116 -25.72 40.16 -53.85
CA HIS G 116 -27.14 39.81 -54.02
C HIS G 116 -27.68 39.06 -52.79
N ARG G 117 -27.40 39.61 -51.60
CA ARG G 117 -27.71 38.92 -50.36
C ARG G 117 -29.22 38.87 -50.09
N ILE G 118 -29.74 37.66 -49.89
CA ILE G 118 -31.18 37.50 -49.63
C ILE G 118 -31.46 36.74 -48.34
N VAL G 119 -30.54 35.88 -47.92
CA VAL G 119 -30.79 35.05 -46.70
C VAL G 119 -30.49 35.91 -45.47
N LEU G 120 -29.27 36.45 -45.35
CA LEU G 120 -28.96 37.37 -44.24
C LEU G 120 -29.12 38.82 -44.73
N SER G 121 -30.07 39.04 -45.66
CA SER G 121 -30.31 40.38 -46.23
C SER G 121 -30.38 41.44 -45.11
N ASN G 122 -31.09 41.12 -44.03
CA ASN G 122 -31.18 42.07 -42.88
C ASN G 122 -29.97 41.87 -41.97
N CYS G 123 -29.87 40.71 -41.31
CA CYS G 123 -28.72 40.41 -40.39
C CYS G 123 -28.51 41.58 -39.42
N GLY G 124 -27.37 42.25 -39.50
CA GLY G 124 -27.04 43.34 -38.54
C GLY G 124 -28.01 44.51 -38.61
N TYR G 125 -28.58 44.79 -39.78
CA TYR G 125 -29.49 45.96 -39.92
C TYR G 125 -30.59 45.89 -38.87
N ILE G 126 -31.27 44.75 -38.77
CA ILE G 126 -32.35 44.57 -37.74
C ILE G 126 -31.70 44.30 -36.39
N ASP G 127 -32.10 45.04 -35.35
CA ASP G 127 -31.59 44.74 -33.98
C ASP G 127 -32.16 43.38 -33.58
N PRO G 128 -31.32 42.37 -33.28
CA PRO G 128 -31.81 41.02 -32.99
C PRO G 128 -32.77 40.94 -31.79
N GLU G 129 -32.59 41.81 -30.79
CA GLU G 129 -33.42 41.76 -29.56
C GLU G 129 -34.75 42.49 -29.77
N LYS G 130 -35.06 42.88 -31.02
CA LYS G 130 -36.31 43.63 -31.31
C LYS G 130 -37.09 42.93 -32.43
N ILE G 131 -38.17 42.25 -32.07
CA ILE G 131 -38.99 41.54 -33.06
C ILE G 131 -39.75 42.50 -33.97
N GLU G 132 -40.18 43.66 -33.42
CA GLU G 132 -41.02 44.60 -34.18
C GLU G 132 -40.33 45.12 -35.43
N GLU G 133 -39.00 45.30 -35.39
CA GLU G 133 -38.29 45.68 -36.60
C GLU G 133 -38.31 44.55 -37.63
N TYR G 134 -38.21 43.30 -37.17
CA TYR G 134 -38.23 42.17 -38.10
C TYR G 134 -39.58 42.04 -38.79
N ILE G 135 -40.69 42.13 -38.04
CA ILE G 135 -42.00 42.09 -38.69
C ILE G 135 -42.21 43.33 -39.54
N ALA G 136 -41.59 44.45 -39.16
CA ALA G 136 -41.56 45.63 -40.03
C ALA G 136 -40.76 45.37 -41.31
N ARG G 137 -39.90 44.35 -41.32
CA ARG G 137 -39.20 43.92 -42.52
C ARG G 137 -39.97 42.81 -43.26
N ASP G 138 -41.30 42.83 -43.16
CA ASP G 138 -42.23 41.91 -43.83
C ASP G 138 -42.03 40.46 -43.39
N GLY G 139 -41.37 40.25 -42.24
CA GLY G 139 -40.89 38.94 -41.83
C GLY G 139 -41.94 37.87 -41.59
N TYR G 140 -42.76 38.01 -40.54
CA TYR G 140 -43.67 36.94 -40.18
C TYR G 140 -44.92 36.92 -41.05
N MET G 141 -45.04 37.81 -42.04
CA MET G 141 -46.21 37.81 -42.92
C MET G 141 -46.34 36.50 -43.67
N ALA G 142 -45.20 35.80 -43.88
CA ALA G 142 -45.22 34.45 -44.42
C ALA G 142 -46.02 33.53 -43.52
N LEU G 143 -45.73 33.55 -42.21
CA LEU G 143 -46.40 32.70 -41.24
C LEU G 143 -47.91 32.87 -41.33
N GLY G 144 -48.37 34.11 -41.27
CA GLY G 144 -49.75 34.46 -41.56
C GLY G 144 -50.29 33.92 -42.87
N LYS G 145 -49.63 34.27 -43.98
CA LYS G 145 -49.92 33.73 -45.32
C LYS G 145 -50.08 32.21 -45.33
N ALA G 146 -49.20 31.51 -44.64
CA ALA G 146 -49.26 30.05 -44.55
C ALA G 146 -50.41 29.58 -43.68
N LEU G 147 -50.54 30.14 -42.49
CA LEU G 147 -51.52 29.60 -41.54
C LEU G 147 -52.95 29.97 -41.89
N LEU G 148 -53.18 31.06 -42.62
CA LEU G 148 -54.55 31.47 -42.93
C LEU G 148 -55.01 31.00 -44.31
N GLU G 149 -54.28 31.34 -45.37
CA GLU G 149 -54.72 31.09 -46.74
C GLU G 149 -54.13 29.82 -47.35
N MET G 150 -52.87 29.52 -47.10
CA MET G 150 -52.15 28.45 -47.78
C MET G 150 -52.40 27.12 -47.08
N THR G 151 -53.21 26.26 -47.70
CA THR G 151 -53.36 24.88 -47.24
C THR G 151 -52.02 24.15 -47.25
N PRO G 152 -51.76 23.26 -46.26
CA PRO G 152 -50.42 22.63 -46.09
C PRO G 152 -49.79 22.01 -47.32
N GLU G 153 -50.59 21.28 -48.12
CA GLU G 153 -50.08 20.65 -49.33
C GLU G 153 -49.63 21.68 -50.36
N GLU G 154 -50.22 22.89 -50.32
CA GLU G 154 -49.84 23.93 -51.25
C GLU G 154 -48.46 24.47 -50.92
N VAL G 155 -48.17 24.74 -49.65
CA VAL G 155 -46.81 25.16 -49.27
C VAL G 155 -45.84 23.99 -49.49
N LEU G 156 -46.33 22.76 -49.34
CA LEU G 156 -45.51 21.58 -49.64
C LEU G 156 -45.06 21.56 -51.09
N GLU G 157 -46.01 21.63 -52.02
CA GLU G 157 -45.66 21.64 -53.43
C GLU G 157 -44.94 22.91 -53.84
N GLU G 158 -45.12 24.01 -53.09
CA GLU G 158 -44.39 25.24 -53.35
C GLU G 158 -42.91 25.07 -53.05
N VAL G 159 -42.58 24.63 -51.83
CA VAL G 159 -41.18 24.46 -51.44
C VAL G 159 -40.56 23.32 -52.26
N LYS G 160 -41.37 22.33 -52.65
CA LYS G 160 -40.88 21.25 -53.51
C LYS G 160 -40.43 21.79 -54.86
N LYS G 161 -41.35 22.42 -55.61
CA LYS G 161 -40.96 22.97 -56.91
C LYS G 161 -40.03 24.17 -56.78
N SER G 162 -39.83 24.73 -55.58
CA SER G 162 -38.87 25.80 -55.34
C SER G 162 -37.43 25.32 -55.51
N GLY G 163 -37.19 24.02 -55.52
CA GLY G 163 -35.87 23.46 -55.74
C GLY G 163 -34.86 23.83 -54.68
N LEU G 164 -35.30 23.93 -53.42
CA LEU G 164 -34.38 24.31 -52.36
C LEU G 164 -33.41 23.16 -52.07
N ARG G 165 -32.25 23.22 -52.71
CA ARG G 165 -31.20 22.23 -52.52
C ARG G 165 -30.67 22.35 -51.11
N GLY G 166 -30.93 21.34 -50.27
CA GLY G 166 -30.56 21.33 -48.86
C GLY G 166 -29.14 21.73 -48.56
N ARG G 167 -28.97 22.84 -47.84
CA ARG G 167 -27.64 23.33 -47.52
C ARG G 167 -27.03 22.66 -46.31
N GLY G 168 -27.52 21.48 -45.90
CA GLY G 168 -26.97 20.75 -44.77
C GLY G 168 -25.71 19.96 -45.06
N GLY G 169 -24.91 20.44 -46.01
CA GLY G 169 -23.65 19.83 -46.36
C GLY G 169 -23.75 18.71 -47.37
N ALA G 170 -24.88 18.02 -47.43
CA ALA G 170 -25.02 16.90 -48.36
C ALA G 170 -25.61 17.31 -49.69
N GLY G 171 -26.59 18.22 -49.69
CA GLY G 171 -27.28 18.56 -50.92
C GLY G 171 -28.49 17.67 -51.14
N PHE G 172 -29.69 18.25 -51.18
CA PHE G 172 -30.93 17.50 -51.27
C PHE G 172 -32.12 18.40 -51.58
N PRO G 173 -33.11 17.91 -52.32
CA PRO G 173 -34.34 18.67 -52.53
C PRO G 173 -35.24 18.64 -51.30
N THR G 174 -35.05 19.56 -50.35
CA THR G 174 -35.74 19.52 -49.05
C THR G 174 -37.26 19.44 -49.13
N GLY G 175 -37.86 19.89 -50.23
CA GLY G 175 -39.28 19.63 -50.44
C GLY G 175 -39.57 18.14 -50.44
N LEU G 176 -38.73 17.35 -51.13
CA LEU G 176 -38.85 15.91 -51.10
C LEU G 176 -38.55 15.36 -49.71
N LYS G 177 -37.65 16.00 -48.97
CA LYS G 177 -37.35 15.59 -47.60
C LYS G 177 -38.58 15.73 -46.71
N TRP G 178 -39.26 16.88 -46.80
CA TRP G 178 -40.50 17.06 -46.04
C TRP G 178 -41.59 16.14 -46.55
N GLU G 179 -41.59 15.84 -47.85
CA GLU G 179 -42.52 14.88 -48.42
C GLU G 179 -42.34 13.51 -47.78
N PHE G 180 -41.08 13.13 -47.53
CA PHE G 180 -40.80 11.92 -46.76
C PHE G 180 -41.26 12.09 -45.32
N ALA G 181 -41.10 13.29 -44.78
CA ALA G 181 -41.33 13.52 -43.35
C ALA G 181 -42.82 13.47 -43.01
N LYS G 182 -43.68 13.90 -43.93
CA LYS G 182 -45.12 13.91 -43.66
C LYS G 182 -45.70 12.51 -43.57
N LYS G 183 -45.51 11.70 -44.61
CA LYS G 183 -46.19 10.42 -44.76
C LYS G 183 -45.84 9.36 -43.71
N ALA G 184 -44.93 9.67 -42.80
CA ALA G 184 -44.58 8.78 -41.71
C ALA G 184 -45.77 8.55 -40.80
N SER G 185 -46.06 7.30 -40.51
CA SER G 185 -47.17 6.95 -39.63
C SER G 185 -46.87 7.42 -38.21
N GLY G 186 -47.64 8.39 -37.74
CA GLY G 186 -47.45 8.92 -36.39
C GLY G 186 -48.12 10.27 -36.25
N ASP G 187 -48.13 10.75 -35.00
CA ASP G 187 -48.73 12.03 -34.68
C ASP G 187 -47.85 12.90 -33.77
N LYS G 188 -46.56 12.60 -33.67
CA LYS G 188 -45.64 13.36 -32.84
C LYS G 188 -44.35 13.66 -33.59
N LYS G 189 -44.48 14.16 -34.81
CA LYS G 189 -43.32 14.54 -35.61
C LYS G 189 -42.53 15.68 -34.95
N TYR G 190 -41.32 15.89 -35.44
CA TYR G 190 -40.43 16.93 -34.92
C TYR G 190 -39.79 17.69 -36.06
N VAL G 191 -39.21 18.84 -35.72
CA VAL G 191 -38.40 19.65 -36.64
C VAL G 191 -37.20 20.17 -35.87
N ILE G 192 -36.00 19.88 -36.37
CA ILE G 192 -34.77 20.23 -35.66
C ILE G 192 -33.97 21.18 -36.53
N CYS G 193 -33.13 21.99 -35.89
CA CYS G 193 -32.29 22.97 -36.55
C CYS G 193 -30.85 22.69 -36.10
N ASN G 194 -30.06 22.02 -36.94
CA ASN G 194 -28.69 21.72 -36.57
C ASN G 194 -27.80 22.95 -36.67
N ALA G 195 -28.02 23.94 -35.79
CA ALA G 195 -27.38 25.26 -35.78
C ALA G 195 -25.91 25.22 -35.42
N ASP G 196 -25.32 24.03 -35.30
CA ASP G 196 -23.89 23.87 -35.14
C ASP G 196 -23.21 23.88 -36.51
N GLU G 197 -21.94 24.25 -36.51
CA GLU G 197 -21.16 24.31 -37.74
C GLU G 197 -20.20 23.14 -37.76
N GLY G 198 -20.06 22.54 -38.93
CA GLY G 198 -19.10 21.47 -39.07
C GLY G 198 -17.68 21.99 -38.97
N ASP G 199 -17.29 22.81 -39.94
CA ASP G 199 -15.97 23.41 -40.01
C ASP G 199 -15.75 24.22 -38.74
N PRO G 200 -14.70 23.93 -37.96
CA PRO G 200 -14.43 24.79 -36.79
C PRO G 200 -13.68 26.06 -37.13
N GLY G 201 -14.02 26.67 -38.26
CA GLY G 201 -13.57 27.97 -38.69
C GLY G 201 -14.75 28.65 -39.34
N ALA G 202 -15.84 27.91 -39.47
CA ALA G 202 -17.05 28.44 -40.07
C ALA G 202 -17.88 29.05 -38.95
N PHE G 203 -18.36 30.26 -39.19
CA PHE G 203 -19.20 30.99 -38.26
C PHE G 203 -20.47 31.44 -38.95
N MET G 204 -20.95 30.64 -39.91
CA MET G 204 -22.14 31.03 -40.66
C MET G 204 -23.39 30.92 -39.80
N ASP G 205 -23.60 29.76 -39.19
CA ASP G 205 -24.76 29.56 -38.33
C ASP G 205 -24.70 30.47 -37.12
N ARG G 206 -23.49 30.67 -36.57
CA ARG G 206 -23.22 31.68 -35.55
C ARG G 206 -23.73 33.06 -35.98
N SER G 207 -23.27 33.53 -37.15
CA SER G 207 -23.61 34.87 -37.62
C SER G 207 -25.09 35.00 -37.96
N THR G 208 -25.72 33.90 -38.38
CA THR G 208 -27.12 33.96 -38.78
C THR G 208 -28.02 33.95 -37.55
N LEU G 209 -27.66 33.19 -36.51
CA LEU G 209 -28.38 33.29 -35.26
C LEU G 209 -28.07 34.59 -34.52
N GLU G 210 -26.95 35.25 -34.84
CA GLU G 210 -26.68 36.55 -34.25
C GLU G 210 -27.45 37.65 -34.95
N GLY G 211 -27.47 37.63 -36.28
CA GLY G 211 -28.04 38.69 -37.07
C GLY G 211 -29.54 38.67 -37.13
N ASP G 212 -30.10 37.58 -37.67
CA ASP G 212 -31.53 37.43 -37.88
C ASP G 212 -32.01 36.25 -37.04
N PRO G 213 -32.16 36.43 -35.72
CA PRO G 213 -32.61 35.31 -34.86
C PRO G 213 -34.04 34.86 -35.10
N HIS G 214 -34.80 35.49 -35.98
CA HIS G 214 -36.21 35.16 -36.18
C HIS G 214 -36.51 34.46 -37.49
N SER G 215 -35.67 34.63 -38.51
CA SER G 215 -35.85 33.91 -39.78
C SER G 215 -35.94 32.42 -39.55
N VAL G 216 -35.02 31.88 -38.76
CA VAL G 216 -35.03 30.45 -38.46
C VAL G 216 -36.31 30.06 -37.71
N ILE G 217 -36.79 30.93 -36.81
CA ILE G 217 -38.00 30.65 -36.03
C ILE G 217 -39.20 30.56 -36.96
N GLU G 218 -39.29 31.53 -37.87
CA GLU G 218 -40.39 31.61 -38.82
C GLU G 218 -40.35 30.42 -39.77
N GLY G 219 -39.16 30.07 -40.26
CA GLY G 219 -39.02 28.94 -41.17
C GLY G 219 -39.41 27.62 -40.53
N MET G 220 -38.97 27.38 -39.29
CA MET G 220 -39.34 26.13 -38.64
C MET G 220 -40.82 26.07 -38.29
N THR G 221 -41.44 27.20 -37.93
CA THR G 221 -42.90 27.19 -37.74
C THR G 221 -43.60 26.79 -39.03
N ILE G 222 -43.18 27.38 -40.15
CA ILE G 222 -43.74 27.03 -41.46
C ILE G 222 -43.59 25.54 -41.72
N GLY G 223 -42.36 25.02 -41.57
CA GLY G 223 -42.09 23.63 -41.87
C GLY G 223 -42.81 22.66 -40.96
N ALA G 224 -42.92 23.01 -39.68
CA ALA G 224 -43.67 22.19 -38.73
C ALA G 224 -45.14 22.16 -39.08
N TYR G 225 -45.67 23.29 -39.57
CA TYR G 225 -47.02 23.28 -40.11
C TYR G 225 -47.13 22.35 -41.29
N VAL G 226 -46.16 22.41 -42.21
CA VAL G 226 -46.21 21.60 -43.43
C VAL G 226 -46.20 20.12 -43.09
N ILE G 227 -45.25 19.69 -42.27
CA ILE G 227 -45.13 18.27 -42.01
C ILE G 227 -46.05 17.79 -40.90
N GLY G 228 -46.73 18.69 -40.21
CA GLY G 228 -47.60 18.26 -39.14
C GLY G 228 -46.89 18.00 -37.83
N ALA G 229 -45.87 18.78 -37.51
CA ALA G 229 -45.12 18.59 -36.28
C ALA G 229 -45.56 19.61 -35.24
N ASP G 230 -45.55 19.20 -33.97
CA ASP G 230 -45.80 20.11 -32.87
C ASP G 230 -44.53 20.48 -32.10
N GLU G 231 -43.74 19.50 -31.70
CA GLU G 231 -42.56 19.79 -30.90
C GLU G 231 -41.38 20.03 -31.84
N GLY G 232 -40.53 20.99 -31.50
CA GLY G 232 -39.37 21.28 -32.30
C GLY G 232 -38.22 21.73 -31.44
N TYR G 233 -37.00 21.52 -31.96
CA TYR G 233 -35.79 21.88 -31.23
C TYR G 233 -34.89 22.70 -32.11
N ILE G 234 -33.98 23.45 -31.48
CA ILE G 234 -32.94 24.21 -32.15
C ILE G 234 -31.63 23.90 -31.43
N TYR G 235 -30.79 23.10 -32.05
CA TYR G 235 -29.54 22.65 -31.44
C TYR G 235 -28.44 23.62 -31.84
N CYS G 236 -28.14 24.59 -30.98
CA CYS G 236 -27.03 25.50 -31.24
C CYS G 236 -25.98 25.25 -30.17
N ARG G 237 -24.70 25.36 -30.55
CA ARG G 237 -23.60 25.07 -29.62
C ARG G 237 -23.59 26.00 -28.41
N ALA G 238 -23.34 25.41 -27.23
CA ALA G 238 -23.21 26.18 -26.00
C ALA G 238 -21.95 27.03 -25.98
N GLU G 239 -20.96 26.73 -26.81
CA GLU G 239 -19.75 27.55 -26.88
C GLU G 239 -19.94 28.85 -27.64
N TYR G 240 -21.18 29.24 -27.94
CA TYR G 240 -21.53 30.52 -28.53
C TYR G 240 -22.32 31.30 -27.48
N PRO G 241 -21.65 31.93 -26.51
CA PRO G 241 -22.35 32.51 -25.35
C PRO G 241 -23.22 33.72 -25.66
N LEU G 242 -23.29 34.17 -26.90
CA LEU G 242 -24.12 35.31 -27.26
C LEU G 242 -25.27 34.96 -28.19
N ALA G 243 -25.09 33.99 -29.08
CA ALA G 243 -26.20 33.52 -29.91
C ALA G 243 -27.32 32.88 -29.09
N ILE G 244 -26.95 32.25 -27.98
CA ILE G 244 -27.94 31.59 -27.12
C ILE G 244 -28.91 32.61 -26.53
N LYS G 245 -28.38 33.70 -25.97
CA LYS G 245 -29.25 34.71 -25.36
C LYS G 245 -30.07 35.45 -26.41
N ARG G 246 -29.50 35.68 -27.62
CA ARG G 246 -30.28 36.30 -28.68
C ARG G 246 -31.45 35.42 -29.10
N LEU G 247 -31.19 34.11 -29.22
CA LEU G 247 -32.26 33.18 -29.59
C LEU G 247 -33.30 33.07 -28.48
N LYS G 248 -32.88 33.08 -27.21
CA LYS G 248 -33.84 32.98 -26.12
C LYS G 248 -34.70 34.24 -26.02
N ILE G 249 -34.09 35.41 -26.24
CA ILE G 249 -34.83 36.67 -26.31
C ILE G 249 -35.83 36.62 -27.46
N ALA G 250 -35.41 36.08 -28.61
CA ALA G 250 -36.28 35.96 -29.77
C ALA G 250 -37.44 35.02 -29.50
N ILE G 251 -37.19 33.93 -28.76
CA ILE G 251 -38.22 32.95 -28.46
C ILE G 251 -39.25 33.56 -27.50
N ALA G 252 -38.78 34.30 -26.49
CA ALA G 252 -39.67 35.00 -25.57
C ALA G 252 -40.52 36.04 -26.30
N GLN G 253 -39.86 37.01 -26.94
CA GLN G 253 -40.58 38.06 -27.66
C GLN G 253 -41.39 37.55 -28.85
N ALA G 254 -41.23 36.29 -29.26
CA ALA G 254 -42.18 35.74 -30.20
C ALA G 254 -43.28 34.98 -29.47
N GLU G 255 -43.01 34.54 -28.25
CA GLU G 255 -44.04 33.87 -27.45
C GLU G 255 -45.15 34.85 -27.12
N GLU G 256 -44.78 36.11 -26.86
CA GLU G 256 -45.81 37.05 -26.42
C GLU G 256 -46.66 37.59 -27.58
N MET G 257 -46.31 37.32 -28.83
CA MET G 257 -47.11 37.74 -29.98
C MET G 257 -47.96 36.62 -30.57
N GLY G 258 -48.28 35.58 -29.78
CA GLY G 258 -49.06 34.44 -30.22
C GLY G 258 -48.49 33.73 -31.44
N LEU G 259 -47.19 33.46 -31.40
CA LEU G 259 -46.43 32.93 -32.51
C LEU G 259 -45.91 31.52 -32.27
N LEU G 260 -45.74 31.11 -31.01
CA LEU G 260 -45.32 29.74 -30.67
C LEU G 260 -46.12 29.33 -29.43
N GLY G 261 -47.28 28.70 -29.65
CA GLY G 261 -48.13 28.34 -28.53
C GLY G 261 -49.36 27.57 -28.91
N ASP G 262 -50.50 27.93 -28.31
CA ASP G 262 -51.77 27.31 -28.63
C ASP G 262 -52.45 28.15 -29.71
N HIS G 263 -52.83 27.51 -30.81
CA HIS G 263 -53.52 28.10 -31.96
C HIS G 263 -52.84 29.39 -32.43
N ILE G 264 -51.60 29.23 -32.91
CA ILE G 264 -50.84 30.34 -33.48
C ILE G 264 -51.67 30.98 -34.60
N MET G 265 -51.85 32.29 -34.53
CA MET G 265 -52.69 33.08 -35.46
C MET G 265 -54.12 32.55 -35.55
N GLY G 266 -54.60 31.90 -34.47
CA GLY G 266 -55.91 31.27 -34.39
C GLY G 266 -56.13 30.27 -35.52
N THR G 267 -55.37 29.17 -35.52
CA THR G 267 -55.41 28.26 -36.67
C THR G 267 -55.44 26.78 -36.32
N ASN G 268 -55.66 26.42 -35.06
CA ASN G 268 -55.65 25.03 -34.56
C ASN G 268 -54.29 24.37 -34.84
N PHE G 269 -53.26 24.95 -34.23
CA PHE G 269 -51.88 24.52 -34.44
C PHE G 269 -51.10 24.75 -33.16
N SER G 270 -50.23 23.82 -32.82
CA SER G 270 -49.39 23.91 -31.63
C SER G 270 -47.93 23.78 -32.01
N PHE G 271 -47.07 24.57 -31.35
CA PHE G 271 -45.65 24.55 -31.65
C PHE G 271 -44.86 25.13 -30.49
N HIS G 272 -44.04 24.30 -29.86
CA HIS G 272 -43.12 24.70 -28.80
C HIS G 272 -41.71 24.61 -29.35
N LEU G 273 -41.05 25.75 -29.51
CA LEU G 273 -39.69 25.80 -30.03
C LEU G 273 -38.65 25.86 -28.92
N HIS G 274 -38.08 24.70 -28.60
CA HIS G 274 -37.10 24.58 -27.54
C HIS G 274 -35.75 25.14 -28.00
N LEU G 275 -34.73 24.99 -27.17
CA LEU G 275 -33.39 25.46 -27.51
C LEU G 275 -32.39 24.58 -26.77
N LYS G 276 -31.70 23.70 -27.48
CA LYS G 276 -30.73 22.81 -26.85
C LYS G 276 -29.31 23.29 -27.11
N GLU G 277 -28.61 23.61 -26.02
CA GLU G 277 -27.23 24.06 -26.10
C GLU G 277 -26.33 22.88 -26.40
N GLY G 278 -25.61 22.97 -27.51
CA GLY G 278 -24.76 21.89 -27.98
C GLY G 278 -23.57 21.67 -27.08
N ALA G 279 -23.32 20.41 -26.74
CA ALA G 279 -22.26 20.04 -25.83
C ALA G 279 -20.87 20.06 -26.50
N GLY G 280 -20.73 20.66 -27.68
CA GLY G 280 -19.45 20.80 -28.35
C GLY G 280 -18.90 19.55 -29.00
N ALA G 281 -19.59 19.08 -30.06
CA ALA G 281 -19.14 17.88 -30.77
C ALA G 281 -19.60 17.94 -32.23
N PHE G 282 -18.65 17.88 -33.17
CA PHE G 282 -18.98 17.76 -34.60
C PHE G 282 -19.58 16.42 -34.95
N VAL G 283 -19.28 15.36 -34.19
CA VAL G 283 -19.94 14.05 -34.34
C VAL G 283 -21.45 14.20 -34.32
N CYS G 284 -21.96 15.09 -33.45
CA CYS G 284 -23.39 15.41 -33.37
C CYS G 284 -23.72 16.48 -34.41
N GLY G 285 -23.32 16.26 -35.66
CA GLY G 285 -23.62 17.13 -36.78
C GLY G 285 -24.45 16.41 -37.82
N GLU G 286 -24.38 15.08 -37.81
CA GLU G 286 -25.23 14.24 -38.64
C GLU G 286 -26.58 14.08 -37.98
N GLU G 287 -27.49 13.40 -38.68
CA GLU G 287 -28.87 13.29 -38.21
C GLU G 287 -28.96 12.44 -36.95
N THR G 288 -28.54 11.18 -37.02
CA THR G 288 -28.78 10.23 -35.95
C THR G 288 -28.00 10.57 -34.68
N ALA G 289 -26.90 11.30 -34.81
CA ALA G 289 -26.17 11.68 -33.61
C ALA G 289 -26.77 12.92 -32.98
N LEU G 290 -27.28 13.84 -33.79
CA LEU G 290 -28.09 14.94 -33.26
C LEU G 290 -29.27 14.39 -32.48
N MET G 291 -30.01 13.44 -33.09
CA MET G 291 -31.16 12.82 -32.44
C MET G 291 -30.75 12.04 -31.20
N ALA G 292 -29.48 11.63 -31.10
CA ALA G 292 -29.06 10.94 -29.89
C ALA G 292 -28.72 11.94 -28.78
N SER G 293 -28.05 13.04 -29.14
CA SER G 293 -27.75 14.08 -28.15
C SER G 293 -29.01 14.78 -27.64
N ILE G 294 -30.10 14.80 -28.41
CA ILE G 294 -31.31 15.42 -27.92
C ILE G 294 -32.05 14.50 -26.96
N GLU G 295 -31.93 13.17 -27.12
CA GLU G 295 -32.52 12.27 -26.14
C GLU G 295 -31.68 12.11 -24.89
N GLY G 296 -30.61 12.89 -24.75
CA GLY G 296 -29.76 12.81 -23.60
C GLY G 296 -28.98 11.51 -23.52
N ARG G 297 -28.09 11.32 -24.47
CA ARG G 297 -27.37 10.06 -24.63
C ARG G 297 -26.17 10.37 -25.52
N ARG G 298 -25.16 9.49 -25.44
CA ARG G 298 -23.94 9.57 -26.23
C ARG G 298 -24.27 9.71 -27.71
N GLY G 299 -23.56 10.60 -28.39
CA GLY G 299 -23.87 10.88 -29.78
C GLY G 299 -23.22 9.85 -30.67
N MET G 300 -24.02 8.86 -31.03
CA MET G 300 -23.54 7.66 -31.69
C MET G 300 -24.44 7.33 -32.87
N PRO G 301 -23.97 7.52 -34.11
CA PRO G 301 -24.84 7.31 -35.28
C PRO G 301 -25.29 5.86 -35.39
N ARG G 302 -26.56 5.65 -35.16
CA ARG G 302 -27.12 4.35 -35.41
C ARG G 302 -27.28 4.16 -36.92
N PRO G 303 -27.14 2.93 -37.41
CA PRO G 303 -27.24 2.71 -38.86
C PRO G 303 -28.69 2.80 -39.30
N ARG G 304 -28.91 3.49 -40.42
CA ARG G 304 -30.28 3.50 -40.92
C ARG G 304 -30.50 2.38 -41.93
N PRO G 305 -31.63 1.64 -41.88
CA PRO G 305 -32.80 1.78 -41.00
C PRO G 305 -32.59 1.36 -39.54
N PRO G 306 -33.37 1.90 -38.59
CA PRO G 306 -34.52 2.83 -38.65
C PRO G 306 -34.16 4.25 -39.11
N PHE G 307 -34.89 4.72 -40.12
CA PHE G 307 -34.61 5.99 -40.76
C PHE G 307 -34.95 7.16 -39.85
N PRO G 308 -34.30 8.33 -40.05
CA PRO G 308 -34.61 9.46 -39.16
C PRO G 308 -35.96 10.08 -39.43
N ALA G 309 -36.38 10.15 -40.70
CA ALA G 309 -37.69 10.69 -41.03
C ALA G 309 -38.84 9.74 -40.74
N GLN G 310 -38.56 8.52 -40.29
CA GLN G 310 -39.60 7.56 -39.94
C GLN G 310 -39.58 7.18 -38.48
N HIS G 311 -38.39 6.96 -37.90
CA HIS G 311 -38.23 6.47 -36.54
C HIS G 311 -37.14 7.28 -35.83
N GLY G 312 -37.26 8.60 -35.86
CA GLY G 312 -36.16 9.43 -35.43
C GLY G 312 -36.16 9.74 -33.94
N LEU G 313 -36.38 11.01 -33.58
CA LEU G 313 -36.29 11.43 -32.19
C LEU G 313 -37.35 10.72 -31.36
N TRP G 314 -36.90 10.02 -30.32
CA TRP G 314 -37.74 9.24 -29.40
C TRP G 314 -38.58 8.19 -30.10
N GLY G 315 -38.13 7.71 -31.26
CA GLY G 315 -38.89 6.76 -32.05
C GLY G 315 -39.98 7.37 -32.88
N LYS G 316 -40.22 8.66 -32.74
CA LYS G 316 -41.18 9.46 -33.47
C LYS G 316 -40.49 10.09 -34.68
N PRO G 317 -41.26 10.44 -35.74
CA PRO G 317 -40.68 11.10 -36.92
C PRO G 317 -39.86 12.36 -36.64
N THR G 318 -38.94 12.71 -37.54
CA THR G 318 -38.05 13.83 -37.31
C THR G 318 -37.76 14.45 -38.67
N ASN G 319 -37.47 15.75 -38.68
CA ASN G 319 -37.29 16.53 -39.92
C ASN G 319 -36.04 17.41 -39.80
N ILE G 320 -34.90 16.83 -39.43
CA ILE G 320 -33.66 17.61 -39.33
C ILE G 320 -33.34 18.26 -40.66
N ASN G 321 -33.17 19.57 -40.65
CA ASN G 321 -32.80 20.31 -41.83
C ASN G 321 -31.90 21.45 -41.37
N ASN G 322 -31.12 22.01 -42.30
CA ASN G 322 -30.08 22.93 -41.91
C ASN G 322 -30.68 24.26 -41.47
N VAL G 323 -29.92 24.99 -40.64
CA VAL G 323 -30.34 26.29 -40.17
C VAL G 323 -30.40 27.28 -41.33
N GLU G 324 -29.45 27.19 -42.25
CA GLU G 324 -29.51 28.03 -43.45
C GLU G 324 -30.64 27.58 -44.36
N THR G 325 -30.87 26.27 -44.45
CA THR G 325 -31.97 25.78 -45.28
C THR G 325 -33.31 26.10 -44.64
N TRP G 326 -33.36 26.17 -43.31
CA TRP G 326 -34.57 26.63 -42.65
C TRP G 326 -34.77 28.11 -42.90
N ALA G 327 -33.70 28.90 -42.80
CA ALA G 327 -33.76 30.34 -43.00
C ALA G 327 -34.17 30.73 -44.42
N ASN G 328 -34.05 29.81 -45.38
CA ASN G 328 -34.53 30.07 -46.74
C ASN G 328 -36.03 29.84 -46.87
N VAL G 329 -36.63 29.11 -45.93
CA VAL G 329 -38.06 28.81 -46.00
C VAL G 329 -38.95 30.05 -45.91
N PRO G 330 -38.69 31.08 -45.04
CA PRO G 330 -39.53 32.32 -45.08
C PRO G 330 -39.66 32.97 -46.44
N ARG G 331 -38.62 32.90 -47.25
CA ARG G 331 -38.61 33.50 -48.57
C ARG G 331 -39.04 32.53 -49.66
N ILE G 332 -39.73 31.44 -49.30
CA ILE G 332 -40.27 30.56 -50.34
C ILE G 332 -41.72 30.95 -50.69
N ILE G 333 -42.49 31.42 -49.71
CA ILE G 333 -43.90 31.71 -49.95
C ILE G 333 -44.19 33.21 -49.96
N LEU G 334 -43.37 34.04 -49.29
CA LEU G 334 -43.51 35.49 -49.39
C LEU G 334 -43.35 35.99 -50.81
N ASN G 335 -42.56 35.29 -51.62
CA ASN G 335 -42.20 35.76 -52.94
C ASN G 335 -42.68 34.83 -54.03
N GLY G 336 -42.48 33.52 -53.88
CA GLY G 336 -42.91 32.56 -54.86
C GLY G 336 -41.76 31.74 -55.41
N ALA G 337 -42.13 30.77 -56.24
CA ALA G 337 -41.19 29.78 -56.76
C ALA G 337 -40.15 30.40 -57.68
N ASP G 338 -40.61 31.06 -58.75
CA ASP G 338 -39.72 31.63 -59.76
C ASP G 338 -38.72 32.64 -59.18
N TRP G 339 -39.12 33.34 -58.11
CA TRP G 339 -38.24 34.26 -57.40
C TRP G 339 -36.98 33.51 -56.97
N PHE G 340 -37.17 32.43 -56.19
CA PHE G 340 -36.06 31.54 -55.83
C PHE G 340 -35.39 30.90 -57.05
N ALA G 341 -36.12 30.72 -58.15
CA ALA G 341 -35.47 30.16 -59.33
C ALA G 341 -34.58 31.19 -60.03
N SER G 342 -35.02 32.46 -60.06
CA SER G 342 -34.33 33.51 -60.80
C SER G 342 -33.08 34.03 -60.09
N MET G 343 -32.12 33.13 -59.87
CA MET G 343 -30.84 33.50 -59.26
C MET G 343 -29.64 32.91 -59.98
N GLY G 344 -29.80 31.83 -60.74
CA GLY G 344 -28.67 31.22 -61.43
C GLY G 344 -29.02 29.99 -62.24
N THR G 345 -28.21 28.95 -62.06
CA THR G 345 -28.27 27.73 -62.86
C THR G 345 -29.52 26.90 -62.52
N GLU G 346 -29.75 25.87 -63.33
CA GLU G 346 -30.97 25.09 -63.30
C GLU G 346 -30.90 23.83 -62.46
N LYS G 347 -29.72 23.21 -62.33
CA LYS G 347 -29.64 21.97 -61.56
C LYS G 347 -29.77 22.24 -60.06
N SER G 348 -28.87 23.02 -59.50
CA SER G 348 -29.03 23.51 -58.14
C SER G 348 -29.76 24.83 -58.15
N LYS G 349 -30.55 25.07 -57.11
CA LYS G 349 -31.41 26.25 -57.08
C LYS G 349 -31.37 26.89 -55.70
N GLY G 350 -31.18 28.21 -55.66
CA GLY G 350 -31.20 28.97 -54.42
C GLY G 350 -29.98 29.83 -54.21
N THR G 351 -29.60 30.08 -52.95
CA THR G 351 -28.42 30.89 -52.65
C THR G 351 -27.79 30.39 -51.35
N LYS G 352 -26.45 30.44 -51.29
CA LYS G 352 -25.67 29.93 -50.16
C LYS G 352 -24.84 31.04 -49.54
N ILE G 353 -24.80 31.07 -48.21
CA ILE G 353 -23.92 31.97 -47.47
C ILE G 353 -22.57 31.29 -47.33
N PHE G 354 -21.49 32.06 -47.36
CA PHE G 354 -20.14 31.51 -47.30
C PHE G 354 -19.34 32.25 -46.24
N ALA G 355 -18.73 31.49 -45.32
CA ALA G 355 -17.80 32.06 -44.36
C ALA G 355 -16.42 32.19 -45.00
N LEU G 356 -16.35 33.08 -45.99
CA LEU G 356 -15.10 33.40 -46.64
C LEU G 356 -14.11 33.93 -45.62
N THR G 357 -13.01 33.19 -45.42
CA THR G 357 -11.99 33.59 -44.48
C THR G 357 -10.66 33.07 -44.98
N GLY G 358 -9.67 33.06 -44.10
CA GLY G 358 -8.35 32.62 -44.51
C GLY G 358 -7.33 33.73 -44.45
N LYS G 359 -6.67 33.99 -45.57
CA LYS G 359 -5.55 34.93 -45.63
C LYS G 359 -5.65 35.84 -46.84
N ILE G 360 -6.81 36.46 -47.09
CA ILE G 360 -6.89 37.24 -48.31
C ILE G 360 -6.81 38.75 -48.11
N THR G 361 -7.91 39.37 -47.68
CA THR G 361 -7.85 40.77 -47.27
C THR G 361 -8.73 41.02 -46.07
N ASN G 362 -9.91 40.40 -46.09
CA ASN G 362 -10.95 40.68 -45.09
C ASN G 362 -11.95 39.55 -45.14
N THR G 363 -12.18 38.92 -44.00
CA THR G 363 -13.05 37.75 -43.90
C THR G 363 -14.50 38.20 -43.84
N GLY G 364 -15.38 37.28 -43.49
CA GLY G 364 -16.78 37.59 -43.26
C GLY G 364 -17.70 36.85 -44.22
N LEU G 365 -18.98 36.90 -43.88
CA LEU G 365 -20.01 36.23 -44.65
C LEU G 365 -20.18 36.89 -46.02
N ILE G 366 -19.94 36.09 -47.06
CA ILE G 366 -20.03 36.52 -48.45
C ILE G 366 -21.02 35.58 -49.13
N GLU G 367 -22.27 36.00 -49.24
CA GLU G 367 -23.35 35.17 -49.77
C GLU G 367 -23.56 35.49 -51.25
N VAL G 368 -22.90 34.72 -52.10
CA VAL G 368 -22.93 34.86 -53.55
C VAL G 368 -24.10 34.05 -54.10
N PRO G 369 -24.75 34.47 -55.24
CA PRO G 369 -26.05 33.88 -55.61
C PRO G 369 -26.05 32.39 -55.95
N MET G 370 -25.25 31.98 -56.93
CA MET G 370 -25.37 30.63 -57.46
C MET G 370 -23.98 30.26 -57.95
N GLY G 371 -23.89 29.28 -58.86
CA GLY G 371 -22.63 28.99 -59.50
C GLY G 371 -22.09 30.20 -60.22
N ILE G 372 -21.11 30.83 -59.58
CA ILE G 372 -20.40 31.99 -60.09
C ILE G 372 -18.93 31.61 -60.10
N THR G 373 -18.23 32.03 -61.16
CA THR G 373 -16.81 31.77 -61.37
C THR G 373 -15.99 32.14 -60.13
N ILE G 374 -15.28 31.13 -59.61
CA ILE G 374 -14.42 31.23 -58.41
C ILE G 374 -13.48 32.43 -58.46
N ARG G 375 -13.09 32.87 -59.67
CA ARG G 375 -12.31 34.07 -59.93
C ARG G 375 -12.98 35.26 -59.27
N GLU G 376 -14.17 35.65 -59.73
CA GLU G 376 -14.90 36.72 -59.04
C GLU G 376 -15.69 36.18 -57.84
N ILE G 377 -15.05 35.30 -57.05
CA ILE G 377 -15.40 35.04 -55.66
C ILE G 377 -14.24 35.36 -54.73
N ILE G 378 -13.01 35.07 -55.16
CA ILE G 378 -11.84 35.17 -54.30
C ILE G 378 -10.86 36.22 -54.80
N TYR G 379 -10.70 36.35 -56.13
CA TYR G 379 -9.68 37.23 -56.70
C TYR G 379 -9.99 38.70 -56.45
N GLU G 380 -11.25 39.12 -56.65
CA GLU G 380 -11.61 40.52 -56.53
C GLU G 380 -12.70 40.81 -55.50
N LEU G 381 -13.48 39.82 -55.07
CA LEU G 381 -14.46 40.09 -54.03
C LEU G 381 -13.77 40.20 -52.67
N GLY G 382 -13.10 39.14 -52.24
CA GLY G 382 -12.15 39.29 -51.15
C GLY G 382 -11.05 40.27 -51.49
N GLY G 383 -10.48 40.13 -52.68
CA GLY G 383 -9.53 41.10 -53.17
C GLY G 383 -8.11 40.69 -52.90
N GLY G 384 -7.42 40.21 -53.93
CA GLY G 384 -6.06 39.70 -53.90
C GLY G 384 -5.90 38.64 -52.83
N ILE G 385 -4.68 38.50 -52.33
CA ILE G 385 -4.33 37.63 -51.21
C ILE G 385 -3.47 38.50 -50.31
N LEU G 386 -3.42 38.15 -49.01
CA LEU G 386 -2.54 38.87 -48.07
C LEU G 386 -1.10 38.84 -48.55
N ASN G 387 -0.48 40.03 -48.58
CA ASN G 387 0.85 40.27 -49.16
C ASN G 387 0.90 39.93 -50.65
N GLY G 388 -0.27 39.91 -51.31
CA GLY G 388 -0.42 39.74 -52.74
C GLY G 388 0.18 38.52 -53.41
N LYS G 389 0.60 37.52 -52.64
CA LYS G 389 1.21 36.33 -53.21
C LYS G 389 0.09 35.39 -53.65
N GLU G 390 0.11 34.99 -54.92
CA GLU G 390 -0.94 34.17 -55.54
C GLU G 390 -1.23 32.90 -54.76
N PHE G 391 -2.52 32.60 -54.57
CA PHE G 391 -2.93 31.45 -53.78
C PHE G 391 -2.58 30.14 -54.49
N LYS G 392 -2.46 29.08 -53.69
CA LYS G 392 -2.20 27.75 -54.22
C LYS G 392 -3.32 26.75 -54.01
N ALA G 393 -4.30 27.05 -53.15
CA ALA G 393 -5.44 26.16 -52.93
C ALA G 393 -6.55 26.91 -52.22
N VAL G 394 -7.73 26.30 -52.25
CA VAL G 394 -8.89 26.76 -51.48
C VAL G 394 -9.75 25.55 -51.10
N GLN G 395 -10.15 25.50 -49.83
CA GLN G 395 -11.04 24.47 -49.29
C GLN G 395 -12.45 24.98 -49.50
N ILE G 396 -13.31 24.22 -50.17
CA ILE G 396 -14.62 24.75 -50.53
C ILE G 396 -15.74 24.11 -49.74
N GLY G 397 -15.44 23.11 -48.90
CA GLY G 397 -16.46 22.47 -48.12
C GLY G 397 -16.11 22.26 -46.66
N GLY G 398 -14.97 22.77 -46.22
CA GLY G 398 -14.53 22.54 -44.87
C GLY G 398 -13.78 21.23 -44.74
N PRO G 399 -13.76 20.67 -43.53
CA PRO G 399 -13.09 19.38 -43.34
C PRO G 399 -13.80 18.24 -44.03
N SER G 400 -15.13 18.23 -44.03
CA SER G 400 -15.86 17.23 -44.80
C SER G 400 -15.78 17.47 -46.30
N GLY G 401 -15.14 18.54 -46.76
CA GLY G 401 -15.06 18.88 -48.15
C GLY G 401 -13.63 18.83 -48.65
N GLY G 402 -13.50 18.95 -49.97
CA GLY G 402 -12.22 18.85 -50.65
C GLY G 402 -11.61 20.21 -50.95
N CYS G 403 -10.58 20.19 -51.78
CA CYS G 403 -9.80 21.36 -52.14
C CYS G 403 -9.95 21.66 -53.62
N LEU G 404 -9.87 22.95 -53.95
CA LEU G 404 -9.90 23.42 -55.32
C LEU G 404 -8.70 24.31 -55.51
N THR G 405 -8.03 24.18 -56.66
CA THR G 405 -6.76 24.85 -56.87
C THR G 405 -6.50 25.12 -58.35
N LYS G 406 -6.53 26.39 -58.74
CA LYS G 406 -5.91 26.91 -59.96
C LYS G 406 -6.44 26.32 -61.28
N GLU G 407 -7.44 25.45 -61.20
CA GLU G 407 -8.02 24.81 -62.37
C GLU G 407 -9.53 24.97 -62.33
N HIS G 408 -10.11 25.02 -61.13
CA HIS G 408 -11.54 25.24 -60.99
C HIS G 408 -11.83 26.73 -60.79
N LEU G 409 -11.52 27.52 -61.81
CA LEU G 409 -11.71 28.97 -61.75
C LEU G 409 -13.00 29.40 -62.44
N ASP G 410 -13.13 29.07 -63.72
CA ASP G 410 -14.36 29.33 -64.47
C ASP G 410 -15.35 28.18 -64.34
N LEU G 411 -15.62 27.78 -63.10
CA LEU G 411 -16.48 26.65 -62.81
C LEU G 411 -17.64 27.13 -61.95
N PRO G 412 -18.88 26.77 -62.29
CA PRO G 412 -19.99 27.06 -61.38
C PRO G 412 -19.85 26.28 -60.09
N ILE G 413 -20.09 26.96 -58.98
CA ILE G 413 -19.92 26.38 -57.65
C ILE G 413 -21.18 25.65 -57.20
N ASP G 414 -22.13 25.45 -58.13
CA ASP G 414 -23.39 24.80 -57.81
C ASP G 414 -23.15 23.34 -57.44
N TYR G 415 -24.15 22.74 -56.77
CA TYR G 415 -24.02 21.42 -56.14
C TYR G 415 -23.64 20.31 -57.10
N GLU G 416 -24.04 20.39 -58.37
CA GLU G 416 -23.73 19.30 -59.28
C GLU G 416 -22.34 19.43 -59.87
N SER G 417 -21.89 20.66 -60.14
CA SER G 417 -20.63 20.88 -60.85
C SER G 417 -19.39 20.63 -60.01
N LEU G 418 -19.52 20.32 -58.73
CA LEU G 418 -18.35 20.17 -57.88
C LEU G 418 -18.34 18.90 -57.05
N THR G 419 -19.46 18.18 -56.97
CA THR G 419 -19.46 16.84 -56.36
C THR G 419 -18.65 15.87 -57.20
N ALA G 420 -18.56 16.10 -58.51
CA ALA G 420 -17.70 15.31 -59.38
C ALA G 420 -16.25 15.75 -59.24
N ALA G 421 -16.01 17.05 -59.00
CA ALA G 421 -14.68 17.53 -58.70
C ALA G 421 -14.17 16.97 -57.37
N GLY G 422 -15.08 16.57 -56.48
CA GLY G 422 -14.71 15.87 -55.26
C GLY G 422 -14.80 16.70 -54.01
N ALA G 423 -15.71 17.66 -53.95
CA ALA G 423 -15.78 18.51 -52.77
C ALA G 423 -17.22 18.94 -52.52
N ILE G 424 -17.93 18.21 -51.65
CA ILE G 424 -19.31 18.58 -51.32
C ILE G 424 -19.34 19.93 -50.61
N MET G 425 -20.19 20.83 -51.11
CA MET G 425 -20.24 22.23 -50.70
C MET G 425 -20.90 22.28 -49.32
N GLY G 426 -20.12 21.89 -48.32
CA GLY G 426 -20.60 21.74 -46.97
C GLY G 426 -20.40 22.90 -46.02
N SER G 427 -21.48 23.67 -45.81
CA SER G 427 -21.57 24.73 -44.80
C SER G 427 -20.53 25.83 -44.98
N GLY G 428 -20.14 26.08 -46.23
CA GLY G 428 -19.39 27.24 -46.70
C GLY G 428 -18.26 27.78 -45.84
N GLY G 429 -17.27 26.94 -45.57
CA GLY G 429 -16.12 27.33 -44.78
C GLY G 429 -14.91 27.61 -45.64
N LEU G 430 -15.09 28.33 -46.76
CA LEU G 430 -13.99 28.54 -47.69
C LEU G 430 -12.82 29.30 -47.09
N VAL G 431 -11.66 28.64 -47.10
CA VAL G 431 -10.40 29.16 -46.60
C VAL G 431 -9.37 29.13 -47.72
N VAL G 432 -8.78 30.25 -47.98
CA VAL G 432 -7.78 30.43 -49.02
C VAL G 432 -6.40 30.12 -48.44
N MET G 433 -5.55 29.46 -49.21
CA MET G 433 -4.23 29.09 -48.73
C MET G 433 -3.21 29.36 -49.82
N ASP G 434 -2.31 30.31 -49.57
CA ASP G 434 -1.27 30.66 -50.52
C ASP G 434 -0.07 29.73 -50.35
N GLU G 435 1.03 30.01 -51.05
CA GLU G 435 2.19 29.12 -51.04
C GLU G 435 2.90 29.02 -49.70
N ASP G 436 2.60 29.88 -48.73
CA ASP G 436 3.28 29.82 -47.45
C ASP G 436 2.63 28.84 -46.48
N THR G 437 1.61 28.12 -46.97
CA THR G 437 0.92 27.10 -46.15
C THR G 437 1.03 25.74 -46.88
N CYS G 438 1.45 24.70 -46.17
CA CYS G 438 1.65 23.38 -46.83
C CYS G 438 0.34 22.61 -46.91
N MET G 439 0.16 21.82 -47.98
CA MET G 439 -1.09 21.04 -48.17
C MET G 439 -1.08 19.80 -47.28
N VAL G 440 0.08 19.16 -47.11
CA VAL G 440 0.18 18.00 -46.17
C VAL G 440 -0.16 18.50 -44.77
N ASP G 441 0.30 19.71 -44.43
CA ASP G 441 0.02 20.29 -43.09
C ASP G 441 -1.50 20.44 -42.90
N VAL G 442 -2.19 21.04 -43.86
CA VAL G 442 -3.65 21.28 -43.69
C VAL G 442 -4.39 19.94 -43.76
N ALA G 443 -3.89 18.98 -44.54
CA ALA G 443 -4.50 17.63 -44.58
C ALA G 443 -4.42 17.01 -43.19
N LYS G 444 -3.24 17.08 -42.55
CA LYS G 444 -3.09 16.56 -41.18
C LYS G 444 -4.03 17.34 -40.25
N PHE G 445 -4.07 18.66 -40.39
CA PHE G 445 -4.91 19.51 -39.50
C PHE G 445 -6.37 19.05 -39.59
N PHE G 446 -6.93 18.98 -40.80
CA PHE G 446 -8.33 18.61 -40.95
C PHE G 446 -8.58 17.20 -40.45
N LEU G 447 -7.66 16.27 -40.74
CA LEU G 447 -7.81 14.90 -40.26
C LEU G 447 -7.64 14.83 -38.75
N GLU G 448 -6.87 15.73 -38.15
CA GLU G 448 -6.73 15.78 -36.70
C GLU G 448 -8.01 16.30 -36.06
N PHE G 449 -8.64 17.30 -36.68
CA PHE G 449 -9.94 17.76 -36.21
C PHE G 449 -10.98 16.65 -36.30
N THR G 450 -10.94 15.90 -37.40
CA THR G 450 -11.88 14.79 -37.58
C THR G 450 -11.64 13.71 -36.53
N GLN G 451 -10.38 13.35 -36.28
CA GLN G 451 -10.04 12.36 -35.26
C GLN G 451 -10.50 12.82 -33.89
N ARG G 452 -10.40 14.12 -33.63
CA ARG G 452 -10.82 14.62 -32.33
C ARG G 452 -12.34 14.72 -32.22
N GLU G 453 -13.05 14.82 -33.34
CA GLU G 453 -14.50 14.94 -33.29
C GLU G 453 -15.18 13.78 -34.01
N SER G 454 -15.17 12.62 -33.37
CA SER G 454 -15.69 11.36 -33.91
C SER G 454 -16.08 10.52 -32.71
N CYS G 455 -17.10 9.68 -32.88
CA CYS G 455 -17.63 8.88 -31.75
C CYS G 455 -16.68 7.73 -31.42
N GLY G 456 -16.24 6.97 -32.42
CA GLY G 456 -15.39 5.79 -32.14
C GLY G 456 -16.15 4.49 -32.32
N LYS G 457 -17.19 4.48 -33.13
CA LYS G 457 -18.00 3.29 -33.29
C LYS G 457 -17.42 2.52 -34.46
N CYS G 458 -17.21 3.20 -35.57
CA CYS G 458 -16.77 2.45 -36.76
C CYS G 458 -15.27 2.23 -36.72
N VAL G 459 -14.87 1.07 -37.22
CA VAL G 459 -13.44 0.70 -37.23
C VAL G 459 -12.78 1.56 -38.28
N PRO G 460 -13.36 1.84 -39.47
CA PRO G 460 -12.70 2.79 -40.35
C PRO G 460 -12.43 4.21 -39.81
N CYS G 461 -13.36 4.90 -39.15
CA CYS G 461 -13.09 6.29 -38.73
C CYS G 461 -12.32 6.32 -37.43
N ARG G 462 -12.24 5.23 -36.70
CA ARG G 462 -11.52 5.33 -35.42
C ARG G 462 -10.08 4.99 -35.68
N GLU G 463 -9.83 3.98 -36.48
CA GLU G 463 -8.42 3.56 -36.64
C GLU G 463 -7.88 4.14 -37.94
N GLY G 464 -8.59 4.05 -39.05
CA GLY G 464 -8.17 4.66 -40.30
C GLY G 464 -7.69 6.08 -40.13
N THR G 465 -8.50 6.94 -39.51
CA THR G 465 -8.12 8.34 -39.40
C THR G 465 -6.90 8.52 -38.50
N LYS G 466 -6.74 7.65 -37.50
CA LYS G 466 -5.54 7.66 -36.67
C LYS G 466 -4.31 7.30 -37.50
N GLN G 467 -4.41 6.24 -38.30
CA GLN G 467 -3.26 5.81 -39.07
C GLN G 467 -2.95 6.79 -40.19
N MET G 468 -3.98 7.40 -40.76
CA MET G 468 -3.77 8.40 -41.79
C MET G 468 -3.12 9.64 -41.19
N LEU G 469 -3.51 10.00 -39.97
CA LEU G 469 -2.82 11.07 -39.25
C LEU G 469 -1.36 10.73 -39.03
N LEU G 470 -1.07 9.47 -38.70
CA LEU G 470 0.31 9.04 -38.49
C LEU G 470 1.09 9.11 -39.79
N MET G 471 0.50 8.61 -40.89
CA MET G 471 1.19 8.63 -42.18
C MET G 471 1.38 10.04 -42.70
N LEU G 472 0.46 10.96 -42.38
CA LEU G 472 0.63 12.34 -42.81
C LEU G 472 1.69 13.03 -41.97
N GLN G 473 1.72 12.75 -40.66
CA GLN G 473 2.78 13.26 -39.80
C GLN G 473 4.14 12.67 -40.17
N LYS G 474 4.16 11.50 -40.80
CA LYS G 474 5.41 10.91 -41.23
C LYS G 474 5.85 11.45 -42.58
N ILE G 475 4.89 11.80 -43.44
CA ILE G 475 5.21 12.38 -44.78
C ILE G 475 5.64 13.83 -44.58
N CYS G 476 4.98 14.56 -43.68
CA CYS G 476 5.35 15.97 -43.37
C CYS G 476 6.79 16.02 -42.85
N ASN G 477 7.15 15.10 -41.95
CA ASN G 477 8.52 15.07 -41.37
C ASN G 477 9.52 14.56 -42.40
N GLY G 478 9.03 13.99 -43.51
CA GLY G 478 9.93 13.51 -44.58
C GLY G 478 10.31 12.05 -44.36
N GLU G 479 9.93 11.48 -43.21
CA GLU G 479 10.25 10.09 -42.92
C GLU G 479 9.47 9.11 -43.78
N GLY G 480 8.69 9.57 -44.76
CA GLY G 480 7.83 8.69 -45.50
C GLY G 480 8.47 8.08 -46.72
N THR G 481 7.78 7.09 -47.29
CA THR G 481 8.19 6.42 -48.51
C THR G 481 7.08 6.43 -49.55
N MET G 482 7.24 5.68 -50.64
CA MET G 482 6.23 5.64 -51.69
C MET G 482 5.10 4.69 -51.34
N ASP G 483 5.44 3.53 -50.76
CA ASP G 483 4.43 2.63 -50.21
C ASP G 483 3.57 3.32 -49.15
N ASP G 484 4.15 4.29 -48.43
CA ASP G 484 3.38 5.13 -47.51
C ASP G 484 2.29 5.89 -48.25
N LEU G 485 2.61 6.44 -49.41
CA LEU G 485 1.61 7.19 -50.17
C LEU G 485 0.54 6.27 -50.72
N SER G 486 0.94 5.08 -51.20
CA SER G 486 -0.04 4.12 -51.69
C SER G 486 -0.97 3.64 -50.58
N LYS G 487 -0.41 3.38 -49.39
CA LYS G 487 -1.21 2.99 -48.24
C LYS G 487 -2.14 4.11 -47.81
N LEU G 488 -1.68 5.36 -47.89
CA LEU G 488 -2.52 6.50 -47.53
C LEU G 488 -3.69 6.64 -48.49
N GLU G 489 -3.43 6.50 -49.79
CA GLU G 489 -4.50 6.55 -50.79
C GLU G 489 -5.51 5.42 -50.58
N GLU G 490 -5.02 4.20 -50.36
CA GLU G 490 -5.92 3.05 -50.22
C GLU G 490 -6.72 3.12 -48.93
N LEU G 491 -6.10 3.58 -47.84
CA LEU G 491 -6.82 3.73 -46.59
C LEU G 491 -7.85 4.84 -46.68
N ALA G 492 -7.51 5.94 -47.37
CA ALA G 492 -8.46 7.02 -47.61
C ALA G 492 -9.69 6.50 -48.36
N HIS G 493 -9.46 5.74 -49.43
CA HIS G 493 -10.59 5.24 -50.22
C HIS G 493 -11.42 4.25 -49.40
N MET G 494 -10.76 3.43 -48.58
CA MET G 494 -11.47 2.47 -47.74
C MET G 494 -12.33 3.17 -46.71
N VAL G 495 -11.78 4.18 -46.02
CA VAL G 495 -12.53 4.91 -45.01
C VAL G 495 -13.67 5.69 -45.64
N LYS G 496 -13.51 6.14 -46.89
CA LYS G 496 -14.61 6.81 -47.55
C LYS G 496 -15.72 5.82 -47.90
N GLU G 497 -15.36 4.63 -48.35
CA GLU G 497 -16.36 3.67 -48.80
C GLU G 497 -16.98 2.85 -47.68
N THR G 498 -16.35 2.76 -46.50
CA THR G 498 -16.82 1.83 -45.49
C THR G 498 -17.38 2.46 -44.22
N SER G 499 -17.05 3.71 -43.93
CA SER G 499 -17.49 4.37 -42.70
C SER G 499 -19.02 4.47 -42.64
N LEU G 500 -19.52 4.66 -41.42
CA LEU G 500 -20.95 4.49 -41.19
C LEU G 500 -21.76 5.73 -41.52
N CYS G 501 -21.60 6.80 -40.74
CA CYS G 501 -22.53 7.95 -40.86
C CYS G 501 -22.34 8.82 -42.10
N GLY G 502 -21.15 9.36 -42.32
CA GLY G 502 -20.94 10.34 -43.37
C GLY G 502 -19.92 11.38 -42.97
N LEU G 503 -19.67 11.54 -41.67
CA LEU G 503 -18.46 12.26 -41.25
C LEU G 503 -17.23 11.52 -41.74
N GLY G 504 -17.17 10.21 -41.49
CA GLY G 504 -16.05 9.42 -41.94
C GLY G 504 -16.08 9.11 -43.40
N GLN G 505 -17.28 9.00 -43.99
CA GLN G 505 -17.40 8.82 -45.43
C GLN G 505 -16.87 10.02 -46.21
N THR G 506 -16.79 11.18 -45.56
CA THR G 506 -16.19 12.38 -46.15
C THR G 506 -15.02 12.90 -45.34
N ALA G 507 -14.53 12.12 -44.36
CA ALA G 507 -13.34 12.53 -43.62
C ALA G 507 -12.08 12.52 -44.47
N PRO G 508 -11.75 11.47 -45.28
CA PRO G 508 -10.54 11.58 -46.08
C PRO G 508 -10.75 12.29 -47.41
N ASN G 509 -11.51 13.38 -47.42
CA ASN G 509 -11.55 14.25 -48.57
C ASN G 509 -10.33 15.18 -48.54
N PRO G 510 -9.91 15.81 -47.39
CA PRO G 510 -8.63 16.53 -47.41
C PRO G 510 -7.39 15.68 -47.64
N VAL G 511 -7.52 14.38 -47.90
CA VAL G 511 -6.43 13.56 -48.42
C VAL G 511 -6.64 13.24 -49.89
N ILE G 512 -7.76 12.54 -50.22
CA ILE G 512 -8.12 12.11 -51.58
C ILE G 512 -7.99 13.25 -52.58
N THR G 513 -8.66 14.38 -52.31
CA THR G 513 -8.61 15.54 -53.19
C THR G 513 -7.18 16.06 -53.29
N THR G 514 -6.50 16.19 -52.15
CA THR G 514 -5.13 16.66 -52.19
C THR G 514 -4.17 15.65 -52.81
N ILE G 515 -4.65 14.43 -53.07
CA ILE G 515 -3.91 13.46 -53.86
C ILE G 515 -4.17 13.71 -55.35
N ARG G 516 -5.40 14.04 -55.72
CA ARG G 516 -5.72 14.20 -57.13
C ARG G 516 -5.43 15.60 -57.64
N TYR G 517 -4.98 16.51 -56.77
CA TYR G 517 -4.64 17.86 -57.16
C TYR G 517 -3.28 18.34 -56.68
N PHE G 518 -2.59 17.57 -55.83
CA PHE G 518 -1.25 17.90 -55.37
C PHE G 518 -0.33 16.69 -55.30
N ARG G 519 -0.56 15.68 -56.15
CA ARG G 519 0.17 14.40 -56.14
C ARG G 519 1.67 14.63 -56.13
N ASP G 520 2.18 15.40 -57.11
CA ASP G 520 3.60 15.73 -57.22
C ASP G 520 4.09 16.33 -55.91
N GLU G 521 3.29 17.22 -55.33
CA GLU G 521 3.58 17.85 -54.04
C GLU G 521 3.79 16.81 -52.97
N TYR G 522 2.88 15.84 -52.90
CA TYR G 522 3.02 14.69 -52.02
C TYR G 522 4.33 13.96 -52.26
N VAL G 523 4.62 13.67 -53.54
CA VAL G 523 5.89 13.07 -53.94
C VAL G 523 7.05 13.97 -53.52
N ALA G 524 6.89 15.29 -53.70
CA ALA G 524 7.93 16.24 -53.32
C ALA G 524 8.20 16.27 -51.82
N HIS G 525 7.27 15.76 -51.00
CA HIS G 525 7.50 15.69 -49.57
C HIS G 525 8.26 14.43 -49.17
N ILE G 526 8.35 13.42 -50.04
CA ILE G 526 8.92 12.14 -49.69
C ILE G 526 10.11 11.74 -50.56
N LYS G 527 9.94 11.75 -51.89
CA LYS G 527 11.06 11.47 -52.79
C LYS G 527 12.16 12.51 -52.65
N ASP G 528 11.80 13.78 -52.88
CA ASP G 528 12.76 14.87 -52.57
C ASP G 528 12.42 15.30 -51.14
N LYS G 529 13.38 15.85 -50.40
CA LYS G 529 13.09 16.21 -48.97
C LYS G 529 12.79 17.71 -48.89
N ARG G 530 11.68 18.15 -49.48
CA ARG G 530 11.39 19.61 -49.51
C ARG G 530 9.94 19.90 -49.12
N CYS G 531 9.65 21.13 -48.69
CA CYS G 531 8.27 21.53 -48.32
C CYS G 531 8.13 23.04 -48.55
N PRO G 532 7.15 23.52 -49.36
CA PRO G 532 6.94 24.97 -49.55
C PRO G 532 6.96 25.77 -48.27
N ALA G 533 6.27 25.28 -47.23
CA ALA G 533 6.28 25.97 -45.92
C ALA G 533 7.40 25.37 -45.06
N LYS G 534 8.53 26.07 -44.95
CA LYS G 534 9.70 25.50 -44.21
C LYS G 534 9.45 25.58 -42.71
N ILE G 535 8.59 24.71 -42.18
CA ILE G 535 8.34 24.66 -40.70
C ILE G 535 9.24 23.56 -40.13
N CYS G 536 9.18 22.36 -40.69
CA CYS G 536 10.04 21.24 -40.24
C CYS G 536 10.44 20.39 -41.45
N PRO G 537 11.70 19.92 -41.56
CA PRO G 537 12.15 19.16 -42.73
C PRO G 537 11.42 17.81 -42.83
N THR H 5 -17.30 18.03 0.95
CA THR H 5 -17.87 16.76 0.49
C THR H 5 -19.40 16.78 0.55
N VAL H 6 -19.97 17.39 1.60
CA VAL H 6 -21.43 17.52 1.66
C VAL H 6 -21.97 18.66 0.82
N ASP H 7 -21.10 19.56 0.34
CA ASP H 7 -21.51 20.67 -0.52
C ASP H 7 -21.90 20.19 -1.92
N VAL H 8 -21.48 18.99 -2.31
CA VAL H 8 -21.67 18.48 -3.66
C VAL H 8 -22.78 17.43 -3.73
N VAL H 9 -23.55 17.24 -2.67
CA VAL H 9 -24.59 16.24 -2.70
C VAL H 9 -26.00 16.81 -2.82
N GLU H 10 -26.28 18.01 -2.32
CA GLU H 10 -27.65 18.51 -2.49
C GLU H 10 -27.81 19.47 -3.67
N LYS H 11 -26.76 20.24 -4.00
CA LYS H 11 -26.77 21.09 -5.19
C LYS H 11 -27.01 20.28 -6.45
N VAL H 12 -26.46 19.06 -6.50
CA VAL H 12 -26.70 18.23 -7.66
C VAL H 12 -28.06 17.54 -7.51
N LYS H 13 -28.48 17.26 -6.27
CA LYS H 13 -29.78 16.64 -6.05
C LYS H 13 -30.93 17.63 -6.21
N GLU H 14 -30.66 18.93 -6.30
CA GLU H 14 -31.72 19.90 -6.52
C GLU H 14 -31.88 20.30 -7.97
N ILE H 15 -30.78 20.38 -8.74
CA ILE H 15 -30.86 20.68 -10.16
C ILE H 15 -31.49 19.54 -10.96
N VAL H 16 -31.64 18.36 -10.37
CA VAL H 16 -32.24 17.24 -11.09
C VAL H 16 -33.75 17.20 -10.87
N ALA H 17 -34.25 17.89 -9.84
CA ALA H 17 -35.68 17.94 -9.53
C ALA H 17 -36.58 18.34 -10.71
N PRO H 18 -36.30 19.36 -11.53
CA PRO H 18 -37.21 19.67 -12.63
C PRO H 18 -37.09 18.75 -13.83
N TRP H 19 -36.35 17.64 -13.72
CA TRP H 19 -36.21 16.68 -14.80
C TRP H 19 -36.72 15.30 -14.43
N LYS H 20 -37.15 15.08 -13.18
CA LYS H 20 -37.63 13.77 -12.76
C LYS H 20 -38.90 13.42 -13.51
N GLY H 21 -38.95 12.21 -14.03
CA GLY H 21 -40.09 11.72 -14.77
C GLY H 21 -40.24 12.28 -16.17
N LYS H 22 -39.19 12.90 -16.71
CA LYS H 22 -39.20 13.46 -18.05
C LYS H 22 -38.14 12.72 -18.86
N GLN H 23 -38.53 12.23 -20.03
CA GLN H 23 -37.61 11.53 -20.91
C GLN H 23 -36.49 12.44 -21.37
N GLY H 24 -35.23 11.99 -21.33
CA GLY H 24 -34.13 12.81 -21.86
C GLY H 24 -33.57 13.78 -20.84
N GLY H 25 -32.66 14.67 -21.28
CA GLY H 25 -32.18 15.66 -20.32
C GLY H 25 -31.06 15.18 -19.42
N LEU H 26 -29.93 14.75 -19.99
CA LEU H 26 -28.73 14.45 -19.19
C LEU H 26 -27.70 15.42 -19.74
N ILE H 27 -27.79 15.77 -21.03
CA ILE H 27 -26.88 16.81 -21.59
C ILE H 27 -27.14 18.12 -20.85
N PRO H 28 -28.38 18.67 -20.74
CA PRO H 28 -28.59 19.86 -19.93
C PRO H 28 -28.32 19.64 -18.45
N ILE H 29 -28.79 18.54 -17.86
CA ILE H 29 -28.63 18.29 -16.40
C ILE H 29 -27.16 18.40 -15.98
N LEU H 30 -26.24 18.23 -16.93
CA LEU H 30 -24.79 18.31 -16.63
C LEU H 30 -24.30 19.72 -16.94
N GLN H 31 -24.82 20.33 -18.00
CA GLN H 31 -24.30 21.68 -18.38
C GLN H 31 -24.59 22.64 -17.23
N GLU H 32 -25.52 22.31 -16.35
CA GLU H 32 -25.86 23.12 -15.19
C GLU H 32 -24.91 22.86 -14.04
N VAL H 33 -24.61 21.58 -13.74
CA VAL H 33 -23.63 21.31 -12.69
C VAL H 33 -22.23 21.75 -13.13
N GLN H 34 -21.97 21.82 -14.43
CA GLN H 34 -20.72 22.36 -14.92
C GLN H 34 -20.63 23.85 -14.68
N ARG H 35 -21.68 24.60 -15.06
CA ARG H 35 -21.69 26.04 -14.83
C ARG H 35 -21.64 26.39 -13.36
N GLU H 36 -22.25 25.57 -12.50
CA GLU H 36 -22.22 25.89 -11.08
C GLU H 36 -20.88 25.51 -10.47
N LEU H 37 -20.54 24.23 -10.51
CA LEU H 37 -19.35 23.73 -9.82
C LEU H 37 -18.04 23.92 -10.57
N GLY H 38 -18.06 24.36 -11.82
CA GLY H 38 -16.83 24.39 -12.59
C GLY H 38 -16.40 23.07 -13.19
N TYR H 39 -16.79 21.95 -12.59
CA TYR H 39 -16.44 20.63 -13.10
C TYR H 39 -17.48 19.62 -12.64
N LEU H 40 -17.32 18.39 -13.10
CA LEU H 40 -18.20 17.27 -12.76
C LEU H 40 -17.46 16.25 -11.91
N PRO H 41 -17.45 16.39 -10.59
CA PRO H 41 -16.83 15.35 -9.74
C PRO H 41 -17.54 14.01 -9.85
N GLU H 42 -16.86 12.97 -9.38
CA GLU H 42 -17.44 11.63 -9.37
C GLU H 42 -18.68 11.54 -8.49
N GLU H 43 -18.70 12.30 -7.39
CA GLU H 43 -19.88 12.41 -6.55
C GLU H 43 -21.07 12.98 -7.31
N ALA H 44 -20.80 13.98 -8.16
CA ALA H 44 -21.86 14.61 -8.96
C ALA H 44 -22.52 13.60 -9.88
N LEU H 45 -21.71 12.89 -10.66
CA LEU H 45 -22.22 11.88 -11.60
C LEU H 45 -22.91 10.75 -10.86
N LEU H 46 -22.39 10.39 -9.68
CA LEU H 46 -22.99 9.34 -8.88
C LEU H 46 -24.40 9.72 -8.44
N THR H 47 -24.56 10.97 -7.95
CA THR H 47 -25.89 11.43 -7.54
C THR H 47 -26.82 11.63 -8.73
N ILE H 48 -26.30 12.04 -9.89
CA ILE H 48 -27.12 12.12 -11.09
C ILE H 48 -27.66 10.75 -11.47
N SER H 49 -26.80 9.74 -11.43
CA SER H 49 -27.22 8.38 -11.76
C SER H 49 -28.21 7.85 -10.73
N ARG H 50 -28.03 8.21 -9.46
CA ARG H 50 -28.98 7.80 -8.43
C ARG H 50 -30.35 8.44 -8.64
N GLU H 51 -30.37 9.75 -8.88
CA GLU H 51 -31.64 10.48 -8.98
C GLU H 51 -32.39 10.17 -10.26
N LEU H 52 -31.70 10.17 -11.39
CA LEU H 52 -32.40 9.90 -12.64
C LEU H 52 -32.68 8.42 -12.87
N LYS H 53 -32.08 7.54 -12.06
CA LYS H 53 -32.13 6.09 -12.19
C LYS H 53 -31.66 5.63 -13.56
N MET H 54 -30.67 6.33 -14.09
CA MET H 54 -29.85 6.12 -15.28
C MET H 54 -28.56 5.44 -14.86
N PRO H 55 -28.02 4.53 -15.67
CA PRO H 55 -26.80 3.81 -15.30
C PRO H 55 -25.60 4.72 -15.16
N LYS H 56 -24.75 4.42 -14.16
CA LYS H 56 -23.55 5.21 -13.92
C LYS H 56 -22.60 5.18 -15.11
N ALA H 57 -22.56 4.05 -15.81
CA ALA H 57 -21.71 3.91 -16.98
C ALA H 57 -22.17 4.84 -18.09
N GLU H 58 -23.49 4.97 -18.26
CA GLU H 58 -24.03 5.86 -19.28
C GLU H 58 -23.75 7.31 -18.94
N VAL H 59 -23.88 7.68 -17.67
CA VAL H 59 -23.61 9.04 -17.22
C VAL H 59 -22.14 9.37 -17.45
N TYR H 60 -21.23 8.46 -17.11
CA TYR H 60 -19.81 8.71 -17.33
C TYR H 60 -19.47 8.74 -18.81
N GLY H 61 -20.17 7.93 -19.61
CA GLY H 61 -19.93 7.95 -21.04
C GLY H 61 -20.35 9.25 -21.69
N VAL H 62 -21.49 9.80 -21.25
CA VAL H 62 -21.92 11.08 -21.80
C VAL H 62 -21.04 12.20 -21.26
N ALA H 63 -20.61 12.10 -20.00
CA ALA H 63 -19.76 13.12 -19.41
C ALA H 63 -18.37 13.18 -20.04
N THR H 64 -17.86 12.05 -20.53
CA THR H 64 -16.55 12.02 -21.15
C THR H 64 -16.64 12.00 -22.66
N PHE H 65 -17.84 11.91 -23.22
CA PHE H 65 -17.96 11.89 -24.66
C PHE H 65 -17.89 13.29 -25.26
N TYR H 66 -18.41 14.28 -24.57
CA TYR H 66 -18.46 15.64 -25.10
C TYR H 66 -17.31 16.46 -24.53
N ALA H 67 -16.80 17.38 -25.36
CA ALA H 67 -15.57 18.09 -25.02
C ALA H 67 -15.77 19.07 -23.87
N GLN H 68 -16.87 19.84 -23.88
CA GLN H 68 -17.00 20.93 -22.90
C GLN H 68 -17.32 20.44 -21.48
N PHE H 69 -17.26 19.16 -21.17
CA PHE H 69 -17.38 18.69 -19.81
C PHE H 69 -15.99 18.35 -19.30
N HIS H 70 -15.72 18.71 -18.05
CA HIS H 70 -14.43 18.45 -17.44
C HIS H 70 -14.69 17.72 -16.14
N LEU H 71 -14.20 16.50 -16.06
CA LEU H 71 -14.36 15.64 -14.89
C LEU H 71 -13.40 15.96 -13.76
N LYS H 72 -12.37 16.74 -14.04
CA LYS H 72 -11.41 17.19 -13.06
C LYS H 72 -11.62 18.68 -12.89
N PRO H 73 -11.22 19.27 -11.75
CA PRO H 73 -11.36 20.73 -11.56
C PRO H 73 -10.60 21.51 -12.63
N ARG H 74 -11.35 22.30 -13.39
CA ARG H 74 -10.72 23.18 -14.35
C ARG H 74 -10.11 24.39 -13.64
N GLY H 75 -9.18 25.04 -14.33
CA GLY H 75 -8.46 26.17 -13.76
C GLY H 75 -9.34 27.39 -13.53
N ARG H 76 -8.76 28.38 -12.88
CA ARG H 76 -9.47 29.62 -12.61
C ARG H 76 -9.38 30.62 -13.76
N HIS H 77 -8.61 30.30 -14.81
CA HIS H 77 -8.54 31.14 -16.00
C HIS H 77 -8.21 30.24 -17.18
N VAL H 78 -9.17 30.06 -18.09
CA VAL H 78 -8.92 29.23 -19.27
C VAL H 78 -8.14 30.03 -20.31
N ILE H 79 -7.36 29.31 -21.14
CA ILE H 79 -6.43 29.93 -22.07
C ILE H 79 -6.76 29.49 -23.50
N ARG H 80 -8.06 29.38 -23.81
CA ARG H 80 -8.56 28.92 -25.11
C ARG H 80 -7.84 29.48 -26.33
N VAL H 81 -7.01 28.66 -26.98
CA VAL H 81 -6.37 29.11 -28.23
C VAL H 81 -7.23 28.60 -29.36
N CYS H 82 -7.25 29.24 -30.52
CA CYS H 82 -8.19 28.85 -31.58
C CYS H 82 -7.46 27.93 -32.54
N ARG H 83 -7.86 26.66 -32.60
CA ARG H 83 -7.22 25.82 -33.60
C ARG H 83 -8.24 25.65 -34.70
N GLY H 84 -8.73 26.76 -35.21
CA GLY H 84 -9.63 26.69 -36.33
C GLY H 84 -8.87 26.78 -37.62
N THR H 85 -9.57 26.53 -38.74
CA THR H 85 -8.93 26.53 -40.05
C THR H 85 -8.29 27.88 -40.36
N ALA H 86 -8.96 28.99 -40.01
CA ALA H 86 -8.42 30.31 -40.33
C ALA H 86 -7.20 30.61 -39.46
N CYS H 87 -7.25 30.25 -38.18
CA CYS H 87 -6.09 30.53 -37.34
C CYS H 87 -4.94 29.60 -37.70
N HIS H 88 -5.25 28.34 -38.03
CA HIS H 88 -4.19 27.37 -38.30
C HIS H 88 -3.46 27.73 -39.58
N VAL H 89 -4.18 28.16 -40.63
CA VAL H 89 -3.49 28.58 -41.85
C VAL H 89 -2.66 29.83 -41.59
N ARG H 90 -3.02 30.62 -40.57
CA ARG H 90 -2.26 31.78 -40.16
C ARG H 90 -1.07 31.39 -39.28
N GLY H 91 -1.12 30.20 -38.68
CA GLY H 91 -0.06 29.72 -37.82
C GLY H 91 -0.32 29.71 -36.33
N SER H 92 -1.58 29.54 -35.92
CA SER H 92 -1.92 29.44 -34.50
C SER H 92 -1.28 28.26 -33.79
N LEU H 93 -0.88 27.22 -34.53
CA LEU H 93 -0.21 26.06 -33.95
C LEU H 93 1.05 26.47 -33.20
N GLN H 94 1.76 27.47 -33.73
CA GLN H 94 2.97 27.98 -33.08
C GLN H 94 2.65 28.58 -31.72
N ILE H 95 1.57 29.37 -31.68
CA ILE H 95 1.13 29.99 -30.42
C ILE H 95 0.69 28.93 -29.43
N LEU H 96 -0.02 27.90 -29.93
CA LEU H 96 -0.47 26.80 -29.08
C LEU H 96 0.71 26.06 -28.46
N GLU H 97 1.71 25.71 -29.28
CA GLU H 97 2.83 24.95 -28.77
C GLU H 97 3.70 25.79 -27.84
N LYS H 98 3.75 27.11 -28.05
CA LYS H 98 4.55 27.88 -27.14
C LYS H 98 3.84 28.12 -25.81
N VAL H 99 2.51 28.28 -25.78
CA VAL H 99 1.81 28.29 -24.49
C VAL H 99 1.90 26.91 -23.83
N LYS H 100 1.97 25.84 -24.64
CA LYS H 100 2.23 24.50 -24.13
C LYS H 100 3.57 24.42 -23.40
N GLN H 101 4.67 24.70 -24.11
CA GLN H 101 5.99 24.60 -23.50
C GLN H 101 6.25 25.67 -22.45
N MET H 102 5.41 26.72 -22.40
CA MET H 102 5.58 27.80 -21.45
C MET H 102 4.89 27.51 -20.12
N LEU H 103 3.65 27.03 -20.16
CA LEU H 103 3.03 26.54 -18.94
C LEU H 103 3.57 25.18 -18.53
N GLY H 104 4.24 24.47 -19.44
CA GLY H 104 4.84 23.17 -19.19
C GLY H 104 3.86 22.05 -18.94
N ILE H 105 2.57 22.29 -19.08
CA ILE H 105 1.54 21.32 -18.79
C ILE H 105 1.12 20.67 -20.11
N GLU H 106 0.49 19.51 -20.01
CA GLU H 106 0.05 18.71 -21.15
C GLU H 106 -1.05 19.48 -21.91
N GLU H 107 -1.45 18.93 -23.07
CA GLU H 107 -2.23 19.63 -24.10
C GLU H 107 -3.57 20.16 -23.57
N ASN H 108 -4.30 19.37 -22.80
CA ASN H 108 -5.67 19.73 -22.47
C ASN H 108 -5.95 19.58 -20.97
N GLU H 109 -4.96 19.85 -20.13
CA GLU H 109 -5.07 19.70 -18.69
C GLU H 109 -4.75 21.00 -17.95
N THR H 110 -4.99 20.98 -16.65
CA THR H 110 -4.83 22.15 -15.79
C THR H 110 -3.45 22.17 -15.14
N THR H 111 -3.04 23.38 -14.72
CA THR H 111 -1.82 23.55 -13.94
C THR H 111 -1.92 22.84 -12.58
N ASP H 112 -0.75 22.55 -12.02
CA ASP H 112 -0.64 21.79 -10.77
C ASP H 112 -1.34 22.42 -9.55
N ASP H 113 -1.69 23.72 -9.61
CA ASP H 113 -2.28 24.40 -8.45
C ASP H 113 -3.55 25.16 -8.81
N LEU H 114 -4.13 24.86 -9.96
CA LEU H 114 -5.40 25.40 -10.46
C LEU H 114 -5.36 26.93 -10.64
N ARG H 115 -4.48 27.35 -11.56
CA ARG H 115 -4.37 28.77 -11.93
C ARG H 115 -4.79 28.92 -13.41
N PHE H 116 -4.23 28.08 -14.31
CA PHE H 116 -4.57 28.20 -15.71
C PHE H 116 -5.02 26.86 -16.26
N THR H 117 -5.50 26.87 -17.51
CA THR H 117 -5.83 25.65 -18.24
C THR H 117 -5.91 25.95 -19.73
N LEU H 118 -5.31 25.07 -20.53
CA LEU H 118 -5.25 25.24 -21.98
C LEU H 118 -6.37 24.42 -22.59
N GLU H 119 -7.23 25.08 -23.37
CA GLU H 119 -8.41 24.44 -23.95
C GLU H 119 -8.54 24.85 -25.41
N PRO H 120 -7.89 24.12 -26.33
CA PRO H 120 -8.02 24.42 -27.77
C PRO H 120 -9.45 24.33 -28.28
N VAL H 121 -9.99 25.47 -28.69
CA VAL H 121 -11.39 25.58 -29.07
C VAL H 121 -11.57 25.64 -30.57
N ALA H 122 -12.81 25.72 -31.01
CA ALA H 122 -13.08 25.94 -32.43
C ALA H 122 -13.12 27.45 -32.66
N CYS H 123 -13.77 27.91 -33.73
CA CYS H 123 -13.70 29.36 -34.03
C CYS H 123 -14.42 30.12 -32.92
N LEU H 124 -13.72 31.09 -32.37
CA LEU H 124 -14.33 31.92 -31.32
C LEU H 124 -15.03 33.06 -32.06
N GLY H 125 -14.95 33.10 -33.39
CA GLY H 125 -15.68 34.10 -34.18
C GLY H 125 -14.80 35.14 -34.85
N ALA H 126 -13.65 35.46 -34.25
CA ALA H 126 -12.75 36.48 -34.80
C ALA H 126 -11.93 35.82 -35.89
N CYS H 127 -12.56 35.32 -36.90
CA CYS H 127 -11.82 34.64 -37.97
C CYS H 127 -11.22 35.73 -38.85
N GLY H 128 -11.53 37.01 -38.55
CA GLY H 128 -10.82 38.09 -39.26
C GLY H 128 -9.53 38.37 -38.54
N LEU H 129 -9.59 38.77 -37.29
CA LEU H 129 -8.42 38.96 -36.45
C LEU H 129 -7.89 37.59 -36.08
N ALA H 130 -7.07 37.02 -36.95
CA ALA H 130 -6.51 35.71 -36.71
C ALA H 130 -5.00 35.80 -36.51
N PRO H 131 -4.43 34.99 -35.60
CA PRO H 131 -5.07 34.05 -34.67
C PRO H 131 -5.60 34.72 -33.41
N VAL H 132 -6.62 34.14 -32.80
CA VAL H 132 -7.17 34.64 -31.56
C VAL H 132 -6.75 33.70 -30.43
N MET H 133 -6.38 34.28 -29.29
CA MET H 133 -5.95 33.54 -28.11
C MET H 133 -6.71 34.12 -26.93
N MET H 134 -7.91 33.63 -26.66
CA MET H 134 -8.72 34.17 -25.58
C MET H 134 -8.19 33.65 -24.25
N VAL H 135 -8.13 34.53 -23.26
CA VAL H 135 -7.51 34.24 -21.98
C VAL H 135 -8.58 34.28 -20.88
N ASP H 136 -9.78 33.81 -21.23
CA ASP H 136 -11.02 33.63 -20.45
C ASP H 136 -11.83 34.91 -20.31
N GLU H 137 -11.31 36.07 -20.73
CA GLU H 137 -12.11 37.29 -20.63
C GLU H 137 -12.46 37.88 -21.99
N ASP H 138 -11.47 38.17 -22.83
CA ASP H 138 -11.73 38.95 -24.03
C ASP H 138 -10.91 38.40 -25.17
N THR H 139 -11.29 38.78 -26.39
CA THR H 139 -10.55 38.41 -27.58
C THR H 139 -9.14 39.01 -27.56
N HIS H 140 -8.32 38.53 -28.48
CA HIS H 140 -6.94 38.97 -28.61
C HIS H 140 -6.55 38.77 -30.07
N GLY H 141 -6.51 39.86 -30.83
CA GLY H 141 -6.61 39.78 -32.28
C GLY H 141 -5.39 39.33 -33.06
N ARG H 142 -4.19 39.70 -32.61
CA ARG H 142 -2.98 39.44 -33.39
C ARG H 142 -2.21 38.25 -32.85
N MET H 143 -1.76 38.33 -31.59
CA MET H 143 -1.05 37.27 -30.87
C MET H 143 0.09 36.64 -31.67
N THR H 144 1.09 37.47 -31.95
CA THR H 144 2.33 37.02 -32.52
C THR H 144 3.08 36.24 -31.43
N PRO H 145 4.17 35.47 -31.78
CA PRO H 145 4.93 34.72 -30.76
C PRO H 145 5.45 35.44 -29.52
N ASP H 146 5.63 36.76 -29.57
CA ASP H 146 6.19 37.48 -28.45
C ASP H 146 5.14 38.06 -27.50
N LYS H 147 3.92 38.30 -27.99
CA LYS H 147 2.85 38.87 -27.18
C LYS H 147 2.16 37.87 -26.23
N ILE H 148 2.69 36.65 -26.06
CA ILE H 148 2.02 35.68 -25.20
C ILE H 148 2.41 35.88 -23.73
N GLN H 149 3.61 36.41 -23.47
CA GLN H 149 4.05 36.61 -22.09
C GLN H 149 3.29 37.74 -21.42
N ALA H 150 3.11 38.87 -22.12
CA ALA H 150 2.51 40.07 -21.55
C ALA H 150 1.05 39.91 -21.12
N ILE H 151 0.40 38.79 -21.44
CA ILE H 151 -0.95 38.51 -21.01
C ILE H 151 -1.01 37.38 -19.98
N LEU H 152 -0.21 36.33 -20.17
CA LEU H 152 -0.18 35.20 -19.24
C LEU H 152 0.35 35.58 -17.85
N ASP H 153 1.19 36.60 -17.74
CA ASP H 153 1.54 37.07 -16.40
C ASP H 153 0.48 38.01 -15.83
N LYS H 154 -0.24 38.72 -16.70
CA LYS H 154 -1.21 39.73 -16.25
C LYS H 154 -2.42 39.07 -15.60
N TYR H 155 -2.97 38.03 -16.23
CA TYR H 155 -4.22 37.46 -15.73
C TYR H 155 -4.02 36.55 -14.52
N GLN H 156 -2.78 36.14 -14.24
CA GLN H 156 -2.51 35.27 -13.11
C GLN H 156 -2.50 36.05 -11.79
N VAL I 4 44.55 -2.81 -24.99
CA VAL I 4 44.86 -2.05 -26.20
C VAL I 4 44.00 -2.52 -27.39
N PHE I 5 43.80 -3.83 -27.54
CA PHE I 5 42.97 -4.33 -28.64
C PHE I 5 42.43 -5.71 -28.29
N LYS I 6 41.36 -6.07 -29.00
CA LYS I 6 40.56 -7.23 -28.65
C LYS I 6 40.09 -7.97 -29.88
N LEU I 7 39.79 -9.24 -29.68
CA LEU I 7 39.21 -10.12 -30.68
C LEU I 7 37.77 -10.41 -30.30
N GLU I 8 36.93 -10.57 -31.32
CA GLU I 8 35.52 -10.85 -31.13
C GLU I 8 35.14 -12.06 -31.94
N ILE I 9 34.33 -12.94 -31.36
CA ILE I 9 33.86 -14.13 -32.06
C ILE I 9 32.36 -13.98 -32.26
N ASN I 10 31.90 -12.75 -32.39
CA ASN I 10 30.48 -12.46 -32.63
C ASN I 10 30.10 -12.81 -34.06
N PRO I 11 29.11 -13.69 -34.31
CA PRO I 11 28.28 -14.43 -33.35
C PRO I 11 28.82 -15.81 -33.00
N VAL I 12 28.74 -16.15 -31.72
CA VAL I 12 29.11 -17.49 -31.28
C VAL I 12 28.07 -18.46 -31.80
N THR I 13 28.51 -19.42 -32.61
CA THR I 13 27.60 -20.26 -33.36
C THR I 13 27.46 -21.63 -32.69
N ARG I 14 26.45 -22.38 -33.14
CA ARG I 14 26.07 -23.70 -32.62
C ARG I 14 25.80 -23.68 -31.12
N ILE I 15 25.33 -22.54 -30.62
CA ILE I 15 24.70 -22.42 -29.31
C ILE I 15 23.37 -21.70 -29.54
N GLU I 16 22.53 -21.72 -28.53
CA GLU I 16 21.27 -21.01 -28.63
C GLU I 16 21.47 -19.57 -28.18
N GLY I 17 20.72 -18.67 -28.78
CA GLY I 17 20.75 -17.29 -28.39
C GLY I 17 21.83 -16.49 -29.08
N HIS I 18 22.11 -15.35 -28.49
CA HIS I 18 23.11 -14.41 -28.99
C HIS I 18 24.24 -14.32 -27.99
N GLY I 19 25.46 -14.59 -28.46
CA GLY I 19 26.62 -14.52 -27.59
C GLY I 19 27.74 -13.75 -28.27
N LYS I 20 28.73 -13.40 -27.48
CA LYS I 20 29.85 -12.61 -27.98
C LYS I 20 31.05 -12.84 -27.07
N ILE I 21 32.02 -13.61 -27.54
CA ILE I 21 33.27 -13.81 -26.82
C ILE I 21 34.27 -12.72 -27.19
N THR I 22 34.66 -11.89 -26.23
CA THR I 22 35.74 -10.93 -26.47
C THR I 22 36.98 -11.38 -25.72
N VAL I 23 38.12 -11.24 -26.39
CA VAL I 23 39.42 -11.66 -25.88
C VAL I 23 40.32 -10.44 -26.01
N MET I 24 40.43 -9.66 -24.93
CA MET I 24 41.30 -8.49 -24.90
C MET I 24 42.71 -8.94 -24.63
N LEU I 25 43.59 -8.67 -25.60
CA LEU I 25 44.99 -9.03 -25.55
C LEU I 25 45.81 -7.84 -25.05
N ASP I 26 47.10 -8.06 -24.86
CA ASP I 26 48.01 -7.02 -24.42
C ASP I 26 48.76 -6.47 -25.64
N GLU I 27 49.74 -5.60 -25.39
CA GLU I 27 50.58 -5.12 -26.48
C GLU I 27 51.49 -6.22 -27.02
N SER I 28 51.83 -7.21 -26.19
CA SER I 28 52.68 -8.30 -26.63
C SER I 28 51.92 -9.41 -27.32
N GLY I 29 50.59 -9.32 -27.37
CA GLY I 29 49.78 -10.34 -28.01
C GLY I 29 49.37 -11.50 -27.13
N HIS I 30 49.27 -11.29 -25.83
CA HIS I 30 48.85 -12.31 -24.89
C HIS I 30 47.57 -11.86 -24.19
N VAL I 31 46.77 -12.83 -23.77
CA VAL I 31 45.42 -12.58 -23.27
C VAL I 31 45.43 -11.89 -21.92
N ARG I 32 45.13 -10.58 -21.90
CA ARG I 32 44.87 -9.93 -20.62
C ARG I 32 43.62 -10.50 -19.97
N GLU I 33 42.50 -10.51 -20.70
CA GLU I 33 41.28 -11.07 -20.13
C GLU I 33 40.27 -11.37 -21.22
N THR I 34 39.44 -12.38 -20.97
CA THR I 34 38.31 -12.70 -21.82
C THR I 34 37.01 -12.54 -21.06
N ARG I 35 35.97 -12.18 -21.78
CA ARG I 35 34.63 -12.21 -21.21
C ARG I 35 33.70 -12.76 -22.28
N PHE I 36 32.51 -13.20 -21.84
CA PHE I 36 31.49 -13.76 -22.71
C PHE I 36 30.16 -13.07 -22.44
N HIS I 37 29.79 -12.18 -23.36
CA HIS I 37 28.53 -11.46 -23.30
C HIS I 37 27.41 -12.24 -23.95
N VAL I 38 26.21 -12.05 -23.42
CA VAL I 38 24.98 -12.34 -24.13
C VAL I 38 24.36 -11.04 -24.59
N THR I 39 24.17 -10.90 -25.90
CA THR I 39 23.82 -9.62 -26.50
C THR I 39 22.35 -9.50 -26.82
N GLN I 40 21.49 -10.27 -26.16
CA GLN I 40 20.05 -10.16 -26.34
C GLN I 40 19.38 -10.06 -25.00
N TYR I 41 18.27 -9.31 -24.97
CA TYR I 41 17.47 -9.16 -23.77
C TYR I 41 16.06 -8.83 -24.23
N ARG I 42 15.07 -9.45 -23.60
CA ARG I 42 13.70 -9.21 -23.99
C ARG I 42 12.89 -8.60 -22.87
N GLY I 43 13.04 -9.08 -21.65
CA GLY I 43 12.35 -8.44 -20.55
C GLY I 43 11.18 -9.19 -19.99
N PHE I 44 11.28 -10.52 -19.87
CA PHE I 44 10.19 -11.31 -19.31
C PHE I 44 9.96 -11.09 -17.81
N GLU I 45 10.67 -10.17 -17.16
CA GLU I 45 10.32 -9.79 -15.81
C GLU I 45 9.62 -8.43 -15.77
N VAL I 46 9.53 -7.75 -16.91
CA VAL I 46 8.73 -6.54 -16.99
C VAL I 46 7.54 -6.65 -17.92
N PHE I 47 7.52 -7.64 -18.84
CA PHE I 47 6.30 -7.94 -19.63
C PHE I 47 5.11 -8.18 -18.73
N THR I 48 5.30 -9.01 -17.72
CA THR I 48 4.24 -9.75 -17.09
C THR I 48 3.50 -8.98 -16.01
N HIS I 49 4.01 -7.82 -15.58
CA HIS I 49 3.36 -7.01 -14.57
C HIS I 49 1.99 -6.56 -15.07
N GLY I 50 0.94 -7.10 -14.44
CA GLY I 50 -0.44 -6.84 -14.83
C GLY I 50 -1.17 -8.09 -15.27
N ARG I 51 -0.45 -9.05 -15.82
CA ARG I 51 -1.07 -10.25 -16.37
C ARG I 51 -1.55 -11.18 -15.27
N ASP I 52 -2.66 -11.86 -15.54
CA ASP I 52 -3.13 -12.95 -14.70
C ASP I 52 -2.07 -14.03 -14.63
N PHE I 53 -1.93 -14.64 -13.44
CA PHE I 53 -0.89 -15.65 -13.25
C PHE I 53 -1.13 -16.88 -14.11
N ARG I 54 -2.39 -17.19 -14.41
CA ARG I 54 -2.72 -18.28 -15.32
C ARG I 54 -2.18 -18.05 -16.73
N GLU I 55 -1.94 -16.80 -17.10
CA GLU I 55 -1.34 -16.50 -18.38
C GLU I 55 0.14 -16.80 -18.41
N MET I 56 0.76 -17.05 -17.26
CA MET I 56 2.20 -17.20 -17.19
C MET I 56 2.67 -18.54 -17.76
N PRO I 57 2.01 -19.72 -17.52
CA PRO I 57 2.47 -20.94 -18.22
C PRO I 57 2.34 -20.93 -19.74
N VAL I 58 1.88 -19.84 -20.35
CA VAL I 58 1.80 -19.69 -21.80
C VAL I 58 2.72 -18.54 -22.22
N ILE I 59 2.95 -17.57 -21.33
CA ILE I 59 3.88 -16.49 -21.66
C ILE I 59 5.31 -16.98 -21.48
N THR I 60 5.57 -17.67 -20.37
CA THR I 60 6.91 -18.11 -20.01
C THR I 60 7.51 -19.18 -20.92
N PRO I 61 6.77 -20.10 -21.57
CA PRO I 61 7.44 -20.95 -22.56
C PRO I 61 8.09 -20.20 -23.71
N ARG I 62 7.73 -18.95 -23.95
CA ARG I 62 8.33 -18.17 -25.02
C ARG I 62 9.70 -17.60 -24.65
N ILE I 63 10.33 -18.06 -23.58
CA ILE I 63 11.67 -17.61 -23.25
C ILE I 63 12.65 -18.46 -24.06
N CYS I 64 12.24 -19.63 -24.49
CA CYS I 64 13.10 -20.53 -25.25
C CYS I 64 12.28 -21.62 -25.92
N GLY I 65 12.80 -22.07 -27.05
CA GLY I 65 12.15 -23.14 -27.78
C GLY I 65 12.89 -24.45 -27.61
N ILE I 66 14.09 -24.42 -27.06
CA ILE I 66 14.74 -25.71 -26.83
C ILE I 66 14.17 -26.31 -25.57
N CYS I 67 13.75 -25.47 -24.64
CA CYS I 67 13.13 -25.92 -23.39
C CYS I 67 11.82 -25.22 -23.05
N PRO I 68 10.81 -25.26 -23.94
CA PRO I 68 9.58 -24.53 -23.65
C PRO I 68 8.75 -25.22 -22.58
N VAL I 69 9.02 -26.49 -22.33
CA VAL I 69 8.26 -27.23 -21.35
C VAL I 69 8.90 -27.06 -19.98
N SER I 70 10.21 -26.82 -19.93
CA SER I 70 10.86 -26.54 -18.65
C SER I 70 10.29 -25.27 -18.03
N HIS I 71 10.16 -24.21 -18.84
CA HIS I 71 9.57 -22.98 -18.34
C HIS I 71 8.09 -23.15 -18.09
N HIS I 72 7.39 -23.90 -18.97
CA HIS I 72 6.01 -24.30 -18.74
C HIS I 72 5.81 -24.93 -17.36
N LEU I 73 6.63 -25.91 -17.01
CA LEU I 73 6.45 -26.67 -15.78
C LEU I 73 6.88 -25.89 -14.56
N ALA I 74 7.92 -25.05 -14.69
CA ALA I 74 8.30 -24.20 -13.58
C ALA I 74 7.20 -23.18 -13.28
N SER I 75 6.65 -22.57 -14.34
CA SER I 75 5.54 -21.64 -14.17
C SER I 75 4.32 -22.35 -13.62
N ALA I 76 4.10 -23.60 -14.03
CA ALA I 76 2.99 -24.39 -13.52
C ALA I 76 3.16 -24.67 -12.03
N LYS I 77 4.36 -25.02 -11.61
CA LYS I 77 4.59 -25.26 -10.18
C LYS I 77 4.47 -23.98 -9.37
N ALA I 78 4.92 -22.85 -9.94
CA ALA I 78 4.74 -21.56 -9.28
C ALA I 78 3.27 -21.23 -9.11
N CYS I 79 2.46 -21.42 -10.14
CA CYS I 79 1.04 -21.12 -10.02
C CYS I 79 0.31 -22.15 -9.16
N ASP I 80 0.80 -23.37 -9.10
CA ASP I 80 0.23 -24.38 -8.20
C ASP I 80 0.55 -24.05 -6.76
N GLU I 81 1.67 -23.39 -6.49
CA GLU I 81 1.94 -22.92 -5.15
C GLU I 81 1.17 -21.63 -4.85
N ILE I 82 0.84 -20.87 -5.90
CA ILE I 82 -0.06 -19.72 -5.74
C ILE I 82 -1.45 -20.19 -5.37
N LEU I 83 -1.96 -21.22 -6.03
CA LEU I 83 -3.26 -21.78 -5.68
C LEU I 83 -3.18 -22.53 -4.36
N GLY I 84 -2.14 -23.32 -4.18
CA GLY I 84 -1.99 -24.16 -3.00
C GLY I 84 -2.62 -25.53 -3.19
N VAL I 85 -2.28 -26.19 -4.29
CA VAL I 85 -2.85 -27.48 -4.61
C VAL I 85 -1.80 -28.54 -4.31
N THR I 86 -2.21 -29.81 -4.38
CA THR I 86 -1.47 -30.87 -3.69
C THR I 86 -0.12 -31.21 -4.35
N ILE I 87 -0.04 -31.62 -5.64
CA ILE I 87 -1.03 -31.85 -6.70
C ILE I 87 -1.16 -33.36 -6.89
N THR I 88 -2.08 -33.77 -7.76
CA THR I 88 -2.46 -35.18 -7.94
C THR I 88 -1.24 -36.00 -8.38
N PRO I 89 -1.10 -37.26 -7.89
CA PRO I 89 0.02 -38.10 -8.35
C PRO I 89 0.07 -38.34 -9.86
N ALA I 90 -1.10 -38.51 -10.49
CA ALA I 90 -1.15 -38.67 -11.93
C ALA I 90 -0.63 -37.42 -12.65
N ALA I 91 -0.93 -36.24 -12.11
CA ALA I 91 -0.39 -35.00 -12.66
C ALA I 91 1.11 -34.93 -12.49
N HIS I 92 1.61 -35.35 -11.33
CA HIS I 92 3.04 -35.42 -11.07
C HIS I 92 3.74 -36.29 -12.10
N LYS I 93 3.19 -37.48 -12.35
CA LYS I 93 3.84 -38.43 -13.24
C LYS I 93 3.74 -37.99 -14.70
N LEU I 94 2.64 -37.35 -15.08
CA LEU I 94 2.52 -36.84 -16.45
C LEU I 94 3.45 -35.66 -16.68
N ARG I 95 3.54 -34.75 -15.71
CA ARG I 95 4.49 -33.64 -15.80
C ARG I 95 5.91 -34.14 -15.88
N GLU I 96 6.21 -35.19 -15.10
CA GLU I 96 7.53 -35.79 -15.15
C GLU I 96 7.80 -36.46 -16.49
N LEU I 97 6.77 -37.06 -17.11
CA LEU I 97 6.94 -37.66 -18.43
C LEU I 97 7.25 -36.60 -19.47
N MET I 98 6.52 -35.48 -19.44
CA MET I 98 6.78 -34.38 -20.36
C MET I 98 8.18 -33.80 -20.14
N HIS I 99 8.58 -33.68 -18.88
CA HIS I 99 9.91 -33.18 -18.57
C HIS I 99 11.01 -34.15 -19.00
N MET I 100 10.75 -35.46 -18.93
CA MET I 100 11.75 -36.42 -19.39
C MET I 100 11.88 -36.40 -20.89
N GLY I 101 10.75 -36.30 -21.60
CA GLY I 101 10.78 -36.10 -23.03
C GLY I 101 11.56 -34.86 -23.43
N GLN I 102 11.41 -33.80 -22.65
CA GLN I 102 12.13 -32.58 -22.95
C GLN I 102 13.62 -32.73 -22.67
N ILE I 103 13.98 -33.41 -21.57
CA ILE I 103 15.37 -33.74 -21.25
C ILE I 103 16.00 -34.47 -22.43
N VAL I 104 15.29 -35.49 -22.94
CA VAL I 104 15.79 -36.33 -24.01
C VAL I 104 16.00 -35.51 -25.29
N GLN I 105 15.00 -34.69 -25.65
CA GLN I 105 15.09 -33.95 -26.90
C GLN I 105 16.15 -32.85 -26.83
N SER I 106 16.24 -32.17 -25.67
CA SER I 106 17.21 -31.08 -25.54
C SER I 106 18.62 -31.61 -25.50
N HIS I 107 18.85 -32.74 -24.82
CA HIS I 107 20.18 -33.32 -24.80
C HIS I 107 20.54 -33.95 -26.13
N ALA I 108 19.55 -34.48 -26.86
CA ALA I 108 19.81 -34.96 -28.22
C ALA I 108 20.24 -33.83 -29.14
N LEU I 109 19.55 -32.70 -29.06
CA LEU I 109 19.93 -31.55 -29.87
C LEU I 109 21.28 -31.00 -29.41
N SER I 110 21.55 -31.06 -28.11
CA SER I 110 22.78 -30.51 -27.58
C SER I 110 23.98 -31.34 -27.95
N PHE I 111 23.82 -32.65 -28.02
CA PHE I 111 24.94 -33.49 -28.39
C PHE I 111 25.06 -33.56 -29.90
N PHE I 112 24.01 -34.06 -30.56
CA PHE I 112 24.10 -34.41 -31.97
C PHE I 112 24.07 -33.22 -32.91
N HIS I 113 23.35 -32.15 -32.58
CA HIS I 113 23.25 -31.06 -33.53
C HIS I 113 24.29 -29.99 -33.30
N LEU I 114 24.55 -29.65 -32.05
CA LEU I 114 25.38 -28.49 -31.73
C LEU I 114 26.81 -28.87 -31.36
N SER I 115 27.01 -29.95 -30.62
CA SER I 115 28.33 -30.27 -30.11
C SER I 115 28.94 -31.51 -30.73
N SER I 116 28.22 -32.22 -31.60
CA SER I 116 28.79 -33.42 -32.23
C SER I 116 29.87 -33.11 -33.26
N PRO I 117 29.77 -32.06 -34.12
CA PRO I 117 30.89 -31.75 -35.02
C PRO I 117 32.27 -31.62 -34.36
N ASP I 118 32.39 -30.86 -33.27
CA ASP I 118 33.68 -30.74 -32.60
C ASP I 118 34.13 -32.08 -32.02
N ILE I 119 33.18 -32.83 -31.44
CA ILE I 119 33.50 -34.11 -30.79
C ILE I 119 34.00 -35.12 -31.82
N LEU I 120 33.48 -35.08 -33.05
CA LEU I 120 33.85 -36.07 -34.03
C LEU I 120 35.00 -35.62 -34.92
N TRP I 121 34.84 -34.49 -35.60
CA TRP I 121 35.82 -34.05 -36.57
C TRP I 121 36.95 -33.23 -35.98
N GLY I 122 36.95 -32.98 -34.67
CA GLY I 122 38.04 -32.23 -34.08
C GLY I 122 37.91 -30.73 -34.24
N PHE I 123 38.50 -29.99 -33.31
CA PHE I 123 38.37 -28.54 -33.28
C PHE I 123 39.04 -27.83 -34.43
N ASP I 124 39.86 -28.50 -35.24
CA ASP I 124 40.54 -27.89 -36.36
C ASP I 124 39.91 -28.24 -37.69
N ALA I 125 38.77 -28.94 -37.68
CA ALA I 125 38.07 -29.32 -38.89
C ALA I 125 37.64 -28.08 -39.69
N PRO I 126 37.49 -28.21 -41.03
CA PRO I 126 37.01 -27.08 -41.82
C PRO I 126 35.62 -26.64 -41.44
N VAL I 127 35.33 -25.36 -41.67
CA VAL I 127 34.07 -24.77 -41.23
C VAL I 127 32.90 -25.24 -42.07
N LYS I 128 33.14 -25.68 -43.31
CA LYS I 128 32.05 -26.13 -44.17
C LYS I 128 31.50 -27.46 -43.72
N ILE I 129 32.31 -28.28 -43.03
CA ILE I 129 31.89 -29.62 -42.63
C ILE I 129 31.36 -29.62 -41.20
N ARG I 130 31.75 -28.65 -40.39
CA ARG I 130 31.36 -28.55 -38.99
C ARG I 130 29.95 -27.95 -38.90
N ASN I 131 28.94 -28.81 -39.03
CA ASN I 131 27.52 -28.47 -38.91
C ASN I 131 26.73 -29.77 -38.90
N VAL I 132 25.41 -29.66 -38.78
CA VAL I 132 24.54 -30.82 -38.89
C VAL I 132 24.50 -31.33 -40.33
N ALA I 133 24.69 -30.44 -41.31
CA ALA I 133 24.59 -30.81 -42.72
C ALA I 133 25.73 -31.74 -43.13
N GLY I 134 26.97 -31.31 -42.89
CA GLY I 134 28.13 -32.16 -43.14
C GLY I 134 28.12 -33.42 -42.30
N LEU I 135 27.39 -33.42 -41.18
CA LEU I 135 27.25 -34.61 -40.37
C LEU I 135 26.30 -35.60 -41.03
N VAL I 136 25.18 -35.09 -41.57
CA VAL I 136 24.28 -35.92 -42.38
C VAL I 136 25.02 -36.49 -43.58
N ASP I 137 25.89 -35.70 -44.19
CA ASP I 137 26.63 -36.14 -45.36
C ASP I 137 27.62 -37.24 -44.99
N ARG I 138 28.56 -36.96 -44.09
CA ARG I 138 29.64 -37.91 -43.84
C ARG I 138 29.21 -39.04 -42.91
N TYR I 139 28.45 -38.73 -41.86
CA TYR I 139 27.97 -39.74 -40.93
C TYR I 139 26.47 -39.92 -41.07
N PRO I 140 25.99 -40.65 -42.08
CA PRO I 140 24.54 -40.69 -42.37
C PRO I 140 23.71 -41.37 -41.29
N GLU I 141 24.31 -42.20 -40.46
CA GLU I 141 23.55 -42.93 -39.46
C GLU I 141 23.52 -42.23 -38.11
N LEU I 142 24.59 -41.54 -37.70
CA LEU I 142 24.61 -40.90 -36.39
C LEU I 142 23.71 -39.67 -36.35
N ALA I 143 23.71 -38.88 -37.41
CA ALA I 143 22.81 -37.73 -37.49
C ALA I 143 21.36 -38.17 -37.51
N LYS I 144 21.06 -39.26 -38.21
CA LYS I 144 19.71 -39.80 -38.23
C LYS I 144 19.32 -40.33 -36.85
N LYS I 145 20.26 -40.93 -36.12
CA LYS I 145 19.95 -41.43 -34.78
C LYS I 145 19.67 -40.28 -33.81
N GLY I 146 20.47 -39.22 -33.89
CA GLY I 146 20.22 -38.05 -33.06
C GLY I 146 18.89 -37.40 -33.38
N ILE I 147 18.56 -37.32 -34.68
CA ILE I 147 17.28 -36.81 -35.12
C ILE I 147 16.14 -37.68 -34.58
N MET I 148 16.35 -39.00 -34.54
CA MET I 148 15.33 -39.91 -34.03
C MET I 148 15.13 -39.74 -32.53
N LEU I 149 16.22 -39.50 -31.79
CA LEU I 149 16.10 -39.28 -30.35
C LEU I 149 15.37 -37.97 -30.05
N ARG I 150 15.73 -36.91 -30.78
CA ARG I 150 15.04 -35.63 -30.65
C ARG I 150 13.57 -35.76 -31.02
N LYS I 151 13.28 -36.52 -32.06
CA LYS I 151 11.91 -36.78 -32.47
C LYS I 151 11.14 -37.58 -31.44
N PHE I 152 11.81 -38.48 -30.73
CA PHE I 152 11.15 -39.24 -29.68
C PHE I 152 10.72 -38.32 -28.54
N GLY I 153 11.65 -37.49 -28.08
CA GLY I 153 11.33 -36.50 -27.05
C GLY I 153 10.19 -35.58 -27.45
N GLN I 154 10.27 -35.04 -28.67
CA GLN I 154 9.26 -34.11 -29.11
C GLN I 154 7.95 -34.79 -29.46
N GLU I 155 7.96 -36.08 -29.76
CA GLU I 155 6.70 -36.80 -29.92
C GLU I 155 6.00 -36.97 -28.59
N ILE I 156 6.77 -37.22 -27.52
CA ILE I 156 6.17 -37.22 -26.18
C ILE I 156 5.57 -35.84 -25.87
N ILE I 157 6.35 -34.78 -26.11
CA ILE I 157 5.88 -33.42 -25.83
C ILE I 157 4.66 -33.06 -26.68
N LYS I 158 4.62 -33.54 -27.93
CA LYS I 158 3.50 -33.23 -28.81
C LYS I 158 2.26 -34.00 -28.43
N THR I 159 2.43 -35.28 -28.10
CA THR I 159 1.34 -36.12 -27.59
C THR I 159 0.72 -35.51 -26.34
N LEU I 160 1.54 -35.00 -25.44
CA LEU I 160 1.01 -34.47 -24.20
C LEU I 160 0.40 -33.08 -24.38
N GLY I 161 1.07 -32.20 -25.13
CA GLY I 161 0.66 -30.82 -25.19
C GLY I 161 0.44 -30.20 -26.55
N GLY I 162 -0.09 -30.97 -27.50
CA GLY I 162 -0.51 -30.40 -28.77
C GLY I 162 0.60 -30.05 -29.73
N LYS I 163 1.39 -29.04 -29.38
CA LYS I 163 2.50 -28.59 -30.20
C LYS I 163 3.81 -29.16 -29.66
N LYS I 164 4.81 -29.19 -30.54
CA LYS I 164 6.14 -29.61 -30.08
C LYS I 164 6.83 -28.46 -29.36
N ILE I 165 7.01 -27.35 -30.04
CA ILE I 165 7.62 -26.17 -29.47
C ILE I 165 6.49 -25.32 -28.89
N HIS I 166 6.72 -24.78 -27.69
CA HIS I 166 5.77 -24.06 -26.86
C HIS I 166 4.51 -24.89 -26.66
N PRO I 167 4.56 -25.98 -25.91
CA PRO I 167 3.34 -26.76 -25.68
C PRO I 167 2.53 -26.21 -24.52
N TRP I 168 1.26 -26.55 -24.53
CA TRP I 168 0.37 -26.23 -23.44
C TRP I 168 -0.25 -27.54 -22.97
N HIS I 169 0.23 -28.04 -21.85
CA HIS I 169 -0.22 -29.30 -21.29
C HIS I 169 -0.51 -29.24 -19.80
N SER I 170 0.07 -28.30 -19.08
CA SER I 170 0.00 -28.22 -17.63
C SER I 170 -0.66 -26.91 -17.24
N ILE I 171 -1.88 -27.00 -16.73
CA ILE I 171 -2.65 -25.85 -16.27
C ILE I 171 -2.14 -25.44 -14.89
N PRO I 172 -2.52 -24.26 -14.36
CA PRO I 172 -2.24 -24.02 -12.94
C PRO I 172 -3.15 -24.88 -12.08
N GLY I 173 -2.59 -25.94 -11.50
CA GLY I 173 -3.39 -26.81 -10.67
C GLY I 173 -3.26 -28.28 -11.01
N GLY I 174 -2.90 -28.58 -12.25
CA GLY I 174 -2.78 -29.96 -12.65
C GLY I 174 -2.27 -30.17 -14.07
N VAL I 175 -2.89 -31.09 -14.79
CA VAL I 175 -2.49 -31.48 -16.13
C VAL I 175 -3.73 -31.57 -17.00
N ASN I 176 -3.63 -31.10 -18.25
CA ASN I 176 -4.81 -31.01 -19.09
C ASN I 176 -5.20 -32.33 -19.72
N ARG I 177 -4.24 -33.18 -20.04
CA ARG I 177 -4.53 -34.35 -20.86
C ARG I 177 -3.63 -35.50 -20.46
N SER I 178 -4.24 -36.68 -20.35
CA SER I 178 -3.56 -37.91 -20.00
C SER I 178 -3.12 -38.65 -21.26
N LEU I 179 -2.73 -39.91 -21.10
CA LEU I 179 -2.22 -40.72 -22.20
C LEU I 179 -3.13 -41.92 -22.41
N THR I 180 -3.72 -42.04 -23.59
CA THR I 180 -4.51 -43.23 -23.86
C THR I 180 -3.55 -44.39 -24.14
N PRO I 181 -3.94 -45.64 -23.85
CA PRO I 181 -3.02 -46.79 -24.00
C PRO I 181 -2.34 -46.96 -25.36
N GLN I 182 -2.99 -46.57 -26.45
CA GLN I 182 -2.39 -46.72 -27.78
C GLN I 182 -1.11 -45.92 -27.92
N GLU I 183 -1.14 -44.63 -27.53
CA GLU I 183 0.05 -43.82 -27.67
C GLU I 183 1.08 -44.16 -26.60
N ARG I 184 0.63 -44.65 -25.44
CA ARG I 184 1.57 -45.15 -24.43
C ARG I 184 2.38 -46.32 -25.00
N ASP I 185 1.69 -47.29 -25.61
CA ASP I 185 2.38 -48.42 -26.23
C ASP I 185 3.24 -47.96 -27.40
N ALA I 186 2.79 -46.93 -28.13
CA ALA I 186 3.58 -46.40 -29.24
C ALA I 186 4.89 -45.79 -28.76
N ILE I 187 4.84 -45.03 -27.66
CA ILE I 187 6.05 -44.43 -27.08
C ILE I 187 6.94 -45.51 -26.50
N ALA I 188 6.35 -46.53 -25.87
CA ALA I 188 7.14 -47.60 -25.26
C ALA I 188 7.77 -48.54 -26.29
N ALA I 189 7.19 -48.63 -27.49
CA ALA I 189 7.74 -49.54 -28.50
C ALA I 189 9.00 -49.01 -29.16
N GLN I 190 9.37 -47.75 -28.95
CA GLN I 190 10.58 -47.20 -29.51
C GLN I 190 11.70 -47.07 -28.50
N LEU I 191 11.45 -47.40 -27.23
CA LEU I 191 12.45 -47.22 -26.18
C LEU I 191 13.64 -48.20 -26.29
N PRO I 192 13.47 -49.49 -26.66
CA PRO I 192 14.67 -50.31 -26.93
C PRO I 192 15.58 -49.77 -28.02
N GLU I 193 15.05 -48.98 -28.96
CA GLU I 193 15.87 -48.39 -30.01
C GLU I 193 16.48 -47.08 -29.58
N MET I 194 15.72 -46.24 -28.88
CA MET I 194 16.24 -44.97 -28.42
C MET I 194 17.29 -45.15 -27.33
N LYS I 195 17.13 -46.17 -26.47
CA LYS I 195 18.17 -46.49 -25.51
C LYS I 195 19.44 -46.97 -26.18
N SER I 196 19.29 -47.71 -27.29
CA SER I 196 20.44 -48.13 -28.08
C SER I 196 21.17 -46.93 -28.66
N ILE I 197 20.41 -45.96 -29.18
CA ILE I 197 20.98 -44.71 -29.70
C ILE I 197 21.76 -43.99 -28.61
N ALA I 198 21.15 -43.87 -27.42
CA ALA I 198 21.78 -43.16 -26.31
C ALA I 198 23.04 -43.87 -25.83
N MET I 199 23.01 -45.21 -25.77
CA MET I 199 24.18 -45.95 -25.32
C MET I 199 25.31 -45.92 -26.35
N GLU I 200 24.97 -45.90 -27.64
CA GLU I 200 25.99 -45.75 -28.67
C GLU I 200 26.64 -44.37 -28.58
N ALA I 201 25.84 -43.34 -28.29
CA ALA I 201 26.39 -42.01 -28.10
C ALA I 201 27.27 -41.94 -26.85
N ILE I 202 26.86 -42.64 -25.78
CA ILE I 202 27.65 -42.71 -24.55
C ILE I 202 29.00 -43.36 -24.84
N LYS I 203 29.00 -44.46 -25.58
CA LYS I 203 30.24 -45.14 -25.95
C LYS I 203 31.13 -44.26 -26.81
N LEU I 204 30.52 -43.53 -27.75
CA LEU I 204 31.28 -42.65 -28.64
C LEU I 204 31.93 -41.51 -27.86
N ILE I 205 31.19 -40.90 -26.93
CA ILE I 205 31.77 -39.78 -26.18
C ILE I 205 32.77 -40.30 -25.15
N LYS I 206 32.59 -41.53 -24.66
CA LYS I 206 33.56 -42.10 -23.73
C LYS I 206 34.85 -42.47 -24.45
N ASP I 207 34.76 -42.80 -25.74
CA ASP I 207 35.96 -43.05 -26.51
C ASP I 207 36.65 -41.76 -26.91
N TYR I 208 35.87 -40.69 -27.11
CA TYR I 208 36.47 -39.39 -27.38
C TYR I 208 37.21 -38.88 -26.16
N LEU I 209 36.59 -38.98 -24.98
CA LEU I 209 37.23 -38.50 -23.77
C LEU I 209 38.40 -39.39 -23.36
N GLN I 210 38.33 -40.69 -23.65
CA GLN I 210 39.43 -41.58 -23.34
C GLN I 210 40.58 -41.43 -24.34
N GLU I 211 40.31 -40.93 -25.55
CA GLU I 211 41.39 -40.77 -26.52
C GLU I 211 42.25 -39.56 -26.17
N GLY I 212 41.64 -38.39 -26.12
CA GLY I 212 42.32 -37.21 -25.63
C GLY I 212 42.43 -37.22 -24.11
N GLY I 213 43.28 -38.11 -23.59
CA GLY I 213 43.34 -38.45 -22.17
C GLY I 213 43.40 -37.34 -21.15
N GLU I 214 44.51 -36.61 -21.11
CA GLU I 214 44.71 -35.61 -20.08
C GLU I 214 44.44 -34.19 -20.55
N GLU I 215 44.59 -33.90 -21.84
CA GLU I 215 44.32 -32.58 -22.38
C GLU I 215 42.85 -32.19 -22.22
N LEU I 216 41.95 -33.09 -22.61
CA LEU I 216 40.52 -32.86 -22.44
C LEU I 216 40.08 -32.94 -20.99
N LYS I 217 40.96 -33.35 -20.08
CA LYS I 217 40.70 -33.36 -18.65
C LYS I 217 41.15 -32.05 -17.99
N GLU I 218 41.85 -31.17 -18.71
CA GLU I 218 42.17 -29.85 -18.20
C GLU I 218 41.66 -28.76 -19.14
N PHE I 219 40.75 -29.11 -20.04
CA PHE I 219 40.15 -28.18 -21.00
C PHE I 219 39.05 -27.44 -20.26
N ALA I 220 39.40 -26.28 -19.69
CA ALA I 220 38.49 -25.39 -18.96
C ALA I 220 37.89 -26.06 -17.73
N THR I 221 38.69 -26.82 -17.01
CA THR I 221 38.23 -27.56 -15.84
C THR I 221 38.62 -26.83 -14.57
N LEU I 222 37.69 -26.05 -14.04
CA LEU I 222 37.90 -25.32 -12.81
C LEU I 222 37.00 -25.88 -11.71
N ASP I 223 37.51 -25.88 -10.49
CA ASP I 223 36.82 -26.48 -9.37
C ASP I 223 35.81 -25.48 -8.81
N THR I 224 34.52 -25.78 -8.97
CA THR I 224 33.44 -24.94 -8.49
C THR I 224 32.40 -25.82 -7.80
N ALA I 225 31.30 -25.20 -7.37
CA ALA I 225 30.25 -25.91 -6.66
C ALA I 225 29.21 -26.43 -7.64
N TYR I 226 28.46 -27.44 -7.20
CA TYR I 226 27.56 -28.21 -8.05
C TYR I 226 26.15 -28.19 -7.49
N MET I 227 25.28 -27.37 -8.06
CA MET I 227 23.89 -27.29 -7.66
C MET I 227 23.05 -28.26 -8.48
N GLY I 228 22.16 -28.97 -7.80
CA GLY I 228 21.25 -29.87 -8.49
C GLY I 228 20.02 -30.06 -7.65
N LEU I 229 19.09 -30.86 -8.17
CA LEU I 229 17.91 -31.26 -7.43
C LEU I 229 18.08 -32.71 -7.01
N VAL I 230 17.61 -33.03 -5.81
CA VAL I 230 17.74 -34.38 -5.26
C VAL I 230 16.46 -34.79 -4.53
N ARG I 231 16.11 -36.07 -4.67
CA ARG I 231 15.19 -36.77 -3.78
C ARG I 231 15.98 -37.15 -2.52
N ASP I 232 15.43 -38.10 -1.74
CA ASP I 232 16.01 -38.60 -0.49
C ASP I 232 17.52 -38.73 -0.56
N GLY I 233 18.02 -39.38 -1.61
CA GLY I 233 19.42 -39.36 -1.94
C GLY I 233 19.65 -39.42 -3.45
N TYR I 234 18.58 -39.35 -4.23
CA TYR I 234 18.65 -39.70 -5.64
C TYR I 234 18.73 -38.48 -6.55
N LEU I 235 18.73 -38.74 -7.86
CA LEU I 235 18.74 -37.70 -8.89
C LEU I 235 17.32 -37.50 -9.39
N GLU I 236 16.67 -36.44 -8.95
CA GLU I 236 15.34 -36.12 -9.42
C GLU I 236 15.39 -34.87 -10.29
N LEU I 237 14.67 -34.90 -11.41
CA LEU I 237 14.71 -33.81 -12.37
C LEU I 237 13.46 -32.94 -12.35
N TYR I 238 12.37 -33.39 -11.74
CA TYR I 238 11.15 -32.60 -11.69
C TYR I 238 10.95 -31.88 -10.36
N ASP I 239 11.09 -32.60 -9.24
CA ASP I 239 10.90 -32.02 -7.93
C ASP I 239 12.19 -32.27 -7.11
N GLY I 240 12.14 -31.99 -5.82
CA GLY I 240 13.23 -32.32 -4.92
C GLY I 240 13.87 -31.08 -4.34
N GLU I 241 14.75 -31.32 -3.38
CA GLU I 241 15.47 -30.25 -2.71
C GLU I 241 16.69 -29.85 -3.51
N VAL I 242 17.14 -28.63 -3.32
CA VAL I 242 18.32 -28.13 -3.99
C VAL I 242 19.54 -28.48 -3.15
N ARG I 243 20.56 -29.04 -3.79
CA ARG I 243 21.77 -29.50 -3.13
C ARG I 243 22.95 -28.85 -3.82
N ILE I 244 23.76 -28.12 -3.06
CA ILE I 244 24.96 -27.49 -3.58
C ILE I 244 26.14 -28.25 -3.00
N LYS I 245 26.74 -29.11 -3.81
CA LYS I 245 27.92 -29.81 -3.35
C LYS I 245 29.13 -28.90 -3.52
N ALA I 246 29.92 -28.79 -2.46
CA ALA I 246 31.17 -28.05 -2.47
C ALA I 246 32.12 -28.66 -3.51
N PRO I 247 33.17 -27.92 -3.96
CA PRO I 247 34.06 -28.46 -5.01
C PRO I 247 34.80 -29.76 -4.72
N ARG I 248 34.69 -30.32 -3.52
CA ARG I 248 35.37 -31.58 -3.22
C ARG I 248 34.52 -32.57 -2.44
N GLY I 249 33.19 -32.50 -2.49
CA GLY I 249 32.33 -33.59 -2.07
C GLY I 249 31.31 -33.27 -0.99
N ARG I 250 31.58 -32.28 -0.15
CA ARG I 250 30.71 -32.04 0.99
C ARG I 250 29.46 -31.27 0.59
N ILE I 251 28.30 -31.79 0.99
CA ILE I 251 27.01 -31.16 0.70
C ILE I 251 26.97 -29.85 1.48
N LEU I 252 26.96 -28.74 0.76
CA LEU I 252 26.92 -27.41 1.34
C LEU I 252 25.54 -26.82 1.14
N ASP I 253 24.76 -26.72 2.23
CA ASP I 253 23.46 -26.04 2.26
C ASP I 253 22.47 -26.67 1.28
N GLN I 254 22.08 -27.90 1.62
CA GLN I 254 20.90 -28.50 1.00
C GLN I 254 19.63 -27.81 1.51
N PHE I 255 18.82 -27.26 0.61
CA PHE I 255 17.69 -26.47 1.04
C PHE I 255 16.46 -26.70 0.19
N ASP I 256 15.31 -26.48 0.81
CA ASP I 256 14.01 -26.50 0.14
C ASP I 256 14.01 -25.41 -0.93
N PRO I 257 13.61 -25.71 -2.17
CA PRO I 257 13.58 -24.68 -3.22
C PRO I 257 12.72 -23.46 -2.94
N LYS I 258 11.80 -23.52 -1.98
CA LYS I 258 10.95 -22.37 -1.67
C LYS I 258 11.79 -21.23 -1.11
N ASP I 259 12.47 -21.46 0.01
CA ASP I 259 13.32 -20.41 0.58
C ASP I 259 14.66 -20.45 -0.15
N TYR I 260 14.69 -19.77 -1.29
CA TYR I 260 15.90 -19.67 -2.11
C TYR I 260 16.50 -18.27 -2.11
N LEU I 261 15.72 -17.24 -1.79
CA LEU I 261 16.23 -15.87 -1.77
C LEU I 261 17.26 -15.66 -0.67
N ASP I 262 17.30 -16.52 0.34
CA ASP I 262 18.29 -16.44 1.40
C ASP I 262 19.57 -17.19 1.06
N HIS I 263 19.66 -17.78 -0.12
CA HIS I 263 20.86 -18.52 -0.50
C HIS I 263 21.45 -18.09 -1.84
N ILE I 264 20.62 -17.74 -2.81
CA ILE I 264 21.07 -17.42 -4.16
C ILE I 264 20.95 -15.93 -4.39
N GLY I 265 22.00 -15.31 -4.92
CA GLY I 265 21.96 -13.92 -5.31
C GLY I 265 22.44 -13.77 -6.75
N GLU I 266 22.21 -12.59 -7.32
CA GLU I 266 22.58 -12.32 -8.69
C GLU I 266 23.41 -11.06 -8.76
N HIS I 267 24.63 -11.17 -9.25
CA HIS I 267 25.49 -10.03 -9.48
C HIS I 267 25.36 -9.57 -10.93
N VAL I 268 25.22 -8.27 -11.14
CA VAL I 268 24.97 -7.72 -12.46
C VAL I 268 26.27 -7.13 -12.98
N GLU I 269 26.92 -7.85 -13.84
CA GLU I 269 28.13 -7.24 -14.35
C GLU I 269 27.78 -6.36 -15.55
N PRO I 270 28.51 -5.24 -15.73
CA PRO I 270 28.15 -4.29 -16.80
C PRO I 270 28.21 -4.86 -18.19
N TRP I 271 29.11 -5.79 -18.44
CA TRP I 271 29.42 -6.20 -19.79
C TRP I 271 28.48 -7.25 -20.36
N SER I 272 27.45 -7.65 -19.64
CA SER I 272 26.58 -8.69 -20.17
C SER I 272 25.19 -8.52 -19.60
N TYR I 273 24.21 -8.96 -20.38
CA TYR I 273 22.84 -8.97 -19.90
C TYR I 273 22.56 -10.13 -18.94
N LEU I 274 23.46 -11.10 -18.86
CA LEU I 274 23.29 -12.22 -17.96
C LEU I 274 23.76 -11.87 -16.55
N LYS I 275 22.87 -11.99 -15.59
CA LYS I 275 23.27 -11.91 -14.20
C LYS I 275 24.11 -13.13 -13.83
N PHE I 276 24.78 -13.03 -12.70
CA PHE I 276 25.58 -14.13 -12.16
C PHE I 276 24.97 -14.59 -10.86
N PRO I 277 24.16 -15.63 -10.84
CA PRO I 277 23.75 -16.21 -9.55
C PRO I 277 24.89 -16.91 -8.86
N PHE I 278 24.84 -16.86 -7.54
CA PHE I 278 25.90 -17.37 -6.70
C PHE I 278 25.32 -17.69 -5.34
N TYR I 279 26.00 -18.59 -4.64
CA TYR I 279 25.64 -18.92 -3.27
C TYR I 279 26.01 -17.74 -2.37
N LYS I 280 24.98 -17.08 -1.83
CA LYS I 280 25.12 -15.74 -1.24
C LYS I 280 26.06 -15.70 -0.05
N ALA I 281 26.18 -16.79 0.70
CA ALA I 281 27.02 -16.77 1.89
C ALA I 281 28.49 -16.65 1.55
N LEU I 282 28.91 -17.20 0.42
CA LEU I 282 30.30 -17.11 0.01
C LEU I 282 30.60 -15.85 -0.79
N GLY I 283 29.61 -15.29 -1.49
CA GLY I 283 29.79 -14.04 -2.18
C GLY I 283 30.30 -14.21 -3.60
N PHE I 284 30.03 -13.21 -4.42
CA PHE I 284 30.54 -13.18 -5.79
C PHE I 284 32.00 -12.71 -5.77
N PRO I 285 32.92 -13.40 -6.46
CA PRO I 285 32.72 -14.58 -7.29
C PRO I 285 33.17 -15.88 -6.67
N HIS I 286 32.89 -16.08 -5.40
CA HIS I 286 33.31 -17.29 -4.71
C HIS I 286 32.15 -18.20 -4.36
N GLY I 287 30.93 -17.71 -4.45
CA GLY I 287 29.76 -18.55 -4.29
C GLY I 287 29.19 -19.09 -5.57
N SER I 288 29.75 -18.67 -6.70
CA SER I 288 29.29 -19.14 -8.00
C SER I 288 29.47 -20.65 -8.11
N TYR I 289 28.47 -21.30 -8.65
CA TYR I 289 28.43 -22.75 -8.75
C TYR I 289 28.16 -23.16 -10.18
N ARG I 290 28.08 -24.46 -10.41
CA ARG I 290 27.74 -25.00 -11.71
C ARG I 290 26.37 -25.67 -11.62
N VAL I 291 25.73 -25.76 -12.77
CA VAL I 291 24.48 -26.47 -12.96
C VAL I 291 24.60 -27.28 -14.24
N GLY I 292 23.52 -27.97 -14.59
CA GLY I 292 23.51 -28.77 -15.78
C GLY I 292 23.76 -30.22 -15.43
N PRO I 293 24.02 -31.06 -16.44
CA PRO I 293 24.17 -32.51 -16.22
C PRO I 293 25.31 -32.89 -15.30
N LEU I 294 26.48 -32.29 -15.51
CA LEU I 294 27.67 -32.53 -14.69
C LEU I 294 27.38 -32.30 -13.21
N ALA I 295 26.79 -31.14 -12.89
CA ALA I 295 26.53 -30.80 -11.50
C ALA I 295 25.49 -31.72 -10.86
N ARG I 296 24.52 -32.18 -11.65
CA ARG I 296 23.53 -33.11 -11.13
C ARG I 296 24.16 -34.45 -10.79
N LEU I 297 24.88 -35.04 -11.74
CA LEU I 297 25.53 -36.32 -11.48
C LEU I 297 26.59 -36.20 -10.39
N ASN I 298 27.20 -35.02 -10.23
CA ASN I 298 28.14 -34.82 -9.14
C ASN I 298 27.43 -34.68 -7.82
N ALA I 299 26.22 -34.11 -7.81
CA ALA I 299 25.51 -33.89 -6.57
C ALA I 299 24.66 -35.08 -6.16
N ALA I 300 24.24 -35.91 -7.10
CA ALA I 300 23.44 -37.08 -6.80
C ALA I 300 24.32 -38.20 -6.27
N ASP I 301 23.90 -38.81 -5.17
CA ASP I 301 24.64 -39.95 -4.64
C ASP I 301 24.30 -41.24 -5.37
N ALA I 302 23.11 -41.32 -5.95
CA ALA I 302 22.69 -42.48 -6.72
C ALA I 302 21.59 -42.04 -7.67
N VAL I 303 21.40 -42.82 -8.74
CA VAL I 303 20.27 -42.62 -9.64
C VAL I 303 19.31 -43.79 -9.45
N SER I 304 18.06 -43.57 -9.82
CA SER I 304 17.02 -44.55 -9.55
C SER I 304 16.87 -45.60 -10.62
N THR I 305 17.12 -45.25 -11.88
CA THR I 305 16.89 -46.15 -13.00
C THR I 305 17.91 -47.30 -12.99
N PRO I 306 17.52 -48.50 -13.48
CA PRO I 306 18.43 -49.65 -13.43
C PRO I 306 19.63 -49.62 -14.37
N GLU I 307 19.41 -49.39 -15.67
CA GLU I 307 20.47 -49.54 -16.65
C GLU I 307 21.34 -48.30 -16.74
N ALA I 308 20.79 -47.12 -16.46
CA ALA I 308 21.61 -45.93 -16.39
C ALA I 308 22.45 -45.87 -15.12
N SER I 309 22.12 -46.68 -14.12
CA SER I 309 22.89 -46.70 -12.88
C SER I 309 24.29 -47.25 -13.09
N LYS I 310 24.43 -48.23 -13.99
CA LYS I 310 25.75 -48.79 -14.29
C LYS I 310 26.68 -47.73 -14.86
N GLU I 311 26.20 -46.97 -15.84
CA GLU I 311 27.07 -45.97 -16.44
C GLU I 311 27.21 -44.75 -15.54
N PHE I 312 26.24 -44.50 -14.66
CA PHE I 312 26.41 -43.47 -13.64
C PHE I 312 27.49 -43.86 -12.65
N ALA I 313 27.57 -45.14 -12.30
CA ALA I 313 28.65 -45.63 -11.44
C ALA I 313 29.98 -45.52 -12.14
N LEU I 314 30.03 -45.82 -13.45
CA LEU I 314 31.25 -45.64 -14.23
C LEU I 314 31.65 -44.17 -14.31
N TYR I 315 30.67 -43.28 -14.30
CA TYR I 315 30.97 -41.84 -14.25
C TYR I 315 31.53 -41.47 -12.89
N LYS I 316 30.99 -42.05 -11.82
CA LYS I 316 31.39 -41.67 -10.48
C LYS I 316 32.78 -42.19 -10.14
N GLU I 317 33.18 -43.35 -10.69
CA GLU I 317 34.55 -43.81 -10.47
C GLU I 317 35.50 -43.20 -11.52
N MET I 318 35.39 -41.90 -11.72
CA MET I 318 36.25 -41.15 -12.61
C MET I 318 36.65 -39.81 -12.02
N GLY I 319 36.15 -39.46 -10.85
CA GLY I 319 36.22 -38.08 -10.42
C GLY I 319 36.54 -37.78 -8.98
N GLU I 320 37.36 -38.58 -8.28
CA GLU I 320 37.94 -38.28 -6.96
C GLU I 320 36.85 -37.98 -5.92
N ASP I 321 36.13 -39.06 -5.56
CA ASP I 321 35.02 -39.07 -4.59
C ASP I 321 33.81 -38.33 -5.17
N GLY I 322 33.39 -38.77 -6.36
CA GLY I 322 32.12 -38.36 -6.93
C GLY I 322 32.06 -36.97 -7.53
N ILE I 323 33.13 -36.18 -7.47
CA ILE I 323 33.04 -34.81 -7.96
C ILE I 323 33.88 -34.69 -9.23
N VAL I 324 33.23 -34.93 -10.38
CA VAL I 324 33.85 -34.81 -11.70
C VAL I 324 33.95 -33.35 -12.10
N PRO I 325 35.14 -32.77 -12.16
CA PRO I 325 35.27 -31.34 -12.45
C PRO I 325 35.47 -30.99 -13.92
N TYR I 326 35.61 -31.98 -14.79
CA TYR I 326 35.99 -31.73 -16.17
C TYR I 326 34.86 -31.15 -16.99
N THR I 327 35.20 -30.13 -17.78
CA THR I 327 34.19 -29.43 -18.57
C THR I 327 33.71 -30.28 -19.73
N LEU I 328 34.62 -30.97 -20.42
CA LEU I 328 34.19 -31.79 -21.55
C LEU I 328 33.33 -32.97 -21.14
N TYR I 329 33.47 -33.44 -19.89
CA TYR I 329 32.62 -34.51 -19.41
C TYR I 329 31.15 -34.11 -19.30
N TYR I 330 30.83 -32.79 -19.36
CA TYR I 330 29.47 -32.28 -19.52
C TYR I 330 28.76 -32.89 -20.71
N HIS I 331 29.50 -33.40 -21.69
CA HIS I 331 28.87 -34.13 -22.78
C HIS I 331 28.45 -35.51 -22.30
N TYR I 332 29.43 -36.25 -21.75
CA TYR I 332 29.24 -37.60 -21.19
C TYR I 332 28.05 -37.65 -20.25
N ALA I 333 28.12 -36.85 -19.16
CA ALA I 333 27.06 -36.72 -18.16
C ALA I 333 25.71 -36.46 -18.83
N ARG I 334 25.70 -35.58 -19.84
CA ARG I 334 24.50 -35.21 -20.58
C ARG I 334 23.76 -36.46 -21.06
N LEU I 335 24.50 -37.33 -21.73
CA LEU I 335 23.90 -38.52 -22.31
C LEU I 335 23.40 -39.47 -21.23
N ILE I 336 24.12 -39.54 -20.09
CA ILE I 336 23.64 -40.27 -18.91
C ILE I 336 22.25 -39.81 -18.55
N GLU I 337 22.10 -38.48 -18.44
CA GLU I 337 20.81 -37.82 -18.26
C GLU I 337 19.80 -38.32 -19.27
N ALA I 338 20.17 -38.25 -20.56
CA ALA I 338 19.35 -38.76 -21.65
C ALA I 338 18.96 -40.19 -21.37
N LEU I 339 19.96 -41.03 -21.10
CA LEU I 339 19.77 -42.43 -20.72
C LEU I 339 18.76 -42.53 -19.59
N TYR I 340 19.05 -41.80 -18.50
CA TYR I 340 18.17 -41.71 -17.33
C TYR I 340 16.76 -41.36 -17.77
N GLY I 341 16.64 -40.26 -18.53
CA GLY I 341 15.35 -39.80 -19.03
C GLY I 341 14.61 -40.89 -19.74
N LEU I 342 15.29 -41.59 -20.65
CA LEU I 342 14.69 -42.69 -21.40
C LEU I 342 14.19 -43.76 -20.45
N GLU I 343 15.07 -44.20 -19.54
CA GLU I 343 14.70 -45.23 -18.59
C GLU I 343 13.70 -44.71 -17.57
N ARG I 344 13.60 -43.40 -17.39
CA ARG I 344 12.55 -42.90 -16.53
C ARG I 344 11.22 -42.96 -17.23
N ILE I 345 11.21 -42.72 -18.55
CA ILE I 345 10.02 -42.85 -19.37
C ILE I 345 9.44 -44.24 -19.23
N GLU I 346 10.30 -45.26 -19.35
CA GLU I 346 9.90 -46.66 -19.22
C GLU I 346 9.27 -46.95 -17.86
N GLN I 347 9.65 -46.18 -16.83
CA GLN I 347 9.03 -46.38 -15.52
C GLN I 347 7.69 -45.68 -15.44
N LEU I 348 7.57 -44.50 -16.06
CA LEU I 348 6.30 -43.79 -16.04
C LEU I 348 5.27 -44.45 -16.94
N LEU I 349 5.72 -45.05 -18.04
CA LEU I 349 4.79 -45.75 -18.91
C LEU I 349 4.39 -47.12 -18.39
N ALA I 350 5.07 -47.63 -17.37
CA ALA I 350 4.70 -48.89 -16.74
C ALA I 350 3.81 -48.69 -15.53
N ASP I 351 3.40 -47.46 -15.25
CA ASP I 351 2.54 -47.18 -14.12
C ASP I 351 1.11 -46.96 -14.60
N PRO I 352 0.08 -47.45 -13.92
CA PRO I 352 -1.30 -47.22 -14.37
C PRO I 352 -1.86 -45.84 -14.08
N ASP I 353 -1.03 -44.87 -13.72
CA ASP I 353 -1.49 -43.53 -13.38
C ASP I 353 -1.29 -42.52 -14.49
N ILE I 354 -0.45 -42.79 -15.49
CA ILE I 354 -0.33 -41.86 -16.60
C ILE I 354 -1.58 -41.92 -17.48
N THR I 355 -2.27 -43.04 -17.48
CA THR I 355 -3.48 -43.22 -18.27
C THR I 355 -4.74 -42.88 -17.50
N SER I 356 -4.61 -42.29 -16.32
CA SER I 356 -5.75 -42.10 -15.43
C SER I 356 -6.62 -40.93 -15.91
N SER I 357 -7.60 -40.55 -15.10
CA SER I 357 -8.50 -39.48 -15.44
C SER I 357 -8.65 -38.45 -14.35
N ASP I 358 -7.97 -38.61 -13.22
CA ASP I 358 -7.94 -37.61 -12.15
C ASP I 358 -6.62 -36.85 -12.27
N LEU I 359 -6.62 -35.81 -13.10
CA LEU I 359 -5.39 -35.10 -13.39
C LEU I 359 -5.31 -33.71 -12.78
N ARG I 360 -6.44 -33.09 -12.48
CA ARG I 360 -6.47 -31.70 -12.05
C ARG I 360 -7.04 -31.57 -10.66
N VAL I 361 -6.60 -30.52 -9.95
CA VAL I 361 -7.14 -30.16 -8.65
C VAL I 361 -7.34 -28.65 -8.64
N THR I 362 -8.56 -28.20 -8.38
CA THR I 362 -8.88 -26.78 -8.40
C THR I 362 -8.92 -26.26 -6.98
N SER I 363 -8.73 -24.95 -6.85
CA SER I 363 -8.78 -24.30 -5.54
C SER I 363 -8.94 -22.80 -5.71
N LYS I 364 -9.62 -22.21 -4.74
CA LYS I 364 -9.64 -20.77 -4.55
C LYS I 364 -8.50 -20.41 -3.60
N GLU I 365 -8.53 -19.22 -3.01
CA GLU I 365 -7.57 -18.74 -2.02
C GLU I 365 -6.15 -18.72 -2.61
N ILE I 366 -6.01 -17.82 -3.57
CA ILE I 366 -4.73 -17.58 -4.23
C ILE I 366 -3.75 -16.89 -3.27
N ASN I 367 -2.64 -17.56 -3.01
CA ASN I 367 -1.61 -17.09 -2.11
C ASN I 367 -0.81 -15.95 -2.77
N PRO I 368 -0.02 -15.17 -2.01
CA PRO I 368 0.65 -14.03 -2.65
C PRO I 368 1.95 -14.38 -3.34
N GLU I 369 2.46 -15.59 -3.16
CA GLU I 369 3.76 -15.97 -3.68
C GLU I 369 3.70 -17.40 -4.15
N GLY I 370 4.39 -17.69 -5.25
CA GLY I 370 4.52 -19.04 -5.74
C GLY I 370 5.88 -19.27 -6.36
N ILE I 371 6.62 -20.25 -5.87
CA ILE I 371 7.96 -20.54 -6.35
C ILE I 371 7.98 -21.97 -6.86
N GLY I 372 8.23 -22.12 -8.15
CA GLY I 372 8.36 -23.43 -8.74
C GLY I 372 9.74 -23.62 -9.28
N VAL I 373 10.41 -24.66 -8.81
CA VAL I 373 11.79 -24.95 -9.19
C VAL I 373 11.83 -26.33 -9.79
N ILE I 374 12.24 -26.40 -11.06
CA ILE I 374 12.48 -27.71 -11.62
C ILE I 374 13.93 -27.75 -12.07
N GLU I 375 14.31 -28.85 -12.67
CA GLU I 375 15.67 -29.05 -13.13
C GLU I 375 15.61 -29.20 -14.65
N ALA I 376 15.72 -28.06 -15.33
CA ALA I 376 15.79 -28.04 -16.78
C ALA I 376 17.09 -28.71 -17.23
N PRO I 377 17.17 -29.16 -18.49
CA PRO I 377 18.38 -29.90 -18.94
C PRO I 377 19.69 -29.16 -18.82
N ARG I 378 19.69 -27.84 -18.84
CA ARG I 378 20.92 -27.07 -18.71
C ARG I 378 21.14 -26.62 -17.28
N GLY I 379 20.22 -26.92 -16.38
CA GLY I 379 20.42 -26.62 -14.98
C GLY I 379 19.12 -26.31 -14.26
N THR I 380 19.28 -25.85 -13.02
CA THR I 380 18.14 -25.57 -12.16
C THR I 380 17.40 -24.33 -12.66
N LEU I 381 16.08 -24.44 -12.74
CA LEU I 381 15.22 -23.36 -13.19
C LEU I 381 14.31 -22.96 -12.04
N ILE I 382 14.28 -21.67 -11.72
CA ILE I 382 13.52 -21.11 -10.61
C ILE I 382 12.57 -20.06 -11.15
N HIS I 383 11.27 -20.31 -11.05
CA HIS I 383 10.25 -19.30 -11.28
C HIS I 383 9.71 -18.86 -9.94
N HIS I 384 9.60 -17.55 -9.75
CA HIS I 384 9.19 -16.99 -8.47
C HIS I 384 8.23 -15.84 -8.76
N TYR I 385 6.95 -16.12 -8.65
CA TYR I 385 5.94 -15.11 -8.94
C TYR I 385 5.40 -14.55 -7.63
N GLN I 386 5.14 -13.25 -7.64
CA GLN I 386 4.46 -12.55 -6.54
C GLN I 386 3.22 -11.93 -7.13
N VAL I 387 2.06 -12.41 -6.72
CA VAL I 387 0.77 -11.91 -7.17
C VAL I 387 0.05 -11.26 -6.00
N ASN I 388 -0.87 -10.37 -6.33
CA ASN I 388 -1.68 -9.69 -5.33
C ASN I 388 -2.94 -10.51 -5.05
N GLU I 389 -3.90 -9.91 -4.33
CA GLU I 389 -5.15 -10.59 -4.01
C GLU I 389 -5.92 -10.96 -5.28
N SER I 390 -5.90 -10.09 -6.27
CA SER I 390 -6.63 -10.30 -7.51
C SER I 390 -5.99 -11.31 -8.46
N GLY I 391 -4.92 -11.98 -8.06
CA GLY I 391 -4.24 -12.90 -8.97
C GLY I 391 -3.48 -12.23 -10.08
N VAL I 392 -3.20 -10.96 -9.96
CA VAL I 392 -2.47 -10.19 -10.96
C VAL I 392 -1.00 -10.23 -10.58
N ILE I 393 -0.14 -10.49 -11.57
CA ILE I 393 1.29 -10.58 -11.35
C ILE I 393 1.81 -9.23 -10.86
N THR I 394 2.45 -9.22 -9.70
CA THR I 394 3.03 -7.99 -9.17
C THR I 394 4.54 -7.92 -9.34
N LYS I 395 5.23 -9.06 -9.22
CA LYS I 395 6.68 -9.08 -9.40
C LYS I 395 7.15 -10.50 -9.67
N VAL I 396 7.81 -10.71 -10.79
CA VAL I 396 8.33 -12.03 -11.15
C VAL I 396 9.85 -12.02 -11.07
N ASN I 397 10.40 -13.19 -10.79
CA ASN I 397 11.85 -13.41 -10.80
C ASN I 397 12.12 -14.81 -11.33
N LEU I 398 12.87 -14.88 -12.42
CA LEU I 398 13.24 -16.14 -13.03
C LEU I 398 14.75 -16.26 -12.94
N ILE I 399 15.23 -17.25 -12.20
CA ILE I 399 16.64 -17.57 -12.17
C ILE I 399 16.81 -18.82 -13.02
N VAL I 400 17.48 -18.64 -14.14
CA VAL I 400 17.48 -19.58 -15.23
C VAL I 400 18.81 -20.32 -15.26
N ALA I 401 18.87 -21.35 -16.13
CA ALA I 401 19.93 -22.35 -16.11
C ALA I 401 21.31 -21.75 -16.43
N THR I 402 21.45 -21.13 -17.61
CA THR I 402 22.73 -20.60 -18.06
C THR I 402 23.29 -19.52 -17.14
N GLY I 403 22.43 -18.88 -16.35
CA GLY I 403 22.89 -17.88 -15.40
C GLY I 403 23.87 -18.42 -14.39
N HIS I 404 23.57 -19.60 -13.83
CA HIS I 404 24.48 -20.16 -12.84
C HIS I 404 25.80 -20.58 -13.47
N ASN I 405 25.79 -20.92 -14.74
CA ASN I 405 26.99 -21.34 -15.44
C ASN I 405 27.72 -20.21 -16.11
N ASN I 406 27.21 -18.98 -16.03
CA ASN I 406 27.86 -17.83 -16.66
C ASN I 406 29.29 -17.65 -16.17
N PHE I 407 29.53 -17.80 -14.87
CA PHE I 407 30.88 -17.62 -14.34
C PHE I 407 31.79 -18.75 -14.79
N ALA I 408 31.26 -19.99 -14.79
CA ALA I 408 32.03 -21.13 -15.29
C ALA I 408 32.39 -20.95 -16.76
N MET I 409 31.48 -20.38 -17.55
CA MET I 409 31.74 -20.17 -18.97
C MET I 409 32.78 -19.07 -19.17
N ASN I 410 32.66 -17.98 -18.40
CA ASN I 410 33.63 -16.89 -18.47
C ASN I 410 35.02 -17.37 -18.11
N LYS I 411 35.14 -18.09 -16.98
CA LYS I 411 36.43 -18.59 -16.55
C LYS I 411 36.96 -19.66 -17.50
N GLY I 412 36.06 -20.43 -18.12
CA GLY I 412 36.50 -21.43 -19.07
C GLY I 412 37.04 -20.81 -20.34
N VAL I 413 36.38 -19.76 -20.83
CA VAL I 413 36.88 -19.04 -22.00
C VAL I 413 38.22 -18.38 -21.67
N GLU I 414 38.36 -17.90 -20.43
CA GLU I 414 39.65 -17.35 -19.99
C GLU I 414 40.74 -18.41 -20.00
N MET I 415 40.46 -19.60 -19.46
CA MET I 415 41.48 -20.65 -19.39
C MET I 415 41.83 -21.20 -20.77
N VAL I 416 40.84 -21.37 -21.65
CA VAL I 416 41.15 -21.90 -22.98
C VAL I 416 41.74 -20.82 -23.88
N ALA I 417 41.52 -19.55 -23.57
CA ALA I 417 42.27 -18.52 -24.29
C ALA I 417 43.72 -18.48 -23.83
N LYS I 418 43.93 -18.51 -22.51
CA LYS I 418 45.27 -18.40 -21.91
C LYS I 418 46.17 -19.61 -22.15
N LYS I 419 45.71 -20.63 -22.87
CA LYS I 419 46.54 -21.76 -23.25
C LYS I 419 46.74 -21.86 -24.75
N TYR I 420 45.94 -21.14 -25.53
CA TYR I 420 46.03 -21.16 -26.99
C TYR I 420 46.20 -19.75 -27.54
N ILE I 421 47.13 -18.99 -26.98
CA ILE I 421 47.43 -17.66 -27.48
C ILE I 421 48.45 -17.76 -28.60
N THR I 422 48.33 -16.86 -29.57
CA THR I 422 49.37 -16.55 -30.53
C THR I 422 49.38 -15.04 -30.67
N GLY I 423 50.58 -14.45 -30.63
CA GLY I 423 50.72 -12.99 -30.72
C GLY I 423 49.98 -12.35 -31.89
N THR I 424 49.99 -13.03 -33.04
CA THR I 424 49.30 -12.59 -34.24
C THR I 424 48.64 -13.80 -34.88
N ASN I 425 47.95 -13.53 -36.01
CA ASN I 425 47.46 -14.48 -37.02
C ASN I 425 46.22 -15.26 -36.57
N VAL I 426 45.91 -15.20 -35.26
CA VAL I 426 44.64 -15.55 -34.58
C VAL I 426 43.85 -16.69 -35.22
N PRO I 427 44.34 -17.94 -35.19
CA PRO I 427 43.76 -19.02 -35.99
C PRO I 427 42.31 -19.36 -35.63
N GLU I 428 41.75 -20.26 -36.44
CA GLU I 428 40.34 -20.59 -36.39
C GLU I 428 40.05 -21.79 -35.50
N GLY I 429 41.00 -22.70 -35.32
CA GLY I 429 40.79 -23.82 -34.43
C GLY I 429 40.76 -23.40 -32.97
N VAL I 430 41.64 -22.47 -32.59
CA VAL I 430 41.58 -21.92 -31.24
C VAL I 430 40.26 -21.17 -31.01
N PHE I 431 39.70 -20.57 -32.06
CA PHE I 431 38.36 -19.98 -31.96
C PHE I 431 37.30 -21.05 -31.74
N ASN I 432 37.45 -22.20 -32.41
CA ASN I 432 36.52 -23.29 -32.22
C ASN I 432 36.62 -23.89 -30.83
N ARG I 433 37.81 -23.88 -30.23
CA ARG I 433 37.94 -24.34 -28.85
C ARG I 433 37.34 -23.33 -27.88
N LEU I 434 37.57 -22.04 -28.12
CA LEU I 434 36.94 -20.98 -27.35
C LEU I 434 35.42 -21.02 -27.46
N GLU I 435 34.89 -21.57 -28.55
CA GLU I 435 33.46 -21.70 -28.67
C GLU I 435 33.00 -23.02 -28.07
N HIS I 436 33.88 -24.02 -28.05
CA HIS I 436 33.50 -25.32 -27.57
C HIS I 436 33.38 -25.34 -26.06
N VAL I 437 34.14 -24.48 -25.35
CA VAL I 437 33.95 -24.39 -23.91
C VAL I 437 32.50 -23.98 -23.62
N ILE I 438 31.98 -23.05 -24.40
CA ILE I 438 30.56 -22.60 -24.24
C ILE I 438 29.65 -23.76 -24.64
N ARG I 439 29.95 -24.42 -25.76
CA ARG I 439 29.09 -25.51 -26.28
C ARG I 439 29.12 -26.74 -25.37
N ALA I 440 30.10 -26.82 -24.46
CA ALA I 440 30.10 -27.94 -23.50
C ALA I 440 28.85 -27.84 -22.62
N TYR I 441 28.56 -26.66 -22.11
CA TYR I 441 27.32 -26.44 -21.33
C TYR I 441 26.15 -26.31 -22.30
N ASP I 442 26.43 -26.05 -23.58
CA ASP I 442 25.36 -25.81 -24.61
C ASP I 442 24.32 -24.90 -23.99
N PRO I 443 24.59 -23.60 -23.88
CA PRO I 443 23.69 -22.70 -23.17
C PRO I 443 22.51 -22.12 -23.95
N CYS I 444 21.33 -22.10 -23.32
CA CYS I 444 20.19 -21.42 -23.97
C CYS I 444 20.27 -19.96 -23.51
N LEU I 445 20.96 -19.13 -24.30
CA LEU I 445 21.17 -17.72 -23.88
C LEU I 445 19.84 -16.98 -23.89
N SER I 446 18.81 -17.53 -24.53
CA SER I 446 17.48 -16.88 -24.49
C SER I 446 16.88 -17.04 -23.10
N CYS I 447 17.06 -18.21 -22.47
CA CYS I 447 16.57 -18.40 -21.09
C CYS I 447 17.36 -17.47 -20.17
N SER I 448 18.67 -17.43 -20.32
CA SER I 448 19.53 -16.65 -19.44
C SER I 448 19.07 -15.21 -19.37
N THR I 449 18.76 -14.65 -20.53
CA THR I 449 18.32 -13.28 -20.70
C THR I 449 16.85 -13.35 -21.09
N HIS I 450 16.02 -13.61 -20.09
CA HIS I 450 14.57 -13.71 -20.23
C HIS I 450 13.92 -12.51 -20.90
N MET J 1 27.23 -27.88 -55.38
CA MET J 1 27.36 -26.53 -55.93
C MET J 1 26.04 -26.04 -56.51
N ALA J 2 25.29 -26.95 -57.14
CA ALA J 2 24.00 -26.62 -57.74
C ALA J 2 22.87 -26.52 -56.73
N LYS J 3 23.13 -26.77 -55.45
CA LYS J 3 22.10 -26.64 -54.44
C LYS J 3 21.72 -25.18 -54.23
N ALA J 4 20.59 -24.97 -53.56
CA ALA J 4 20.16 -23.62 -53.21
C ALA J 4 21.01 -23.08 -52.06
N LYS J 5 20.70 -21.86 -51.62
CA LYS J 5 21.61 -21.13 -50.75
C LYS J 5 20.89 -20.45 -49.58
N VAL J 6 20.06 -21.19 -48.83
CA VAL J 6 19.38 -20.54 -47.68
C VAL J 6 20.39 -20.17 -46.61
N ALA J 7 20.01 -19.20 -45.77
CA ALA J 7 20.82 -18.77 -44.64
C ALA J 7 19.93 -18.08 -43.63
N THR J 8 19.77 -18.71 -42.47
CA THR J 8 18.90 -18.25 -41.41
C THR J 8 19.69 -17.47 -40.36
N PHE J 9 18.95 -16.85 -39.44
CA PHE J 9 19.45 -16.27 -38.19
C PHE J 9 18.26 -15.80 -37.39
N TRP J 10 18.50 -15.57 -36.11
CA TRP J 10 17.48 -15.08 -35.22
C TRP J 10 17.91 -13.72 -34.69
N LEU J 11 16.94 -12.86 -34.40
CA LEU J 11 17.26 -11.50 -33.99
C LEU J 11 16.86 -11.24 -32.54
N GLU J 12 15.59 -11.41 -32.20
CA GLU J 12 15.17 -11.39 -30.82
C GLU J 12 14.23 -12.56 -30.61
N ALA J 13 14.66 -13.72 -31.08
CA ALA J 13 13.87 -14.93 -31.01
C ALA J 13 14.24 -15.76 -29.80
N CYS J 14 13.30 -16.61 -29.42
CA CYS J 14 13.49 -17.57 -28.33
C CYS J 14 13.95 -18.88 -28.91
N ALA J 15 14.32 -18.93 -30.18
CA ALA J 15 14.87 -20.12 -30.84
C ALA J 15 13.80 -21.13 -31.21
N GLY J 16 12.55 -20.82 -31.00
CA GLY J 16 11.55 -21.86 -31.27
C GLY J 16 11.29 -21.94 -32.73
N CYS J 17 11.53 -20.87 -33.45
CA CYS J 17 11.19 -20.82 -34.89
C CYS J 17 12.28 -21.53 -35.66
N HIS J 18 13.37 -21.86 -35.01
CA HIS J 18 14.42 -22.66 -35.67
C HIS J 18 14.29 -24.06 -35.13
N MET J 19 13.95 -24.18 -33.87
CA MET J 19 13.63 -25.48 -33.30
C MET J 19 12.54 -26.18 -34.09
N SER J 20 11.60 -25.40 -34.65
CA SER J 20 10.61 -25.95 -35.55
C SER J 20 11.20 -26.28 -36.91
N PHE J 21 12.24 -25.55 -37.32
CA PHE J 21 12.96 -25.91 -38.53
C PHE J 21 13.68 -27.24 -38.37
N LEU J 22 14.30 -27.47 -37.21
CA LEU J 22 14.88 -28.77 -36.91
C LEU J 22 13.83 -29.80 -36.49
N ASP J 23 12.56 -29.41 -36.42
CA ASP J 23 11.45 -30.34 -36.25
C ASP J 23 11.05 -31.00 -37.56
N LEU J 24 11.88 -30.88 -38.58
CA LEU J 24 11.72 -31.46 -39.91
C LEU J 24 12.50 -32.75 -40.04
N ASP J 25 12.44 -33.55 -38.96
CA ASP J 25 13.40 -34.58 -38.58
C ASP J 25 13.99 -35.45 -39.70
N GLU J 26 13.17 -36.26 -40.36
CA GLU J 26 13.69 -37.07 -41.46
C GLU J 26 13.77 -36.25 -42.73
N ARG J 27 12.84 -35.31 -42.90
CA ARG J 27 12.81 -34.43 -44.06
C ARG J 27 13.93 -33.40 -44.04
N LEU J 28 14.63 -33.25 -42.92
CA LEU J 28 15.83 -32.41 -42.88
C LEU J 28 16.95 -33.04 -43.69
N ILE J 29 17.02 -34.37 -43.72
CA ILE J 29 17.98 -35.07 -44.58
C ILE J 29 17.73 -34.75 -46.04
N ASP J 30 16.46 -34.70 -46.45
CA ASP J 30 16.13 -34.43 -47.83
C ASP J 30 16.34 -32.96 -48.16
N LEU J 31 16.01 -32.09 -47.21
CA LEU J 31 16.25 -30.66 -47.42
C LEU J 31 17.73 -30.37 -47.53
N PHE J 32 18.55 -31.02 -46.68
CA PHE J 32 19.99 -30.82 -46.76
C PHE J 32 20.54 -31.37 -48.06
N GLN J 33 19.93 -32.44 -48.58
CA GLN J 33 20.30 -32.97 -49.88
C GLN J 33 19.84 -32.04 -51.01
N ASN J 34 18.95 -31.08 -50.72
CA ASN J 34 18.48 -30.13 -51.72
C ASN J 34 19.03 -28.71 -51.52
N VAL J 35 19.35 -28.31 -50.30
CA VAL J 35 19.84 -26.96 -50.05
C VAL J 35 21.10 -27.06 -49.18
N GLU J 36 22.06 -26.17 -49.42
CA GLU J 36 23.25 -26.07 -48.60
C GLU J 36 23.06 -24.87 -47.67
N ILE J 37 23.31 -25.08 -46.40
CA ILE J 37 23.05 -24.08 -45.38
C ILE J 37 24.29 -23.22 -45.20
N LEU J 38 24.23 -21.99 -45.71
CA LEU J 38 25.20 -20.95 -45.39
C LEU J 38 24.83 -20.36 -44.03
N PHE J 39 25.36 -19.16 -43.68
CA PHE J 39 25.30 -18.54 -42.34
C PHE J 39 23.99 -18.80 -41.60
N SER J 40 24.10 -19.36 -40.41
CA SER J 40 22.97 -19.85 -39.66
C SER J 40 23.47 -20.30 -38.29
N PRO J 41 22.60 -20.37 -37.28
CA PRO J 41 23.03 -20.85 -35.96
C PRO J 41 23.43 -22.33 -35.93
N ILE J 42 23.37 -23.04 -37.05
CA ILE J 42 23.75 -24.43 -37.20
C ILE J 42 25.15 -24.53 -37.81
N VAL J 43 25.49 -23.62 -38.71
CA VAL J 43 26.82 -23.61 -39.31
C VAL J 43 27.70 -22.60 -38.60
N ASP J 44 29.02 -22.80 -38.70
CA ASP J 44 29.97 -22.01 -37.95
C ASP J 44 30.52 -20.82 -38.74
N ALA J 45 29.84 -20.41 -39.81
CA ALA J 45 30.22 -19.20 -40.52
C ALA J 45 29.89 -17.96 -39.69
N LYS J 46 30.64 -16.88 -39.92
CA LYS J 46 30.48 -15.67 -39.13
C LYS J 46 29.98 -14.48 -39.93
N ASP J 47 30.25 -14.43 -41.22
CA ASP J 47 29.76 -13.37 -42.10
C ASP J 47 28.83 -13.98 -43.13
N ILE J 48 27.67 -13.36 -43.32
CA ILE J 48 26.66 -13.87 -44.25
C ILE J 48 27.20 -13.78 -45.67
N PRO J 49 27.11 -14.82 -46.47
CA PRO J 49 27.51 -14.71 -47.87
C PRO J 49 26.34 -14.25 -48.73
N ASN J 50 26.55 -14.12 -50.04
CA ASN J 50 25.43 -13.83 -50.94
C ASN J 50 24.58 -15.07 -51.07
N ILE J 51 23.28 -14.93 -50.78
CA ILE J 51 22.40 -16.06 -50.57
C ILE J 51 21.15 -15.88 -51.43
N ASP J 52 20.27 -16.87 -51.38
CA ASP J 52 19.05 -16.90 -52.17
C ASP J 52 17.80 -16.70 -51.34
N VAL J 53 17.65 -17.48 -50.28
CA VAL J 53 16.49 -17.40 -49.40
C VAL J 53 17.02 -17.05 -48.02
N GLY J 54 17.04 -15.77 -47.69
CA GLY J 54 17.55 -15.34 -46.40
C GLY J 54 16.46 -15.35 -45.36
N VAL J 55 16.57 -16.20 -44.38
CA VAL J 55 15.53 -16.36 -43.37
C VAL J 55 15.87 -15.53 -42.15
N LEU J 56 14.85 -15.02 -41.47
CA LEU J 56 15.02 -14.22 -40.26
C LEU J 56 13.86 -14.46 -39.32
N SER J 57 14.18 -14.96 -38.13
CA SER J 57 13.23 -15.09 -37.02
C SER J 57 13.54 -14.03 -35.97
N GLY J 58 12.54 -13.74 -35.15
CA GLY J 58 12.72 -12.77 -34.09
C GLY J 58 12.61 -11.34 -34.56
N GLY J 59 11.97 -10.49 -33.75
CA GLY J 59 11.81 -9.10 -34.08
C GLY J 59 13.07 -8.31 -33.85
N LEU J 60 12.94 -6.99 -33.97
CA LEU J 60 14.05 -6.08 -33.76
C LEU J 60 13.92 -5.49 -32.35
N GLY J 61 14.87 -5.83 -31.48
CA GLY J 61 14.86 -5.29 -30.14
C GLY J 61 16.14 -4.58 -29.74
N ASN J 62 17.25 -4.96 -30.34
CA ASN J 62 18.55 -4.38 -30.10
C ASN J 62 18.98 -3.57 -31.31
N VAL J 63 20.21 -3.06 -31.29
CA VAL J 63 20.77 -2.40 -32.45
C VAL J 63 21.54 -3.36 -33.36
N GLU J 64 22.21 -4.36 -32.79
CA GLU J 64 22.97 -5.33 -33.59
C GLU J 64 22.04 -6.18 -34.46
N GLU J 65 20.87 -6.50 -33.95
CA GLU J 65 19.93 -7.33 -34.69
C GLU J 65 19.14 -6.54 -35.73
N VAL J 66 19.23 -5.21 -35.73
CA VAL J 66 18.77 -4.47 -36.89
C VAL J 66 19.83 -4.50 -37.98
N GLU J 67 21.10 -4.41 -37.58
CA GLU J 67 22.19 -4.41 -38.54
C GLU J 67 22.30 -5.74 -39.26
N LEU J 68 22.10 -6.86 -38.55
CA LEU J 68 22.21 -8.14 -39.22
C LEU J 68 21.01 -8.39 -40.12
N ALA J 69 19.83 -7.89 -39.73
CA ALA J 69 18.65 -8.00 -40.60
C ALA J 69 18.86 -7.20 -41.89
N LYS J 70 19.39 -5.98 -41.77
CA LYS J 70 19.70 -5.17 -42.95
C LYS J 70 20.75 -5.85 -43.82
N LYS J 71 21.74 -6.49 -43.19
CA LYS J 71 22.75 -7.25 -43.92
C LYS J 71 22.11 -8.39 -44.71
N MET J 72 21.26 -9.18 -44.03
CA MET J 72 20.60 -10.31 -44.65
C MET J 72 19.75 -9.87 -45.82
N ARG J 73 19.00 -8.76 -45.66
CA ARG J 73 18.21 -8.21 -46.75
C ARG J 73 19.09 -7.79 -47.92
N GLU J 74 20.19 -7.11 -47.62
CA GLU J 74 21.11 -6.66 -48.66
C GLU J 74 21.75 -7.82 -49.40
N ARG J 75 21.80 -9.01 -48.80
CA ARG J 75 22.54 -10.10 -49.41
C ARG J 75 21.65 -11.24 -49.91
N CYS J 76 20.34 -11.04 -50.05
CA CYS J 76 19.49 -12.09 -50.61
C CYS J 76 18.54 -11.48 -51.64
N LYS J 77 17.69 -12.33 -52.21
CA LYS J 77 16.61 -11.87 -53.07
C LYS J 77 15.22 -12.18 -52.54
N TYR J 78 15.04 -13.24 -51.76
CA TYR J 78 13.79 -13.50 -51.03
C TYR J 78 14.11 -13.56 -49.55
N LEU J 79 13.34 -12.83 -48.75
CA LEU J 79 13.48 -12.86 -47.30
C LEU J 79 12.24 -13.46 -46.65
N VAL J 80 12.44 -14.42 -45.76
CA VAL J 80 11.35 -15.13 -45.09
C VAL J 80 11.32 -14.75 -43.63
N ALA J 81 10.21 -14.16 -43.18
CA ALA J 81 10.00 -13.80 -41.79
C ALA J 81 9.38 -14.97 -41.04
N TRP J 82 10.16 -15.61 -40.16
CA TRP J 82 9.71 -16.74 -39.39
C TRP J 82 9.14 -16.29 -38.05
N GLY J 83 7.89 -16.64 -37.85
CA GLY J 83 7.32 -16.40 -36.53
C GLY J 83 6.53 -15.15 -36.42
N ASP J 84 5.81 -15.04 -35.32
CA ASP J 84 5.01 -13.84 -35.10
C ASP J 84 5.95 -12.74 -34.62
N CYS J 85 7.17 -13.08 -34.23
CA CYS J 85 8.12 -12.11 -33.68
C CYS J 85 8.69 -11.32 -34.84
N ALA J 86 8.73 -11.92 -36.01
CA ALA J 86 9.34 -11.26 -37.17
C ALA J 86 8.24 -10.75 -38.06
N VAL J 87 7.04 -11.29 -37.89
CA VAL J 87 5.90 -10.91 -38.71
C VAL J 87 5.04 -9.86 -38.01
N PHE J 88 4.61 -10.13 -36.77
CA PHE J 88 3.73 -9.22 -36.03
C PHE J 88 4.41 -8.51 -34.88
N GLY J 89 5.70 -8.70 -34.68
CA GLY J 89 6.36 -8.13 -33.53
C GLY J 89 6.51 -9.16 -32.42
N GLY J 90 5.44 -9.92 -32.19
CA GLY J 90 5.49 -11.03 -31.27
C GLY J 90 5.40 -10.69 -29.80
N ILE J 91 6.04 -11.54 -28.99
CA ILE J 91 5.98 -11.40 -27.55
C ILE J 91 6.96 -10.34 -27.07
N ASN J 92 8.03 -10.07 -27.84
CA ASN J 92 9.00 -9.03 -27.51
C ASN J 92 8.32 -7.68 -27.33
N CYS J 93 7.32 -7.39 -28.17
CA CYS J 93 6.57 -6.13 -28.16
C CYS J 93 5.87 -5.85 -26.84
N MET J 94 5.79 -6.82 -25.93
CA MET J 94 5.23 -6.56 -24.61
C MET J 94 6.08 -5.59 -23.80
N ARG J 95 7.32 -5.35 -24.21
CA ARG J 95 8.13 -4.32 -23.55
C ARG J 95 7.92 -2.94 -24.17
N ASN J 96 6.99 -2.80 -25.10
CA ASN J 96 6.75 -1.53 -25.73
C ASN J 96 5.86 -0.62 -24.89
N PHE J 97 5.26 -1.12 -23.82
CA PHE J 97 4.36 -0.34 -23.00
C PHE J 97 5.04 0.33 -21.83
N ILE J 98 6.30 0.01 -21.60
CA ILE J 98 7.14 0.66 -20.61
C ILE J 98 8.40 1.10 -21.34
N PRO J 99 9.00 2.23 -20.95
CA PRO J 99 10.24 2.68 -21.59
C PRO J 99 11.38 1.69 -21.39
N LYS J 100 12.35 1.72 -22.31
CA LYS J 100 13.47 0.79 -22.26
C LYS J 100 14.32 0.98 -21.01
N ASP J 101 14.40 2.21 -20.50
CA ASP J 101 15.08 2.48 -19.24
C ASP J 101 14.38 1.73 -18.11
N VAL J 102 13.04 1.77 -18.09
CA VAL J 102 12.28 1.08 -17.05
C VAL J 102 12.39 -0.45 -17.24
N VAL J 103 12.49 -0.92 -18.49
CA VAL J 103 12.68 -2.34 -18.74
C VAL J 103 14.00 -2.81 -18.15
N LEU J 104 15.08 -2.09 -18.46
CA LEU J 104 16.38 -2.44 -17.90
C LEU J 104 16.48 -2.18 -16.40
N ARG J 105 15.63 -1.32 -15.84
CA ARG J 105 15.74 -1.01 -14.41
C ARG J 105 14.97 -2.00 -13.53
N GLU J 106 13.80 -2.47 -13.97
CA GLU J 106 13.06 -3.45 -13.17
C GLU J 106 13.59 -4.86 -13.32
N GLY J 107 14.40 -5.12 -14.33
CA GLY J 107 14.95 -6.43 -14.54
C GLY J 107 16.43 -6.54 -14.23
N TYR J 108 17.06 -5.49 -13.70
CA TYR J 108 18.44 -5.56 -13.26
C TYR J 108 18.72 -4.90 -11.93
N ILE J 109 17.81 -4.10 -11.37
CA ILE J 109 18.03 -3.40 -10.13
C ILE J 109 17.03 -3.82 -9.05
N GLU J 110 15.76 -3.96 -9.39
CA GLU J 110 14.73 -4.23 -8.39
C GLU J 110 14.04 -5.55 -8.70
N THR J 111 14.82 -6.60 -8.94
CA THR J 111 14.28 -7.82 -9.52
C THR J 111 14.36 -9.00 -8.55
N ALA J 112 13.93 -8.78 -7.30
CA ALA J 112 13.51 -9.83 -6.37
C ALA J 112 14.63 -10.84 -6.11
N SER J 113 15.61 -10.39 -5.30
CA SER J 113 16.90 -11.02 -5.00
C SER J 113 17.87 -10.94 -6.17
N THR J 114 18.12 -9.72 -6.62
CA THR J 114 19.36 -9.34 -7.25
C THR J 114 20.12 -8.50 -6.24
N VAL J 115 21.44 -8.52 -6.32
CA VAL J 115 22.25 -8.02 -5.22
C VAL J 115 23.25 -6.96 -5.66
N ASN J 116 22.94 -6.24 -6.74
CA ASN J 116 23.79 -5.13 -7.14
C ASN J 116 23.40 -3.87 -6.38
N PRO J 117 24.30 -3.30 -5.56
CA PRO J 117 23.97 -2.08 -4.81
C PRO J 117 24.36 -0.79 -5.51
N GLN J 118 24.78 -0.83 -6.76
CA GLN J 118 25.22 0.37 -7.45
C GLN J 118 24.39 0.73 -8.66
N GLY J 119 23.37 -0.06 -9.01
CA GLY J 119 22.56 0.23 -10.18
C GLY J 119 23.38 0.14 -11.45
N ILE J 120 23.77 -1.08 -11.82
CA ILE J 120 24.77 -1.24 -12.86
C ILE J 120 24.19 -0.93 -14.24
N VAL J 121 22.97 -1.40 -14.52
CA VAL J 121 22.22 -1.18 -15.77
C VAL J 121 23.06 -1.62 -16.97
N PRO J 122 23.15 -2.92 -17.23
CA PRO J 122 24.21 -3.44 -18.10
C PRO J 122 24.10 -3.08 -19.57
N SER J 123 24.59 -1.90 -19.93
CA SER J 123 24.73 -1.47 -21.32
C SER J 123 26.17 -1.15 -21.70
N GLU J 124 27.14 -1.92 -21.20
CA GLU J 124 28.55 -1.53 -21.38
C GLU J 124 29.06 -1.77 -22.80
N ASP J 125 29.09 -3.03 -23.26
CA ASP J 125 29.62 -3.32 -24.58
C ASP J 125 28.58 -4.00 -25.47
N ILE J 126 27.47 -4.43 -24.91
CA ILE J 126 26.40 -5.13 -25.60
C ILE J 126 25.49 -4.12 -26.30
N PRO J 127 24.83 -4.50 -27.39
CA PRO J 127 23.84 -3.61 -28.02
C PRO J 127 22.74 -3.22 -27.04
N GLU J 128 22.47 -1.92 -26.97
CA GLU J 128 21.76 -1.32 -25.85
C GLU J 128 20.34 -1.86 -25.70
N LEU J 129 19.43 -1.45 -26.58
CA LEU J 129 18.06 -1.91 -26.75
C LEU J 129 17.49 -1.03 -27.85
N LEU J 130 16.31 -1.34 -28.28
CA LEU J 130 15.62 -0.34 -29.05
C LEU J 130 14.50 0.22 -28.19
N PRO J 131 14.09 1.48 -28.39
CA PRO J 131 13.00 2.05 -27.56
C PRO J 131 11.67 1.32 -27.67
N ARG J 132 11.47 0.54 -28.74
CA ARG J 132 10.27 -0.25 -28.94
C ARG J 132 10.65 -1.44 -29.81
N ALA J 133 10.18 -2.61 -29.43
CA ALA J 133 10.35 -3.82 -30.23
C ALA J 133 9.48 -3.75 -31.46
N LEU J 134 10.04 -4.07 -32.62
CA LEU J 134 9.35 -3.92 -33.88
C LEU J 134 9.48 -5.20 -34.69
N PRO J 135 8.55 -5.47 -35.60
CA PRO J 135 8.75 -6.55 -36.56
C PRO J 135 9.87 -6.24 -37.52
N ILE J 136 10.30 -7.25 -38.27
CA ILE J 136 11.38 -7.02 -39.23
C ILE J 136 10.89 -6.39 -40.51
N ASP J 137 9.59 -6.21 -40.69
CA ASP J 137 9.09 -5.43 -41.82
C ASP J 137 8.95 -3.95 -41.48
N TYR J 138 9.99 -3.42 -40.87
CA TYR J 138 10.10 -2.01 -40.50
C TYR J 138 11.43 -1.47 -40.97
N GLU J 139 12.42 -2.35 -41.03
CA GLU J 139 13.73 -2.03 -41.57
C GLU J 139 14.14 -2.95 -42.71
N VAL J 140 13.32 -3.95 -43.05
CA VAL J 140 13.62 -4.96 -44.05
C VAL J 140 12.34 -5.27 -44.81
N LYS J 141 12.37 -5.13 -46.14
CA LYS J 141 11.26 -5.56 -46.95
C LYS J 141 11.21 -7.08 -46.98
N VAL J 142 10.05 -7.64 -46.67
CA VAL J 142 9.90 -9.09 -46.52
C VAL J 142 9.09 -9.61 -47.70
N ASP J 143 9.39 -10.83 -48.12
CA ASP J 143 8.75 -11.45 -49.27
C ASP J 143 7.82 -12.59 -48.90
N VAL J 144 8.13 -13.37 -47.86
CA VAL J 144 7.30 -14.49 -47.44
C VAL J 144 7.14 -14.37 -45.92
N TYR J 145 5.99 -13.86 -45.48
CA TYR J 145 5.69 -13.83 -44.06
C TYR J 145 5.16 -15.18 -43.64
N VAL J 146 5.73 -15.75 -42.58
CA VAL J 146 5.29 -17.05 -42.07
C VAL J 146 4.93 -16.91 -40.60
N PRO J 147 3.63 -16.75 -40.28
CA PRO J 147 3.28 -16.45 -38.91
C PRO J 147 3.11 -17.67 -38.00
N GLY J 148 3.40 -17.49 -36.71
CA GLY J 148 3.21 -18.58 -35.72
C GLY J 148 4.24 -18.53 -34.62
N CYS J 149 4.01 -19.24 -33.53
CA CYS J 149 4.98 -19.31 -32.42
C CYS J 149 5.10 -20.76 -32.00
N PRO J 150 5.65 -21.69 -32.80
CA PRO J 150 6.36 -21.33 -33.98
C PRO J 150 5.65 -21.74 -35.27
N PRO J 151 6.13 -21.32 -36.45
CA PRO J 151 5.55 -21.82 -37.65
C PRO J 151 5.73 -23.33 -37.61
N ASP J 152 4.69 -24.13 -37.81
CA ASP J 152 4.76 -25.58 -37.81
C ASP J 152 5.79 -26.07 -38.82
N ALA J 153 6.31 -27.28 -38.59
CA ALA J 153 7.32 -27.86 -39.47
C ALA J 153 6.78 -28.05 -40.88
N ASP J 154 5.49 -28.40 -41.01
CA ASP J 154 4.87 -28.53 -42.32
C ASP J 154 4.90 -27.22 -43.08
N THR J 155 4.64 -26.11 -42.39
CA THR J 155 4.59 -24.80 -43.03
C THR J 155 5.98 -24.35 -43.47
N ILE J 156 6.99 -24.56 -42.62
CA ILE J 156 8.37 -24.24 -42.96
C ILE J 156 8.83 -25.07 -44.16
N TYR J 157 8.49 -26.36 -44.16
CA TYR J 157 8.84 -27.24 -45.28
C TYR J 157 8.16 -26.79 -46.55
N TYR J 158 6.90 -26.34 -46.46
CA TYR J 158 6.18 -25.87 -47.64
C TYR J 158 6.82 -24.61 -48.20
N VAL J 159 7.16 -23.66 -47.32
CA VAL J 159 7.80 -22.41 -47.75
C VAL J 159 9.14 -22.69 -48.43
N PHE J 160 9.94 -23.58 -47.85
CA PHE J 160 11.22 -23.95 -48.46
C PHE J 160 11.01 -24.66 -49.78
N LYS J 161 10.07 -25.63 -49.83
CA LYS J 161 9.78 -26.39 -51.04
C LYS J 161 9.30 -25.49 -52.17
N GLU J 162 8.57 -24.44 -51.84
CA GLU J 162 8.05 -23.56 -52.88
C GLU J 162 9.05 -22.51 -53.30
N LEU J 163 9.94 -22.10 -52.39
CA LEU J 163 10.99 -21.16 -52.78
C LEU J 163 12.12 -21.83 -53.54
N LEU J 164 12.30 -23.14 -53.38
CA LEU J 164 13.34 -23.82 -54.14
C LEU J 164 12.85 -24.20 -55.54
N ALA J 165 11.53 -24.26 -55.74
CA ALA J 165 10.97 -24.48 -57.06
C ALA J 165 10.91 -23.21 -57.89
N GLY J 166 11.14 -22.04 -57.28
CA GLY J 166 11.24 -20.81 -58.04
C GLY J 166 10.01 -19.93 -58.01
N ARG J 167 9.32 -19.88 -56.88
CA ARG J 167 8.17 -19.00 -56.72
C ARG J 167 8.13 -18.47 -55.30
N VAL J 168 7.45 -17.35 -55.13
CA VAL J 168 7.31 -16.69 -53.84
C VAL J 168 5.96 -17.07 -53.23
N PRO J 169 5.93 -17.98 -52.26
CA PRO J 169 4.64 -18.46 -51.76
C PRO J 169 4.05 -17.62 -50.65
N LYS J 170 2.73 -17.49 -50.70
CA LYS J 170 1.96 -16.94 -49.61
C LYS J 170 1.37 -18.14 -48.86
N VAL J 171 1.63 -18.20 -47.56
CA VAL J 171 1.19 -19.30 -46.70
C VAL J 171 -0.33 -19.44 -46.75
N PRO J 172 -0.84 -20.59 -47.19
CA PRO J 172 -2.29 -20.78 -47.33
C PRO J 172 -3.04 -20.65 -46.03
N SER J 173 -4.36 -20.47 -46.15
CA SER J 173 -5.20 -20.27 -44.97
C SER J 173 -5.40 -21.56 -44.19
N GLU J 174 -5.36 -22.71 -44.87
CA GLU J 174 -5.58 -23.98 -44.20
C GLU J 174 -4.41 -24.42 -43.35
N MET J 175 -3.24 -23.80 -43.51
CA MET J 175 -2.04 -24.22 -42.78
C MET J 175 -1.34 -23.06 -42.09
N MET J 176 -2.04 -21.97 -41.82
CA MET J 176 -1.46 -20.84 -41.13
C MET J 176 -2.13 -20.68 -39.77
N ARG J 177 -1.32 -20.39 -38.76
CA ARG J 177 -1.79 -20.15 -37.41
C ARG J 177 -0.97 -19.02 -36.82
N TYR J 178 -1.55 -18.35 -35.83
CA TYR J 178 -0.81 -17.38 -35.05
C TYR J 178 -0.43 -17.92 -33.68
N ASP J 179 -0.92 -19.12 -33.32
CA ASP J 179 -0.64 -19.84 -32.08
C ASP J 179 -0.98 -19.04 -30.82
FE1 FES K . 18.17 18.09 34.49
FE2 FES K . 19.71 19.25 36.90
S1 FES K . 18.40 20.11 35.36
S2 FES K . 18.86 17.25 36.42
FE1 SF4 L . 14.66 9.88 25.92
FE2 SF4 L . 13.38 11.95 25.11
FE3 SF4 L . 15.79 11.55 24.28
FE4 SF4 L . 15.43 12.17 26.81
S1 SF4 L . 15.00 13.46 25.02
S2 SF4 L . 16.75 10.61 26.06
S3 SF4 L . 13.48 11.19 27.18
S4 SF4 L . 14.05 10.30 23.84
FE1 SF4 M . 23.48 5.83 17.41
FE2 SF4 M . 22.47 8.28 17.17
FE3 SF4 M . 21.00 6.39 18.24
FE4 SF4 M . 21.52 6.36 15.68
S1 SF4 M . 20.35 7.88 16.73
S2 SF4 M . 21.60 4.63 17.06
S3 SF4 M . 23.59 7.16 15.61
S4 SF4 M . 22.91 7.20 19.07
FE1 SF4 N . 31.63 -2.13 18.69
FE2 SF4 N . 34.18 -2.63 18.48
FE3 SF4 N . 32.79 -3.77 20.45
FE4 SF4 N . 33.35 -1.20 20.50
S1 SF4 N . 34.81 -2.85 20.62
S2 SF4 N . 31.37 -2.15 20.94
S3 SF4 N . 33.24 -0.65 18.35
S4 SF4 N . 32.53 -4.07 18.22
FE1 SF4 O . 7.70 3.72 31.03
FE2 SF4 O . 7.06 6.19 31.61
FE3 SF4 O . 9.11 4.99 32.81
FE4 SF4 O . 6.63 4.33 33.39
S1 SF4 O . 7.55 6.29 33.79
S2 SF4 O . 8.34 2.96 33.02
S3 SF4 O . 5.65 4.53 31.37
S4 SF4 O . 8.94 5.48 30.67
FE1 SF4 P . 12.77 26.97 29.63
FE2 SF4 P . 13.41 29.55 29.01
FE3 SF4 P . 10.88 28.62 28.58
FE4 SF4 P . 12.93 27.74 27.02
S1 SF4 P . 12.13 29.87 27.15
S2 SF4 P . 11.29 26.47 27.97
S3 SF4 P . 14.62 27.69 28.54
S4 SF4 P . 11.92 28.85 30.58
FE1 FES Q . -14.44 35.98 31.23
FE2 FES Q . -13.75 33.43 29.60
S1 FES Q . -15.44 34.89 29.56
S2 FES Q . -12.54 34.94 30.70
FE1 FES R . 0.00 46.15 17.54
FE2 FES R . -2.44 44.50 16.73
S1 FES R . -1.18 45.98 15.65
S2 FES R . -1.84 45.55 18.59
NI 3NI S . -10.84 -14.07 31.49
FE FCO T . -10.48 -15.78 30.14
C1 FCO T . -11.92 -15.72 29.07
N1 FCO T . -12.88 -15.61 28.45
C2 FCO T . -10.67 -17.57 30.11
N2 FCO T . -10.72 -18.73 30.13
C3 FCO T . -9.36 -15.88 28.75
O3 FCO T . -8.67 -16.05 27.86
FE1 SF4 U . -5.90 -3.02 37.73
FE2 SF4 U . -5.97 -4.60 35.62
FE3 SF4 U . -3.89 -3.03 35.97
FE4 SF4 U . -6.24 -2.00 35.31
S1 SF4 U . -4.99 -3.35 34.07
S2 SF4 U . -4.85 -1.23 36.88
S3 SF4 U . -7.61 -3.35 36.39
S4 SF4 U . -4.55 -4.70 37.30
FE1 FES V . -20.24 -5.32 -37.54
FE2 FES V . -21.88 -5.85 -40.09
S1 FES V . -21.00 -4.06 -39.19
S2 FES V . -20.51 -7.08 -38.84
FE1 SF4 W . -15.05 -7.44 -26.50
FE2 SF4 W . -14.52 -4.95 -26.78
FE3 SF4 W . -16.74 -5.64 -25.69
FE4 SF4 W . -16.41 -6.13 -28.25
S1 SF4 W . -16.51 -4.11 -27.25
S2 SF4 W . -17.25 -7.51 -26.80
S3 SF4 W . -14.23 -6.53 -28.29
S4 SF4 W . -14.75 -5.99 -24.88
FE1 SF4 X . -22.84 -9.76 -16.47
FE2 SF4 X . -22.63 -7.27 -17.41
FE3 SF4 X . -20.59 -8.90 -17.63
FE4 SF4 X . -21.26 -7.96 -15.29
S1 SF4 X . -20.53 -6.79 -16.99
S2 SF4 X . -20.72 -10.06 -15.76
S3 SF4 X . -23.47 -7.87 -15.45
S4 SF4 X . -22.59 -9.16 -18.61
FE1 SF4 Y . -28.13 -19.50 -13.53
FE2 SF4 Y . -30.42 -20.59 -12.94
FE3 SF4 Y . -28.61 -22.01 -14.29
FE4 SF4 Y . -29.91 -20.02 -15.44
S1 SF4 Y . -30.80 -21.91 -14.71
S2 SF4 Y . -27.71 -20.42 -15.55
S3 SF4 Y . -30.13 -18.58 -13.76
S4 SF4 Y . -28.44 -21.20 -12.19
FE1 SF4 Z . -6.23 -12.82 -28.86
FE2 SF4 Z . -6.32 -10.80 -30.51
FE3 SF4 Z . -7.82 -12.96 -30.91
FE4 SF4 Z . -5.22 -13.03 -31.31
S1 SF4 Z . -6.65 -11.82 -32.47
S2 SF4 Z . -6.46 -14.54 -30.25
S3 SF4 Z . -4.49 -11.67 -29.67
S4 SF4 Z . -7.96 -11.55 -29.23
FE1 SF4 AA . -18.10 5.96 -37.48
FE2 SF4 AA . -19.52 8.22 -38.02
FE3 SF4 AA . -16.87 8.38 -37.41
FE4 SF4 AA . -18.67 7.71 -35.48
S1 SF4 AA . -18.54 9.69 -36.59
S2 SF4 AA . -16.67 6.71 -35.88
S3 SF4 AA . -20.16 6.49 -36.69
S4 SF4 AA . -17.79 7.38 -39.22
FE1 FES BA . 5.21 21.01 -44.83
FE2 FES BA . 5.20 19.37 -42.20
S1 FES BA . 6.37 21.12 -42.92
S2 FES BA . 3.67 19.80 -43.76
FE1 FES CA . -12.55 31.34 -36.03
FE2 FES CA . -9.79 31.03 -34.76
S1 FES CA . -11.51 32.38 -34.35
S2 FES CA . -10.54 30.92 -36.84
NI 3NI DA . 16.77 -22.55 -22.76
FE FCO EA . 16.84 -23.51 -20.76
C1 FCO EA . 18.12 -22.55 -19.94
N1 FCO EA . 18.96 -21.90 -19.50
C2 FCO EA . 17.56 -24.95 -19.96
N2 FCO EA . 17.95 -25.92 -19.47
C3 FCO EA . 15.71 -23.31 -19.40
O3 FCO EA . 15.03 -23.26 -18.48
FE1 SF4 FA . 9.21 -17.42 -32.85
FE2 SF4 FA . 9.60 -17.80 -30.27
FE3 SF4 FA . 7.18 -17.25 -31.13
FE4 SF4 FA . 9.06 -15.38 -31.16
S1 SF4 FA . 8.18 -16.36 -29.37
S2 SF4 FA . 7.61 -15.84 -32.80
S3 SF4 FA . 10.84 -16.59 -31.64
S4 SF4 FA . 8.40 -19.06 -31.63
#